data_2KG4
#
_entry.id   2KG4
#
_entity_poly.entity_id   1
_entity_poly.type   'polypeptide(L)'
_entity_poly.pdbx_seq_one_letter_code
;MTLEEFSAGEQKTERMDKVGDALEEVLSKALSQRTITVGVYEAAKLLNVDPDNVVLCLLAADEDDDRDVALQIHFTLIQA
FCCENDINILRVSNPGRLAELLLLETDAGPAASEGAEQPPDLHCVLVTNPHSSQWKDPALSQLICFCRESRYMDQWVPVI
NLPER
;
_entity_poly.pdbx_strand_id   A
#
# COMPACT_ATOMS: atom_id res chain seq x y z
N MET A 1 16.41 -24.39 24.77
CA MET A 1 15.00 -24.47 25.23
C MET A 1 14.55 -23.10 25.74
N THR A 2 14.00 -22.26 24.85
CA THR A 2 13.66 -20.84 25.11
C THR A 2 12.35 -20.47 24.39
N LEU A 3 11.25 -20.27 25.14
CA LEU A 3 9.91 -19.96 24.61
C LEU A 3 9.24 -18.85 25.45
N GLU A 4 9.37 -17.60 25.01
CA GLU A 4 8.70 -16.41 25.60
C GLU A 4 7.86 -15.62 24.56
N GLU A 5 7.57 -16.21 23.39
CA GLU A 5 6.69 -15.59 22.38
C GLU A 5 5.20 -15.59 22.80
N PHE A 6 4.67 -14.39 23.06
CA PHE A 6 3.31 -14.13 23.57
C PHE A 6 2.81 -12.68 23.36
N SER A 7 3.45 -11.90 22.47
CA SER A 7 3.18 -10.48 22.25
C SER A 7 1.73 -10.18 21.81
N ALA A 8 1.12 -9.14 22.39
CA ALA A 8 -0.24 -8.66 22.10
C ALA A 8 -0.40 -7.15 22.40
N GLY A 9 -1.52 -6.56 21.99
CA GLY A 9 -1.94 -5.18 22.32
C GLY A 9 -3.00 -4.61 21.36
N GLU A 10 -3.77 -3.63 21.83
CA GLU A 10 -4.82 -2.93 21.07
C GLU A 10 -4.91 -1.44 21.48
N GLN A 11 -5.26 -0.57 20.51
CA GLN A 11 -5.71 0.82 20.69
C GLN A 11 -6.74 1.19 19.60
N LYS A 12 -7.46 2.31 19.80
CA LYS A 12 -8.54 2.81 18.92
C LYS A 12 -8.44 4.31 18.66
N THR A 13 -7.37 4.71 17.96
CA THR A 13 -7.04 6.11 17.63
C THR A 13 -6.43 6.24 16.22
N GLU A 14 -6.64 7.39 15.59
CA GLU A 14 -5.92 7.84 14.39
C GLU A 14 -4.64 8.60 14.76
N ARG A 15 -3.48 8.08 14.33
CA ARG A 15 -2.14 8.69 14.54
C ARG A 15 -1.23 8.37 13.34
N MET A 16 -0.25 9.24 13.07
CA MET A 16 0.64 9.18 11.90
C MET A 16 1.32 7.81 11.66
N ASP A 17 1.98 7.23 12.66
CA ASP A 17 2.61 5.91 12.59
C ASP A 17 1.58 4.76 12.42
N LYS A 18 0.37 4.94 12.98
CA LYS A 18 -0.76 4.01 12.86
C LYS A 18 -1.22 3.85 11.41
N VAL A 19 -1.02 4.85 10.54
CA VAL A 19 -1.33 4.78 9.10
C VAL A 19 -0.53 3.64 8.42
N GLY A 20 0.77 3.56 8.66
CA GLY A 20 1.62 2.55 8.03
C GLY A 20 1.52 1.17 8.69
N ASP A 21 1.24 1.13 10.00
CA ASP A 21 0.85 -0.09 10.73
C ASP A 21 -0.43 -0.71 10.14
N ALA A 22 -1.46 0.12 10.03
CA ALA A 22 -2.75 -0.23 9.46
C ALA A 22 -2.62 -0.79 8.02
N LEU A 23 -1.76 -0.18 7.21
CA LEU A 23 -1.49 -0.58 5.84
C LEU A 23 -0.94 -2.01 5.78
N GLU A 24 0.02 -2.32 6.65
CA GLU A 24 0.63 -3.65 6.76
C GLU A 24 -0.43 -4.73 7.08
N GLU A 25 -1.45 -4.38 7.87
CA GLU A 25 -2.49 -5.34 8.28
C GLU A 25 -3.38 -5.70 7.08
N VAL A 26 -3.94 -4.67 6.44
CA VAL A 26 -4.80 -4.80 5.26
C VAL A 26 -4.10 -5.52 4.09
N LEU A 27 -2.87 -5.12 3.73
CA LEU A 27 -2.15 -5.75 2.63
C LEU A 27 -1.89 -7.25 2.85
N SER A 28 -1.55 -7.66 4.08
CA SER A 28 -1.44 -9.08 4.45
C SER A 28 -2.76 -9.83 4.16
N LYS A 29 -3.90 -9.29 4.61
CA LYS A 29 -5.23 -9.85 4.29
C LYS A 29 -5.55 -9.83 2.80
N ALA A 30 -5.14 -8.79 2.08
CA ALA A 30 -5.37 -8.64 0.65
C ALA A 30 -4.63 -9.70 -0.20
N LEU A 31 -3.41 -10.10 0.20
CA LEU A 31 -2.78 -11.32 -0.35
C LEU A 31 -3.64 -12.55 -0.06
N SER A 32 -4.15 -12.72 1.17
CA SER A 32 -5.02 -13.86 1.51
C SER A 32 -6.30 -13.92 0.65
N GLN A 33 -6.79 -12.78 0.14
CA GLN A 33 -7.90 -12.71 -0.84
C GLN A 33 -7.47 -12.96 -2.29
N ARG A 34 -6.18 -12.79 -2.60
CA ARG A 34 -5.54 -12.86 -3.91
C ARG A 34 -6.18 -11.95 -4.99
N THR A 35 -6.46 -10.70 -4.62
CA THR A 35 -7.16 -9.68 -5.44
C THR A 35 -6.36 -8.39 -5.68
N ILE A 36 -5.03 -8.45 -5.56
CA ILE A 36 -4.13 -7.28 -5.58
C ILE A 36 -3.06 -7.32 -6.69
N THR A 37 -2.52 -6.15 -7.02
CA THR A 37 -1.39 -5.93 -7.94
C THR A 37 -0.10 -5.74 -7.13
N VAL A 38 1.05 -6.02 -7.75
CA VAL A 38 2.38 -5.70 -7.22
C VAL A 38 3.34 -5.28 -8.35
N GLY A 39 4.24 -4.34 -8.06
CA GLY A 39 5.32 -3.88 -8.95
C GLY A 39 5.03 -2.52 -9.61
N VAL A 40 6.02 -1.61 -9.55
CA VAL A 40 5.87 -0.18 -9.93
C VAL A 40 5.40 -0.01 -11.38
N TYR A 41 5.92 -0.84 -12.28
CA TYR A 41 5.70 -0.77 -13.73
C TYR A 41 4.40 -1.47 -14.21
N GLU A 42 3.61 -2.11 -13.34
CA GLU A 42 2.29 -2.66 -13.68
C GLU A 42 1.21 -1.60 -13.98
N ALA A 43 1.51 -0.30 -13.87
CA ALA A 43 0.60 0.83 -14.12
C ALA A 43 -0.25 0.68 -15.41
N ALA A 44 0.40 0.48 -16.56
CA ALA A 44 -0.27 0.25 -17.84
C ALA A 44 -1.08 -1.07 -17.86
N LYS A 45 -0.52 -2.13 -17.27
CA LYS A 45 -1.14 -3.46 -17.16
C LYS A 45 -2.44 -3.43 -16.36
N LEU A 46 -2.42 -2.97 -15.12
CA LEU A 46 -3.59 -2.87 -14.25
C LEU A 46 -4.70 -2.01 -14.87
N LEU A 47 -4.34 -0.89 -15.52
CA LEU A 47 -5.31 -0.04 -16.26
C LEU A 47 -6.01 -0.79 -17.41
N ASN A 48 -5.34 -1.77 -18.03
CA ASN A 48 -5.88 -2.60 -19.11
C ASN A 48 -6.50 -3.94 -18.62
N VAL A 49 -6.39 -4.29 -17.34
CA VAL A 49 -6.87 -5.56 -16.75
C VAL A 49 -8.15 -5.37 -15.95
N ASP A 50 -8.16 -4.48 -14.95
CA ASP A 50 -9.27 -4.33 -13.99
C ASP A 50 -9.48 -2.88 -13.48
N PRO A 51 -9.59 -1.86 -14.37
CA PRO A 51 -9.63 -0.44 -13.99
C PRO A 51 -10.82 -0.03 -13.11
N ASP A 52 -11.96 -0.73 -13.23
CA ASP A 52 -13.14 -0.55 -12.37
C ASP A 52 -12.93 -1.02 -10.91
N ASN A 53 -12.08 -2.02 -10.72
CA ASN A 53 -11.89 -2.72 -9.44
C ASN A 53 -10.93 -2.00 -8.49
N VAL A 54 -10.05 -1.16 -9.03
CA VAL A 54 -8.98 -0.41 -8.35
C VAL A 54 -9.53 0.32 -7.11
N VAL A 55 -8.88 0.19 -5.94
CA VAL A 55 -9.29 0.85 -4.67
C VAL A 55 -8.22 1.80 -4.13
N LEU A 56 -6.96 1.36 -4.00
CA LEU A 56 -5.84 2.19 -3.49
C LEU A 56 -4.48 1.69 -3.98
N CYS A 57 -3.60 2.60 -4.42
CA CYS A 57 -2.20 2.26 -4.76
C CYS A 57 -1.17 2.77 -3.74
N LEU A 58 -0.15 1.97 -3.50
CA LEU A 58 1.01 2.26 -2.66
C LEU A 58 2.30 2.24 -3.46
N LEU A 59 3.17 3.21 -3.20
CA LEU A 59 4.49 3.39 -3.79
C LEU A 59 5.54 3.60 -2.68
N ALA A 60 6.72 2.98 -2.81
CA ALA A 60 7.85 3.12 -1.88
C ALA A 60 9.10 3.64 -2.60
N ALA A 61 9.49 4.89 -2.33
CA ALA A 61 10.59 5.57 -3.01
C ALA A 61 11.94 5.40 -2.29
N ASP A 62 12.90 4.73 -2.92
CA ASP A 62 14.28 4.56 -2.42
C ASP A 62 15.07 5.89 -2.37
N GLU A 63 16.20 5.89 -1.66
CA GLU A 63 17.25 6.90 -1.89
C GLU A 63 17.77 6.85 -3.34
N ASP A 64 17.89 5.66 -3.93
CA ASP A 64 18.30 5.46 -5.32
C ASP A 64 17.28 5.97 -6.36
N ASP A 65 15.99 6.04 -5.98
CA ASP A 65 14.92 6.59 -6.83
C ASP A 65 15.07 8.10 -7.07
N ASP A 66 15.72 8.80 -6.14
CA ASP A 66 16.09 10.22 -6.30
C ASP A 66 17.07 10.45 -7.48
N ARG A 67 17.63 9.38 -8.06
CA ARG A 67 18.52 9.36 -9.23
C ARG A 67 18.02 8.45 -10.39
N ASP A 68 16.82 7.90 -10.30
CA ASP A 68 16.20 7.05 -11.34
C ASP A 68 15.03 7.79 -12.03
N VAL A 69 15.35 8.52 -13.09
CA VAL A 69 14.37 9.34 -13.85
C VAL A 69 13.23 8.53 -14.46
N ALA A 70 13.46 7.25 -14.81
CA ALA A 70 12.42 6.38 -15.34
C ALA A 70 11.37 6.03 -14.26
N LEU A 71 11.83 5.61 -13.08
CA LEU A 71 10.95 5.24 -11.97
C LEU A 71 10.18 6.44 -11.40
N GLN A 72 10.79 7.63 -11.40
CA GLN A 72 10.13 8.91 -11.12
C GLN A 72 8.96 9.19 -12.08
N ILE A 73 9.15 8.96 -13.39
CA ILE A 73 8.06 8.98 -14.37
C ILE A 73 7.01 7.90 -14.05
N HIS A 74 7.40 6.66 -13.71
CA HIS A 74 6.45 5.59 -13.32
C HIS A 74 5.53 6.00 -12.17
N PHE A 75 6.04 6.73 -11.17
CA PHE A 75 5.26 7.31 -10.08
C PHE A 75 4.21 8.33 -10.57
N THR A 76 4.57 9.30 -11.44
CA THR A 76 3.57 10.27 -11.93
C THR A 76 2.60 9.67 -12.97
N LEU A 77 3.05 8.67 -13.72
CA LEU A 77 2.25 7.88 -14.65
C LEU A 77 1.11 7.13 -13.94
N ILE A 78 1.42 6.27 -12.96
CA ILE A 78 0.39 5.56 -12.18
C ILE A 78 -0.53 6.54 -11.42
N GLN A 79 -0.02 7.73 -11.06
CA GLN A 79 -0.83 8.79 -10.45
C GLN A 79 -1.86 9.37 -11.42
N ALA A 80 -1.51 9.59 -12.70
CA ALA A 80 -2.46 10.00 -13.74
C ALA A 80 -3.61 8.99 -13.86
N PHE A 81 -3.28 7.69 -13.89
CA PHE A 81 -4.24 6.60 -14.10
C PHE A 81 -5.23 6.46 -12.93
N CYS A 82 -4.74 6.38 -11.69
CA CYS A 82 -5.61 6.25 -10.52
C CYS A 82 -6.56 7.45 -10.33
N CYS A 83 -6.07 8.68 -10.55
CA CYS A 83 -6.87 9.90 -10.53
C CYS A 83 -8.02 9.87 -11.55
N GLU A 84 -7.79 9.30 -12.73
CA GLU A 84 -8.79 9.22 -13.82
C GLU A 84 -10.02 8.37 -13.41
N ASN A 85 -9.83 7.40 -12.52
CA ASN A 85 -10.85 6.46 -12.05
C ASN A 85 -11.38 6.80 -10.64
N ASP A 86 -10.92 7.92 -10.06
CA ASP A 86 -11.04 8.33 -8.64
C ASP A 86 -10.62 7.21 -7.65
N ILE A 87 -9.30 7.11 -7.44
CA ILE A 87 -8.56 6.20 -6.58
C ILE A 87 -7.42 7.00 -5.95
N ASN A 88 -7.55 7.20 -4.66
CA ASN A 88 -6.48 7.65 -3.76
C ASN A 88 -5.24 6.70 -3.75
N ILE A 89 -4.11 7.25 -3.33
CA ILE A 89 -2.76 6.68 -3.34
C ILE A 89 -1.93 7.26 -2.18
N LEU A 90 -0.83 6.59 -1.82
CA LEU A 90 0.12 7.00 -0.78
C LEU A 90 1.55 6.68 -1.20
N ARG A 91 2.49 7.58 -0.88
CA ARG A 91 3.93 7.44 -1.15
C ARG A 91 4.73 7.37 0.16
N VAL A 92 5.25 6.18 0.49
CA VAL A 92 6.08 5.98 1.70
C VAL A 92 7.55 6.32 1.45
N SER A 93 8.15 7.00 2.44
CA SER A 93 9.51 7.53 2.46
C SER A 93 10.60 6.47 2.77
N ASN A 94 10.19 5.26 3.19
CA ASN A 94 11.03 4.21 3.78
C ASN A 94 11.06 2.91 2.93
N PRO A 95 12.01 2.73 1.99
CA PRO A 95 12.02 1.56 1.11
C PRO A 95 12.17 0.25 1.91
N GLY A 96 12.99 0.27 2.96
CA GLY A 96 13.24 -0.88 3.83
C GLY A 96 12.02 -1.35 4.62
N ARG A 97 11.14 -0.44 5.08
CA ARG A 97 9.96 -0.82 5.90
C ARG A 97 8.84 -1.44 5.06
N LEU A 98 8.59 -0.92 3.86
CA LEU A 98 7.69 -1.58 2.90
C LEU A 98 8.27 -2.92 2.39
N ALA A 99 9.59 -3.00 2.22
CA ALA A 99 10.27 -4.26 1.95
C ALA A 99 10.20 -5.27 3.12
N GLU A 100 10.13 -4.79 4.37
CA GLU A 100 9.83 -5.64 5.53
C GLU A 100 8.42 -6.24 5.42
N LEU A 101 7.39 -5.42 5.14
CA LEU A 101 6.00 -5.87 4.95
C LEU A 101 5.88 -7.02 3.93
N LEU A 102 6.51 -6.92 2.75
CA LEU A 102 6.48 -8.00 1.75
C LEU A 102 7.16 -9.31 2.21
N LEU A 103 7.92 -9.27 3.30
CA LEU A 103 8.52 -10.42 3.98
C LEU A 103 7.64 -11.00 5.11
N LEU A 104 6.85 -10.19 5.82
CA LEU A 104 6.00 -10.63 6.95
C LEU A 104 4.89 -11.62 6.55
N GLU A 105 3.86 -11.15 5.82
CA GLU A 105 2.69 -11.96 5.46
C GLU A 105 1.99 -11.53 4.16
N THR A 106 2.03 -10.25 3.74
CA THR A 106 1.70 -9.91 2.34
C THR A 106 2.81 -10.38 1.40
N ASP A 107 2.49 -10.48 0.10
CA ASP A 107 3.33 -10.93 -1.00
C ASP A 107 4.22 -12.16 -0.71
N ALA A 108 3.76 -13.04 0.20
CA ALA A 108 4.47 -14.22 0.70
C ALA A 108 4.82 -15.31 -0.34
N GLY A 109 4.31 -15.13 -1.56
CA GLY A 109 4.65 -15.84 -2.80
C GLY A 109 6.10 -15.63 -3.29
N PRO A 110 6.42 -16.04 -4.54
CA PRO A 110 7.77 -15.97 -5.12
C PRO A 110 8.19 -14.54 -5.47
N ALA A 111 8.56 -13.76 -4.44
CA ALA A 111 8.85 -12.32 -4.52
C ALA A 111 10.16 -11.88 -3.82
N ALA A 112 10.91 -12.82 -3.21
CA ALA A 112 12.21 -12.54 -2.60
C ALA A 112 13.26 -12.05 -3.62
N SER A 113 14.29 -11.36 -3.14
CA SER A 113 15.35 -10.73 -3.95
C SER A 113 16.73 -10.92 -3.31
N GLU A 114 17.41 -12.01 -3.67
CA GLU A 114 18.76 -12.37 -3.22
C GLU A 114 19.68 -12.63 -4.43
N GLY A 115 20.45 -11.60 -4.80
CA GLY A 115 21.39 -11.57 -5.93
C GLY A 115 22.52 -10.56 -5.69
N ALA A 116 23.31 -10.26 -6.74
CA ALA A 116 24.37 -9.26 -6.70
C ALA A 116 23.82 -7.84 -6.40
N GLU A 117 23.25 -7.17 -7.40
CA GLU A 117 22.53 -5.89 -7.32
C GLU A 117 21.47 -5.80 -8.44
N GLN A 118 20.28 -6.37 -8.20
CA GLN A 118 19.11 -6.17 -9.06
C GLN A 118 18.61 -4.71 -9.01
N PRO A 119 17.98 -4.18 -10.08
CA PRO A 119 17.50 -2.80 -10.14
C PRO A 119 16.28 -2.55 -9.22
N PRO A 120 15.90 -1.28 -8.96
CA PRO A 120 14.72 -0.93 -8.18
C PRO A 120 13.43 -1.30 -8.94
N ASP A 121 12.78 -2.36 -8.50
CA ASP A 121 11.42 -2.79 -8.83
C ASP A 121 10.84 -3.60 -7.66
N LEU A 122 9.59 -4.07 -7.75
CA LEU A 122 8.89 -4.76 -6.66
C LEU A 122 8.85 -3.88 -5.38
N HIS A 123 8.43 -2.63 -5.57
CA HIS A 123 8.33 -1.53 -4.57
C HIS A 123 6.97 -0.83 -4.55
N CYS A 124 5.95 -1.46 -5.13
CA CYS A 124 4.59 -0.95 -5.26
C CYS A 124 3.60 -2.09 -5.06
N VAL A 125 2.43 -1.79 -4.48
CA VAL A 125 1.28 -2.70 -4.42
C VAL A 125 -0.01 -1.93 -4.65
N LEU A 126 -1.01 -2.55 -5.28
CA LEU A 126 -2.32 -1.93 -5.52
C LEU A 126 -3.47 -2.83 -5.04
N VAL A 127 -4.23 -2.37 -4.05
CA VAL A 127 -5.43 -3.05 -3.52
C VAL A 127 -6.63 -2.84 -4.45
N THR A 128 -7.33 -3.94 -4.80
CA THR A 128 -8.55 -3.89 -5.62
C THR A 128 -9.66 -4.78 -5.07
N ASN A 129 -10.92 -4.40 -5.31
CA ASN A 129 -12.12 -5.14 -4.85
C ASN A 129 -12.53 -6.26 -5.84
N PRO A 130 -13.34 -7.24 -5.41
CA PRO A 130 -14.14 -8.10 -6.30
C PRO A 130 -15.36 -7.33 -6.84
N HIS A 131 -16.26 -8.01 -7.59
CA HIS A 131 -17.51 -7.43 -8.15
C HIS A 131 -18.44 -6.75 -7.12
N SER A 132 -18.30 -7.04 -5.83
CA SER A 132 -18.91 -6.32 -4.70
C SER A 132 -17.85 -5.51 -3.95
N SER A 133 -17.91 -4.17 -4.03
CA SER A 133 -16.98 -3.25 -3.35
C SER A 133 -17.13 -3.30 -1.82
N GLN A 134 -16.26 -4.07 -1.16
CA GLN A 134 -16.28 -4.33 0.29
C GLN A 134 -14.95 -4.02 1.02
N TRP A 135 -13.94 -3.49 0.33
CA TRP A 135 -12.70 -2.99 0.95
C TRP A 135 -12.94 -1.74 1.82
N LYS A 136 -13.22 -1.97 3.10
CA LYS A 136 -13.15 -0.98 4.19
C LYS A 136 -12.12 -1.44 5.22
N ASP A 137 -12.52 -2.16 6.27
CA ASP A 137 -11.73 -2.47 7.47
C ASP A 137 -11.29 -1.21 8.26
N PRO A 138 -11.19 -1.26 9.61
CA PRO A 138 -10.91 -0.07 10.41
C PRO A 138 -9.52 0.52 10.12
N ALA A 139 -8.56 -0.33 9.80
CA ALA A 139 -7.22 0.00 9.37
C ALA A 139 -7.23 0.88 8.10
N LEU A 140 -7.82 0.41 7.00
CA LEU A 140 -7.88 1.18 5.75
C LEU A 140 -8.80 2.43 5.88
N SER A 141 -9.81 2.41 6.75
CA SER A 141 -10.55 3.63 7.12
C SER A 141 -9.63 4.70 7.73
N GLN A 142 -8.76 4.33 8.70
CA GLN A 142 -7.74 5.23 9.25
C GLN A 142 -6.82 5.81 8.15
N LEU A 143 -6.35 4.97 7.21
CA LEU A 143 -5.56 5.41 6.05
C LEU A 143 -6.29 6.42 5.16
N ILE A 144 -7.49 6.10 4.70
CA ILE A 144 -8.30 6.99 3.84
C ILE A 144 -8.49 8.35 4.52
N CYS A 145 -8.92 8.36 5.79
CA CYS A 145 -9.11 9.59 6.57
C CYS A 145 -7.84 10.46 6.63
N PHE A 146 -6.71 9.91 7.08
CA PHE A 146 -5.43 10.62 7.10
C PHE A 146 -5.03 11.17 5.73
N CYS A 147 -5.02 10.32 4.70
CA CYS A 147 -4.67 10.66 3.34
C CYS A 147 -5.55 11.77 2.74
N ARG A 148 -6.85 11.81 3.06
CA ARG A 148 -7.76 12.89 2.64
C ARG A 148 -7.39 14.24 3.24
N GLU A 149 -7.06 14.30 4.53
CA GLU A 149 -6.68 15.56 5.21
C GLU A 149 -5.38 16.15 4.67
N SER A 150 -4.32 15.36 4.50
CA SER A 150 -3.05 15.81 3.93
C SER A 150 -3.15 16.16 2.44
N ARG A 151 -3.95 15.42 1.64
CA ARG A 151 -4.33 15.80 0.26
C ARG A 151 -5.04 17.15 0.18
N TYR A 152 -5.87 17.49 1.18
CA TYR A 152 -6.58 18.78 1.27
C TYR A 152 -5.64 20.00 1.33
N MET A 153 -4.40 19.80 1.75
CA MET A 153 -3.30 20.79 1.81
C MET A 153 -2.64 21.06 0.43
N ASP A 154 -3.28 20.68 -0.68
CA ASP A 154 -2.87 20.83 -2.09
C ASP A 154 -1.75 19.84 -2.53
N GLN A 155 -1.30 18.95 -1.64
CA GLN A 155 -0.47 17.79 -1.99
C GLN A 155 -1.23 16.83 -2.91
N TRP A 156 -0.76 16.70 -4.16
CA TRP A 156 -1.31 15.75 -5.14
C TRP A 156 -1.25 14.29 -4.65
N VAL A 157 -0.22 13.98 -3.84
CA VAL A 157 -0.02 12.70 -3.14
C VAL A 157 0.29 12.95 -1.65
N PRO A 158 -0.40 12.28 -0.71
CA PRO A 158 0.04 12.23 0.67
C PRO A 158 1.29 11.34 0.79
N VAL A 159 2.07 11.55 1.85
CA VAL A 159 3.31 10.80 2.13
C VAL A 159 3.44 10.46 3.62
N ILE A 160 4.16 9.38 3.96
CA ILE A 160 4.48 9.08 5.38
C ILE A 160 5.77 8.27 5.58
N ASN A 161 6.23 8.22 6.84
CA ASN A 161 7.34 7.42 7.34
C ASN A 161 6.86 6.49 8.47
N LEU A 162 6.55 5.24 8.15
CA LEU A 162 6.04 4.21 9.07
C LEU A 162 7.16 3.63 9.98
N PRO A 163 6.82 3.05 11.16
CA PRO A 163 7.82 2.56 12.13
C PRO A 163 8.42 1.20 11.75
N GLU A 164 9.50 0.80 12.44
CA GLU A 164 10.04 -0.57 12.41
C GLU A 164 9.19 -1.54 13.28
N ARG A 165 9.55 -2.83 13.25
CA ARG A 165 9.05 -3.86 14.19
C ARG A 165 9.46 -3.56 15.65
N MET A 1 -26.43 -18.60 42.25
CA MET A 1 -25.77 -17.53 41.46
C MET A 1 -26.13 -17.66 39.98
N THR A 2 -26.55 -16.56 39.33
CA THR A 2 -27.01 -16.52 37.94
C THR A 2 -26.52 -15.26 37.24
N LEU A 3 -25.39 -15.33 36.54
CA LEU A 3 -24.83 -14.25 35.72
C LEU A 3 -24.10 -14.78 34.47
N GLU A 4 -24.21 -14.05 33.36
CA GLU A 4 -23.53 -14.32 32.08
C GLU A 4 -23.29 -13.08 31.19
N GLU A 5 -23.76 -11.90 31.61
CA GLU A 5 -23.77 -10.67 30.80
C GLU A 5 -22.51 -9.80 31.01
N PHE A 6 -21.72 -9.66 29.94
CA PHE A 6 -20.57 -8.76 29.83
C PHE A 6 -20.25 -8.48 28.34
N SER A 7 -20.51 -7.25 27.88
CA SER A 7 -20.17 -6.79 26.51
C SER A 7 -19.88 -5.28 26.47
N ALA A 8 -18.67 -4.91 26.05
CA ALA A 8 -18.22 -3.54 25.81
C ALA A 8 -17.12 -3.49 24.72
N GLY A 9 -16.76 -2.27 24.26
CA GLY A 9 -15.67 -2.03 23.30
C GLY A 9 -16.03 -0.98 22.23
N GLU A 10 -15.43 0.21 22.35
CA GLU A 10 -15.53 1.32 21.37
C GLU A 10 -14.19 2.07 21.27
N GLN A 11 -13.73 2.36 20.05
CA GLN A 11 -12.54 3.17 19.77
C GLN A 11 -12.64 3.88 18.40
N LYS A 12 -12.02 5.06 18.29
CA LYS A 12 -11.94 5.87 17.05
C LYS A 12 -10.72 6.81 17.05
N THR A 13 -9.61 6.36 16.45
CA THR A 13 -8.35 7.13 16.31
C THR A 13 -7.79 7.05 14.89
N GLU A 14 -6.97 8.04 14.51
CA GLU A 14 -6.46 8.25 13.13
C GLU A 14 -5.01 8.80 13.10
N ARG A 15 -4.24 8.58 14.18
CA ARG A 15 -2.84 9.03 14.35
C ARG A 15 -1.93 8.64 13.17
N MET A 16 -0.92 9.47 12.91
CA MET A 16 0.02 9.33 11.78
C MET A 16 0.70 7.95 11.74
N ASP A 17 1.25 7.48 12.87
CA ASP A 17 1.85 6.15 12.98
C ASP A 17 0.86 4.98 12.81
N LYS A 18 -0.40 5.16 13.25
CA LYS A 18 -1.46 4.16 13.03
C LYS A 18 -1.77 3.94 11.56
N VAL A 19 -1.55 4.91 10.66
CA VAL A 19 -1.68 4.73 9.20
C VAL A 19 -0.70 3.65 8.70
N GLY A 20 0.58 3.71 9.08
CA GLY A 20 1.57 2.72 8.67
C GLY A 20 1.30 1.33 9.25
N ASP A 21 0.83 1.27 10.49
CA ASP A 21 0.37 0.03 11.15
C ASP A 21 -0.83 -0.60 10.45
N ALA A 22 -1.87 0.20 10.23
CA ALA A 22 -3.10 -0.23 9.56
C ALA A 22 -2.83 -0.70 8.11
N LEU A 23 -1.94 0.00 7.39
CA LEU A 23 -1.47 -0.37 6.07
C LEU A 23 -0.87 -1.78 6.05
N GLU A 24 0.17 -2.02 6.86
CA GLU A 24 0.83 -3.34 6.87
C GLU A 24 -0.10 -4.50 7.26
N GLU A 25 -1.19 -4.23 8.00
CA GLU A 25 -2.06 -5.31 8.49
C GLU A 25 -2.98 -5.80 7.36
N VAL A 26 -3.63 -4.85 6.68
CA VAL A 26 -4.49 -5.13 5.52
C VAL A 26 -3.69 -5.71 4.36
N LEU A 27 -2.54 -5.10 4.04
CA LEU A 27 -1.65 -5.58 2.98
C LEU A 27 -1.23 -7.03 3.25
N SER A 28 -0.91 -7.40 4.50
CA SER A 28 -0.59 -8.79 4.87
C SER A 28 -1.74 -9.77 4.60
N LYS A 29 -2.99 -9.45 4.97
CA LYS A 29 -4.20 -10.23 4.62
C LYS A 29 -4.30 -10.45 3.11
N ALA A 30 -4.29 -9.36 2.34
CA ALA A 30 -4.44 -9.36 0.89
C ALA A 30 -3.32 -10.17 0.19
N LEU A 31 -2.07 -9.96 0.61
CA LEU A 31 -0.89 -10.72 0.19
C LEU A 31 -1.02 -12.22 0.50
N SER A 32 -1.56 -12.59 1.67
CA SER A 32 -1.86 -14.00 1.98
C SER A 32 -2.80 -14.65 0.97
N GLN A 33 -3.77 -13.89 0.41
CA GLN A 33 -4.68 -14.38 -0.63
C GLN A 33 -4.04 -14.47 -2.03
N ARG A 34 -3.00 -13.67 -2.27
CA ARG A 34 -2.42 -13.35 -3.59
C ARG A 34 -3.47 -12.98 -4.66
N THR A 35 -4.34 -12.01 -4.34
CA THR A 35 -5.43 -11.51 -5.21
C THR A 35 -5.34 -10.01 -5.54
N ILE A 36 -4.15 -9.42 -5.40
CA ILE A 36 -3.86 -7.99 -5.61
C ILE A 36 -2.76 -7.73 -6.65
N THR A 37 -2.67 -6.47 -7.11
CA THR A 37 -1.63 -5.96 -8.01
C THR A 37 -0.33 -5.67 -7.26
N VAL A 38 0.82 -6.00 -7.86
CA VAL A 38 2.15 -5.68 -7.35
C VAL A 38 3.11 -5.30 -8.51
N GLY A 39 4.12 -4.46 -8.23
CA GLY A 39 5.10 -3.97 -9.20
C GLY A 39 4.75 -2.59 -9.76
N VAL A 40 5.80 -1.78 -10.05
CA VAL A 40 5.69 -0.35 -10.41
C VAL A 40 5.02 -0.15 -11.77
N TYR A 41 5.55 -0.80 -12.81
CA TYR A 41 5.20 -0.56 -14.21
C TYR A 41 4.00 -1.43 -14.68
N GLU A 42 2.92 -1.43 -13.89
CA GLU A 42 1.64 -2.14 -14.15
C GLU A 42 0.41 -1.20 -14.14
N ALA A 43 0.61 0.12 -14.13
CA ALA A 43 -0.44 1.15 -14.17
C ALA A 43 -1.48 0.95 -15.30
N ALA A 44 -1.00 0.72 -16.53
CA ALA A 44 -1.85 0.40 -17.68
C ALA A 44 -2.61 -0.93 -17.48
N LYS A 45 -1.93 -1.98 -16.98
CA LYS A 45 -2.50 -3.31 -16.73
C LYS A 45 -3.64 -3.27 -15.70
N LEU A 46 -3.41 -2.71 -14.51
CA LEU A 46 -4.39 -2.62 -13.43
C LEU A 46 -5.65 -1.82 -13.83
N LEU A 47 -5.48 -0.75 -14.62
CA LEU A 47 -6.57 -0.06 -15.32
C LEU A 47 -7.34 -1.01 -16.26
N ASN A 48 -6.63 -1.78 -17.09
CA ASN A 48 -7.22 -2.69 -18.08
C ASN A 48 -8.00 -3.87 -17.47
N VAL A 49 -7.82 -4.22 -16.17
CA VAL A 49 -8.47 -5.41 -15.56
C VAL A 49 -9.54 -5.12 -14.50
N ASP A 50 -9.44 -4.06 -13.69
CA ASP A 50 -10.31 -3.83 -12.53
C ASP A 50 -10.69 -2.34 -12.28
N PRO A 51 -11.02 -1.53 -13.30
CA PRO A 51 -11.01 -0.06 -13.20
C PRO A 51 -11.92 0.55 -12.10
N ASP A 52 -13.11 -0.02 -11.87
CA ASP A 52 -14.04 0.37 -10.79
C ASP A 52 -13.68 -0.24 -9.41
N ASN A 53 -13.21 -1.48 -9.42
CA ASN A 53 -12.85 -2.30 -8.26
C ASN A 53 -11.53 -1.85 -7.58
N VAL A 54 -10.57 -1.35 -8.37
CA VAL A 54 -9.35 -0.65 -7.93
C VAL A 54 -9.70 0.34 -6.80
N VAL A 55 -9.09 0.20 -5.61
CA VAL A 55 -9.42 1.04 -4.44
C VAL A 55 -8.28 1.97 -4.01
N LEU A 56 -7.03 1.50 -3.96
CA LEU A 56 -5.88 2.43 -3.88
C LEU A 56 -4.53 1.86 -4.33
N CYS A 57 -3.59 2.77 -4.61
CA CYS A 57 -2.17 2.44 -4.83
C CYS A 57 -1.25 2.89 -3.68
N LEU A 58 -0.25 2.06 -3.37
CA LEU A 58 0.95 2.37 -2.59
C LEU A 58 2.17 2.38 -3.50
N LEU A 59 2.66 3.58 -3.84
CA LEU A 59 4.05 3.73 -4.30
C LEU A 59 5.01 3.72 -3.11
N ALA A 60 6.24 3.22 -3.30
CA ALA A 60 7.27 3.20 -2.26
C ALA A 60 8.64 3.62 -2.84
N ALA A 61 9.10 4.83 -2.51
CA ALA A 61 10.31 5.44 -3.07
C ALA A 61 11.48 5.43 -2.07
N ASP A 62 12.61 4.87 -2.49
CA ASP A 62 13.85 4.84 -1.72
C ASP A 62 14.59 6.20 -1.76
N GLU A 63 15.69 6.34 -1.01
CA GLU A 63 16.65 7.43 -1.24
C GLU A 63 17.26 7.37 -2.66
N ASP A 64 17.29 6.19 -3.29
CA ASP A 64 17.72 6.02 -4.69
C ASP A 64 16.85 6.77 -5.71
N ASP A 65 15.57 7.01 -5.40
CA ASP A 65 14.64 7.79 -6.22
C ASP A 65 15.13 9.23 -6.47
N ASP A 66 15.84 9.78 -5.50
CA ASP A 66 16.43 11.13 -5.55
C ASP A 66 17.47 11.31 -6.67
N ARG A 67 17.95 10.21 -7.28
CA ARG A 67 18.89 10.19 -8.41
C ARG A 67 18.47 9.26 -9.57
N ASP A 68 17.27 8.66 -9.52
CA ASP A 68 16.76 7.74 -10.55
C ASP A 68 15.68 8.42 -11.41
N VAL A 69 16.13 9.11 -12.48
CA VAL A 69 15.24 9.82 -13.42
C VAL A 69 14.27 8.89 -14.18
N ALA A 70 14.64 7.61 -14.37
CA ALA A 70 13.75 6.62 -14.98
C ALA A 70 12.59 6.27 -14.03
N LEU A 71 12.88 6.00 -12.75
CA LEU A 71 11.86 5.79 -11.73
C LEU A 71 10.96 7.02 -11.56
N GLN A 72 11.51 8.22 -11.55
CA GLN A 72 10.76 9.48 -11.47
C GLN A 72 9.70 9.58 -12.57
N ILE A 73 10.05 9.26 -13.82
CA ILE A 73 9.09 9.15 -14.94
C ILE A 73 8.04 8.07 -14.65
N HIS A 74 8.43 6.86 -14.23
CA HIS A 74 7.48 5.76 -13.89
C HIS A 74 6.49 6.14 -12.78
N PHE A 75 6.96 6.75 -11.70
CA PHE A 75 6.13 7.27 -10.59
C PHE A 75 5.21 8.42 -11.05
N THR A 76 5.66 9.28 -11.99
CA THR A 76 4.81 10.33 -12.60
C THR A 76 3.73 9.74 -13.51
N LEU A 77 4.07 8.75 -14.32
CA LEU A 77 3.18 8.02 -15.23
C LEU A 77 2.00 7.39 -14.48
N ILE A 78 2.28 6.51 -13.50
CA ILE A 78 1.24 5.90 -12.66
C ILE A 78 0.42 6.94 -11.91
N GLN A 79 1.00 8.09 -11.54
CA GLN A 79 0.27 9.17 -10.86
C GLN A 79 -0.85 9.73 -11.77
N ALA A 80 -0.55 9.98 -13.05
CA ALA A 80 -1.54 10.41 -14.05
C ALA A 80 -2.69 9.39 -14.18
N PHE A 81 -2.35 8.11 -14.40
CA PHE A 81 -3.35 7.06 -14.65
C PHE A 81 -4.18 6.75 -13.40
N CYS A 82 -3.58 6.75 -12.20
CA CYS A 82 -4.32 6.66 -10.95
C CYS A 82 -5.35 7.80 -10.82
N CYS A 83 -4.96 9.05 -11.03
CA CYS A 83 -5.89 10.19 -11.00
C CYS A 83 -7.09 10.06 -11.97
N GLU A 84 -6.93 9.35 -13.10
CA GLU A 84 -8.00 9.09 -14.06
C GLU A 84 -9.11 8.11 -13.56
N ASN A 85 -8.82 7.16 -12.65
CA ASN A 85 -9.76 6.07 -12.30
C ASN A 85 -9.57 5.48 -10.90
N ASP A 86 -8.35 5.47 -10.36
CA ASP A 86 -8.06 5.00 -9.02
C ASP A 86 -8.54 6.00 -7.94
N ILE A 87 -9.59 5.59 -7.24
CA ILE A 87 -10.30 6.29 -6.15
C ILE A 87 -9.36 7.09 -5.22
N ASN A 88 -8.26 6.49 -4.73
CA ASN A 88 -7.23 7.17 -3.93
C ASN A 88 -5.82 6.57 -4.13
N ILE A 89 -4.79 7.31 -3.73
CA ILE A 89 -3.39 6.88 -3.75
C ILE A 89 -2.61 7.50 -2.58
N LEU A 90 -1.49 6.87 -2.22
CA LEU A 90 -0.47 7.40 -1.31
C LEU A 90 0.93 6.86 -1.65
N ARG A 91 1.95 7.45 -1.02
CA ARG A 91 3.37 7.14 -1.25
C ARG A 91 4.10 6.96 0.08
N VAL A 92 5.05 6.05 0.15
CA VAL A 92 5.89 5.83 1.35
C VAL A 92 7.38 6.02 1.09
N SER A 93 8.02 6.65 2.07
CA SER A 93 9.45 6.93 2.22
C SER A 93 10.28 5.72 2.69
N ASN A 94 9.61 4.64 3.12
CA ASN A 94 10.17 3.43 3.72
C ASN A 94 9.86 2.16 2.86
N PRO A 95 10.36 2.05 1.62
CA PRO A 95 10.11 0.87 0.77
C PRO A 95 10.73 -0.40 1.35
N GLY A 96 11.89 -0.29 2.01
CA GLY A 96 12.55 -1.41 2.69
C GLY A 96 11.66 -2.06 3.75
N ARG A 97 10.81 -1.29 4.45
CA ARG A 97 9.92 -1.80 5.49
C ARG A 97 8.72 -2.55 4.90
N LEU A 98 8.11 -2.00 3.87
CA LEU A 98 7.04 -2.64 3.11
C LEU A 98 7.53 -3.92 2.38
N ALA A 99 8.80 -3.94 1.94
CA ALA A 99 9.47 -5.13 1.40
C ALA A 99 9.79 -6.17 2.49
N GLU A 100 10.37 -5.77 3.62
CA GLU A 100 10.60 -6.64 4.78
C GLU A 100 9.29 -7.28 5.28
N LEU A 101 8.18 -6.53 5.30
CA LEU A 101 6.83 -7.05 5.60
C LEU A 101 6.45 -8.20 4.66
N LEU A 102 6.53 -8.02 3.34
CA LEU A 102 6.20 -9.08 2.37
C LEU A 102 7.20 -10.27 2.37
N LEU A 103 8.38 -10.08 2.98
CA LEU A 103 9.36 -11.13 3.29
C LEU A 103 8.95 -11.96 4.53
N LEU A 104 8.84 -11.32 5.70
CA LEU A 104 8.59 -11.98 6.99
C LEU A 104 7.13 -12.46 7.18
N GLU A 105 6.16 -11.77 6.57
CA GLU A 105 4.73 -12.13 6.52
C GLU A 105 4.08 -12.37 7.90
N THR A 106 3.71 -11.28 8.57
CA THR A 106 3.15 -11.22 9.93
C THR A 106 1.76 -11.85 10.09
N ASP A 107 0.84 -11.62 9.13
CA ASP A 107 -0.56 -12.11 9.13
C ASP A 107 -0.92 -12.89 7.85
N ALA A 108 0.10 -13.34 7.11
CA ALA A 108 0.02 -14.23 5.96
C ALA A 108 0.53 -15.65 6.26
N GLY A 109 0.12 -16.60 5.40
CA GLY A 109 0.69 -17.94 5.35
C GLY A 109 2.15 -17.94 4.86
N PRO A 110 2.76 -19.12 4.61
CA PRO A 110 4.14 -19.25 4.14
C PRO A 110 4.33 -18.85 2.66
N ALA A 111 3.55 -17.88 2.13
CA ALA A 111 3.54 -17.56 0.71
C ALA A 111 4.89 -17.06 0.13
N ALA A 112 5.77 -16.46 0.94
CA ALA A 112 7.18 -16.15 0.60
C ALA A 112 8.14 -16.26 1.80
N SER A 113 9.45 -16.24 1.52
CA SER A 113 10.56 -16.09 2.49
C SER A 113 11.87 -15.68 1.80
N GLU A 114 12.75 -14.95 2.51
CA GLU A 114 14.01 -14.34 2.05
C GLU A 114 13.94 -13.44 0.78
N GLY A 115 15.02 -12.70 0.49
CA GLY A 115 15.05 -11.64 -0.53
C GLY A 115 16.16 -11.72 -1.59
N ALA A 116 17.11 -12.64 -1.43
CA ALA A 116 18.19 -13.00 -2.38
C ALA A 116 19.09 -11.86 -2.90
N GLU A 117 19.01 -10.67 -2.29
CA GLU A 117 19.59 -9.39 -2.71
C GLU A 117 19.29 -9.06 -4.19
N GLN A 118 18.01 -9.17 -4.57
CA GLN A 118 17.48 -8.74 -5.86
C GLN A 118 17.69 -7.23 -6.15
N PRO A 119 17.68 -6.80 -7.44
CA PRO A 119 17.82 -5.39 -7.83
C PRO A 119 16.61 -4.53 -7.42
N PRO A 120 16.70 -3.18 -7.53
CA PRO A 120 15.59 -2.26 -7.18
C PRO A 120 14.41 -2.37 -8.16
N ASP A 121 13.43 -3.21 -7.81
CA ASP A 121 12.13 -3.45 -8.44
C ASP A 121 11.09 -3.74 -7.32
N LEU A 122 9.86 -4.13 -7.69
CA LEU A 122 8.74 -4.49 -6.79
C LEU A 122 8.62 -3.59 -5.53
N HIS A 123 8.65 -2.27 -5.75
CA HIS A 123 8.39 -1.19 -4.77
C HIS A 123 7.14 -0.37 -5.11
N CYS A 124 6.09 -1.08 -5.52
CA CYS A 124 4.72 -0.61 -5.66
C CYS A 124 3.75 -1.78 -5.40
N VAL A 125 2.60 -1.50 -4.80
CA VAL A 125 1.51 -2.45 -4.57
C VAL A 125 0.16 -1.74 -4.66
N LEU A 126 -0.86 -2.41 -5.19
CA LEU A 126 -2.21 -1.85 -5.35
C LEU A 126 -3.30 -2.85 -4.96
N VAL A 127 -4.17 -2.42 -4.07
CA VAL A 127 -5.31 -3.17 -3.52
C VAL A 127 -6.59 -2.83 -4.29
N THR A 128 -7.48 -3.81 -4.44
CA THR A 128 -8.80 -3.66 -5.09
C THR A 128 -9.92 -4.32 -4.27
N ASN A 129 -11.07 -3.64 -4.17
CA ASN A 129 -12.26 -4.08 -3.43
C ASN A 129 -13.21 -4.95 -4.29
N PRO A 130 -14.17 -5.70 -3.69
CA PRO A 130 -15.18 -6.45 -4.44
C PRO A 130 -16.25 -5.55 -5.11
N HIS A 131 -17.06 -4.83 -4.32
CA HIS A 131 -18.10 -3.91 -4.80
C HIS A 131 -18.49 -2.87 -3.73
N SER A 132 -17.57 -1.95 -3.39
CA SER A 132 -17.75 -0.89 -2.40
C SER A 132 -16.92 0.37 -2.73
N SER A 133 -17.08 1.44 -1.93
CA SER A 133 -16.30 2.68 -1.99
C SER A 133 -14.95 2.60 -1.26
N GLN A 134 -14.76 1.60 -0.38
CA GLN A 134 -13.52 1.26 0.33
C GLN A 134 -13.25 -0.26 0.27
N TRP A 135 -12.11 -0.72 0.80
CA TRP A 135 -11.87 -2.16 1.02
C TRP A 135 -12.65 -2.69 2.24
N LYS A 136 -12.65 -4.02 2.45
CA LYS A 136 -13.49 -4.70 3.46
C LYS A 136 -13.04 -4.57 4.93
N ASP A 137 -11.86 -4.00 5.21
CA ASP A 137 -11.31 -3.86 6.57
C ASP A 137 -11.26 -2.39 7.06
N PRO A 138 -11.61 -2.12 8.34
CA PRO A 138 -11.70 -0.76 8.89
C PRO A 138 -10.35 -0.08 9.07
N ALA A 139 -9.24 -0.84 9.05
CA ALA A 139 -7.89 -0.33 8.98
C ALA A 139 -7.73 0.46 7.68
N LEU A 140 -7.99 -0.17 6.53
CA LEU A 140 -7.98 0.44 5.19
C LEU A 140 -8.92 1.66 5.11
N SER A 141 -10.10 1.61 5.75
CA SER A 141 -11.01 2.76 5.87
C SER A 141 -10.33 3.99 6.52
N GLN A 142 -9.58 3.83 7.62
CA GLN A 142 -8.80 4.91 8.23
C GLN A 142 -7.71 5.46 7.29
N LEU A 143 -7.05 4.61 6.49
CA LEU A 143 -6.01 5.02 5.53
C LEU A 143 -6.56 5.99 4.49
N ILE A 144 -7.59 5.58 3.74
CA ILE A 144 -8.20 6.42 2.71
C ILE A 144 -8.79 7.71 3.28
N CYS A 145 -9.32 7.70 4.51
CA CYS A 145 -9.75 8.92 5.22
C CYS A 145 -8.58 9.89 5.47
N PHE A 146 -7.48 9.45 6.10
CA PHE A 146 -6.27 10.27 6.29
C PHE A 146 -5.75 10.84 4.96
N CYS A 147 -5.58 9.99 3.95
CA CYS A 147 -5.06 10.38 2.64
C CYS A 147 -5.98 11.36 1.89
N ARG A 148 -7.30 11.19 1.94
CA ARG A 148 -8.30 12.16 1.45
C ARG A 148 -8.14 13.52 2.11
N GLU A 149 -8.11 13.59 3.44
CA GLU A 149 -7.99 14.85 4.19
C GLU A 149 -6.71 15.62 3.84
N SER A 150 -5.58 14.92 3.68
CA SER A 150 -4.32 15.51 3.20
C SER A 150 -4.48 16.06 1.78
N ARG A 151 -4.85 15.20 0.81
CA ARG A 151 -5.04 15.54 -0.61
C ARG A 151 -6.06 16.66 -0.84
N TYR A 152 -7.05 16.82 0.05
CA TYR A 152 -8.07 17.89 -0.02
C TYR A 152 -7.48 19.31 0.03
N MET A 153 -6.35 19.50 0.71
CA MET A 153 -5.58 20.74 0.71
C MET A 153 -4.72 20.84 -0.57
N ASP A 154 -3.67 20.02 -0.65
CA ASP A 154 -2.65 19.92 -1.71
C ASP A 154 -1.95 18.56 -1.55
N GLN A 155 -0.87 18.28 -2.30
CA GLN A 155 -0.15 16.99 -2.36
C GLN A 155 -1.03 15.84 -2.88
N TRP A 156 -0.95 15.59 -4.21
CA TRP A 156 -1.72 14.54 -4.91
C TRP A 156 -1.46 13.11 -4.37
N VAL A 157 -0.32 12.91 -3.70
CA VAL A 157 0.01 11.77 -2.82
C VAL A 157 0.58 12.28 -1.49
N PRO A 158 0.02 11.89 -0.32
CA PRO A 158 0.69 12.09 0.97
C PRO A 158 1.92 11.16 1.09
N VAL A 159 2.81 11.47 2.05
CA VAL A 159 4.15 10.90 2.18
C VAL A 159 4.43 10.40 3.60
N ILE A 160 4.54 9.08 3.79
CA ILE A 160 4.55 8.41 5.11
C ILE A 160 5.74 7.45 5.26
N ASN A 161 6.14 7.15 6.50
CA ASN A 161 7.24 6.25 6.85
C ASN A 161 6.75 5.11 7.78
N LEU A 162 6.16 4.06 7.20
CA LEU A 162 5.64 2.90 7.96
C LEU A 162 6.74 2.14 8.74
N PRO A 163 6.41 1.48 9.87
CA PRO A 163 7.34 0.64 10.63
C PRO A 163 7.51 -0.77 10.01
N GLU A 164 8.40 -1.57 10.61
CA GLU A 164 8.43 -3.04 10.51
C GLU A 164 8.99 -3.63 11.81
N ARG A 165 10.22 -3.22 12.16
CA ARG A 165 10.99 -3.62 13.35
C ARG A 165 11.22 -2.47 14.34
N MET A 1 -39.65 -10.84 23.33
CA MET A 1 -38.18 -11.09 23.41
C MET A 1 -37.68 -10.83 24.82
N THR A 2 -36.74 -11.66 25.32
CA THR A 2 -36.17 -11.57 26.69
C THR A 2 -34.64 -11.44 26.61
N LEU A 3 -34.17 -10.29 26.11
CA LEU A 3 -32.75 -9.91 25.95
C LEU A 3 -32.54 -8.43 26.30
N GLU A 4 -31.28 -8.03 26.48
CA GLU A 4 -30.85 -6.65 26.78
C GLU A 4 -29.94 -6.03 25.69
N GLU A 5 -29.66 -6.77 24.60
CA GLU A 5 -28.83 -6.39 23.43
C GLU A 5 -27.36 -6.02 23.71
N PHE A 6 -26.97 -5.96 24.98
CA PHE A 6 -25.70 -5.49 25.58
C PHE A 6 -24.42 -6.08 24.95
N SER A 7 -23.96 -5.46 23.85
CA SER A 7 -22.74 -5.80 23.10
C SER A 7 -22.31 -4.60 22.23
N ALA A 8 -21.21 -3.92 22.62
CA ALA A 8 -20.64 -2.77 21.91
C ALA A 8 -19.11 -2.68 22.07
N GLY A 9 -18.47 -1.80 21.28
CA GLY A 9 -17.02 -1.54 21.33
C GLY A 9 -16.43 -1.08 19.99
N GLU A 10 -16.20 0.23 19.85
CA GLU A 10 -15.54 0.90 18.72
C GLU A 10 -14.59 2.02 19.16
N GLN A 11 -13.71 2.46 18.26
CA GLN A 11 -12.91 3.70 18.33
C GLN A 11 -12.90 4.42 16.97
N LYS A 12 -12.54 5.71 16.99
CA LYS A 12 -12.40 6.59 15.81
C LYS A 12 -11.32 7.64 16.05
N THR A 13 -10.09 7.33 15.65
CA THR A 13 -8.88 8.17 15.80
C THR A 13 -8.03 8.23 14.52
N GLU A 14 -7.11 9.19 14.45
CA GLU A 14 -6.17 9.40 13.34
C GLU A 14 -4.80 9.91 13.83
N ARG A 15 -3.73 9.17 13.53
CA ARG A 15 -2.31 9.53 13.78
C ARG A 15 -1.40 9.05 12.67
N MET A 16 -0.28 9.72 12.45
CA MET A 16 0.73 9.40 11.43
C MET A 16 1.21 7.95 11.51
N ASP A 17 1.66 7.49 12.68
CA ASP A 17 2.07 6.09 12.87
C ASP A 17 0.93 5.08 12.61
N LYS A 18 -0.31 5.43 12.98
CA LYS A 18 -1.49 4.58 12.76
C LYS A 18 -1.82 4.38 11.29
N VAL A 19 -1.51 5.34 10.40
CA VAL A 19 -1.69 5.21 8.94
C VAL A 19 -0.75 4.13 8.38
N GLY A 20 0.54 4.16 8.72
CA GLY A 20 1.51 3.16 8.28
C GLY A 20 1.26 1.77 8.87
N ASP A 21 0.92 1.73 10.16
CA ASP A 21 0.51 0.50 10.88
C ASP A 21 -0.72 -0.16 10.24
N ALA A 22 -1.75 0.64 10.01
CA ALA A 22 -2.99 0.23 9.33
C ALA A 22 -2.70 -0.37 7.95
N LEU A 23 -1.80 0.25 7.18
CA LEU A 23 -1.45 -0.18 5.84
C LEU A 23 -0.85 -1.59 5.83
N GLU A 24 0.10 -1.86 6.74
CA GLU A 24 0.66 -3.20 6.94
C GLU A 24 -0.40 -4.27 7.27
N GLU A 25 -1.45 -3.93 8.02
CA GLU A 25 -2.52 -4.89 8.32
C GLU A 25 -3.28 -5.31 7.05
N VAL A 26 -3.67 -4.34 6.21
CA VAL A 26 -4.35 -4.62 4.93
C VAL A 26 -3.46 -5.41 3.97
N LEU A 27 -2.22 -4.97 3.76
CA LEU A 27 -1.24 -5.64 2.88
C LEU A 27 -0.94 -7.08 3.34
N SER A 28 -0.93 -7.35 4.65
CA SER A 28 -0.84 -8.71 5.23
C SER A 28 -1.95 -9.62 4.73
N LYS A 29 -3.21 -9.16 4.86
CA LYS A 29 -4.40 -9.90 4.38
C LYS A 29 -4.33 -10.16 2.86
N ALA A 30 -3.88 -9.18 2.09
CA ALA A 30 -3.74 -9.26 0.64
C ALA A 30 -2.72 -10.32 0.19
N LEU A 31 -1.57 -10.38 0.86
CA LEU A 31 -0.60 -11.48 0.71
C LEU A 31 -1.22 -12.84 1.09
N SER A 32 -1.93 -12.92 2.22
CA SER A 32 -2.54 -14.17 2.72
C SER A 32 -3.39 -14.87 1.65
N GLN A 33 -4.21 -14.12 0.92
CA GLN A 33 -5.07 -14.59 -0.15
C GLN A 33 -4.42 -14.59 -1.55
N ARG A 34 -3.19 -14.06 -1.67
CA ARG A 34 -2.34 -14.03 -2.88
C ARG A 34 -3.00 -13.35 -4.09
N THR A 35 -3.74 -12.26 -3.85
CA THR A 35 -4.41 -11.46 -4.91
C THR A 35 -4.17 -9.96 -4.71
N ILE A 36 -2.94 -9.53 -5.00
CA ILE A 36 -2.49 -8.13 -4.99
C ILE A 36 -1.50 -7.89 -6.15
N THR A 37 -1.50 -6.68 -6.71
CA THR A 37 -0.53 -6.23 -7.72
C THR A 37 0.74 -5.71 -7.04
N VAL A 38 1.90 -5.98 -7.65
CA VAL A 38 3.22 -5.53 -7.17
C VAL A 38 4.09 -5.02 -8.33
N GLY A 39 4.83 -3.94 -8.09
CA GLY A 39 5.87 -3.40 -8.99
C GLY A 39 5.37 -2.38 -10.02
N VAL A 40 6.12 -1.26 -10.16
CA VAL A 40 5.67 -0.07 -10.92
C VAL A 40 5.39 -0.31 -12.39
N TYR A 41 6.11 -1.25 -13.02
CA TYR A 41 5.95 -1.58 -14.44
C TYR A 41 4.59 -2.23 -14.75
N GLU A 42 3.90 -2.76 -13.73
CA GLU A 42 2.55 -3.35 -13.82
C GLU A 42 1.41 -2.35 -13.53
N ALA A 43 1.71 -1.10 -13.17
CA ALA A 43 0.70 -0.05 -12.92
C ALA A 43 -0.21 0.25 -14.13
N ALA A 44 0.36 0.25 -15.33
CA ALA A 44 -0.40 0.35 -16.59
C ALA A 44 -1.38 -0.84 -16.73
N LYS A 45 -0.89 -2.07 -16.52
CA LYS A 45 -1.66 -3.32 -16.48
C LYS A 45 -2.82 -3.26 -15.48
N LEU A 46 -2.57 -2.83 -14.25
CA LEU A 46 -3.55 -2.62 -13.18
C LEU A 46 -4.77 -1.83 -13.70
N LEU A 47 -4.54 -0.61 -14.18
CA LEU A 47 -5.64 0.23 -14.67
C LEU A 47 -6.33 -0.37 -15.92
N ASN A 48 -5.59 -1.05 -16.80
CA ASN A 48 -6.13 -1.69 -17.99
C ASN A 48 -7.00 -2.94 -17.69
N VAL A 49 -6.87 -3.59 -16.53
CA VAL A 49 -7.63 -4.79 -16.16
C VAL A 49 -8.72 -4.54 -15.11
N ASP A 50 -8.55 -3.54 -14.22
CA ASP A 50 -9.52 -3.14 -13.20
C ASP A 50 -9.69 -1.60 -13.11
N PRO A 51 -10.14 -0.91 -14.18
CA PRO A 51 -10.23 0.57 -14.22
C PRO A 51 -11.24 1.15 -13.23
N ASP A 52 -12.42 0.53 -13.12
CA ASP A 52 -13.47 0.87 -12.16
C ASP A 52 -13.27 0.20 -10.78
N ASN A 53 -12.56 -0.93 -10.76
CA ASN A 53 -12.52 -1.87 -9.64
C ASN A 53 -11.24 -1.78 -8.78
N VAL A 54 -10.21 -1.06 -9.25
CA VAL A 54 -9.10 -0.56 -8.42
C VAL A 54 -9.64 0.21 -7.20
N VAL A 55 -8.92 0.18 -6.07
CA VAL A 55 -9.28 0.98 -4.89
C VAL A 55 -8.18 1.92 -4.42
N LEU A 56 -6.91 1.47 -4.29
CA LEU A 56 -5.79 2.40 -4.00
C LEU A 56 -4.38 1.88 -4.31
N CYS A 57 -3.41 2.80 -4.30
CA CYS A 57 -2.04 2.59 -4.81
C CYS A 57 -0.96 3.08 -3.83
N LEU A 58 0.01 2.20 -3.48
CA LEU A 58 1.12 2.48 -2.55
C LEU A 58 2.47 2.46 -3.28
N LEU A 59 2.97 3.64 -3.65
CA LEU A 59 4.21 3.82 -4.42
C LEU A 59 5.41 3.94 -3.47
N ALA A 60 6.41 3.06 -3.61
CA ALA A 60 7.41 2.78 -2.57
C ALA A 60 8.85 3.03 -3.07
N ALA A 61 9.44 4.17 -2.70
CA ALA A 61 10.63 4.73 -3.34
C ALA A 61 11.94 4.53 -2.51
N ASP A 62 12.91 3.80 -3.06
CA ASP A 62 14.26 3.64 -2.49
C ASP A 62 15.07 4.95 -2.50
N GLU A 63 16.17 4.98 -1.74
CA GLU A 63 17.25 5.98 -1.95
C GLU A 63 17.80 5.92 -3.38
N ASP A 64 17.96 4.72 -3.95
CA ASP A 64 18.41 4.54 -5.34
C ASP A 64 17.42 5.07 -6.38
N ASP A 65 16.13 5.05 -6.06
CA ASP A 65 15.07 5.54 -6.95
C ASP A 65 15.09 7.08 -7.08
N ASP A 66 15.80 7.78 -6.20
CA ASP A 66 16.05 9.22 -6.31
C ASP A 66 16.84 9.62 -7.57
N ARG A 67 17.49 8.64 -8.25
CA ARG A 67 18.13 8.83 -9.57
C ARG A 67 17.45 8.06 -10.71
N ASP A 68 16.34 7.36 -10.46
CA ASP A 68 15.63 6.54 -11.44
C ASP A 68 14.48 7.31 -12.10
N VAL A 69 14.81 8.00 -13.21
CA VAL A 69 13.85 8.81 -13.99
C VAL A 69 12.67 8.01 -14.55
N ALA A 70 12.83 6.71 -14.79
CA ALA A 70 11.74 5.84 -15.24
C ALA A 70 10.68 5.69 -14.15
N LEU A 71 11.10 5.43 -12.91
CA LEU A 71 10.20 5.38 -11.75
C LEU A 71 9.45 6.69 -11.53
N GLN A 72 10.14 7.81 -11.69
CA GLN A 72 9.55 9.15 -11.54
C GLN A 72 8.38 9.35 -12.52
N ILE A 73 8.52 8.93 -13.79
CA ILE A 73 7.40 8.85 -14.74
C ILE A 73 6.32 7.86 -14.27
N HIS A 74 6.65 6.61 -13.91
CA HIS A 74 5.66 5.62 -13.44
C HIS A 74 4.83 6.10 -12.24
N PHE A 75 5.45 6.78 -11.29
CA PHE A 75 4.79 7.42 -10.15
C PHE A 75 3.81 8.53 -10.62
N THR A 76 4.20 9.41 -11.55
CA THR A 76 3.30 10.47 -12.07
C THR A 76 2.17 9.92 -12.95
N LEU A 77 2.46 8.89 -13.76
CA LEU A 77 1.52 8.15 -14.61
C LEU A 77 0.33 7.61 -13.78
N ILE A 78 0.62 6.70 -12.85
CA ILE A 78 -0.42 6.11 -11.99
C ILE A 78 -1.12 7.18 -11.14
N GLN A 79 -0.44 8.27 -10.78
CA GLN A 79 -1.03 9.40 -10.03
C GLN A 79 -2.12 10.09 -10.85
N ALA A 80 -1.86 10.45 -12.11
CA ALA A 80 -2.86 11.02 -13.02
C ALA A 80 -4.11 10.12 -13.12
N PHE A 81 -3.90 8.80 -13.27
CA PHE A 81 -4.97 7.82 -13.38
C PHE A 81 -5.77 7.65 -12.08
N CYS A 82 -5.08 7.57 -10.93
CA CYS A 82 -5.71 7.57 -9.61
C CYS A 82 -6.58 8.83 -9.39
N CYS A 83 -6.04 10.01 -9.74
CA CYS A 83 -6.73 11.30 -9.68
C CYS A 83 -8.03 11.38 -10.49
N GLU A 84 -8.16 10.64 -11.61
CA GLU A 84 -9.41 10.57 -12.38
C GLU A 84 -10.62 10.15 -11.52
N ASN A 85 -10.58 8.95 -10.95
CA ASN A 85 -11.72 8.33 -10.29
C ASN A 85 -11.57 8.37 -8.74
N ASP A 86 -12.48 7.70 -8.03
CA ASP A 86 -12.47 7.60 -6.56
C ASP A 86 -11.39 6.61 -6.02
N ILE A 87 -10.12 6.87 -6.36
CA ILE A 87 -8.95 5.98 -6.23
C ILE A 87 -7.85 6.74 -5.51
N ASN A 88 -7.83 6.63 -4.19
CA ASN A 88 -6.74 7.14 -3.35
C ASN A 88 -5.35 6.61 -3.77
N ILE A 89 -4.31 7.37 -3.43
CA ILE A 89 -2.89 7.07 -3.66
C ILE A 89 -2.05 7.69 -2.53
N LEU A 90 -0.99 6.99 -2.10
CA LEU A 90 -0.02 7.39 -1.08
C LEU A 90 1.38 6.93 -1.52
N ARG A 91 2.41 7.72 -1.19
CA ARG A 91 3.82 7.31 -1.31
C ARG A 91 4.40 6.92 0.05
N VAL A 92 5.25 5.90 0.07
CA VAL A 92 6.00 5.46 1.27
C VAL A 92 7.51 5.62 1.08
N SER A 93 8.10 6.39 1.99
CA SER A 93 9.53 6.72 2.10
C SER A 93 10.42 5.49 2.40
N ASN A 94 9.85 4.43 2.96
CA ASN A 94 10.51 3.19 3.37
C ASN A 94 9.94 1.96 2.63
N PRO A 95 10.35 1.69 1.37
CA PRO A 95 9.93 0.49 0.65
C PRO A 95 10.43 -0.78 1.34
N GLY A 96 11.62 -0.72 1.96
CA GLY A 96 12.19 -1.81 2.74
C GLY A 96 11.34 -2.23 3.94
N ARG A 97 10.43 -1.39 4.45
CA ARG A 97 9.47 -1.74 5.52
C ARG A 97 8.21 -2.41 4.98
N LEU A 98 7.60 -1.84 3.94
CA LEU A 98 6.45 -2.45 3.25
C LEU A 98 6.80 -3.82 2.66
N ALA A 99 8.01 -3.92 2.11
CA ALA A 99 8.58 -5.17 1.62
C ALA A 99 8.97 -6.13 2.75
N GLU A 100 9.41 -5.63 3.92
CA GLU A 100 9.74 -6.49 5.07
C GLU A 100 8.53 -7.27 5.55
N LEU A 101 7.35 -6.65 5.54
CA LEU A 101 6.06 -7.30 5.83
C LEU A 101 5.77 -8.43 4.85
N LEU A 102 5.67 -8.11 3.54
CA LEU A 102 5.22 -9.08 2.54
C LEU A 102 6.22 -10.23 2.29
N LEU A 103 7.46 -10.08 2.76
CA LEU A 103 8.51 -11.08 2.73
C LEU A 103 8.16 -12.35 3.53
N LEU A 104 7.61 -12.22 4.74
CA LEU A 104 7.35 -13.39 5.61
C LEU A 104 5.97 -13.99 5.29
N GLU A 105 4.93 -13.37 5.85
CA GLU A 105 3.53 -13.78 5.87
C GLU A 105 2.63 -12.68 6.46
N THR A 106 1.35 -12.99 6.62
CA THR A 106 0.31 -12.12 7.17
C THR A 106 0.59 -11.72 8.63
N ASP A 107 0.93 -10.45 8.85
CA ASP A 107 1.44 -9.87 10.12
C ASP A 107 2.63 -10.63 10.75
N ALA A 108 3.34 -11.42 9.95
CA ALA A 108 4.47 -12.25 10.35
C ALA A 108 5.78 -11.44 10.53
N GLY A 109 6.83 -12.08 11.08
CA GLY A 109 8.10 -11.46 11.45
C GLY A 109 8.55 -11.84 12.87
N PRO A 110 7.93 -11.30 13.93
CA PRO A 110 8.32 -11.56 15.32
C PRO A 110 7.92 -12.97 15.82
N ALA A 111 6.89 -13.58 15.21
CA ALA A 111 6.48 -14.97 15.43
C ALA A 111 7.43 -15.99 14.76
N ALA A 112 7.10 -17.29 14.83
CA ALA A 112 7.84 -18.43 14.26
C ALA A 112 7.83 -18.51 12.70
N SER A 113 7.77 -17.36 12.01
CA SER A 113 7.70 -17.21 10.55
C SER A 113 8.73 -16.20 10.06
N GLU A 114 9.97 -16.66 9.80
CA GLU A 114 11.07 -15.88 9.19
C GLU A 114 12.02 -16.80 8.39
N GLY A 115 12.86 -16.25 7.51
CA GLY A 115 13.88 -17.00 6.76
C GLY A 115 14.48 -16.25 5.57
N ALA A 116 14.03 -16.61 4.37
CA ALA A 116 14.50 -16.07 3.09
C ALA A 116 14.07 -14.60 2.88
N GLU A 117 15.03 -13.68 2.92
CA GLU A 117 14.86 -12.22 2.82
C GLU A 117 15.13 -11.67 1.39
N GLN A 118 14.57 -12.32 0.35
CA GLN A 118 14.58 -11.83 -1.05
C GLN A 118 13.16 -11.82 -1.67
N PRO A 119 12.46 -10.67 -1.73
CA PRO A 119 11.16 -10.52 -2.40
C PRO A 119 11.31 -10.47 -3.94
N PRO A 120 10.22 -10.58 -4.73
CA PRO A 120 10.26 -10.50 -6.20
C PRO A 120 10.70 -9.12 -6.72
N ASP A 121 9.96 -8.06 -6.38
CA ASP A 121 10.41 -6.67 -6.35
C ASP A 121 9.76 -5.97 -5.15
N LEU A 122 10.12 -4.70 -4.91
CA LEU A 122 9.62 -3.87 -3.81
C LEU A 122 9.23 -2.44 -4.24
N HIS A 123 9.07 -2.20 -5.55
CA HIS A 123 8.93 -0.82 -6.08
C HIS A 123 7.56 -0.16 -5.86
N CYS A 124 6.48 -0.94 -5.79
CA CYS A 124 5.17 -0.51 -5.29
C CYS A 124 4.30 -1.73 -4.98
N VAL A 125 3.19 -1.52 -4.27
CA VAL A 125 2.15 -2.52 -4.04
C VAL A 125 0.77 -1.87 -4.21
N LEU A 126 -0.10 -2.46 -5.02
CA LEU A 126 -1.32 -1.81 -5.53
C LEU A 126 -2.55 -2.70 -5.20
N VAL A 127 -3.50 -2.15 -4.44
CA VAL A 127 -4.64 -2.85 -3.81
C VAL A 127 -5.94 -2.51 -4.54
N THR A 128 -6.68 -3.55 -4.93
CA THR A 128 -7.82 -3.51 -5.83
C THR A 128 -8.84 -4.55 -5.37
N ASN A 129 -10.14 -4.18 -5.36
CA ASN A 129 -11.22 -5.08 -4.93
C ASN A 129 -11.85 -5.83 -6.13
N PRO A 130 -12.57 -6.95 -5.89
CA PRO A 130 -13.39 -7.58 -6.94
C PRO A 130 -14.59 -6.70 -7.32
N HIS A 131 -15.20 -6.98 -8.48
CA HIS A 131 -16.36 -6.27 -9.05
C HIS A 131 -17.68 -6.59 -8.33
N SER A 132 -17.79 -6.23 -7.05
CA SER A 132 -18.96 -6.47 -6.18
C SER A 132 -19.28 -5.27 -5.29
N SER A 133 -18.39 -4.93 -4.34
CA SER A 133 -18.56 -3.79 -3.42
C SER A 133 -17.23 -3.05 -3.17
N GLN A 134 -16.50 -3.37 -2.09
CA GLN A 134 -15.19 -2.80 -1.76
C GLN A 134 -14.36 -3.76 -0.88
N TRP A 135 -13.09 -3.42 -0.65
CA TRP A 135 -12.09 -4.23 0.10
C TRP A 135 -12.37 -4.40 1.61
N LYS A 136 -13.46 -3.81 2.14
CA LYS A 136 -14.04 -4.01 3.49
C LYS A 136 -13.01 -4.07 4.64
N ASP A 137 -12.23 -2.99 4.73
CA ASP A 137 -10.99 -2.84 5.50
C ASP A 137 -10.96 -1.52 6.31
N PRO A 138 -11.32 -1.53 7.61
CA PRO A 138 -11.42 -0.30 8.42
C PRO A 138 -10.07 0.41 8.65
N ALA A 139 -8.97 -0.35 8.59
CA ALA A 139 -7.61 0.14 8.55
C ALA A 139 -7.40 1.11 7.38
N LEU A 140 -7.69 0.69 6.15
CA LEU A 140 -7.58 1.51 4.94
C LEU A 140 -8.57 2.69 4.93
N SER A 141 -9.73 2.57 5.58
CA SER A 141 -10.65 3.69 5.80
C SER A 141 -9.97 4.84 6.57
N GLN A 142 -9.25 4.52 7.64
CA GLN A 142 -8.42 5.48 8.38
C GLN A 142 -7.29 6.07 7.52
N LEU A 143 -6.66 5.28 6.64
CA LEU A 143 -5.66 5.81 5.68
C LEU A 143 -6.26 6.83 4.72
N ILE A 144 -7.36 6.49 4.03
CA ILE A 144 -8.03 7.36 3.06
C ILE A 144 -8.47 8.68 3.73
N CYS A 145 -8.97 8.61 4.97
CA CYS A 145 -9.30 9.77 5.81
C CYS A 145 -8.08 10.69 6.03
N PHE A 146 -6.95 10.16 6.51
CA PHE A 146 -5.70 10.91 6.63
C PHE A 146 -5.27 11.55 5.30
N CYS A 147 -5.20 10.78 4.21
CA CYS A 147 -4.80 11.25 2.89
C CYS A 147 -5.69 12.38 2.35
N ARG A 148 -7.01 12.34 2.60
CA ARG A 148 -7.96 13.42 2.28
C ARG A 148 -7.61 14.73 2.99
N GLU A 149 -7.32 14.68 4.29
CA GLU A 149 -6.98 15.86 5.10
C GLU A 149 -5.68 16.55 4.64
N SER A 150 -4.61 15.78 4.39
CA SER A 150 -3.33 16.28 3.90
C SER A 150 -3.42 16.83 2.47
N ARG A 151 -4.06 16.09 1.54
CA ARG A 151 -4.27 16.54 0.15
C ARG A 151 -5.09 17.83 0.07
N TYR A 152 -5.98 18.08 1.03
CA TYR A 152 -6.81 19.30 1.12
C TYR A 152 -6.01 20.60 1.12
N MET A 153 -4.76 20.56 1.61
CA MET A 153 -3.81 21.69 1.64
C MET A 153 -3.12 21.96 0.27
N ASP A 154 -3.48 21.21 -0.77
CA ASP A 154 -2.96 21.18 -2.15
C ASP A 154 -1.57 20.53 -2.21
N GLN A 155 -1.57 19.20 -2.05
CA GLN A 155 -0.39 18.37 -1.81
C GLN A 155 -0.18 17.24 -2.86
N TRP A 156 -1.11 17.10 -3.82
CA TRP A 156 -1.14 16.15 -4.94
C TRP A 156 -1.20 14.67 -4.51
N VAL A 157 -0.13 14.17 -3.89
CA VAL A 157 -0.02 12.88 -3.19
C VAL A 157 0.62 13.08 -1.82
N PRO A 158 -0.02 12.62 -0.73
CA PRO A 158 0.62 12.59 0.57
C PRO A 158 1.78 11.58 0.57
N VAL A 159 2.65 11.70 1.58
CA VAL A 159 3.77 10.80 1.83
C VAL A 159 3.81 10.41 3.31
N ILE A 160 4.39 9.26 3.64
CA ILE A 160 4.71 8.92 5.04
C ILE A 160 5.93 8.01 5.19
N ASN A 161 6.47 7.98 6.41
CA ASN A 161 7.39 6.99 6.93
C ASN A 161 6.75 6.29 8.15
N LEU A 162 6.84 4.96 8.21
CA LEU A 162 6.15 4.11 9.19
C LEU A 162 7.18 3.47 10.17
N PRO A 163 6.77 3.12 11.41
CA PRO A 163 7.69 2.69 12.47
C PRO A 163 8.27 1.27 12.21
N GLU A 164 9.18 0.81 13.07
CA GLU A 164 9.76 -0.54 12.99
C GLU A 164 8.72 -1.66 13.13
N ARG A 165 9.10 -2.89 12.77
CA ARG A 165 8.24 -4.08 12.78
C ARG A 165 7.77 -4.52 14.19
N MET A 1 -5.60 -29.69 23.27
CA MET A 1 -7.08 -29.85 23.36
C MET A 1 -7.75 -28.64 24.04
N THR A 2 -7.58 -27.44 23.48
CA THR A 2 -8.21 -26.18 23.96
C THR A 2 -8.24 -25.11 22.85
N LEU A 3 -8.91 -23.97 23.09
CA LEU A 3 -8.96 -22.79 22.22
C LEU A 3 -8.36 -21.56 22.93
N GLU A 4 -7.63 -20.73 22.17
CA GLU A 4 -6.98 -19.49 22.64
C GLU A 4 -7.10 -18.32 21.63
N GLU A 5 -7.83 -18.52 20.53
CA GLU A 5 -8.04 -17.52 19.48
C GLU A 5 -9.21 -16.57 19.77
N PHE A 6 -8.91 -15.28 19.92
CA PHE A 6 -9.89 -14.18 20.07
C PHE A 6 -9.29 -12.82 19.64
N SER A 7 -9.40 -12.50 18.35
CA SER A 7 -8.94 -11.21 17.78
C SER A 7 -9.76 -10.01 18.28
N ALA A 8 -9.10 -8.87 18.49
CA ALA A 8 -9.72 -7.60 18.89
C ALA A 8 -8.89 -6.36 18.43
N GLY A 9 -9.46 -5.17 18.58
CA GLY A 9 -8.79 -3.88 18.34
C GLY A 9 -9.76 -2.68 18.35
N GLU A 10 -9.29 -1.52 18.82
CA GLU A 10 -10.05 -0.25 18.87
C GLU A 10 -9.10 0.96 18.86
N GLN A 11 -9.48 2.05 18.18
CA GLN A 11 -8.75 3.33 18.11
C GLN A 11 -9.68 4.52 18.40
N LYS A 12 -9.09 5.67 18.79
CA LYS A 12 -9.80 6.94 19.13
C LYS A 12 -9.22 8.22 18.50
N THR A 13 -8.03 8.14 17.89
CA THR A 13 -7.33 9.22 17.16
C THR A 13 -6.65 8.68 15.89
N GLU A 14 -6.06 9.58 15.11
CA GLU A 14 -5.23 9.26 13.94
C GLU A 14 -3.79 9.78 14.14
N ARG A 15 -2.79 8.94 13.81
CA ARG A 15 -1.35 9.23 13.90
C ARG A 15 -0.64 8.78 12.64
N MET A 16 0.38 9.52 12.21
CA MET A 16 1.06 9.34 10.92
C MET A 16 1.67 7.93 10.78
N ASP A 17 2.44 7.46 11.76
CA ASP A 17 3.02 6.10 11.78
C ASP A 17 1.97 4.98 11.67
N LYS A 18 0.77 5.18 12.24
CA LYS A 18 -0.33 4.21 12.23
C LYS A 18 -0.85 3.93 10.81
N VAL A 19 -0.72 4.88 9.88
CA VAL A 19 -1.11 4.77 8.46
C VAL A 19 -0.26 3.73 7.72
N GLY A 20 1.07 3.79 7.89
CA GLY A 20 1.98 2.83 7.23
C GLY A 20 1.94 1.44 7.89
N ASP A 21 1.74 1.40 9.20
CA ASP A 21 1.42 0.17 9.95
C ASP A 21 0.14 -0.50 9.41
N ALA A 22 -0.92 0.29 9.31
CA ALA A 22 -2.21 -0.13 8.74
C ALA A 22 -2.06 -0.69 7.31
N LEU A 23 -1.20 -0.10 6.49
CA LEU A 23 -0.96 -0.58 5.13
C LEU A 23 -0.33 -1.98 5.14
N GLU A 24 0.65 -2.22 6.02
CA GLU A 24 1.25 -3.54 6.21
C GLU A 24 0.20 -4.61 6.59
N GLU A 25 -0.87 -4.23 7.31
CA GLU A 25 -1.89 -5.18 7.76
C GLU A 25 -2.72 -5.64 6.56
N VAL A 26 -3.18 -4.69 5.74
CA VAL A 26 -3.91 -4.96 4.50
C VAL A 26 -3.07 -5.72 3.47
N LEU A 27 -1.78 -5.39 3.32
CA LEU A 27 -0.86 -6.11 2.44
C LEU A 27 -0.86 -7.62 2.71
N SER A 28 -0.75 -8.02 3.99
CA SER A 28 -0.79 -9.45 4.32
C SER A 28 -2.16 -10.09 4.07
N LYS A 29 -3.25 -9.44 4.47
CA LYS A 29 -4.65 -9.87 4.20
C LYS A 29 -4.92 -10.05 2.71
N ALA A 30 -4.51 -9.10 1.88
CA ALA A 30 -4.76 -9.08 0.44
C ALA A 30 -3.98 -10.20 -0.29
N LEU A 31 -2.78 -10.53 0.18
CA LEU A 31 -2.07 -11.74 -0.26
C LEU A 31 -2.84 -13.01 0.12
N SER A 32 -3.31 -13.14 1.37
CA SER A 32 -4.08 -14.34 1.80
C SER A 32 -5.33 -14.63 0.94
N GLN A 33 -5.95 -13.59 0.36
CA GLN A 33 -7.08 -13.68 -0.55
C GLN A 33 -6.73 -13.47 -2.05
N ARG A 34 -5.43 -13.37 -2.39
CA ARG A 34 -4.82 -13.42 -3.73
C ARG A 34 -5.53 -12.58 -4.80
N THR A 35 -5.61 -11.25 -4.57
CA THR A 35 -6.38 -10.31 -5.40
C THR A 35 -5.73 -8.93 -5.61
N ILE A 36 -4.44 -8.82 -5.29
CA ILE A 36 -3.69 -7.55 -5.17
C ILE A 36 -2.57 -7.42 -6.21
N THR A 37 -2.49 -6.26 -6.88
CA THR A 37 -1.40 -5.91 -7.80
C THR A 37 -0.17 -5.48 -6.99
N VAL A 38 1.02 -5.92 -7.39
CA VAL A 38 2.31 -5.40 -6.90
C VAL A 38 3.26 -5.07 -8.05
N GLY A 39 4.35 -4.37 -7.76
CA GLY A 39 5.40 -4.00 -8.71
C GLY A 39 5.16 -2.64 -9.38
N VAL A 40 6.24 -1.92 -9.67
CA VAL A 40 6.20 -0.53 -10.17
C VAL A 40 5.75 -0.46 -11.64
N TYR A 41 6.27 -1.38 -12.47
CA TYR A 41 6.08 -1.37 -13.93
C TYR A 41 4.70 -1.87 -14.39
N GLU A 42 3.86 -2.36 -13.47
CA GLU A 42 2.52 -2.92 -13.70
C GLU A 42 1.41 -1.90 -14.04
N ALA A 43 1.70 -0.60 -14.13
CA ALA A 43 0.73 0.48 -14.36
C ALA A 43 -0.27 0.21 -15.52
N ALA A 44 0.24 -0.16 -16.70
CA ALA A 44 -0.58 -0.51 -17.86
C ALA A 44 -1.47 -1.75 -17.61
N LYS A 45 -0.89 -2.82 -17.03
CA LYS A 45 -1.58 -4.06 -16.68
C LYS A 45 -2.72 -3.82 -15.68
N LEU A 46 -2.44 -3.17 -14.54
CA LEU A 46 -3.42 -2.89 -13.49
C LEU A 46 -4.63 -2.13 -14.04
N LEU A 47 -4.40 -1.15 -14.93
CA LEU A 47 -5.47 -0.42 -15.61
C LEU A 47 -6.29 -1.33 -16.56
N ASN A 48 -5.64 -2.15 -17.38
CA ASN A 48 -6.28 -3.01 -18.38
C ASN A 48 -7.01 -4.24 -17.79
N VAL A 49 -6.67 -4.73 -16.60
CA VAL A 49 -7.20 -6.00 -16.04
C VAL A 49 -8.35 -5.81 -15.04
N ASP A 50 -8.36 -4.71 -14.28
CA ASP A 50 -9.32 -4.47 -13.19
C ASP A 50 -9.76 -2.98 -13.06
N PRO A 51 -10.12 -2.26 -14.14
CA PRO A 51 -10.32 -0.79 -14.14
C PRO A 51 -11.43 -0.30 -13.19
N ASP A 52 -12.54 -1.03 -13.09
CA ASP A 52 -13.64 -0.75 -12.16
C ASP A 52 -13.33 -1.11 -10.69
N ASN A 53 -12.39 -2.04 -10.51
CA ASN A 53 -12.00 -2.65 -9.22
C ASN A 53 -10.97 -1.79 -8.46
N VAL A 54 -10.09 -1.05 -9.17
CA VAL A 54 -9.10 -0.12 -8.62
C VAL A 54 -9.70 0.67 -7.43
N VAL A 55 -9.05 0.69 -6.27
CA VAL A 55 -9.52 1.49 -5.11
C VAL A 55 -8.44 2.36 -4.46
N LEU A 56 -7.21 1.83 -4.29
CA LEU A 56 -6.13 2.59 -3.63
C LEU A 56 -4.73 2.16 -4.10
N CYS A 57 -3.98 3.11 -4.67
CA CYS A 57 -2.58 2.85 -5.12
C CYS A 57 -1.54 3.39 -4.14
N LEU A 58 -0.63 2.53 -3.67
CA LEU A 58 0.39 2.82 -2.67
C LEU A 58 1.79 2.64 -3.28
N LEU A 59 2.47 3.76 -3.51
CA LEU A 59 3.80 3.79 -4.13
C LEU A 59 4.86 3.96 -3.04
N ALA A 60 6.04 3.36 -3.19
CA ALA A 60 7.07 3.32 -2.15
C ALA A 60 8.44 3.79 -2.68
N ALA A 61 8.66 5.11 -2.66
CA ALA A 61 9.84 5.76 -3.21
C ALA A 61 11.07 5.63 -2.28
N ASP A 62 12.14 5.01 -2.78
CA ASP A 62 13.42 4.83 -2.09
C ASP A 62 14.29 6.11 -2.15
N GLU A 63 15.29 6.24 -1.26
CA GLU A 63 16.26 7.34 -1.34
C GLU A 63 17.11 7.23 -2.63
N ASP A 64 17.55 6.01 -2.97
CA ASP A 64 18.30 5.73 -4.20
C ASP A 64 17.46 5.87 -5.48
N ASP A 65 16.13 5.84 -5.37
CA ASP A 65 15.21 6.08 -6.51
C ASP A 65 15.31 7.52 -7.04
N ASP A 66 15.81 8.45 -6.25
CA ASP A 66 16.10 9.83 -6.69
C ASP A 66 17.13 9.90 -7.84
N ARG A 67 17.90 8.82 -8.05
CA ARG A 67 18.88 8.64 -9.14
C ARG A 67 18.38 7.78 -10.31
N ASP A 68 17.18 7.21 -10.23
CA ASP A 68 16.60 6.32 -11.24
C ASP A 68 15.47 7.02 -12.01
N VAL A 69 15.86 7.83 -13.01
CA VAL A 69 14.98 8.65 -13.85
C VAL A 69 13.83 7.86 -14.51
N ALA A 70 14.05 6.59 -14.85
CA ALA A 70 13.03 5.72 -15.41
C ALA A 70 11.93 5.43 -14.37
N LEU A 71 12.33 4.96 -13.18
CA LEU A 71 11.41 4.63 -12.09
C LEU A 71 10.67 5.87 -11.57
N GLN A 72 11.33 7.03 -11.54
CA GLN A 72 10.73 8.33 -11.25
C GLN A 72 9.59 8.66 -12.24
N ILE A 73 9.81 8.52 -13.56
CA ILE A 73 8.77 8.66 -14.59
C ILE A 73 7.65 7.61 -14.40
N HIS A 74 7.98 6.36 -14.07
CA HIS A 74 6.98 5.31 -13.77
C HIS A 74 6.03 5.71 -12.64
N PHE A 75 6.55 6.33 -11.57
CA PHE A 75 5.75 6.92 -10.50
C PHE A 75 4.83 8.05 -10.99
N THR A 76 5.31 8.96 -11.86
CA THR A 76 4.44 10.02 -12.44
C THR A 76 3.32 9.44 -13.29
N LEU A 77 3.63 8.46 -14.15
CA LEU A 77 2.72 7.77 -15.06
C LEU A 77 1.55 7.10 -14.31
N ILE A 78 1.86 6.16 -13.41
CA ILE A 78 0.85 5.45 -12.61
C ILE A 78 0.00 6.42 -11.77
N GLN A 79 0.58 7.54 -11.34
CA GLN A 79 -0.16 8.60 -10.62
C GLN A 79 -1.16 9.31 -11.54
N ALA A 80 -0.79 9.66 -12.78
CA ALA A 80 -1.71 10.24 -13.77
C ALA A 80 -2.97 9.38 -13.94
N PHE A 81 -2.80 8.07 -14.10
CA PHE A 81 -3.91 7.12 -14.30
C PHE A 81 -4.78 6.99 -13.04
N CYS A 82 -4.19 6.74 -11.87
CA CYS A 82 -4.93 6.64 -10.61
C CYS A 82 -5.67 7.95 -10.25
N CYS A 83 -5.08 9.11 -10.55
CA CYS A 83 -5.71 10.43 -10.39
C CYS A 83 -6.95 10.66 -11.27
N GLU A 84 -6.95 10.14 -12.51
CA GLU A 84 -8.08 10.26 -13.44
C GLU A 84 -9.35 9.65 -12.85
N ASN A 85 -9.32 8.37 -12.48
CA ASN A 85 -10.48 7.69 -11.92
C ASN A 85 -10.73 8.12 -10.46
N ASP A 86 -11.93 7.87 -9.95
CA ASP A 86 -12.31 8.11 -8.55
C ASP A 86 -11.67 7.06 -7.60
N ILE A 87 -10.36 7.22 -7.35
CA ILE A 87 -9.40 6.33 -6.72
C ILE A 87 -8.36 7.23 -6.04
N ASN A 88 -8.41 7.25 -4.72
CA ASN A 88 -7.34 7.79 -3.89
C ASN A 88 -6.04 6.96 -3.97
N ILE A 89 -4.98 7.53 -3.40
CA ILE A 89 -3.58 7.14 -3.46
C ILE A 89 -2.82 7.67 -2.23
N LEU A 90 -1.61 7.14 -2.00
CA LEU A 90 -0.62 7.64 -1.04
C LEU A 90 0.78 7.18 -1.50
N ARG A 91 1.83 7.91 -1.11
CA ARG A 91 3.24 7.52 -1.35
C ARG A 91 4.04 7.39 -0.06
N VAL A 92 4.36 6.15 0.34
CA VAL A 92 5.32 5.94 1.44
C VAL A 92 6.74 6.28 0.98
N SER A 93 7.58 6.65 1.95
CA SER A 93 8.98 7.07 1.78
C SER A 93 9.98 6.10 2.45
N ASN A 94 9.47 4.95 2.93
CA ASN A 94 10.26 3.86 3.53
C ASN A 94 9.89 2.49 2.91
N PRO A 95 10.25 2.22 1.63
CA PRO A 95 9.99 0.95 0.96
C PRO A 95 10.70 -0.23 1.64
N GLY A 96 11.86 0.02 2.25
CA GLY A 96 12.62 -0.99 2.99
C GLY A 96 11.84 -1.61 4.14
N ARG A 97 10.87 -0.88 4.73
CA ARG A 97 10.03 -1.37 5.84
C ARG A 97 8.84 -2.20 5.35
N LEU A 98 8.21 -1.76 4.26
CA LEU A 98 7.24 -2.58 3.53
C LEU A 98 7.87 -3.92 3.13
N ALA A 99 9.05 -3.87 2.50
CA ALA A 99 9.84 -5.03 2.11
C ALA A 99 10.28 -5.91 3.29
N GLU A 100 10.48 -5.35 4.48
CA GLU A 100 10.74 -6.11 5.72
C GLU A 100 9.54 -6.96 6.14
N LEU A 101 8.33 -6.39 6.13
CA LEU A 101 7.08 -7.10 6.48
C LEU A 101 6.73 -8.23 5.50
N LEU A 102 7.09 -8.07 4.22
CA LEU A 102 7.07 -9.07 3.15
C LEU A 102 7.97 -10.31 3.40
N LEU A 103 8.72 -10.33 4.49
CA LEU A 103 9.41 -11.54 4.99
C LEU A 103 8.60 -12.37 6.01
N LEU A 104 7.59 -11.78 6.66
CA LEU A 104 6.79 -12.40 7.74
C LEU A 104 5.45 -13.01 7.26
N GLU A 105 4.52 -12.20 6.72
CA GLU A 105 3.15 -12.67 6.42
C GLU A 105 2.68 -12.37 4.99
N THR A 106 2.90 -11.17 4.44
CA THR A 106 2.92 -10.97 3.00
C THR A 106 4.04 -11.81 2.37
N ASP A 107 3.89 -12.20 1.10
CA ASP A 107 4.71 -13.22 0.42
C ASP A 107 4.94 -14.53 1.24
N ALA A 108 3.97 -14.92 2.08
CA ALA A 108 3.92 -16.27 2.65
C ALA A 108 3.81 -17.37 1.57
N GLY A 109 4.17 -18.61 1.92
CA GLY A 109 4.27 -19.73 0.98
C GLY A 109 5.50 -19.65 0.05
N PRO A 110 5.56 -20.45 -1.03
CA PRO A 110 6.69 -20.53 -1.96
C PRO A 110 6.79 -19.34 -2.94
N ALA A 111 6.70 -18.11 -2.42
CA ALA A 111 6.71 -16.86 -3.20
C ALA A 111 8.07 -16.53 -3.86
N ALA A 112 9.19 -16.78 -3.15
CA ALA A 112 10.56 -16.50 -3.57
C ALA A 112 11.56 -17.59 -3.09
N SER A 113 12.84 -17.48 -3.48
CA SER A 113 13.89 -18.48 -3.22
C SER A 113 15.10 -17.91 -2.46
N GLU A 114 15.69 -16.80 -2.94
CA GLU A 114 16.87 -16.15 -2.36
C GLU A 114 16.74 -14.61 -2.37
N GLY A 115 15.53 -14.11 -2.09
CA GLY A 115 15.19 -12.68 -2.19
C GLY A 115 14.98 -12.20 -3.63
N ALA A 116 14.99 -10.88 -3.83
CA ALA A 116 14.87 -10.25 -5.15
C ALA A 116 16.07 -10.60 -6.06
N GLU A 117 15.82 -11.44 -7.06
CA GLU A 117 16.79 -11.88 -8.08
C GLU A 117 16.13 -11.88 -9.47
N GLN A 118 15.30 -12.89 -9.76
CA GLN A 118 14.48 -12.98 -10.97
C GLN A 118 13.29 -11.98 -11.00
N PRO A 119 12.44 -11.86 -9.96
CA PRO A 119 11.34 -10.88 -9.96
C PRO A 119 11.83 -9.43 -9.80
N PRO A 120 10.99 -8.42 -10.15
CA PRO A 120 11.32 -7.00 -9.98
C PRO A 120 11.33 -6.55 -8.51
N ASP A 121 11.72 -5.30 -8.26
CA ASP A 121 11.75 -4.68 -6.93
C ASP A 121 10.33 -4.29 -6.52
N LEU A 122 9.80 -4.94 -5.47
CA LEU A 122 8.49 -4.60 -4.91
C LEU A 122 8.57 -3.24 -4.18
N HIS A 123 8.43 -2.16 -4.95
CA HIS A 123 8.37 -0.75 -4.49
C HIS A 123 7.05 -0.04 -4.89
N CYS A 124 6.02 -0.80 -5.25
CA CYS A 124 4.66 -0.34 -5.53
C CYS A 124 3.65 -1.47 -5.25
N VAL A 125 2.45 -1.10 -4.80
CA VAL A 125 1.31 -1.99 -4.57
C VAL A 125 -0.02 -1.28 -4.84
N LEU A 126 -1.00 -1.99 -5.38
CA LEU A 126 -2.32 -1.48 -5.75
C LEU A 126 -3.41 -2.42 -5.24
N VAL A 127 -4.17 -1.93 -4.26
CA VAL A 127 -5.33 -2.59 -3.64
C VAL A 127 -6.57 -2.35 -4.51
N THR A 128 -7.44 -3.37 -4.63
CA THR A 128 -8.71 -3.28 -5.39
C THR A 128 -9.90 -3.82 -4.60
N ASN A 129 -11.07 -3.17 -4.72
CA ASN A 129 -12.30 -3.53 -4.01
C ASN A 129 -13.08 -4.66 -4.73
N PRO A 130 -13.38 -5.81 -4.08
CA PRO A 130 -14.11 -6.91 -4.72
C PRO A 130 -15.60 -6.61 -4.99
N HIS A 131 -16.12 -5.48 -4.50
CA HIS A 131 -17.54 -5.07 -4.56
C HIS A 131 -17.78 -3.76 -5.35
N SER A 132 -16.77 -3.23 -6.03
CA SER A 132 -16.79 -1.99 -6.84
C SER A 132 -17.03 -0.68 -6.06
N SER A 133 -17.10 -0.72 -4.73
CA SER A 133 -17.43 0.39 -3.84
C SER A 133 -16.23 0.88 -3.01
N GLN A 134 -15.85 0.16 -1.95
CA GLN A 134 -14.70 0.44 -1.07
C GLN A 134 -14.15 -0.85 -0.45
N TRP A 135 -12.92 -0.84 0.06
CA TRP A 135 -12.34 -1.98 0.81
C TRP A 135 -12.93 -2.11 2.23
N LYS A 136 -12.68 -3.25 2.89
CA LYS A 136 -13.31 -3.62 4.17
C LYS A 136 -12.30 -4.21 5.18
N ASP A 137 -11.48 -3.34 5.76
CA ASP A 137 -10.59 -3.63 6.90
C ASP A 137 -10.41 -2.36 7.75
N PRO A 138 -10.45 -2.42 9.10
CA PRO A 138 -10.32 -1.23 9.95
C PRO A 138 -8.99 -0.48 9.77
N ALA A 139 -7.92 -1.18 9.35
CA ALA A 139 -6.66 -0.56 8.97
C ALA A 139 -6.83 0.35 7.74
N LEU A 140 -7.44 -0.17 6.67
CA LEU A 140 -7.70 0.57 5.44
C LEU A 140 -8.73 1.71 5.63
N SER A 141 -9.71 1.52 6.52
CA SER A 141 -10.58 2.61 6.98
C SER A 141 -9.75 3.80 7.50
N GLN A 142 -8.77 3.55 8.39
CA GLN A 142 -7.85 4.58 8.89
C GLN A 142 -7.00 5.24 7.80
N LEU A 143 -6.49 4.46 6.83
CA LEU A 143 -5.79 5.00 5.65
C LEU A 143 -6.64 5.98 4.83
N ILE A 144 -7.88 5.60 4.51
CA ILE A 144 -8.84 6.44 3.77
C ILE A 144 -9.15 7.73 4.54
N CYS A 145 -9.34 7.63 5.86
CA CYS A 145 -9.51 8.80 6.73
C CYS A 145 -8.31 9.78 6.64
N PHE A 146 -7.08 9.31 6.89
CA PHE A 146 -5.88 10.14 6.82
C PHE A 146 -5.68 10.79 5.44
N CYS A 147 -5.77 10.00 4.35
CA CYS A 147 -5.53 10.53 3.00
C CYS A 147 -6.57 11.58 2.59
N ARG A 148 -7.85 11.44 2.94
CA ARG A 148 -8.90 12.45 2.72
C ARG A 148 -8.60 13.77 3.44
N GLU A 149 -8.25 13.73 4.72
CA GLU A 149 -7.93 14.93 5.50
C GLU A 149 -6.71 15.69 4.92
N SER A 150 -5.63 14.99 4.59
CA SER A 150 -4.44 15.58 3.95
C SER A 150 -4.77 16.16 2.57
N ARG A 151 -5.54 15.43 1.74
CA ARG A 151 -6.03 15.88 0.42
C ARG A 151 -6.86 17.18 0.51
N TYR A 152 -7.67 17.34 1.56
CA TYR A 152 -8.43 18.58 1.80
C TYR A 152 -7.55 19.82 2.10
N MET A 153 -6.28 19.63 2.46
CA MET A 153 -5.28 20.69 2.66
C MET A 153 -4.48 21.04 1.38
N ASP A 154 -4.94 20.59 0.20
CA ASP A 154 -4.45 20.88 -1.17
C ASP A 154 -3.27 19.99 -1.63
N GLN A 155 -2.81 19.05 -0.79
CA GLN A 155 -1.86 17.99 -1.19
C GLN A 155 -2.53 17.05 -2.21
N TRP A 156 -2.00 16.99 -3.43
CA TRP A 156 -2.48 16.07 -4.48
C TRP A 156 -2.37 14.61 -4.06
N VAL A 157 -1.27 14.27 -3.35
CA VAL A 157 -1.02 12.96 -2.71
C VAL A 157 -0.41 13.18 -1.31
N PRO A 158 -0.85 12.44 -0.28
CA PRO A 158 -0.16 12.42 1.02
C PRO A 158 1.11 11.57 0.95
N VAL A 159 2.03 11.81 1.89
CA VAL A 159 3.29 11.04 2.03
C VAL A 159 3.58 10.67 3.48
N ILE A 160 4.25 9.54 3.72
CA ILE A 160 4.58 9.07 5.09
C ILE A 160 5.76 8.09 5.16
N ASN A 161 6.46 8.01 6.28
CA ASN A 161 7.56 7.08 6.55
C ASN A 161 7.36 6.29 7.86
N LEU A 162 6.81 5.07 7.77
CA LEU A 162 6.63 4.18 8.92
C LEU A 162 7.98 3.84 9.61
N PRO A 163 8.00 3.66 10.95
CA PRO A 163 9.22 3.37 11.69
C PRO A 163 9.69 1.92 11.48
N GLU A 164 11.01 1.70 11.53
CA GLU A 164 11.64 0.37 11.44
C GLU A 164 11.36 -0.49 12.70
N ARG A 165 11.75 -1.78 12.65
CA ARG A 165 11.58 -2.73 13.77
C ARG A 165 12.53 -2.44 14.94
N MET A 1 3.16 -32.18 23.40
CA MET A 1 3.56 -30.79 23.04
C MET A 1 2.40 -30.04 22.40
N THR A 2 1.82 -29.06 23.13
CA THR A 2 0.66 -28.25 22.68
C THR A 2 0.89 -26.77 23.04
N LEU A 3 1.56 -26.03 22.15
CA LEU A 3 2.01 -24.64 22.34
C LEU A 3 1.83 -23.72 21.12
N GLU A 4 1.11 -24.17 20.08
CA GLU A 4 0.93 -23.46 18.81
C GLU A 4 0.02 -22.21 18.88
N GLU A 5 -0.72 -22.03 19.97
CA GLU A 5 -1.51 -20.82 20.24
C GLU A 5 -0.63 -19.59 20.56
N PHE A 6 -0.78 -18.51 19.77
CA PHE A 6 -0.15 -17.20 20.01
C PHE A 6 -0.95 -16.04 19.38
N SER A 7 -1.97 -15.54 20.08
CA SER A 7 -2.77 -14.36 19.68
C SER A 7 -2.05 -13.03 19.99
N ALA A 8 -2.40 -11.97 19.25
CA ALA A 8 -1.94 -10.58 19.48
C ALA A 8 -2.91 -9.53 18.85
N GLY A 9 -2.66 -8.24 19.13
CA GLY A 9 -3.30 -7.09 18.45
C GLY A 9 -3.52 -5.87 19.37
N GLU A 10 -3.56 -4.68 18.78
CA GLU A 10 -3.90 -3.39 19.42
C GLU A 10 -4.62 -2.44 18.42
N GLN A 11 -5.56 -1.64 18.94
CA GLN A 11 -6.11 -0.45 18.28
C GLN A 11 -6.67 0.54 19.32
N LYS A 12 -6.29 1.82 19.24
CA LYS A 12 -6.73 2.90 20.15
C LYS A 12 -7.00 4.23 19.43
N THR A 13 -6.05 4.68 18.61
CA THR A 13 -6.05 5.98 17.91
C THR A 13 -5.78 5.82 16.40
N GLU A 14 -5.75 6.94 15.68
CA GLU A 14 -5.65 7.05 14.22
C GLU A 14 -4.49 7.98 13.77
N ARG A 15 -3.48 8.14 14.65
CA ARG A 15 -2.24 8.92 14.44
C ARG A 15 -1.51 8.56 13.14
N MET A 16 -0.62 9.46 12.71
CA MET A 16 0.18 9.37 11.50
C MET A 16 0.94 8.03 11.36
N ASP A 17 1.69 7.59 12.37
CA ASP A 17 2.37 6.29 12.35
C ASP A 17 1.40 5.08 12.26
N LYS A 18 0.20 5.20 12.86
CA LYS A 18 -0.87 4.19 12.84
C LYS A 18 -1.40 3.95 11.42
N VAL A 19 -1.34 4.93 10.51
CA VAL A 19 -1.70 4.81 9.08
C VAL A 19 -0.78 3.80 8.36
N GLY A 20 0.53 3.89 8.59
CA GLY A 20 1.52 3.00 7.97
C GLY A 20 1.49 1.58 8.55
N ASP A 21 1.25 1.47 9.85
CA ASP A 21 0.97 0.20 10.55
C ASP A 21 -0.30 -0.48 10.01
N ALA A 22 -1.37 0.29 9.90
CA ALA A 22 -2.63 -0.14 9.31
C ALA A 22 -2.44 -0.69 7.88
N LEU A 23 -1.61 -0.04 7.07
CA LEU A 23 -1.33 -0.41 5.68
C LEU A 23 -0.69 -1.81 5.60
N GLU A 24 0.34 -2.07 6.41
CA GLU A 24 0.99 -3.39 6.43
C GLU A 24 0.05 -4.51 6.93
N GLU A 25 -0.98 -4.20 7.73
CA GLU A 25 -1.93 -5.20 8.24
C GLU A 25 -2.83 -5.70 7.10
N VAL A 26 -3.42 -4.76 6.37
CA VAL A 26 -4.29 -5.05 5.22
C VAL A 26 -3.54 -5.79 4.12
N LEU A 27 -2.34 -5.33 3.77
CA LEU A 27 -1.52 -5.96 2.74
C LEU A 27 -1.20 -7.43 3.06
N SER A 28 -0.99 -7.77 4.34
CA SER A 28 -0.93 -9.18 4.79
C SER A 28 -2.20 -9.96 4.39
N LYS A 29 -3.40 -9.50 4.78
CA LYS A 29 -4.66 -10.17 4.42
C LYS A 29 -4.89 -10.28 2.92
N ALA A 30 -4.64 -9.20 2.19
CA ALA A 30 -4.90 -9.06 0.76
C ALA A 30 -3.99 -9.96 -0.10
N LEU A 31 -2.71 -10.06 0.24
CA LEU A 31 -1.81 -11.04 -0.39
C LEU A 31 -2.10 -12.48 0.08
N SER A 32 -2.51 -12.71 1.33
CA SER A 32 -2.89 -14.05 1.81
C SER A 32 -4.01 -14.69 0.97
N GLN A 33 -4.94 -13.86 0.45
CA GLN A 33 -6.01 -14.24 -0.45
C GLN A 33 -5.75 -13.94 -1.94
N ARG A 34 -4.56 -13.38 -2.26
CA ARG A 34 -4.01 -13.14 -3.60
C ARG A 34 -4.92 -12.31 -4.51
N THR A 35 -5.41 -11.18 -3.99
CA THR A 35 -6.39 -10.29 -4.67
C THR A 35 -5.81 -8.91 -5.04
N ILE A 36 -4.48 -8.79 -5.09
CA ILE A 36 -3.75 -7.53 -5.26
C ILE A 36 -2.78 -7.55 -6.45
N THR A 37 -2.31 -6.35 -6.80
CA THR A 37 -1.11 -6.09 -7.62
C THR A 37 0.08 -5.78 -6.70
N VAL A 38 1.27 -6.18 -7.12
CA VAL A 38 2.56 -5.68 -6.60
C VAL A 38 3.46 -5.24 -7.75
N GLY A 39 4.52 -4.50 -7.43
CA GLY A 39 5.55 -4.05 -8.39
C GLY A 39 5.16 -2.77 -9.15
N VAL A 40 6.18 -2.11 -9.69
CA VAL A 40 6.10 -0.76 -10.28
C VAL A 40 5.79 -0.83 -11.77
N TYR A 41 6.59 -1.57 -12.54
CA TYR A 41 6.44 -1.74 -13.99
C TYR A 41 5.12 -2.43 -14.39
N GLU A 42 4.53 -3.20 -13.46
CA GLU A 42 3.20 -3.83 -13.56
C GLU A 42 2.02 -2.82 -13.54
N ALA A 43 2.28 -1.52 -13.37
CA ALA A 43 1.27 -0.45 -13.38
C ALA A 43 0.31 -0.49 -14.59
N ALA A 44 0.87 -0.67 -15.79
CA ALA A 44 0.10 -0.83 -17.02
C ALA A 44 -0.89 -2.01 -16.92
N LYS A 45 -0.41 -3.18 -16.47
CA LYS A 45 -1.24 -4.35 -16.17
C LYS A 45 -2.34 -4.07 -15.15
N LEU A 46 -2.05 -3.34 -14.06
CA LEU A 46 -3.03 -2.91 -13.05
C LEU A 46 -4.27 -2.28 -13.71
N LEU A 47 -4.07 -1.31 -14.60
CA LEU A 47 -5.16 -0.62 -15.30
C LEU A 47 -5.86 -1.55 -16.31
N ASN A 48 -5.16 -2.58 -16.80
CA ASN A 48 -5.67 -3.61 -17.69
C ASN A 48 -6.44 -4.76 -16.98
N VAL A 49 -6.39 -4.86 -15.64
CA VAL A 49 -7.08 -5.91 -14.86
C VAL A 49 -8.22 -5.38 -13.98
N ASP A 50 -8.02 -4.25 -13.28
CA ASP A 50 -8.97 -3.70 -12.30
C ASP A 50 -8.99 -2.14 -12.31
N PRO A 51 -9.38 -1.49 -13.42
CA PRO A 51 -9.34 -0.02 -13.56
C PRO A 51 -10.34 0.71 -12.65
N ASP A 52 -11.64 0.43 -12.78
CA ASP A 52 -12.70 0.98 -11.92
C ASP A 52 -12.59 0.48 -10.46
N ASN A 53 -12.04 -0.73 -10.28
CA ASN A 53 -11.87 -1.43 -9.02
C ASN A 53 -10.66 -0.97 -8.18
N VAL A 54 -9.83 -0.02 -8.62
CA VAL A 54 -8.77 0.58 -7.79
C VAL A 54 -9.36 1.13 -6.49
N VAL A 55 -9.11 0.47 -5.36
CA VAL A 55 -9.50 1.03 -4.06
C VAL A 55 -8.40 1.92 -3.53
N LEU A 56 -7.12 1.51 -3.62
CA LEU A 56 -5.99 2.27 -3.06
C LEU A 56 -4.65 1.97 -3.73
N CYS A 57 -4.05 3.03 -4.31
CA CYS A 57 -2.78 3.00 -5.02
C CYS A 57 -1.58 3.44 -4.15
N LEU A 58 -0.71 2.49 -3.78
CA LEU A 58 0.50 2.67 -2.98
C LEU A 58 1.81 2.73 -3.79
N LEU A 59 2.36 3.93 -4.04
CA LEU A 59 3.74 4.08 -4.52
C LEU A 59 4.72 4.22 -3.34
N ALA A 60 5.93 3.66 -3.45
CA ALA A 60 6.97 3.74 -2.42
C ALA A 60 8.35 4.11 -3.04
N ALA A 61 8.76 5.38 -2.95
CA ALA A 61 9.99 5.89 -3.58
C ALA A 61 11.25 5.66 -2.72
N ASP A 62 12.26 5.00 -3.29
CA ASP A 62 13.59 4.78 -2.69
C ASP A 62 14.43 6.06 -2.64
N GLU A 63 15.55 6.05 -1.90
CA GLU A 63 16.63 7.02 -2.15
C GLU A 63 17.25 6.82 -3.55
N ASP A 64 17.17 5.60 -4.10
CA ASP A 64 17.61 5.30 -5.46
C ASP A 64 16.84 6.06 -6.56
N ASP A 65 15.61 6.48 -6.26
CA ASP A 65 14.77 7.31 -7.15
C ASP A 65 15.47 8.62 -7.53
N ASP A 66 16.23 9.18 -6.59
CA ASP A 66 16.97 10.44 -6.72
C ASP A 66 18.03 10.44 -7.84
N ARG A 67 18.39 9.26 -8.36
CA ARG A 67 19.36 9.06 -9.46
C ARG A 67 18.87 8.12 -10.58
N ASP A 68 17.61 7.70 -10.57
CA ASP A 68 17.03 6.77 -11.54
C ASP A 68 15.87 7.40 -12.34
N VAL A 69 16.20 8.00 -13.48
CA VAL A 69 15.25 8.72 -14.36
C VAL A 69 14.13 7.84 -14.93
N ALA A 70 14.37 6.53 -15.07
CA ALA A 70 13.35 5.56 -15.49
C ALA A 70 12.25 5.44 -14.42
N LEU A 71 12.64 5.24 -13.16
CA LEU A 71 11.70 5.18 -12.03
C LEU A 71 10.86 6.45 -11.91
N GLN A 72 11.51 7.60 -12.06
CA GLN A 72 10.90 8.92 -11.99
C GLN A 72 9.74 9.06 -12.99
N ILE A 73 9.97 8.78 -14.28
CA ILE A 73 8.88 8.79 -15.27
C ILE A 73 7.84 7.68 -15.03
N HIS A 74 8.23 6.49 -14.56
CA HIS A 74 7.26 5.42 -14.19
C HIS A 74 6.29 5.88 -13.09
N PHE A 75 6.77 6.51 -12.01
CA PHE A 75 5.95 7.08 -10.95
C PHE A 75 5.02 8.21 -11.46
N THR A 76 5.47 9.08 -12.38
CA THR A 76 4.61 10.09 -13.03
C THR A 76 3.55 9.46 -13.94
N LEU A 77 3.90 8.43 -14.71
CA LEU A 77 3.02 7.72 -15.64
C LEU A 77 1.84 7.05 -14.92
N ILE A 78 2.13 6.17 -13.95
CA ILE A 78 1.07 5.54 -13.12
C ILE A 78 0.22 6.61 -12.41
N GLN A 79 0.80 7.76 -12.06
CA GLN A 79 0.04 8.86 -11.44
C GLN A 79 -1.04 9.41 -12.37
N ALA A 80 -0.76 9.61 -13.66
CA ALA A 80 -1.78 9.95 -14.67
C ALA A 80 -2.92 8.91 -14.69
N PHE A 81 -2.55 7.62 -14.72
CA PHE A 81 -3.50 6.52 -14.80
C PHE A 81 -4.43 6.45 -13.58
N CYS A 82 -3.90 6.45 -12.35
CA CYS A 82 -4.73 6.45 -11.15
C CYS A 82 -5.50 7.77 -10.93
N CYS A 83 -5.01 8.91 -11.42
CA CYS A 83 -5.76 10.17 -11.44
C CYS A 83 -7.08 10.08 -12.23
N GLU A 84 -7.13 9.25 -13.28
CA GLU A 84 -8.39 8.98 -14.02
C GLU A 84 -9.49 8.37 -13.12
N ASN A 85 -9.16 7.40 -12.27
CA ASN A 85 -10.08 6.77 -11.32
C ASN A 85 -9.81 7.25 -9.87
N ASP A 86 -10.34 8.43 -9.55
CA ASP A 86 -10.20 9.10 -8.26
C ASP A 86 -10.98 8.39 -7.12
N ILE A 87 -10.37 7.40 -6.47
CA ILE A 87 -10.85 6.74 -5.25
C ILE A 87 -9.86 7.01 -4.09
N ASN A 88 -8.71 6.33 -4.04
CA ASN A 88 -7.63 6.57 -3.05
C ASN A 88 -6.26 6.32 -3.67
N ILE A 89 -5.28 7.15 -3.31
CA ILE A 89 -3.85 7.06 -3.65
C ILE A 89 -3.05 7.60 -2.44
N LEU A 90 -1.93 6.97 -2.10
CA LEU A 90 -0.96 7.40 -1.08
C LEU A 90 0.46 7.08 -1.54
N ARG A 91 1.37 8.05 -1.40
CA ARG A 91 2.80 7.86 -1.69
C ARG A 91 3.57 7.68 -0.37
N VAL A 92 4.57 6.80 -0.33
CA VAL A 92 5.43 6.63 0.85
C VAL A 92 6.91 6.74 0.52
N SER A 93 7.69 7.05 1.55
CA SER A 93 9.12 7.36 1.50
C SER A 93 9.99 6.23 2.10
N ASN A 94 9.38 5.08 2.44
CA ASN A 94 10.03 3.96 3.13
C ASN A 94 9.75 2.58 2.48
N PRO A 95 10.16 2.38 1.20
CA PRO A 95 9.87 1.15 0.45
C PRO A 95 10.53 -0.10 1.03
N GLY A 96 11.70 0.04 1.65
CA GLY A 96 12.38 -1.08 2.32
C GLY A 96 11.48 -1.76 3.36
N ARG A 97 10.71 -0.97 4.11
CA ARG A 97 9.79 -1.47 5.14
C ARG A 97 8.57 -2.17 4.56
N LEU A 98 8.00 -1.62 3.47
CA LEU A 98 6.94 -2.26 2.70
C LEU A 98 7.42 -3.59 2.04
N ALA A 99 8.68 -3.66 1.59
CA ALA A 99 9.29 -4.88 1.04
C ALA A 99 9.63 -5.93 2.12
N GLU A 100 10.06 -5.52 3.33
CA GLU A 100 10.19 -6.43 4.48
C GLU A 100 8.83 -7.02 4.90
N LEU A 101 7.76 -6.21 4.92
CA LEU A 101 6.37 -6.66 5.11
C LEU A 101 6.04 -7.88 4.22
N LEU A 102 6.37 -7.81 2.92
CA LEU A 102 6.13 -8.86 1.93
C LEU A 102 6.90 -10.17 2.20
N LEU A 103 7.88 -10.16 3.11
CA LEU A 103 8.57 -11.34 3.65
C LEU A 103 7.84 -11.94 4.86
N LEU A 104 7.50 -11.11 5.86
CA LEU A 104 6.77 -11.54 7.07
C LEU A 104 5.30 -11.96 6.80
N GLU A 105 4.68 -11.45 5.74
CA GLU A 105 3.28 -11.65 5.35
C GLU A 105 2.78 -13.10 5.48
N THR A 106 3.62 -14.09 5.14
CA THR A 106 3.32 -15.53 5.19
C THR A 106 2.72 -15.99 6.53
N ASP A 107 3.15 -15.39 7.64
CA ASP A 107 2.58 -15.53 8.98
C ASP A 107 2.68 -14.19 9.76
N ALA A 108 2.00 -13.13 9.29
CA ALA A 108 1.94 -11.87 10.04
C ALA A 108 1.32 -12.05 11.45
N GLY A 109 1.76 -11.22 12.40
CA GLY A 109 1.51 -11.38 13.83
C GLY A 109 2.76 -11.04 14.67
N PRO A 110 2.87 -11.56 15.92
CA PRO A 110 4.01 -11.33 16.80
C PRO A 110 5.26 -12.13 16.34
N ALA A 111 5.91 -11.65 15.29
CA ALA A 111 7.07 -12.28 14.62
C ALA A 111 8.26 -11.31 14.47
N ALA A 112 9.43 -11.85 14.12
CA ALA A 112 10.67 -11.10 13.88
C ALA A 112 11.54 -11.73 12.78
N SER A 113 12.28 -10.88 12.05
CA SER A 113 13.31 -11.23 11.05
C SER A 113 14.27 -10.04 10.85
N GLU A 114 15.25 -10.14 9.95
CA GLU A 114 16.20 -9.06 9.63
C GLU A 114 16.44 -8.93 8.11
N GLY A 115 16.98 -7.77 7.69
CA GLY A 115 17.35 -7.46 6.30
C GLY A 115 17.69 -5.97 6.13
N ALA A 116 18.78 -5.67 5.40
CA ALA A 116 19.20 -4.31 5.05
C ALA A 116 19.87 -4.28 3.66
N GLU A 117 19.04 -4.01 2.65
CA GLU A 117 19.34 -3.99 1.21
C GLU A 117 18.16 -3.29 0.49
N GLN A 118 18.28 -1.97 0.27
CA GLN A 118 17.26 -1.13 -0.40
C GLN A 118 16.86 -1.72 -1.78
N PRO A 119 15.61 -2.20 -1.97
CA PRO A 119 15.23 -3.03 -3.10
C PRO A 119 14.99 -2.22 -4.41
N PRO A 120 15.80 -2.41 -5.48
CA PRO A 120 15.66 -1.68 -6.75
C PRO A 120 14.44 -2.10 -7.60
N ASP A 121 13.58 -2.98 -7.08
CA ASP A 121 12.32 -3.48 -7.63
C ASP A 121 11.31 -3.73 -6.48
N LEU A 122 10.08 -4.18 -6.78
CA LEU A 122 9.01 -4.50 -5.80
C LEU A 122 8.81 -3.42 -4.70
N HIS A 123 8.73 -2.15 -5.14
CA HIS A 123 8.45 -0.95 -4.32
C HIS A 123 7.20 -0.18 -4.79
N CYS A 124 6.16 -0.92 -5.16
CA CYS A 124 4.79 -0.44 -5.36
C CYS A 124 3.79 -1.57 -5.02
N VAL A 125 2.59 -1.20 -4.55
CA VAL A 125 1.51 -2.12 -4.19
C VAL A 125 0.17 -1.50 -4.61
N LEU A 126 -0.76 -2.32 -5.10
CA LEU A 126 -2.09 -1.87 -5.52
C LEU A 126 -3.17 -2.81 -4.95
N VAL A 127 -3.93 -2.28 -3.99
CA VAL A 127 -5.13 -2.94 -3.47
C VAL A 127 -6.34 -2.54 -4.34
N THR A 128 -7.25 -3.48 -4.56
CA THR A 128 -8.46 -3.26 -5.36
C THR A 128 -9.71 -3.85 -4.70
N ASN A 129 -10.84 -3.13 -4.72
CA ASN A 129 -12.11 -3.57 -4.11
C ASN A 129 -12.98 -4.39 -5.09
N PRO A 130 -13.80 -5.35 -4.61
CA PRO A 130 -14.61 -6.23 -5.47
C PRO A 130 -15.87 -5.56 -6.04
N HIS A 131 -16.34 -4.47 -5.43
CA HIS A 131 -17.52 -3.67 -5.80
C HIS A 131 -17.19 -2.16 -5.72
N SER A 132 -18.16 -1.28 -6.01
CA SER A 132 -17.96 0.18 -5.92
C SER A 132 -17.70 0.69 -4.48
N SER A 133 -18.17 -0.03 -3.46
CA SER A 133 -17.84 0.22 -2.04
C SER A 133 -16.39 -0.14 -1.71
N GLN A 134 -15.80 0.56 -0.74
CA GLN A 134 -14.40 0.43 -0.33
C GLN A 134 -14.08 -0.94 0.32
N TRP A 135 -12.79 -1.20 0.54
CA TRP A 135 -12.25 -2.51 0.95
C TRP A 135 -12.69 -2.93 2.36
N LYS A 136 -12.57 -4.24 2.66
CA LYS A 136 -13.12 -4.87 3.87
C LYS A 136 -12.05 -5.13 4.94
N ASP A 137 -11.51 -4.05 5.51
CA ASP A 137 -10.71 -4.07 6.73
C ASP A 137 -10.84 -2.76 7.53
N PRO A 138 -11.00 -2.79 8.87
CA PRO A 138 -11.05 -1.58 9.70
C PRO A 138 -9.77 -0.72 9.63
N ALA A 139 -8.60 -1.33 9.39
CA ALA A 139 -7.34 -0.64 9.18
C ALA A 139 -7.37 0.23 7.90
N LEU A 140 -7.83 -0.32 6.78
CA LEU A 140 -8.00 0.44 5.52
C LEU A 140 -9.04 1.55 5.65
N SER A 141 -10.13 1.32 6.41
CA SER A 141 -11.08 2.38 6.79
C SER A 141 -10.40 3.61 7.42
N GLN A 142 -9.50 3.41 8.39
CA GLN A 142 -8.72 4.48 9.02
C GLN A 142 -7.72 5.15 8.06
N LEU A 143 -7.12 4.40 7.12
CA LEU A 143 -6.30 4.95 6.02
C LEU A 143 -7.09 5.90 5.11
N ILE A 144 -8.28 5.50 4.66
CA ILE A 144 -9.15 6.33 3.81
C ILE A 144 -9.55 7.62 4.53
N CYS A 145 -9.83 7.54 5.84
CA CYS A 145 -10.13 8.71 6.67
C CYS A 145 -8.95 9.72 6.70
N PHE A 146 -7.77 9.28 7.17
CA PHE A 146 -6.56 10.11 7.19
C PHE A 146 -6.20 10.67 5.81
N CYS A 147 -6.24 9.85 4.76
CA CYS A 147 -5.87 10.29 3.41
C CYS A 147 -6.72 11.48 2.95
N ARG A 148 -8.05 11.45 3.17
CA ARG A 148 -8.97 12.55 2.81
C ARG A 148 -8.61 13.85 3.52
N GLU A 149 -8.43 13.80 4.85
CA GLU A 149 -8.12 15.00 5.62
C GLU A 149 -6.75 15.61 5.26
N SER A 150 -5.73 14.76 5.04
CA SER A 150 -4.39 15.19 4.66
C SER A 150 -4.33 15.72 3.21
N ARG A 151 -4.96 15.02 2.26
CA ARG A 151 -5.16 15.43 0.85
C ARG A 151 -5.76 16.83 0.72
N TYR A 152 -6.65 17.23 1.64
CA TYR A 152 -7.23 18.57 1.67
C TYR A 152 -6.20 19.72 1.84
N MET A 153 -4.96 19.40 2.24
CA MET A 153 -3.84 20.35 2.37
C MET A 153 -2.57 19.93 1.57
N ASP A 154 -2.38 18.64 1.29
CA ASP A 154 -1.29 18.11 0.46
C ASP A 154 -1.50 18.31 -1.07
N GLN A 155 -2.65 18.86 -1.48
CA GLN A 155 -3.04 19.27 -2.85
C GLN A 155 -3.33 18.10 -3.82
N TRP A 156 -2.57 17.01 -3.77
CA TRP A 156 -2.68 15.82 -4.63
C TRP A 156 -2.95 14.55 -3.83
N VAL A 157 -1.98 14.10 -3.03
CA VAL A 157 -2.02 12.88 -2.19
C VAL A 157 -1.21 13.07 -0.90
N PRO A 158 -1.56 12.34 0.18
CA PRO A 158 -0.73 12.29 1.37
C PRO A 158 0.62 11.62 1.11
N VAL A 159 1.56 11.85 2.04
CA VAL A 159 2.87 11.22 2.08
C VAL A 159 3.24 10.77 3.49
N ILE A 160 3.85 9.58 3.64
CA ILE A 160 4.41 9.14 4.94
C ILE A 160 5.57 8.13 4.83
N ASN A 161 6.16 7.77 5.98
CA ASN A 161 7.22 6.77 6.15
C ASN A 161 6.84 5.79 7.27
N LEU A 162 6.18 4.67 6.91
CA LEU A 162 5.69 3.67 7.89
C LEU A 162 6.82 3.08 8.75
N PRO A 163 6.60 2.82 10.06
CA PRO A 163 7.67 2.43 10.97
C PRO A 163 8.15 0.98 10.78
N GLU A 164 7.19 0.05 10.64
CA GLU A 164 7.33 -1.43 10.65
C GLU A 164 7.85 -2.00 11.97
N ARG A 165 9.06 -1.58 12.36
CA ARG A 165 9.85 -2.09 13.50
C ARG A 165 10.31 -0.99 14.46
N MET A 1 -28.41 -22.74 26.63
CA MET A 1 -27.48 -21.65 26.25
C MET A 1 -27.74 -20.40 27.10
N THR A 2 -26.69 -19.87 27.75
CA THR A 2 -26.73 -18.68 28.63
C THR A 2 -25.52 -17.77 28.36
N LEU A 3 -25.74 -16.46 28.20
CA LEU A 3 -24.74 -15.42 27.90
C LEU A 3 -23.71 -15.81 26.80
N GLU A 4 -24.15 -15.72 25.54
CA GLU A 4 -23.35 -16.05 24.33
C GLU A 4 -23.02 -14.83 23.46
N GLU A 5 -23.51 -13.63 23.81
CA GLU A 5 -22.95 -12.38 23.29
C GLU A 5 -21.52 -12.11 23.81
N PHE A 6 -20.64 -11.63 22.93
CA PHE A 6 -19.28 -11.16 23.26
C PHE A 6 -18.96 -9.86 22.48
N SER A 7 -19.45 -8.72 22.98
CA SER A 7 -19.18 -7.38 22.43
C SER A 7 -17.76 -6.87 22.76
N ALA A 8 -17.30 -5.83 22.04
CA ALA A 8 -16.01 -5.15 22.21
C ALA A 8 -16.07 -3.68 21.72
N GLY A 9 -14.97 -2.93 21.86
CA GLY A 9 -14.80 -1.56 21.35
C GLY A 9 -13.33 -1.13 21.25
N GLU A 10 -13.08 0.03 20.62
CA GLU A 10 -11.76 0.61 20.36
C GLU A 10 -11.72 2.14 20.60
N GLN A 11 -10.52 2.71 20.71
CA GLN A 11 -10.26 4.16 20.71
C GLN A 11 -10.43 4.79 19.31
N LYS A 12 -10.42 6.12 19.23
CA LYS A 12 -10.68 6.90 17.99
C LYS A 12 -9.63 8.02 17.80
N THR A 13 -8.42 7.63 17.37
CA THR A 13 -7.22 8.49 17.30
C THR A 13 -6.43 8.26 16.01
N GLU A 14 -6.49 9.20 15.07
CA GLU A 14 -5.82 9.16 13.75
C GLU A 14 -4.32 9.51 13.82
N ARG A 15 -3.49 8.59 14.32
CA ARG A 15 -2.01 8.75 14.36
C ARG A 15 -1.36 8.61 12.97
N MET A 16 -0.33 9.41 12.71
CA MET A 16 0.44 9.37 11.45
C MET A 16 1.10 8.01 11.17
N ASP A 17 1.83 7.45 12.13
CA ASP A 17 2.45 6.12 12.02
C ASP A 17 1.43 4.98 11.89
N LYS A 18 0.19 5.17 12.35
CA LYS A 18 -0.90 4.21 12.22
C LYS A 18 -1.17 3.89 10.75
N VAL A 19 -1.03 4.86 9.84
CA VAL A 19 -1.24 4.74 8.40
C VAL A 19 -0.32 3.69 7.76
N GLY A 20 0.99 3.75 8.04
CA GLY A 20 1.96 2.82 7.44
C GLY A 20 1.87 1.41 8.03
N ASP A 21 1.63 1.33 9.34
CA ASP A 21 1.33 0.07 10.05
C ASP A 21 0.07 -0.61 9.49
N ALA A 22 -1.01 0.17 9.40
CA ALA A 22 -2.29 -0.26 8.84
C ALA A 22 -2.14 -0.80 7.41
N LEU A 23 -1.34 -0.13 6.58
CA LEU A 23 -1.10 -0.53 5.20
C LEU A 23 -0.48 -1.93 5.12
N GLU A 24 0.57 -2.19 5.89
CA GLU A 24 1.18 -3.53 5.95
C GLU A 24 0.20 -4.61 6.43
N GLU A 25 -0.82 -4.25 7.24
CA GLU A 25 -1.74 -5.24 7.81
C GLU A 25 -2.80 -5.69 6.78
N VAL A 26 -3.32 -4.75 6.00
CA VAL A 26 -4.18 -5.05 4.84
C VAL A 26 -3.43 -5.84 3.78
N LEU A 27 -2.18 -5.49 3.46
CA LEU A 27 -1.35 -6.23 2.51
C LEU A 27 -1.15 -7.71 2.88
N SER A 28 -1.06 -8.02 4.19
CA SER A 28 -1.11 -9.40 4.71
C SER A 28 -2.42 -10.08 4.32
N LYS A 29 -3.57 -9.51 4.74
CA LYS A 29 -4.92 -10.03 4.51
C LYS A 29 -5.21 -10.23 3.02
N ALA A 30 -4.95 -9.22 2.19
CA ALA A 30 -5.22 -9.22 0.75
C ALA A 30 -4.44 -10.29 -0.01
N LEU A 31 -3.16 -10.49 0.30
CA LEU A 31 -2.39 -11.59 -0.31
C LEU A 31 -2.79 -12.96 0.25
N SER A 32 -3.30 -13.03 1.49
CA SER A 32 -3.94 -14.24 2.03
C SER A 32 -5.28 -14.58 1.32
N GLN A 33 -5.93 -13.61 0.66
CA GLN A 33 -7.08 -13.84 -0.25
C GLN A 33 -6.66 -13.93 -1.73
N ARG A 34 -5.37 -13.71 -2.01
CA ARG A 34 -4.70 -13.76 -3.32
C ARG A 34 -5.27 -12.76 -4.33
N THR A 35 -5.66 -11.57 -3.87
CA THR A 35 -6.44 -10.55 -4.63
C THR A 35 -5.82 -9.15 -4.49
N ILE A 36 -4.53 -9.04 -4.82
CA ILE A 36 -3.71 -7.85 -4.63
C ILE A 36 -2.65 -7.70 -5.74
N THR A 37 -2.44 -6.49 -6.26
CA THR A 37 -1.27 -6.16 -7.09
C THR A 37 -0.06 -5.86 -6.21
N VAL A 38 1.10 -6.31 -6.64
CA VAL A 38 2.41 -5.82 -6.19
C VAL A 38 3.27 -5.38 -7.38
N GLY A 39 4.37 -4.69 -7.10
CA GLY A 39 5.37 -4.30 -8.10
C GLY A 39 5.03 -3.03 -8.89
N VAL A 40 6.08 -2.41 -9.44
CA VAL A 40 6.02 -1.08 -10.09
C VAL A 40 5.43 -1.17 -11.50
N TYR A 41 6.04 -1.98 -12.37
CA TYR A 41 5.74 -2.07 -13.80
C TYR A 41 4.52 -2.97 -14.11
N GLU A 42 3.42 -2.75 -13.38
CA GLU A 42 2.07 -3.31 -13.65
C GLU A 42 1.04 -2.22 -14.01
N ALA A 43 1.43 -0.93 -13.98
CA ALA A 43 0.61 0.26 -14.24
C ALA A 43 -0.35 0.13 -15.45
N ALA A 44 0.18 -0.26 -16.60
CA ALA A 44 -0.60 -0.46 -17.83
C ALA A 44 -1.70 -1.51 -17.66
N LYS A 45 -1.37 -2.69 -17.10
CA LYS A 45 -2.32 -3.76 -16.76
C LYS A 45 -3.37 -3.29 -15.74
N LEU A 46 -2.99 -2.57 -14.69
CA LEU A 46 -3.90 -2.03 -13.67
C LEU A 46 -5.07 -1.26 -14.30
N LEU A 47 -4.77 -0.26 -15.14
CA LEU A 47 -5.79 0.50 -15.86
C LEU A 47 -6.58 -0.35 -16.89
N ASN A 48 -6.02 -1.45 -17.38
CA ASN A 48 -6.68 -2.40 -18.28
C ASN A 48 -7.43 -3.57 -17.57
N VAL A 49 -7.40 -3.65 -16.24
CA VAL A 49 -7.93 -4.78 -15.44
C VAL A 49 -8.93 -4.31 -14.37
N ASP A 50 -8.57 -3.30 -13.55
CA ASP A 50 -9.40 -2.78 -12.44
C ASP A 50 -9.50 -1.23 -12.40
N PRO A 51 -9.85 -0.54 -13.50
CA PRO A 51 -9.91 0.93 -13.55
C PRO A 51 -11.04 1.56 -12.69
N ASP A 52 -12.13 0.83 -12.45
CA ASP A 52 -13.25 1.23 -11.56
C ASP A 52 -13.13 0.61 -10.15
N ASN A 53 -12.55 -0.59 -10.07
CA ASN A 53 -12.34 -1.38 -8.85
C ASN A 53 -11.16 -0.90 -7.97
N VAL A 54 -10.35 0.03 -8.47
CA VAL A 54 -9.29 0.75 -7.73
C VAL A 54 -9.80 1.38 -6.44
N VAL A 55 -9.45 0.78 -5.31
CA VAL A 55 -9.71 1.32 -3.98
C VAL A 55 -8.56 2.24 -3.58
N LEU A 56 -7.32 1.73 -3.64
CA LEU A 56 -6.15 2.46 -3.11
C LEU A 56 -4.83 2.03 -3.78
N CYS A 57 -4.13 2.98 -4.42
CA CYS A 57 -2.80 2.75 -5.00
C CYS A 57 -1.67 3.37 -4.14
N LEU A 58 -0.66 2.55 -3.77
CA LEU A 58 0.44 2.91 -2.86
C LEU A 58 1.81 2.70 -3.52
N LEU A 59 2.54 3.78 -3.77
CA LEU A 59 3.85 3.71 -4.44
C LEU A 59 4.98 4.00 -3.45
N ALA A 60 6.07 3.23 -3.45
CA ALA A 60 7.14 3.32 -2.46
C ALA A 60 8.49 3.69 -3.07
N ALA A 61 8.83 4.98 -3.04
CA ALA A 61 10.09 5.47 -3.55
C ALA A 61 11.25 5.21 -2.57
N ASP A 62 12.11 4.23 -2.87
CA ASP A 62 13.38 3.97 -2.19
C ASP A 62 14.28 5.23 -2.17
N GLU A 63 15.33 5.27 -1.33
CA GLU A 63 16.30 6.37 -1.38
C GLU A 63 16.99 6.47 -2.77
N ASP A 64 17.18 5.33 -3.44
CA ASP A 64 17.77 5.24 -4.78
C ASP A 64 16.92 5.92 -5.88
N ASP A 65 15.64 6.20 -5.62
CA ASP A 65 14.76 6.96 -6.53
C ASP A 65 15.31 8.37 -6.85
N ASP A 66 16.00 8.96 -5.88
CA ASP A 66 16.70 10.25 -5.97
C ASP A 66 17.80 10.27 -7.05
N ARG A 67 18.22 9.09 -7.54
CA ARG A 67 19.27 8.90 -8.57
C ARG A 67 18.82 8.05 -9.77
N ASP A 68 17.57 7.61 -9.81
CA ASP A 68 17.03 6.69 -10.83
C ASP A 68 15.95 7.39 -11.68
N VAL A 69 16.41 8.09 -12.74
CA VAL A 69 15.55 8.81 -13.69
C VAL A 69 14.54 7.91 -14.41
N ALA A 70 14.87 6.64 -14.65
CA ALA A 70 13.97 5.66 -15.25
C ALA A 70 12.79 5.36 -14.31
N LEU A 71 13.08 5.05 -13.04
CA LEU A 71 12.06 4.86 -12.02
C LEU A 71 11.18 6.11 -11.84
N GLN A 72 11.78 7.31 -11.82
CA GLN A 72 11.05 8.57 -11.69
C GLN A 72 9.96 8.70 -12.77
N ILE A 73 10.29 8.45 -14.04
CA ILE A 73 9.29 8.38 -15.14
C ILE A 73 8.24 7.29 -14.89
N HIS A 74 8.64 6.06 -14.49
CA HIS A 74 7.70 4.97 -14.16
C HIS A 74 6.70 5.35 -13.06
N PHE A 75 7.17 5.98 -11.99
CA PHE A 75 6.37 6.55 -10.91
C PHE A 75 5.44 7.67 -11.39
N THR A 76 5.88 8.58 -12.27
CA THR A 76 5.01 9.61 -12.88
C THR A 76 3.91 8.98 -13.76
N LEU A 77 4.24 7.96 -14.56
CA LEU A 77 3.31 7.27 -15.45
C LEU A 77 2.13 6.65 -14.70
N ILE A 78 2.40 5.75 -13.73
CA ILE A 78 1.35 5.16 -12.90
C ILE A 78 0.54 6.24 -12.14
N GLN A 79 1.17 7.37 -11.79
CA GLN A 79 0.49 8.50 -11.15
C GLN A 79 -0.47 9.23 -12.10
N ALA A 80 -0.17 9.35 -13.41
CA ALA A 80 -1.14 9.79 -14.42
C ALA A 80 -2.40 8.91 -14.41
N PHE A 81 -2.19 7.58 -14.46
CA PHE A 81 -3.27 6.60 -14.52
C PHE A 81 -4.18 6.67 -13.28
N CYS A 82 -3.61 6.60 -12.07
CA CYS A 82 -4.42 6.65 -10.85
C CYS A 82 -5.02 8.04 -10.53
N CYS A 83 -4.45 9.14 -11.05
CA CYS A 83 -5.09 10.46 -11.03
C CYS A 83 -6.40 10.50 -11.84
N GLU A 84 -6.49 9.75 -12.95
CA GLU A 84 -7.71 9.69 -13.77
C GLU A 84 -8.94 9.15 -13.02
N ASN A 85 -8.74 8.17 -12.12
CA ASN A 85 -9.80 7.52 -11.34
C ASN A 85 -9.78 7.98 -9.87
N ASP A 86 -10.47 9.09 -9.59
CA ASP A 86 -10.56 9.72 -8.26
C ASP A 86 -11.32 8.88 -7.22
N ILE A 87 -10.64 7.88 -6.62
CA ILE A 87 -11.08 7.14 -5.43
C ILE A 87 -10.08 7.40 -4.29
N ASN A 88 -8.95 6.67 -4.20
CA ASN A 88 -7.88 6.98 -3.23
C ASN A 88 -6.47 6.55 -3.69
N ILE A 89 -5.46 7.30 -3.25
CA ILE A 89 -4.05 7.26 -3.68
C ILE A 89 -3.14 7.88 -2.61
N LEU A 90 -1.92 7.34 -2.44
CA LEU A 90 -0.89 7.84 -1.52
C LEU A 90 0.53 7.40 -1.97
N ARG A 91 1.57 8.17 -1.58
CA ARG A 91 2.98 7.78 -1.79
C ARG A 91 3.67 7.53 -0.44
N VAL A 92 4.43 6.45 -0.33
CA VAL A 92 5.30 6.20 0.82
C VAL A 92 6.78 6.37 0.43
N SER A 93 7.62 6.54 1.44
CA SER A 93 9.07 6.85 1.33
C SER A 93 9.91 5.85 2.15
N ASN A 94 9.30 4.72 2.54
CA ASN A 94 9.84 3.65 3.34
C ASN A 94 10.16 2.39 2.51
N PRO A 95 11.38 2.25 1.95
CA PRO A 95 11.78 1.00 1.31
C PRO A 95 11.78 -0.17 2.32
N GLY A 96 11.99 0.12 3.61
CA GLY A 96 11.83 -0.81 4.73
C GLY A 96 10.45 -1.47 4.80
N ARG A 97 9.33 -0.73 4.68
CA ARG A 97 7.96 -1.28 4.77
C ARG A 97 7.69 -2.32 3.70
N LEU A 98 8.12 -1.99 2.48
CA LEU A 98 8.05 -2.89 1.35
C LEU A 98 8.98 -4.08 1.57
N ALA A 99 10.20 -3.85 2.07
CA ALA A 99 11.18 -4.94 2.25
C ALA A 99 10.76 -5.94 3.34
N GLU A 100 10.07 -5.46 4.37
CA GLU A 100 9.46 -6.24 5.44
C GLU A 100 8.31 -7.10 4.90
N LEU A 101 7.24 -6.48 4.37
CA LEU A 101 6.04 -7.21 3.95
C LEU A 101 6.27 -8.10 2.71
N LEU A 102 7.37 -7.92 1.96
CA LEU A 102 7.88 -8.86 0.96
C LEU A 102 8.01 -10.31 1.46
N LEU A 103 8.25 -10.48 2.75
CA LEU A 103 8.50 -11.77 3.42
C LEU A 103 7.56 -12.03 4.59
N LEU A 104 7.35 -11.04 5.47
CA LEU A 104 6.53 -11.16 6.69
C LEU A 104 5.08 -11.57 6.42
N GLU A 105 4.56 -11.34 5.21
CA GLU A 105 3.27 -11.86 4.72
C GLU A 105 3.02 -13.34 5.10
N THR A 106 4.08 -14.17 5.04
CA THR A 106 3.99 -15.61 5.34
C THR A 106 3.46 -15.92 6.75
N ASP A 107 3.70 -15.04 7.72
CA ASP A 107 3.18 -15.12 9.10
C ASP A 107 3.19 -13.73 9.77
N ALA A 108 2.34 -12.80 9.29
CA ALA A 108 2.33 -11.41 9.76
C ALA A 108 2.03 -11.26 11.26
N GLY A 109 2.66 -10.28 11.90
CA GLY A 109 2.70 -10.09 13.36
C GLY A 109 4.12 -9.87 13.88
N PRO A 110 4.38 -10.09 15.19
CA PRO A 110 5.70 -9.92 15.82
C PRO A 110 6.67 -11.06 15.44
N ALA A 111 7.13 -11.05 14.18
CA ALA A 111 8.09 -11.98 13.58
C ALA A 111 9.06 -11.25 12.63
N ALA A 112 10.04 -11.98 12.08
CA ALA A 112 11.00 -11.51 11.08
C ALA A 112 11.40 -12.64 10.09
N SER A 113 12.15 -12.31 9.04
CA SER A 113 12.68 -13.27 8.05
C SER A 113 14.14 -12.97 7.69
N GLU A 114 14.41 -12.31 6.55
CA GLU A 114 15.76 -11.93 6.07
C GLU A 114 15.68 -10.75 5.08
N GLY A 115 16.83 -10.13 4.76
CA GLY A 115 16.94 -8.97 3.87
C GLY A 115 18.28 -8.82 3.13
N ALA A 116 19.04 -9.92 3.02
CA ALA A 116 20.44 -9.96 2.57
C ALA A 116 20.69 -9.29 1.20
N GLU A 117 20.04 -9.77 0.14
CA GLU A 117 20.16 -9.21 -1.23
C GLU A 117 19.26 -7.97 -1.41
N GLN A 118 17.95 -8.14 -1.23
CA GLN A 118 16.85 -7.14 -1.36
C GLN A 118 17.11 -6.08 -2.45
N PRO A 119 16.99 -6.45 -3.75
CA PRO A 119 17.31 -5.57 -4.88
C PRO A 119 16.24 -4.45 -5.08
N PRO A 120 16.54 -3.42 -5.90
CA PRO A 120 15.61 -2.33 -6.20
C PRO A 120 14.51 -2.73 -7.19
N ASP A 121 13.57 -3.57 -6.73
CA ASP A 121 12.33 -3.99 -7.38
C ASP A 121 11.20 -4.06 -6.33
N LEU A 122 10.01 -4.55 -6.71
CA LEU A 122 8.88 -4.85 -5.81
C LEU A 122 8.59 -3.74 -4.76
N HIS A 123 8.58 -2.48 -5.22
CA HIS A 123 8.36 -1.28 -4.39
C HIS A 123 7.15 -0.41 -4.81
N CYS A 124 6.06 -1.05 -5.23
CA CYS A 124 4.69 -0.52 -5.25
C CYS A 124 3.72 -1.63 -4.82
N VAL A 125 2.54 -1.28 -4.29
CA VAL A 125 1.41 -2.20 -4.07
C VAL A 125 0.08 -1.49 -4.39
N LEU A 126 -0.91 -2.26 -4.84
CA LEU A 126 -2.21 -1.72 -5.27
C LEU A 126 -3.36 -2.61 -4.79
N VAL A 127 -4.19 -2.02 -3.93
CA VAL A 127 -5.43 -2.55 -3.34
C VAL A 127 -6.61 -2.22 -4.25
N THR A 128 -7.26 -3.24 -4.79
CA THR A 128 -8.54 -3.14 -5.51
C THR A 128 -9.59 -4.07 -4.91
N ASN A 129 -10.87 -3.67 -4.98
CA ASN A 129 -11.97 -4.55 -4.56
C ASN A 129 -12.34 -5.52 -5.71
N PRO A 130 -12.88 -6.72 -5.43
CA PRO A 130 -13.27 -7.68 -6.48
C PRO A 130 -14.46 -7.15 -7.30
N HIS A 131 -15.54 -6.75 -6.62
CA HIS A 131 -16.66 -5.92 -7.11
C HIS A 131 -17.38 -5.31 -5.90
N SER A 132 -17.91 -4.08 -6.05
CA SER A 132 -18.75 -3.31 -5.11
C SER A 132 -18.57 -3.66 -3.61
N SER A 133 -17.40 -3.32 -3.05
CA SER A 133 -17.04 -3.63 -1.65
C SER A 133 -16.20 -2.54 -0.94
N GLN A 134 -15.47 -1.69 -1.67
CA GLN A 134 -14.61 -0.61 -1.13
C GLN A 134 -13.51 -1.07 -0.13
N TRP A 135 -13.23 -2.38 -0.07
CA TRP A 135 -12.22 -3.01 0.81
C TRP A 135 -12.38 -2.66 2.31
N LYS A 136 -13.47 -3.16 2.91
CA LYS A 136 -13.74 -3.10 4.36
C LYS A 136 -12.65 -3.79 5.19
N ASP A 137 -11.75 -2.99 5.76
CA ASP A 137 -10.85 -3.36 6.85
C ASP A 137 -10.58 -2.13 7.74
N PRO A 138 -10.57 -2.22 9.08
CA PRO A 138 -10.43 -1.05 9.95
C PRO A 138 -9.10 -0.30 9.77
N ALA A 139 -8.05 -1.03 9.40
CA ALA A 139 -6.77 -0.49 8.98
C ALA A 139 -6.92 0.44 7.75
N LEU A 140 -7.51 -0.06 6.66
CA LEU A 140 -7.74 0.71 5.43
C LEU A 140 -8.72 1.88 5.62
N SER A 141 -9.72 1.74 6.50
CA SER A 141 -10.56 2.87 6.93
C SER A 141 -9.73 4.03 7.52
N GLN A 142 -8.73 3.72 8.34
CA GLN A 142 -7.77 4.70 8.87
C GLN A 142 -6.92 5.36 7.76
N LEU A 143 -6.44 4.60 6.77
CA LEU A 143 -5.73 5.13 5.61
C LEU A 143 -6.58 6.12 4.79
N ILE A 144 -7.80 5.75 4.41
CA ILE A 144 -8.74 6.62 3.69
C ILE A 144 -9.03 7.91 4.49
N CYS A 145 -9.20 7.78 5.81
CA CYS A 145 -9.38 8.91 6.73
C CYS A 145 -8.20 9.90 6.67
N PHE A 146 -6.95 9.43 6.88
CA PHE A 146 -5.74 10.26 6.75
C PHE A 146 -5.65 10.94 5.37
N CYS A 147 -5.84 10.18 4.29
CA CYS A 147 -5.83 10.70 2.92
C CYS A 147 -6.81 11.87 2.71
N ARG A 148 -8.07 11.75 3.15
CA ARG A 148 -9.06 12.85 3.10
C ARG A 148 -8.61 14.09 3.88
N GLU A 149 -8.10 13.93 5.09
CA GLU A 149 -7.66 15.06 5.95
C GLU A 149 -6.61 15.95 5.27
N SER A 150 -5.52 15.38 4.75
CA SER A 150 -4.49 16.14 4.05
C SER A 150 -4.94 16.61 2.65
N ARG A 151 -5.67 15.77 1.88
CA ARG A 151 -6.21 16.16 0.56
C ARG A 151 -7.22 17.31 0.64
N TYR A 152 -7.86 17.53 1.80
CA TYR A 152 -8.67 18.74 2.08
C TYR A 152 -7.90 20.06 1.96
N MET A 153 -6.56 20.02 2.05
CA MET A 153 -5.62 21.15 1.91
C MET A 153 -5.07 21.26 0.46
N ASP A 154 -5.70 20.63 -0.53
CA ASP A 154 -5.30 20.61 -1.94
C ASP A 154 -3.88 20.03 -2.18
N GLN A 155 -3.46 19.11 -1.31
CA GLN A 155 -2.16 18.42 -1.37
C GLN A 155 -2.03 17.36 -2.50
N TRP A 156 -3.11 17.10 -3.25
CA TRP A 156 -3.30 16.01 -4.23
C TRP A 156 -3.22 14.61 -3.58
N VAL A 157 -2.01 14.20 -3.18
CA VAL A 157 -1.70 12.96 -2.46
C VAL A 157 -0.75 13.25 -1.30
N PRO A 158 -1.09 12.89 -0.04
CA PRO A 158 -0.13 12.95 1.05
C PRO A 158 0.96 11.88 0.90
N VAL A 159 2.02 12.04 1.69
CA VAL A 159 3.14 11.10 1.75
C VAL A 159 3.63 10.85 3.18
N ILE A 160 4.21 9.67 3.44
CA ILE A 160 4.84 9.37 4.75
C ILE A 160 5.92 8.27 4.69
N ASN A 161 6.66 8.08 5.79
CA ASN A 161 7.49 6.90 6.07
C ASN A 161 7.23 6.36 7.49
N LEU A 162 7.15 5.04 7.66
CA LEU A 162 7.17 4.41 8.99
C LEU A 162 8.60 4.42 9.61
N PRO A 163 8.74 4.30 10.94
CA PRO A 163 10.05 4.19 11.60
C PRO A 163 10.66 2.79 11.43
N GLU A 164 11.97 2.64 11.72
CA GLU A 164 12.64 1.33 11.66
C GLU A 164 12.13 0.35 12.73
N ARG A 165 12.48 -0.94 12.57
CA ARG A 165 11.97 -2.10 13.34
C ARG A 165 13.06 -3.08 13.79
N MET A 1 10.04 -24.28 15.60
CA MET A 1 8.68 -24.23 16.21
C MET A 1 8.19 -22.79 16.30
N THR A 2 7.03 -22.49 15.70
CA THR A 2 6.42 -21.14 15.60
C THR A 2 4.89 -21.22 15.73
N LEU A 3 4.38 -21.03 16.96
CA LEU A 3 2.94 -21.09 17.29
C LEU A 3 2.54 -20.06 18.35
N GLU A 4 1.96 -18.93 17.92
CA GLU A 4 1.48 -17.84 18.82
C GLU A 4 0.15 -17.19 18.41
N GLU A 5 -0.51 -17.65 17.34
CA GLU A 5 -1.82 -17.14 16.93
C GLU A 5 -2.95 -17.43 17.95
N PHE A 6 -3.58 -16.38 18.47
CA PHE A 6 -4.85 -16.46 19.20
C PHE A 6 -5.64 -15.14 19.06
N SER A 7 -5.22 -14.08 19.75
CA SER A 7 -5.82 -12.73 19.68
C SER A 7 -5.36 -11.91 18.46
N ALA A 8 -6.15 -10.91 18.08
CA ALA A 8 -5.83 -9.87 17.09
C ALA A 8 -6.67 -8.60 17.32
N GLY A 9 -6.24 -7.46 16.78
CA GLY A 9 -6.96 -6.18 16.80
C GLY A 9 -6.87 -5.43 18.14
N GLU A 10 -6.22 -4.26 18.14
CA GLU A 10 -6.18 -3.33 19.29
C GLU A 10 -6.24 -1.86 18.84
N GLN A 11 -6.66 -0.97 19.75
CA GLN A 11 -7.03 0.45 19.54
C GLN A 11 -8.08 0.67 18.42
N LYS A 12 -8.52 1.93 18.25
CA LYS A 12 -9.39 2.41 17.15
C LYS A 12 -9.05 3.84 16.67
N THR A 13 -7.93 4.39 17.14
CA THR A 13 -7.45 5.76 16.84
C THR A 13 -6.95 5.92 15.40
N GLU A 14 -6.73 7.18 14.99
CA GLU A 14 -6.53 7.61 13.59
C GLU A 14 -5.28 8.49 13.39
N ARG A 15 -4.33 8.45 14.35
CA ARG A 15 -3.04 9.16 14.31
C ARG A 15 -2.19 8.80 13.08
N MET A 16 -1.22 9.65 12.76
CA MET A 16 -0.28 9.47 11.64
C MET A 16 0.47 8.13 11.67
N ASP A 17 0.89 7.62 12.83
CA ASP A 17 1.57 6.32 12.93
C ASP A 17 0.65 5.14 12.61
N LYS A 18 -0.65 5.24 12.94
CA LYS A 18 -1.66 4.24 12.60
C LYS A 18 -1.85 4.09 11.10
N VAL A 19 -1.56 5.10 10.27
CA VAL A 19 -1.61 5.04 8.81
C VAL A 19 -0.66 3.96 8.25
N GLY A 20 0.61 3.97 8.68
CA GLY A 20 1.62 3.03 8.20
C GLY A 20 1.44 1.61 8.80
N ASP A 21 1.05 1.56 10.08
CA ASP A 21 0.66 0.32 10.76
C ASP A 21 -0.52 -0.38 10.06
N ALA A 22 -1.57 0.40 9.79
CA ALA A 22 -2.74 -0.06 9.08
C ALA A 22 -2.39 -0.59 7.68
N LEU A 23 -1.49 0.07 6.95
CA LEU A 23 -1.05 -0.36 5.63
C LEU A 23 -0.45 -1.77 5.65
N GLU A 24 0.48 -2.06 6.57
CA GLU A 24 1.06 -3.41 6.64
C GLU A 24 0.04 -4.49 7.06
N GLU A 25 -1.05 -4.11 7.74
CA GLU A 25 -2.12 -5.07 8.10
C GLU A 25 -2.89 -5.52 6.83
N VAL A 26 -3.30 -4.54 6.00
CA VAL A 26 -4.00 -4.78 4.74
C VAL A 26 -3.20 -5.65 3.76
N LEU A 27 -1.91 -5.36 3.56
CA LEU A 27 -1.07 -6.18 2.69
C LEU A 27 -0.85 -7.62 3.20
N SER A 28 -0.85 -7.83 4.52
CA SER A 28 -0.85 -9.18 5.10
C SER A 28 -2.09 -10.00 4.66
N LYS A 29 -3.27 -9.38 4.77
CA LYS A 29 -4.55 -9.96 4.26
C LYS A 29 -4.51 -10.25 2.76
N ALA A 30 -3.93 -9.36 1.96
CA ALA A 30 -3.84 -9.50 0.51
C ALA A 30 -3.06 -10.74 0.04
N LEU A 31 -1.87 -11.01 0.61
CA LEU A 31 -1.17 -12.27 0.31
C LEU A 31 -1.93 -13.49 0.85
N SER A 32 -2.62 -13.38 1.99
CA SER A 32 -3.41 -14.49 2.55
C SER A 32 -4.53 -14.99 1.60
N GLN A 33 -5.05 -14.12 0.73
CA GLN A 33 -6.04 -14.44 -0.30
C GLN A 33 -5.47 -14.50 -1.73
N ARG A 34 -4.17 -14.21 -1.90
CA ARG A 34 -3.34 -14.24 -3.12
C ARG A 34 -3.96 -13.57 -4.38
N THR A 35 -4.69 -12.47 -4.19
CA THR A 35 -5.37 -11.72 -5.26
C THR A 35 -5.13 -10.21 -5.16
N ILE A 36 -3.91 -9.76 -5.48
CA ILE A 36 -3.49 -8.35 -5.46
C ILE A 36 -2.40 -8.06 -6.53
N THR A 37 -2.22 -6.80 -6.92
CA THR A 37 -1.09 -6.32 -7.75
C THR A 37 0.08 -5.92 -6.87
N VAL A 38 1.30 -6.35 -7.23
CA VAL A 38 2.55 -6.00 -6.56
C VAL A 38 3.66 -5.71 -7.58
N GLY A 39 4.60 -4.83 -7.22
CA GLY A 39 5.67 -4.30 -8.08
C GLY A 39 5.31 -2.97 -8.72
N VAL A 40 6.32 -2.21 -9.15
CA VAL A 40 6.18 -0.86 -9.74
C VAL A 40 5.75 -0.94 -11.21
N TYR A 41 6.31 -1.91 -11.95
CA TYR A 41 5.85 -2.28 -13.30
C TYR A 41 4.54 -3.09 -13.23
N GLU A 42 4.02 -3.55 -14.38
CA GLU A 42 2.64 -4.04 -14.57
C GLU A 42 1.53 -2.99 -14.32
N ALA A 43 1.88 -1.72 -14.08
CA ALA A 43 0.95 -0.63 -13.84
C ALA A 43 -0.05 -0.40 -14.99
N ALA A 44 0.44 -0.41 -16.24
CA ALA A 44 -0.42 -0.35 -17.44
C ALA A 44 -1.44 -1.49 -17.46
N LYS A 45 -1.00 -2.73 -17.17
CA LYS A 45 -1.86 -3.92 -17.03
C LYS A 45 -2.88 -3.77 -15.91
N LEU A 46 -2.53 -3.20 -14.75
CA LEU A 46 -3.45 -2.88 -13.64
C LEU A 46 -4.69 -2.14 -14.17
N LEU A 47 -4.47 -1.05 -14.90
CA LEU A 47 -5.55 -0.20 -15.40
C LEU A 47 -6.35 -0.88 -16.53
N ASN A 48 -5.75 -1.81 -17.26
CA ASN A 48 -6.37 -2.56 -18.36
C ASN A 48 -7.05 -3.88 -17.96
N VAL A 49 -6.96 -4.32 -16.69
CA VAL A 49 -7.51 -5.60 -16.20
C VAL A 49 -8.54 -5.44 -15.08
N ASP A 50 -8.45 -4.38 -14.26
CA ASP A 50 -9.39 -4.07 -13.16
C ASP A 50 -9.89 -2.61 -13.14
N PRO A 51 -10.25 -1.96 -14.27
CA PRO A 51 -10.56 -0.52 -14.32
C PRO A 51 -11.71 -0.05 -13.40
N ASP A 52 -12.72 -0.89 -13.18
CA ASP A 52 -13.85 -0.63 -12.28
C ASP A 52 -13.64 -1.14 -10.84
N ASN A 53 -12.78 -2.15 -10.69
CA ASN A 53 -12.47 -2.85 -9.43
C ASN A 53 -11.32 -2.16 -8.67
N VAL A 54 -10.39 -1.48 -9.34
CA VAL A 54 -9.31 -0.76 -8.68
C VAL A 54 -9.84 0.23 -7.63
N VAL A 55 -9.14 0.37 -6.49
CA VAL A 55 -9.53 1.32 -5.42
C VAL A 55 -8.38 2.21 -4.94
N LEU A 56 -7.19 1.66 -4.66
CA LEU A 56 -6.02 2.52 -4.36
C LEU A 56 -4.64 1.85 -4.56
N CYS A 57 -3.62 2.68 -4.82
CA CYS A 57 -2.21 2.26 -4.92
C CYS A 57 -1.28 2.97 -3.91
N LEU A 58 -0.23 2.26 -3.54
CA LEU A 58 0.84 2.64 -2.62
C LEU A 58 2.19 2.51 -3.32
N LEU A 59 2.82 3.65 -3.62
CA LEU A 59 4.13 3.69 -4.27
C LEU A 59 5.20 4.09 -3.24
N ALA A 60 6.33 3.40 -3.19
CA ALA A 60 7.32 3.59 -2.13
C ALA A 60 8.71 3.98 -2.67
N ALA A 61 9.13 5.21 -2.42
CA ALA A 61 10.26 5.88 -3.06
C ALA A 61 11.48 5.97 -2.12
N ASP A 62 12.54 5.21 -2.41
CA ASP A 62 13.79 5.19 -1.63
C ASP A 62 14.65 6.46 -1.85
N GLU A 63 15.65 6.69 -1.01
CA GLU A 63 16.71 7.68 -1.31
C GLU A 63 17.42 7.35 -2.63
N ASP A 64 17.76 6.08 -2.85
CA ASP A 64 18.45 5.62 -4.07
C ASP A 64 17.58 5.68 -5.33
N ASP A 65 16.24 5.77 -5.18
CA ASP A 65 15.30 5.95 -6.30
C ASP A 65 15.51 7.29 -7.05
N ASP A 66 16.16 8.26 -6.41
CA ASP A 66 16.49 9.56 -7.01
C ASP A 66 17.40 9.43 -8.25
N ARG A 67 18.13 8.31 -8.40
CA ARG A 67 18.99 8.03 -9.56
C ARG A 67 18.27 7.37 -10.75
N ASP A 68 17.03 6.92 -10.57
CA ASP A 68 16.27 6.14 -11.54
C ASP A 68 15.12 6.97 -12.13
N VAL A 69 15.46 7.80 -13.11
CA VAL A 69 14.51 8.71 -13.79
C VAL A 69 13.37 7.96 -14.48
N ALA A 70 13.58 6.73 -14.93
CA ALA A 70 12.53 5.88 -15.50
C ALA A 70 11.47 5.52 -14.44
N LEU A 71 11.88 5.01 -13.27
CA LEU A 71 10.99 4.70 -12.15
C LEU A 71 10.30 5.95 -11.58
N GLN A 72 10.99 7.08 -11.48
CA GLN A 72 10.41 8.37 -11.08
C GLN A 72 9.24 8.78 -12.00
N ILE A 73 9.41 8.64 -13.32
CA ILE A 73 8.33 8.81 -14.30
C ILE A 73 7.25 7.72 -14.13
N HIS A 74 7.59 6.45 -13.91
CA HIS A 74 6.59 5.38 -13.64
C HIS A 74 5.66 5.71 -12.47
N PHE A 75 6.19 6.26 -11.39
CA PHE A 75 5.40 6.78 -10.26
C PHE A 75 4.43 7.90 -10.70
N THR A 76 4.92 8.90 -11.44
CA THR A 76 4.10 10.05 -11.88
C THR A 76 3.03 9.64 -12.91
N LEU A 77 3.38 8.73 -13.83
CA LEU A 77 2.54 8.13 -14.86
C LEU A 77 1.28 7.51 -14.25
N ILE A 78 1.45 6.46 -13.43
CA ILE A 78 0.30 5.78 -12.81
C ILE A 78 -0.48 6.72 -11.88
N GLN A 79 0.17 7.72 -11.27
CA GLN A 79 -0.51 8.73 -10.45
C GLN A 79 -1.55 9.51 -11.28
N ALA A 80 -1.16 10.03 -12.45
CA ALA A 80 -2.06 10.70 -13.37
C ALA A 80 -3.28 9.83 -13.77
N PHE A 81 -3.04 8.57 -14.13
CA PHE A 81 -4.10 7.67 -14.61
C PHE A 81 -5.04 7.23 -13.47
N CYS A 82 -4.51 6.90 -12.30
CA CYS A 82 -5.29 6.62 -11.09
C CYS A 82 -6.19 7.81 -10.69
N CYS A 83 -5.65 9.03 -10.71
CA CYS A 83 -6.45 10.26 -10.52
C CYS A 83 -7.64 10.37 -11.48
N GLU A 84 -7.47 9.97 -12.75
CA GLU A 84 -8.55 9.99 -13.76
C GLU A 84 -9.74 9.07 -13.39
N ASN A 85 -9.48 7.95 -12.71
CA ASN A 85 -10.46 6.91 -12.39
C ASN A 85 -10.96 6.96 -10.93
N ASP A 86 -10.71 8.07 -10.22
CA ASP A 86 -10.96 8.30 -8.79
C ASP A 86 -10.36 7.18 -7.89
N ILE A 87 -9.09 6.88 -8.14
CA ILE A 87 -8.22 5.90 -7.51
C ILE A 87 -7.20 6.68 -6.71
N ASN A 88 -7.53 6.84 -5.46
CA ASN A 88 -6.67 7.39 -4.42
C ASN A 88 -5.25 6.75 -4.44
N ILE A 89 -4.25 7.53 -4.02
CA ILE A 89 -2.82 7.17 -4.08
C ILE A 89 -2.07 7.86 -2.94
N LEU A 90 -1.22 7.10 -2.26
CA LEU A 90 -0.24 7.60 -1.28
C LEU A 90 1.18 7.32 -1.80
N ARG A 91 2.16 8.11 -1.32
CA ARG A 91 3.59 7.78 -1.51
C ARG A 91 4.28 7.59 -0.15
N VAL A 92 5.14 6.58 -0.01
CA VAL A 92 5.85 6.34 1.25
C VAL A 92 7.36 6.33 1.12
N SER A 93 8.02 6.82 2.17
CA SER A 93 9.48 7.03 2.28
C SER A 93 10.22 5.83 2.91
N ASN A 94 9.53 4.71 3.18
CA ASN A 94 10.09 3.50 3.83
C ASN A 94 9.87 2.22 2.98
N PRO A 95 10.36 2.18 1.71
CA PRO A 95 10.12 1.09 0.77
C PRO A 95 10.75 -0.23 1.20
N GLY A 96 11.87 -0.19 1.91
CA GLY A 96 12.50 -1.39 2.47
C GLY A 96 11.56 -2.18 3.38
N ARG A 97 10.69 -1.48 4.12
CA ARG A 97 9.65 -2.06 5.00
C ARG A 97 8.55 -2.74 4.20
N LEU A 98 8.04 -2.10 3.14
CA LEU A 98 7.05 -2.74 2.25
C LEU A 98 7.64 -3.91 1.46
N ALA A 99 8.85 -3.77 0.92
CA ALA A 99 9.57 -4.88 0.29
C ALA A 99 9.75 -6.07 1.24
N GLU A 100 10.10 -5.82 2.51
CA GLU A 100 10.27 -6.85 3.54
C GLU A 100 8.94 -7.52 3.95
N LEU A 101 7.85 -6.74 4.04
CA LEU A 101 6.49 -7.23 4.22
C LEU A 101 6.11 -8.22 3.11
N LEU A 102 6.17 -7.80 1.85
CA LEU A 102 5.75 -8.60 0.68
C LEU A 102 6.69 -9.76 0.33
N LEU A 103 7.90 -9.80 0.90
CA LEU A 103 8.82 -10.94 0.83
C LEU A 103 8.35 -12.09 1.74
N LEU A 104 8.51 -11.96 3.07
CA LEU A 104 8.30 -13.06 4.01
C LEU A 104 6.81 -13.24 4.39
N GLU A 105 6.13 -12.13 4.72
CA GLU A 105 4.72 -12.02 5.16
C GLU A 105 4.31 -12.85 6.40
N THR A 106 5.20 -13.67 6.95
CA THR A 106 5.02 -14.59 8.08
C THR A 106 4.62 -13.90 9.37
N ASP A 107 3.32 -14.00 9.71
CA ASP A 107 2.67 -13.36 10.86
C ASP A 107 3.08 -11.88 11.07
N ALA A 108 2.79 -11.04 10.08
CA ALA A 108 3.09 -9.60 10.09
C ALA A 108 2.54 -8.89 11.34
N GLY A 109 3.38 -8.02 11.93
CA GLY A 109 3.23 -7.48 13.28
C GLY A 109 4.58 -7.38 14.03
N PRO A 110 4.57 -7.10 15.35
CA PRO A 110 5.78 -6.85 16.15
C PRO A 110 6.62 -8.11 16.42
N ALA A 111 7.32 -8.58 15.40
CA ALA A 111 8.32 -9.66 15.42
C ALA A 111 9.42 -9.35 14.39
N ALA A 112 10.69 -9.47 14.79
CA ALA A 112 11.88 -9.04 14.03
C ALA A 112 11.86 -7.54 13.61
N SER A 113 12.85 -7.11 12.82
CA SER A 113 13.03 -5.77 12.22
C SER A 113 14.09 -5.82 11.10
N GLU A 114 14.30 -4.69 10.40
CA GLU A 114 15.34 -4.50 9.36
C GLU A 114 15.18 -5.38 8.10
N GLY A 115 16.14 -5.28 7.17
CA GLY A 115 16.21 -6.04 5.90
C GLY A 115 16.31 -5.19 4.63
N ALA A 116 16.25 -3.86 4.75
CA ALA A 116 16.43 -2.92 3.66
C ALA A 116 17.87 -2.91 3.10
N GLU A 117 18.07 -3.58 1.98
CA GLU A 117 19.37 -3.74 1.30
C GLU A 117 19.29 -3.91 -0.23
N GLN A 118 18.13 -4.32 -0.77
CA GLN A 118 17.87 -4.45 -2.21
C GLN A 118 17.98 -3.10 -2.97
N PRO A 119 18.22 -3.12 -4.29
CA PRO A 119 18.20 -1.93 -5.16
C PRO A 119 16.78 -1.30 -5.27
N PRO A 120 16.65 -0.10 -5.86
CA PRO A 120 15.38 0.62 -5.96
C PRO A 120 14.43 0.03 -7.04
N ASP A 121 13.86 -1.13 -6.75
CA ASP A 121 12.74 -1.79 -7.46
C ASP A 121 11.92 -2.67 -6.48
N LEU A 122 10.90 -3.38 -6.98
CA LEU A 122 9.83 -4.07 -6.22
C LEU A 122 9.35 -3.31 -4.95
N HIS A 123 9.03 -2.02 -5.13
CA HIS A 123 8.54 -1.10 -4.09
C HIS A 123 7.24 -0.35 -4.46
N CYS A 124 6.22 -1.11 -4.86
CA CYS A 124 4.84 -0.64 -5.07
C CYS A 124 3.86 -1.80 -4.78
N VAL A 125 2.67 -1.47 -4.26
CA VAL A 125 1.54 -2.38 -4.07
C VAL A 125 0.23 -1.68 -4.46
N LEU A 126 -0.71 -2.42 -5.05
CA LEU A 126 -1.98 -1.91 -5.57
C LEU A 126 -3.14 -2.83 -5.20
N VAL A 127 -4.12 -2.27 -4.49
CA VAL A 127 -5.28 -2.96 -3.92
C VAL A 127 -6.54 -2.66 -4.75
N THR A 128 -7.35 -3.69 -5.00
CA THR A 128 -8.60 -3.61 -5.78
C THR A 128 -9.79 -4.28 -5.08
N ASN A 129 -10.95 -3.63 -5.10
CA ASN A 129 -12.21 -4.04 -4.47
C ASN A 129 -13.08 -4.93 -5.40
N PRO A 130 -13.99 -5.77 -4.86
CA PRO A 130 -14.84 -6.65 -5.66
C PRO A 130 -16.01 -5.94 -6.36
N HIS A 131 -16.65 -4.95 -5.69
CA HIS A 131 -17.71 -4.08 -6.24
C HIS A 131 -17.95 -2.81 -5.41
N SER A 132 -17.92 -2.92 -4.08
CA SER A 132 -18.04 -1.81 -3.13
C SER A 132 -16.66 -1.25 -2.75
N SER A 133 -16.45 0.04 -2.97
CA SER A 133 -15.20 0.78 -2.70
C SER A 133 -14.90 0.95 -1.18
N GLN A 134 -14.56 -0.16 -0.52
CA GLN A 134 -14.26 -0.20 0.93
C GLN A 134 -13.32 -1.35 1.38
N TRP A 135 -13.16 -2.43 0.60
CA TRP A 135 -12.30 -3.61 0.86
C TRP A 135 -12.51 -4.36 2.21
N LYS A 136 -13.56 -4.02 2.99
CA LYS A 136 -13.92 -4.55 4.31
C LYS A 136 -12.76 -4.58 5.32
N ASP A 137 -12.17 -3.42 5.62
CA ASP A 137 -11.11 -3.26 6.64
C ASP A 137 -11.07 -1.86 7.30
N PRO A 138 -11.14 -1.75 8.65
CA PRO A 138 -11.06 -0.48 9.36
C PRO A 138 -9.67 0.17 9.24
N ALA A 139 -8.63 -0.63 8.98
CA ALA A 139 -7.27 -0.20 8.69
C ALA A 139 -7.24 0.78 7.51
N LEU A 140 -7.64 0.34 6.32
CA LEU A 140 -7.67 1.20 5.13
C LEU A 140 -8.71 2.34 5.24
N SER A 141 -9.81 2.16 5.98
CA SER A 141 -10.70 3.29 6.34
C SER A 141 -9.93 4.42 7.05
N GLN A 142 -9.12 4.10 8.07
CA GLN A 142 -8.27 5.08 8.76
C GLN A 142 -7.21 5.73 7.83
N LEU A 143 -6.61 4.99 6.89
CA LEU A 143 -5.75 5.59 5.85
C LEU A 143 -6.50 6.61 4.97
N ILE A 144 -7.71 6.29 4.50
CA ILE A 144 -8.54 7.17 3.67
C ILE A 144 -8.91 8.44 4.45
N CYS A 145 -9.31 8.32 5.72
CA CYS A 145 -9.58 9.47 6.60
C CYS A 145 -8.37 10.41 6.72
N PHE A 146 -7.18 9.87 7.04
CA PHE A 146 -5.93 10.63 7.06
C PHE A 146 -5.65 11.33 5.72
N CYS A 147 -5.69 10.61 4.59
CA CYS A 147 -5.38 11.19 3.30
C CYS A 147 -6.32 12.35 2.92
N ARG A 148 -7.63 12.23 3.22
CA ARG A 148 -8.64 13.28 3.00
C ARG A 148 -8.30 14.57 3.74
N GLU A 149 -8.00 14.50 5.03
CA GLU A 149 -7.64 15.69 5.82
C GLU A 149 -6.36 16.38 5.32
N SER A 150 -5.31 15.61 5.01
CA SER A 150 -4.05 16.16 4.48
C SER A 150 -4.20 16.74 3.07
N ARG A 151 -4.97 16.07 2.19
CA ARG A 151 -5.34 16.55 0.85
C ARG A 151 -6.12 17.87 0.89
N TYR A 152 -6.96 18.09 1.91
CA TYR A 152 -7.66 19.36 2.13
C TYR A 152 -6.72 20.56 2.38
N MET A 153 -5.45 20.31 2.72
CA MET A 153 -4.37 21.30 2.86
C MET A 153 -3.59 21.53 1.53
N ASP A 154 -4.11 21.04 0.40
CA ASP A 154 -3.67 21.22 -1.01
C ASP A 154 -2.63 20.19 -1.51
N GLN A 155 -2.23 19.23 -0.67
CA GLN A 155 -1.37 18.09 -1.05
C GLN A 155 -2.11 17.13 -2.00
N TRP A 156 -1.72 17.12 -3.28
CA TRP A 156 -2.30 16.23 -4.31
C TRP A 156 -2.23 14.74 -3.91
N VAL A 157 -1.10 14.34 -3.33
CA VAL A 157 -0.82 13.00 -2.80
C VAL A 157 -0.03 13.11 -1.49
N PRO A 158 -0.66 12.90 -0.32
CA PRO A 158 0.07 12.93 0.96
C PRO A 158 1.03 11.73 1.09
N VAL A 159 1.98 11.87 2.03
CA VAL A 159 3.12 10.96 2.19
C VAL A 159 3.45 10.64 3.64
N ILE A 160 4.08 9.48 3.90
CA ILE A 160 4.59 9.12 5.24
C ILE A 160 5.76 8.12 5.20
N ASN A 161 6.43 7.90 6.34
CA ASN A 161 7.35 6.79 6.57
C ASN A 161 6.72 5.80 7.56
N LEU A 162 6.22 4.65 7.07
CA LEU A 162 5.66 3.62 7.96
C LEU A 162 6.75 3.10 8.93
N PRO A 163 6.39 2.73 10.19
CA PRO A 163 7.35 2.21 11.16
C PRO A 163 7.83 0.79 10.78
N GLU A 164 8.84 0.28 11.49
CA GLU A 164 9.28 -1.12 11.40
C GLU A 164 8.18 -2.12 11.80
N ARG A 165 8.48 -3.41 11.64
CA ARG A 165 7.66 -4.57 12.05
C ARG A 165 7.12 -4.43 13.48
N MET A 1 19.26 -14.21 39.12
CA MET A 1 17.78 -14.35 39.15
C MET A 1 17.09 -12.98 39.05
N THR A 2 16.12 -12.85 38.14
CA THR A 2 15.28 -11.64 37.98
C THR A 2 13.92 -11.98 37.32
N LEU A 3 12.90 -11.16 37.55
CA LEU A 3 11.60 -11.18 36.87
C LEU A 3 10.90 -9.81 36.92
N GLU A 4 10.32 -9.38 35.79
CA GLU A 4 9.57 -8.12 35.67
C GLU A 4 8.48 -8.13 34.57
N GLU A 5 8.24 -9.27 33.92
CA GLU A 5 7.36 -9.38 32.74
C GLU A 5 5.87 -9.07 33.03
N PHE A 6 5.41 -7.94 32.50
CA PHE A 6 4.02 -7.43 32.52
C PHE A 6 3.87 -6.24 31.57
N SER A 7 3.07 -6.40 30.50
CA SER A 7 2.77 -5.34 29.52
C SER A 7 1.27 -5.34 29.14
N ALA A 8 0.67 -4.16 29.09
CA ALA A 8 -0.73 -3.93 28.69
C ALA A 8 -0.95 -2.52 28.09
N GLY A 9 -2.11 -2.29 27.48
CA GLY A 9 -2.58 -0.99 26.97
C GLY A 9 -3.63 -1.12 25.85
N GLU A 10 -4.54 -0.16 25.76
CA GLU A 10 -5.60 -0.08 24.74
C GLU A 10 -6.06 1.38 24.52
N GLN A 11 -6.34 1.76 23.27
CA GLN A 11 -6.99 3.04 22.91
C GLN A 11 -7.77 2.92 21.57
N LYS A 12 -8.56 3.94 21.23
CA LYS A 12 -9.48 3.96 20.06
C LYS A 12 -9.47 5.32 19.32
N THR A 13 -8.27 5.73 18.91
CA THR A 13 -7.96 7.02 18.27
C THR A 13 -7.22 6.83 16.93
N GLU A 14 -6.96 7.93 16.21
CA GLU A 14 -6.17 7.96 14.98
C GLU A 14 -5.04 9.02 15.05
N ARG A 15 -3.85 8.62 14.59
CA ARG A 15 -2.56 9.35 14.65
C ARG A 15 -1.67 8.94 13.47
N MET A 16 -0.62 9.71 13.19
CA MET A 16 0.30 9.50 12.07
C MET A 16 0.89 8.08 12.03
N ASP A 17 1.46 7.58 13.13
CA ASP A 17 1.99 6.21 13.20
C ASP A 17 0.93 5.13 12.99
N LYS A 18 -0.33 5.39 13.38
CA LYS A 18 -1.48 4.49 13.20
C LYS A 18 -1.76 4.23 11.72
N VAL A 19 -1.52 5.21 10.83
CA VAL A 19 -1.69 5.11 9.37
C VAL A 19 -0.77 4.05 8.76
N GLY A 20 0.53 4.08 9.10
CA GLY A 20 1.51 3.13 8.57
C GLY A 20 1.28 1.71 9.09
N ASP A 21 0.99 1.57 10.38
CA ASP A 21 0.57 0.31 11.02
C ASP A 21 -0.67 -0.29 10.34
N ALA A 22 -1.70 0.54 10.20
CA ALA A 22 -2.95 0.18 9.52
C ALA A 22 -2.71 -0.34 8.09
N LEU A 23 -1.83 0.31 7.34
CA LEU A 23 -1.49 -0.07 5.97
C LEU A 23 -0.91 -1.49 5.90
N GLU A 24 -0.01 -1.82 6.84
CA GLU A 24 0.51 -3.18 6.97
C GLU A 24 -0.55 -4.23 7.31
N GLU A 25 -1.63 -3.87 8.01
CA GLU A 25 -2.70 -4.83 8.35
C GLU A 25 -3.55 -5.20 7.12
N VAL A 26 -3.77 -4.23 6.23
CA VAL A 26 -4.39 -4.49 4.92
C VAL A 26 -3.48 -5.35 4.03
N LEU A 27 -2.20 -4.98 3.92
CA LEU A 27 -1.23 -5.73 3.11
C LEU A 27 -0.95 -7.15 3.63
N SER A 28 -1.05 -7.39 4.94
CA SER A 28 -1.00 -8.76 5.49
C SER A 28 -2.17 -9.61 4.96
N LYS A 29 -3.42 -9.16 5.14
CA LYS A 29 -4.62 -9.81 4.58
C LYS A 29 -4.49 -10.08 3.08
N ALA A 30 -4.05 -9.09 2.31
CA ALA A 30 -3.87 -9.18 0.86
C ALA A 30 -2.92 -10.31 0.43
N LEU A 31 -1.74 -10.41 1.03
CA LEU A 31 -0.83 -11.54 0.79
C LEU A 31 -1.45 -12.89 1.20
N SER A 32 -2.20 -12.94 2.31
CA SER A 32 -2.96 -14.14 2.69
C SER A 32 -3.98 -14.60 1.64
N GLN A 33 -4.51 -13.69 0.80
CA GLN A 33 -5.40 -14.04 -0.31
C GLN A 33 -4.67 -14.36 -1.62
N ARG A 34 -3.42 -13.91 -1.75
CA ARG A 34 -2.61 -13.87 -2.98
C ARG A 34 -3.29 -13.13 -4.15
N THR A 35 -4.11 -12.12 -3.87
CA THR A 35 -4.89 -11.35 -4.86
C THR A 35 -4.73 -9.84 -4.68
N ILE A 36 -3.57 -9.30 -5.09
CA ILE A 36 -3.24 -7.86 -5.06
C ILE A 36 -2.27 -7.49 -6.20
N THR A 37 -2.38 -6.26 -6.71
CA THR A 37 -1.43 -5.68 -7.68
C THR A 37 -0.14 -5.24 -6.99
N VAL A 38 1.00 -5.52 -7.60
CA VAL A 38 2.35 -5.12 -7.13
C VAL A 38 3.28 -4.87 -8.32
N GLY A 39 4.31 -4.02 -8.16
CA GLY A 39 5.35 -3.77 -9.17
C GLY A 39 5.05 -2.55 -10.05
N VAL A 40 5.89 -1.50 -9.97
CA VAL A 40 5.52 -0.16 -10.45
C VAL A 40 5.37 -0.02 -11.97
N TYR A 41 6.03 -0.88 -12.74
CA TYR A 41 5.89 -0.91 -14.20
C TYR A 41 4.58 -1.57 -14.69
N GLU A 42 3.82 -2.21 -13.79
CA GLU A 42 2.57 -2.96 -14.10
C GLU A 42 1.30 -2.08 -14.19
N ALA A 43 1.40 -0.76 -13.98
CA ALA A 43 0.23 0.11 -13.85
C ALA A 43 -0.68 0.21 -15.10
N ALA A 44 -0.13 0.03 -16.30
CA ALA A 44 -0.92 -0.09 -17.53
C ALA A 44 -1.93 -1.23 -17.43
N LYS A 45 -1.48 -2.42 -16.98
CA LYS A 45 -2.31 -3.57 -16.62
C LYS A 45 -3.37 -3.23 -15.56
N LEU A 46 -3.00 -2.55 -14.47
CA LEU A 46 -3.93 -2.11 -13.40
C LEU A 46 -5.17 -1.42 -13.98
N LEU A 47 -4.95 -0.38 -14.79
CA LEU A 47 -6.03 0.40 -15.41
C LEU A 47 -6.84 -0.42 -16.44
N ASN A 48 -6.22 -1.43 -17.07
CA ASN A 48 -6.84 -2.32 -18.05
C ASN A 48 -7.60 -3.52 -17.42
N VAL A 49 -7.47 -3.79 -16.12
CA VAL A 49 -8.02 -5.00 -15.46
C VAL A 49 -8.95 -4.69 -14.27
N ASP A 50 -8.65 -3.67 -13.45
CA ASP A 50 -9.46 -3.25 -12.30
C ASP A 50 -9.57 -1.71 -12.21
N PRO A 51 -10.13 -1.01 -13.23
CA PRO A 51 -10.29 0.45 -13.22
C PRO A 51 -11.28 0.91 -12.14
N ASP A 52 -12.57 0.58 -12.26
CA ASP A 52 -13.60 0.93 -11.27
C ASP A 52 -13.39 0.26 -9.89
N ASN A 53 -12.72 -0.89 -9.89
CA ASN A 53 -12.50 -1.74 -8.72
C ASN A 53 -11.36 -1.28 -7.80
N VAL A 54 -10.49 -0.34 -8.20
CA VAL A 54 -9.39 0.16 -7.36
C VAL A 54 -9.90 0.70 -6.01
N VAL A 55 -9.09 0.58 -4.94
CA VAL A 55 -9.39 1.24 -3.66
C VAL A 55 -8.23 2.07 -3.10
N LEU A 56 -6.97 1.65 -3.26
CA LEU A 56 -5.81 2.46 -2.84
C LEU A 56 -4.50 2.05 -3.54
N CYS A 57 -3.84 3.03 -4.17
CA CYS A 57 -2.47 2.93 -4.68
C CYS A 57 -1.42 3.38 -3.63
N LEU A 58 -0.40 2.56 -3.40
CA LEU A 58 0.75 2.80 -2.50
C LEU A 58 2.06 2.86 -3.28
N LEU A 59 2.56 4.08 -3.49
CA LEU A 59 3.80 4.35 -4.25
C LEU A 59 4.99 4.53 -3.31
N ALA A 60 5.96 3.61 -3.34
CA ALA A 60 7.01 3.48 -2.34
C ALA A 60 8.40 3.83 -2.91
N ALA A 61 8.76 5.11 -2.90
CA ALA A 61 9.98 5.62 -3.53
C ALA A 61 11.26 5.28 -2.75
N ASP A 62 12.22 4.59 -3.40
CA ASP A 62 13.58 4.33 -2.88
C ASP A 62 14.42 5.61 -2.76
N GLU A 63 15.49 5.59 -1.94
CA GLU A 63 16.53 6.63 -1.98
C GLU A 63 17.25 6.70 -3.34
N ASP A 64 17.36 5.56 -4.02
CA ASP A 64 17.98 5.44 -5.36
C ASP A 64 17.24 6.23 -6.46
N ASP A 65 15.97 6.60 -6.21
CA ASP A 65 15.16 7.48 -7.07
C ASP A 65 15.86 8.80 -7.41
N ASP A 66 16.65 9.31 -6.46
CA ASP A 66 17.46 10.54 -6.54
C ASP A 66 18.44 10.57 -7.74
N ARG A 67 18.78 9.40 -8.30
CA ARG A 67 19.66 9.22 -9.46
C ARG A 67 19.12 8.29 -10.55
N ASP A 68 17.94 7.68 -10.37
CA ASP A 68 17.43 6.63 -11.27
C ASP A 68 16.34 7.14 -12.21
N VAL A 69 16.76 7.66 -13.37
CA VAL A 69 15.91 8.14 -14.46
C VAL A 69 14.89 7.11 -14.96
N ALA A 70 15.18 5.81 -14.85
CA ALA A 70 14.23 4.75 -15.22
C ALA A 70 13.02 4.73 -14.28
N LEU A 71 13.26 4.72 -12.95
CA LEU A 71 12.19 4.83 -11.96
C LEU A 71 11.40 6.13 -12.10
N GLN A 72 12.06 7.26 -12.38
CA GLN A 72 11.41 8.55 -12.61
C GLN A 72 10.36 8.48 -13.73
N ILE A 73 10.69 7.87 -14.88
CA ILE A 73 9.75 7.59 -15.98
C ILE A 73 8.59 6.71 -15.49
N HIS A 74 8.88 5.62 -14.77
CA HIS A 74 7.86 4.71 -14.21
C HIS A 74 6.89 5.43 -13.27
N PHE A 75 7.40 6.15 -12.26
CA PHE A 75 6.60 6.95 -11.34
C PHE A 75 5.82 8.09 -12.07
N THR A 76 6.32 8.64 -13.17
CA THR A 76 5.55 9.58 -14.02
C THR A 76 4.33 8.90 -14.68
N LEU A 77 4.55 7.75 -15.32
CA LEU A 77 3.51 6.93 -15.98
C LEU A 77 2.32 6.65 -15.04
N ILE A 78 2.58 5.98 -13.91
CA ILE A 78 1.55 5.61 -12.96
C ILE A 78 0.83 6.83 -12.39
N GLN A 79 1.52 7.97 -12.25
CA GLN A 79 0.89 9.20 -11.76
C GLN A 79 -0.11 9.78 -12.77
N ALA A 80 0.13 9.66 -14.09
CA ALA A 80 -0.87 9.97 -15.10
C ALA A 80 -2.15 9.14 -14.89
N PHE A 81 -2.00 7.83 -14.69
CA PHE A 81 -3.14 6.92 -14.47
C PHE A 81 -3.85 7.19 -13.12
N CYS A 82 -3.10 7.34 -12.03
CA CYS A 82 -3.63 7.69 -10.71
C CYS A 82 -4.42 9.01 -10.70
N CYS A 83 -3.94 10.04 -11.40
CA CYS A 83 -4.66 11.29 -11.61
C CYS A 83 -6.00 11.11 -12.33
N GLU A 84 -6.06 10.23 -13.34
CA GLU A 84 -7.30 9.91 -14.07
C GLU A 84 -8.30 9.13 -13.19
N ASN A 85 -7.87 8.04 -12.54
CA ASN A 85 -8.74 7.14 -11.78
C ASN A 85 -8.95 7.64 -10.34
N ASP A 86 -9.80 8.67 -10.19
CA ASP A 86 -9.99 9.47 -8.98
C ASP A 86 -10.69 8.73 -7.81
N ILE A 87 -10.01 7.71 -7.25
CA ILE A 87 -10.42 7.01 -6.01
C ILE A 87 -9.49 7.41 -4.85
N ASN A 88 -8.34 6.75 -4.64
CA ASN A 88 -7.43 7.03 -3.52
C ASN A 88 -5.97 6.59 -3.77
N ILE A 89 -5.01 7.35 -3.25
CA ILE A 89 -3.54 7.19 -3.37
C ILE A 89 -2.83 7.71 -2.11
N LEU A 90 -1.72 7.09 -1.71
CA LEU A 90 -0.73 7.55 -0.71
C LEU A 90 0.69 7.24 -1.21
N ARG A 91 1.65 8.14 -0.94
CA ARG A 91 3.06 7.98 -1.33
C ARG A 91 3.98 7.78 -0.12
N VAL A 92 4.61 6.61 -0.02
CA VAL A 92 5.47 6.25 1.12
C VAL A 92 6.97 6.36 0.79
N SER A 93 7.76 6.62 1.82
CA SER A 93 9.21 6.86 1.78
C SER A 93 10.04 5.63 2.19
N ASN A 94 9.38 4.49 2.47
CA ASN A 94 9.99 3.33 3.14
C ASN A 94 9.72 1.98 2.42
N PRO A 95 10.09 1.81 1.13
CA PRO A 95 9.81 0.60 0.35
C PRO A 95 10.43 -0.68 0.91
N GLY A 96 11.56 -0.57 1.64
CA GLY A 96 12.18 -1.71 2.31
C GLY A 96 11.25 -2.46 3.26
N ARG A 97 10.34 -1.74 3.92
CA ARG A 97 9.29 -2.28 4.81
C ARG A 97 8.12 -2.87 4.02
N LEU A 98 7.68 -2.20 2.96
CA LEU A 98 6.61 -2.68 2.08
C LEU A 98 6.98 -4.00 1.39
N ALA A 99 8.17 -4.06 0.78
CA ALA A 99 8.74 -5.27 0.22
C ALA A 99 8.99 -6.36 1.28
N GLU A 100 9.36 -5.99 2.51
CA GLU A 100 9.56 -6.94 3.63
C GLU A 100 8.26 -7.66 3.97
N LEU A 101 7.18 -6.91 4.23
CA LEU A 101 5.86 -7.46 4.52
C LEU A 101 5.38 -8.47 3.46
N LEU A 102 5.68 -8.20 2.18
CA LEU A 102 5.38 -9.07 1.05
C LEU A 102 6.34 -10.27 0.86
N LEU A 103 7.53 -10.22 1.47
CA LEU A 103 8.55 -11.27 1.39
C LEU A 103 8.28 -12.46 2.33
N LEU A 104 7.70 -12.22 3.51
CA LEU A 104 7.35 -13.26 4.47
C LEU A 104 5.97 -13.89 4.12
N GLU A 105 4.97 -13.71 4.98
CA GLU A 105 3.62 -14.30 4.91
C GLU A 105 2.57 -13.72 5.87
N THR A 106 1.73 -12.79 5.41
CA THR A 106 0.65 -12.13 6.20
C THR A 106 1.11 -11.66 7.59
N ASP A 107 1.97 -10.63 7.60
CA ASP A 107 2.65 -10.10 8.81
C ASP A 107 3.35 -11.20 9.65
N ALA A 108 3.97 -12.16 8.94
CA ALA A 108 4.66 -13.32 9.53
C ALA A 108 5.84 -12.98 10.46
N GLY A 109 6.39 -11.80 10.29
CA GLY A 109 7.49 -11.22 11.07
C GLY A 109 8.77 -12.09 11.02
N PRO A 110 9.58 -12.13 12.10
CA PRO A 110 10.83 -12.90 12.17
C PRO A 110 10.63 -14.44 12.29
N ALA A 111 9.64 -15.00 11.59
CA ALA A 111 9.40 -16.43 11.40
C ALA A 111 10.51 -17.12 10.56
N ALA A 112 10.34 -18.42 10.30
CA ALA A 112 11.23 -19.27 9.51
C ALA A 112 11.36 -18.83 8.02
N SER A 113 12.29 -17.91 7.76
CA SER A 113 12.67 -17.39 6.44
C SER A 113 14.16 -16.99 6.40
N GLU A 114 14.61 -16.40 5.29
CA GLU A 114 15.99 -15.94 5.04
C GLU A 114 16.01 -14.51 4.43
N GLY A 115 17.19 -13.92 4.23
CA GLY A 115 17.37 -12.54 3.75
C GLY A 115 16.87 -12.27 2.32
N ALA A 116 16.63 -10.99 2.02
CA ALA A 116 16.07 -10.51 0.75
C ALA A 116 17.05 -10.65 -0.44
N GLU A 117 18.08 -9.79 -0.50
CA GLU A 117 19.07 -9.64 -1.58
C GLU A 117 18.47 -9.71 -3.00
N GLN A 118 17.73 -8.65 -3.38
CA GLN A 118 16.98 -8.53 -4.64
C GLN A 118 17.28 -7.20 -5.38
N PRO A 119 17.02 -7.12 -6.70
CA PRO A 119 17.18 -5.89 -7.50
C PRO A 119 16.13 -4.80 -7.14
N PRO A 120 16.26 -3.56 -7.67
CA PRO A 120 15.31 -2.48 -7.45
C PRO A 120 13.98 -2.68 -8.21
N ASP A 121 13.06 -3.42 -7.59
CA ASP A 121 11.68 -3.68 -8.02
C ASP A 121 10.71 -3.77 -6.81
N LEU A 122 9.43 -4.08 -7.06
CA LEU A 122 8.35 -4.19 -6.05
C LEU A 122 8.21 -2.91 -5.16
N HIS A 123 8.45 -1.73 -5.75
CA HIS A 123 8.34 -0.39 -5.13
C HIS A 123 7.00 0.33 -5.38
N CYS A 124 5.97 -0.43 -5.76
CA CYS A 124 4.56 -0.02 -5.82
C CYS A 124 3.68 -1.20 -5.43
N VAL A 125 2.56 -0.91 -4.77
CA VAL A 125 1.49 -1.85 -4.42
C VAL A 125 0.15 -1.18 -4.71
N LEU A 126 -0.86 -1.97 -5.06
CA LEU A 126 -2.22 -1.46 -5.26
C LEU A 126 -3.31 -2.47 -4.83
N VAL A 127 -4.04 -2.11 -3.78
CA VAL A 127 -5.24 -2.80 -3.29
C VAL A 127 -6.44 -2.48 -4.19
N THR A 128 -7.19 -3.50 -4.58
CA THR A 128 -8.48 -3.35 -5.28
C THR A 128 -9.53 -4.32 -4.73
N ASN A 129 -10.80 -3.92 -4.75
CA ASN A 129 -11.93 -4.74 -4.25
C ASN A 129 -12.41 -5.68 -5.38
N PRO A 130 -12.37 -7.03 -5.24
CA PRO A 130 -12.85 -7.95 -6.28
C PRO A 130 -14.38 -8.05 -6.39
N HIS A 131 -15.13 -7.51 -5.40
CA HIS A 131 -16.60 -7.43 -5.34
C HIS A 131 -17.10 -5.98 -5.44
N SER A 132 -18.42 -5.80 -5.58
CA SER A 132 -19.09 -4.49 -5.61
C SER A 132 -18.96 -3.72 -4.29
N SER A 133 -18.98 -4.42 -3.15
CA SER A 133 -18.60 -3.86 -1.83
C SER A 133 -17.10 -3.57 -1.77
N GLN A 134 -16.73 -2.46 -1.12
CA GLN A 134 -15.32 -2.14 -0.84
C GLN A 134 -14.70 -3.15 0.15
N TRP A 135 -13.36 -3.16 0.23
CA TRP A 135 -12.57 -3.98 1.16
C TRP A 135 -13.05 -3.81 2.64
N LYS A 136 -12.96 -4.91 3.41
CA LYS A 136 -13.49 -5.04 4.78
C LYS A 136 -12.37 -4.91 5.83
N ASP A 137 -11.99 -3.67 6.13
CA ASP A 137 -10.83 -3.32 6.96
C ASP A 137 -10.97 -1.95 7.69
N PRO A 138 -11.13 -1.92 9.02
CA PRO A 138 -11.21 -0.66 9.77
C PRO A 138 -9.90 0.14 9.72
N ALA A 139 -8.77 -0.56 9.52
CA ALA A 139 -7.47 0.01 9.20
C ALA A 139 -7.52 0.98 8.01
N LEU A 140 -8.00 0.50 6.85
CA LEU A 140 -8.09 1.31 5.64
C LEU A 140 -9.16 2.42 5.75
N SER A 141 -10.23 2.23 6.51
CA SER A 141 -11.15 3.34 6.86
C SER A 141 -10.43 4.50 7.55
N GLN A 142 -9.51 4.20 8.49
CA GLN A 142 -8.64 5.19 9.11
C GLN A 142 -7.65 5.84 8.13
N LEU A 143 -7.03 5.07 7.22
CA LEU A 143 -6.20 5.61 6.13
C LEU A 143 -6.98 6.57 5.21
N ILE A 144 -8.19 6.20 4.77
CA ILE A 144 -9.09 7.04 3.97
C ILE A 144 -9.39 8.35 4.71
N CYS A 145 -9.74 8.29 5.99
CA CYS A 145 -9.99 9.48 6.81
C CYS A 145 -8.76 10.42 6.88
N PHE A 146 -7.58 9.89 7.25
CA PHE A 146 -6.33 10.66 7.26
C PHE A 146 -6.00 11.31 5.92
N CYS A 147 -5.93 10.53 4.83
CA CYS A 147 -5.57 11.05 3.52
C CYS A 147 -6.58 12.07 2.97
N ARG A 148 -7.90 11.90 3.22
CA ARG A 148 -8.94 12.88 2.89
C ARG A 148 -8.67 14.25 3.52
N GLU A 149 -8.37 14.30 4.81
CA GLU A 149 -8.05 15.57 5.50
C GLU A 149 -6.77 16.23 4.96
N SER A 150 -5.73 15.45 4.65
CA SER A 150 -4.49 15.96 4.03
C SER A 150 -4.75 16.52 2.62
N ARG A 151 -5.23 15.67 1.70
CA ARG A 151 -5.53 15.97 0.29
C ARG A 151 -6.66 17.02 0.10
N TYR A 152 -7.41 17.34 1.16
CA TYR A 152 -8.34 18.48 1.17
C TYR A 152 -7.60 19.83 1.15
N MET A 153 -6.63 20.01 2.06
CA MET A 153 -5.80 21.22 2.15
C MET A 153 -4.66 21.22 1.13
N ASP A 154 -3.77 20.22 1.19
CA ASP A 154 -2.67 20.05 0.24
C ASP A 154 -3.20 19.74 -1.16
N GLN A 155 -2.49 20.22 -2.18
CA GLN A 155 -2.80 20.01 -3.60
C GLN A 155 -2.35 18.61 -4.11
N TRP A 156 -1.86 17.76 -3.19
CA TRP A 156 -1.23 16.47 -3.43
C TRP A 156 -1.68 15.43 -2.39
N VAL A 157 -1.30 14.17 -2.63
CA VAL A 157 -1.42 13.04 -1.68
C VAL A 157 -0.65 13.29 -0.38
N PRO A 158 -1.02 12.63 0.74
CA PRO A 158 -0.15 12.57 1.91
C PRO A 158 1.12 11.75 1.64
N VAL A 159 2.08 11.85 2.54
CA VAL A 159 3.27 11.00 2.57
C VAL A 159 3.59 10.46 3.97
N ILE A 160 4.18 9.24 4.05
CA ILE A 160 4.65 8.71 5.34
C ILE A 160 5.75 7.63 5.22
N ASN A 161 6.33 7.22 6.36
CA ASN A 161 7.29 6.13 6.51
C ASN A 161 6.77 5.09 7.54
N LEU A 162 6.21 3.97 7.05
CA LEU A 162 5.66 2.89 7.89
C LEU A 162 6.74 2.20 8.78
N PRO A 163 6.36 1.68 9.97
CA PRO A 163 7.28 0.99 10.89
C PRO A 163 7.71 -0.40 10.39
N GLU A 164 8.66 -1.04 11.09
CA GLU A 164 9.31 -2.31 10.71
C GLU A 164 8.33 -3.48 10.55
N ARG A 165 7.64 -3.81 11.65
CA ARG A 165 6.43 -4.66 11.79
C ARG A 165 5.51 -4.10 12.88
N MET A 1 6.21 -15.02 28.64
CA MET A 1 4.79 -15.47 28.77
C MET A 1 4.06 -15.35 27.43
N THR A 2 3.19 -16.32 27.10
CA THR A 2 2.52 -16.46 25.79
C THR A 2 1.01 -16.74 25.91
N LEU A 3 0.34 -16.09 26.87
CA LEU A 3 -1.13 -16.10 27.05
C LEU A 3 -1.67 -14.66 27.19
N GLU A 4 -2.04 -14.04 26.06
CA GLU A 4 -2.69 -12.71 26.01
C GLU A 4 -3.65 -12.50 24.83
N GLU A 5 -3.67 -13.41 23.85
CA GLU A 5 -4.41 -13.29 22.58
C GLU A 5 -5.95 -13.35 22.75
N PHE A 6 -6.59 -12.22 22.47
CA PHE A 6 -8.04 -12.02 22.34
C PHE A 6 -8.33 -10.78 21.48
N SER A 7 -9.03 -10.95 20.36
CA SER A 7 -9.43 -9.85 19.45
C SER A 7 -10.51 -8.94 20.09
N ALA A 8 -10.06 -7.86 20.74
CA ALA A 8 -10.89 -6.86 21.41
C ALA A 8 -10.24 -5.45 21.43
N GLY A 9 -10.99 -4.45 21.89
CA GLY A 9 -10.56 -3.05 22.06
C GLY A 9 -10.92 -2.14 20.88
N GLU A 10 -10.99 -0.82 21.14
CA GLU A 10 -11.32 0.24 20.17
C GLU A 10 -10.79 1.61 20.64
N GLN A 11 -10.64 2.57 19.71
CA GLN A 11 -10.28 3.99 19.95
C GLN A 11 -11.04 4.92 18.98
N LYS A 12 -10.95 6.25 19.19
CA LYS A 12 -11.49 7.32 18.32
C LYS A 12 -10.44 8.43 18.10
N THR A 13 -9.23 8.03 17.73
CA THR A 13 -8.05 8.90 17.56
C THR A 13 -7.28 8.51 16.27
N GLU A 14 -6.61 9.48 15.64
CA GLU A 14 -5.81 9.29 14.42
C GLU A 14 -4.48 10.05 14.47
N ARG A 15 -3.39 9.37 14.08
CA ARG A 15 -1.99 9.84 14.10
C ARG A 15 -1.22 9.33 12.87
N MET A 16 -0.15 10.02 12.49
CA MET A 16 0.69 9.75 11.31
C MET A 16 1.14 8.27 11.23
N ASP A 17 1.82 7.76 12.25
CA ASP A 17 2.32 6.38 12.28
C ASP A 17 1.21 5.31 12.16
N LYS A 18 0.01 5.59 12.65
CA LYS A 18 -1.14 4.68 12.59
C LYS A 18 -1.57 4.39 11.15
N VAL A 19 -1.38 5.33 10.22
CA VAL A 19 -1.64 5.19 8.78
C VAL A 19 -0.77 4.09 8.14
N GLY A 20 0.53 4.07 8.44
CA GLY A 20 1.48 3.08 7.93
C GLY A 20 1.29 1.69 8.57
N ASP A 21 0.95 1.67 9.85
CA ASP A 21 0.53 0.47 10.59
C ASP A 21 -0.74 -0.16 9.99
N ALA A 22 -1.76 0.67 9.81
CA ALA A 22 -3.02 0.31 9.17
C ALA A 22 -2.79 -0.29 7.77
N LEU A 23 -1.90 0.32 6.98
CA LEU A 23 -1.56 -0.16 5.65
C LEU A 23 -0.96 -1.58 5.68
N GLU A 24 0.03 -1.84 6.56
CA GLU A 24 0.59 -3.19 6.68
C GLU A 24 -0.45 -4.25 7.11
N GLU A 25 -1.54 -3.86 7.78
CA GLU A 25 -2.57 -4.81 8.20
C GLU A 25 -3.38 -5.27 7.00
N VAL A 26 -3.97 -4.32 6.27
CA VAL A 26 -4.83 -4.58 5.11
C VAL A 26 -4.05 -5.22 3.96
N LEU A 27 -2.87 -4.70 3.64
CA LEU A 27 -2.00 -5.25 2.60
C LEU A 27 -1.57 -6.69 2.92
N SER A 28 -1.29 -7.02 4.20
CA SER A 28 -1.03 -8.42 4.62
C SER A 28 -2.22 -9.35 4.32
N LYS A 29 -3.46 -8.94 4.63
CA LYS A 29 -4.69 -9.70 4.33
C LYS A 29 -4.82 -9.95 2.84
N ALA A 30 -4.64 -8.91 2.02
CA ALA A 30 -4.73 -8.95 0.57
C ALA A 30 -3.67 -9.88 -0.08
N LEU A 31 -2.40 -9.73 0.32
CA LEU A 31 -1.30 -10.63 -0.05
C LEU A 31 -1.58 -12.07 0.41
N SER A 32 -2.13 -12.28 1.60
CA SER A 32 -2.52 -13.60 2.11
C SER A 32 -3.57 -14.30 1.24
N GLN A 33 -4.41 -13.56 0.51
CA GLN A 33 -5.34 -14.12 -0.48
C GLN A 33 -4.74 -14.28 -1.88
N ARG A 34 -3.62 -13.60 -2.15
CA ARG A 34 -2.85 -13.59 -3.41
C ARG A 34 -3.67 -13.06 -4.62
N THR A 35 -4.49 -12.03 -4.40
CA THR A 35 -5.47 -11.48 -5.36
C THR A 35 -5.27 -9.98 -5.67
N ILE A 36 -4.05 -9.47 -5.51
CA ILE A 36 -3.68 -8.04 -5.71
C ILE A 36 -2.62 -7.82 -6.79
N THR A 37 -2.58 -6.58 -7.29
CA THR A 37 -1.53 -6.03 -8.17
C THR A 37 -0.25 -5.77 -7.37
N VAL A 38 0.91 -6.19 -7.86
CA VAL A 38 2.22 -5.89 -7.25
C VAL A 38 3.31 -5.72 -8.34
N GLY A 39 4.18 -4.73 -8.16
CA GLY A 39 5.21 -4.32 -9.13
C GLY A 39 4.95 -2.92 -9.71
N VAL A 40 6.00 -2.15 -9.96
CA VAL A 40 5.88 -0.74 -10.43
C VAL A 40 5.40 -0.67 -11.88
N TYR A 41 5.96 -1.47 -12.78
CA TYR A 41 5.62 -1.49 -14.21
C TYR A 41 4.36 -2.35 -14.51
N GLU A 42 3.26 -2.07 -13.80
CA GLU A 42 1.92 -2.67 -14.01
C GLU A 42 0.80 -1.62 -14.13
N ALA A 43 1.13 -0.33 -14.32
CA ALA A 43 0.16 0.77 -14.47
C ALA A 43 -0.90 0.51 -15.58
N ALA A 44 -0.45 0.08 -16.75
CA ALA A 44 -1.33 -0.36 -17.84
C ALA A 44 -2.15 -1.61 -17.45
N LYS A 45 -1.51 -2.61 -16.84
CA LYS A 45 -2.14 -3.87 -16.39
C LYS A 45 -3.31 -3.62 -15.44
N LEU A 46 -3.11 -2.90 -14.34
CA LEU A 46 -4.15 -2.58 -13.37
C LEU A 46 -5.31 -1.76 -13.99
N LEU A 47 -5.02 -0.83 -14.92
CA LEU A 47 -6.04 -0.15 -15.74
C LEU A 47 -6.80 -1.09 -16.70
N ASN A 48 -6.18 -2.16 -17.20
CA ASN A 48 -6.78 -3.17 -18.07
C ASN A 48 -7.52 -4.29 -17.30
N VAL A 49 -7.40 -4.37 -15.96
CA VAL A 49 -8.01 -5.43 -15.12
C VAL A 49 -9.25 -4.92 -14.39
N ASP A 50 -9.14 -3.84 -13.59
CA ASP A 50 -10.25 -3.34 -12.75
C ASP A 50 -10.27 -1.79 -12.63
N PRO A 51 -10.43 -1.04 -13.74
CA PRO A 51 -10.31 0.43 -13.78
C PRO A 51 -11.39 1.21 -13.00
N ASP A 52 -12.44 0.53 -12.51
CA ASP A 52 -13.52 1.09 -11.68
C ASP A 52 -13.49 0.58 -10.22
N ASN A 53 -13.02 -0.64 -9.98
CA ASN A 53 -12.95 -1.28 -8.65
C ASN A 53 -11.63 -1.00 -7.89
N VAL A 54 -10.69 -0.27 -8.53
CA VAL A 54 -9.49 0.39 -7.97
C VAL A 54 -9.73 0.96 -6.57
N VAL A 55 -9.23 0.28 -5.53
CA VAL A 55 -9.33 0.75 -4.14
C VAL A 55 -8.22 1.74 -3.82
N LEU A 56 -6.95 1.31 -3.77
CA LEU A 56 -5.84 2.16 -3.33
C LEU A 56 -4.48 1.73 -3.91
N CYS A 57 -3.78 2.69 -4.55
CA CYS A 57 -2.43 2.53 -5.12
C CYS A 57 -1.31 2.97 -4.15
N LEU A 58 -0.34 2.09 -3.85
CA LEU A 58 0.80 2.34 -2.96
C LEU A 58 2.11 2.36 -3.75
N LEU A 59 2.70 3.54 -3.92
CA LEU A 59 4.00 3.74 -4.57
C LEU A 59 5.07 4.03 -3.50
N ALA A 60 6.19 3.29 -3.53
CA ALA A 60 7.24 3.34 -2.51
C ALA A 60 8.60 3.75 -3.12
N ALA A 61 8.91 5.05 -3.06
CA ALA A 61 10.14 5.62 -3.63
C ALA A 61 11.37 5.38 -2.72
N ASP A 62 12.42 4.76 -3.27
CA ASP A 62 13.68 4.42 -2.58
C ASP A 62 14.65 5.63 -2.51
N GLU A 63 15.72 5.54 -1.72
CA GLU A 63 16.87 6.44 -1.82
C GLU A 63 17.55 6.32 -3.20
N ASP A 64 17.47 5.16 -3.83
CA ASP A 64 17.97 4.87 -5.17
C ASP A 64 17.32 5.73 -6.28
N ASP A 65 16.10 6.21 -6.03
CA ASP A 65 15.33 7.12 -6.90
C ASP A 65 16.08 8.43 -7.18
N ASP A 66 16.84 8.91 -6.20
CA ASP A 66 17.64 10.14 -6.25
C ASP A 66 18.75 10.12 -7.32
N ARG A 67 19.10 8.94 -7.84
CA ARG A 67 20.08 8.74 -8.93
C ARG A 67 19.54 8.00 -10.17
N ASP A 68 18.26 7.63 -10.18
CA ASP A 68 17.64 6.80 -11.23
C ASP A 68 16.53 7.56 -11.97
N VAL A 69 16.93 8.32 -13.00
CA VAL A 69 16.02 9.14 -13.83
C VAL A 69 14.93 8.33 -14.53
N ALA A 70 15.19 7.05 -14.85
CA ALA A 70 14.21 6.14 -15.41
C ALA A 70 13.04 5.92 -14.43
N LEU A 71 13.33 5.56 -13.18
CA LEU A 71 12.32 5.42 -12.13
C LEU A 71 11.57 6.74 -11.88
N GLN A 72 12.27 7.88 -11.87
CA GLN A 72 11.64 9.19 -11.62
C GLN A 72 10.50 9.50 -12.60
N ILE A 73 10.78 9.38 -13.91
CA ILE A 73 9.75 9.52 -14.96
C ILE A 73 8.70 8.40 -14.88
N HIS A 74 9.11 7.15 -14.57
CA HIS A 74 8.18 6.04 -14.33
C HIS A 74 7.17 6.35 -13.22
N PHE A 75 7.63 6.92 -12.11
CA PHE A 75 6.81 7.31 -10.96
C PHE A 75 5.84 8.45 -11.31
N THR A 76 6.25 9.47 -12.07
CA THR A 76 5.29 10.53 -12.51
C THR A 76 4.27 10.01 -13.54
N LEU A 77 4.65 9.05 -14.39
CA LEU A 77 3.77 8.37 -15.35
C LEU A 77 2.65 7.59 -14.66
N ILE A 78 2.99 6.59 -13.82
CA ILE A 78 1.98 5.82 -13.05
C ILE A 78 1.12 6.74 -12.17
N GLN A 79 1.68 7.85 -11.69
CA GLN A 79 0.96 8.85 -10.89
C GLN A 79 -0.15 9.53 -11.72
N ALA A 80 0.13 9.95 -12.96
CA ALA A 80 -0.89 10.47 -13.88
C ALA A 80 -2.04 9.47 -14.07
N PHE A 81 -1.70 8.21 -14.35
CA PHE A 81 -2.70 7.16 -14.63
C PHE A 81 -3.54 6.81 -13.38
N CYS A 82 -2.91 6.60 -12.22
CA CYS A 82 -3.66 6.36 -10.99
C CYS A 82 -4.53 7.58 -10.60
N CYS A 83 -4.03 8.82 -10.71
CA CYS A 83 -4.84 10.03 -10.50
C CYS A 83 -6.16 10.06 -11.32
N GLU A 84 -6.12 9.50 -12.53
CA GLU A 84 -7.30 9.40 -13.42
C GLU A 84 -8.35 8.33 -13.00
N ASN A 85 -7.97 7.25 -12.29
CA ASN A 85 -8.84 6.11 -11.97
C ASN A 85 -8.94 5.85 -10.46
N ASP A 86 -7.79 5.68 -9.82
CA ASP A 86 -7.64 5.36 -8.40
C ASP A 86 -8.18 6.47 -7.50
N ILE A 87 -9.41 6.25 -7.03
CA ILE A 87 -10.12 7.09 -6.04
C ILE A 87 -9.24 7.41 -4.81
N ASN A 88 -8.36 6.48 -4.39
CA ASN A 88 -7.36 6.69 -3.33
C ASN A 88 -5.95 6.25 -3.76
N ILE A 89 -4.93 6.98 -3.30
CA ILE A 89 -3.50 6.80 -3.59
C ILE A 89 -2.70 7.23 -2.34
N LEU A 90 -1.52 6.65 -2.10
CA LEU A 90 -0.55 7.07 -1.08
C LEU A 90 0.88 6.80 -1.59
N ARG A 91 1.74 7.84 -1.57
CA ARG A 91 3.19 7.67 -1.84
C ARG A 91 3.98 7.51 -0.55
N VAL A 92 4.41 6.30 -0.24
CA VAL A 92 5.34 6.06 0.86
C VAL A 92 6.80 6.29 0.43
N SER A 93 7.69 6.49 1.41
CA SER A 93 9.11 6.84 1.24
C SER A 93 10.06 5.83 1.92
N ASN A 94 9.53 4.66 2.32
CA ASN A 94 10.29 3.56 2.92
C ASN A 94 9.97 2.20 2.28
N PRO A 95 10.41 1.95 1.03
CA PRO A 95 10.13 0.70 0.32
C PRO A 95 10.81 -0.51 0.94
N GLY A 96 11.92 -0.33 1.68
CA GLY A 96 12.55 -1.41 2.44
C GLY A 96 11.58 -2.05 3.44
N ARG A 97 10.78 -1.22 4.12
CA ARG A 97 9.77 -1.66 5.10
C ARG A 97 8.61 -2.41 4.43
N LEU A 98 8.12 -1.87 3.31
CA LEU A 98 7.06 -2.50 2.52
C LEU A 98 7.54 -3.82 1.90
N ALA A 99 8.76 -3.89 1.36
CA ALA A 99 9.37 -5.12 0.85
C ALA A 99 9.57 -6.18 1.94
N GLU A 100 9.91 -5.76 3.17
CA GLU A 100 9.94 -6.63 4.35
C GLU A 100 8.55 -7.18 4.69
N LEU A 101 7.52 -6.34 4.84
CA LEU A 101 6.15 -6.83 5.17
C LEU A 101 5.61 -7.83 4.14
N LEU A 102 5.95 -7.65 2.85
CA LEU A 102 5.63 -8.53 1.72
C LEU A 102 6.32 -9.92 1.78
N LEU A 103 7.26 -10.12 2.71
CA LEU A 103 7.94 -11.40 2.98
C LEU A 103 7.67 -11.94 4.39
N LEU A 104 7.72 -11.08 5.42
CA LEU A 104 7.47 -11.40 6.84
C LEU A 104 5.99 -11.67 7.14
N GLU A 105 5.08 -11.15 6.31
CA GLU A 105 3.64 -11.45 6.30
C GLU A 105 2.95 -11.27 7.66
N THR A 106 3.12 -10.07 8.26
CA THR A 106 2.82 -9.73 9.66
C THR A 106 1.36 -9.88 10.12
N ASP A 107 0.38 -9.87 9.22
CA ASP A 107 -1.03 -10.18 9.54
C ASP A 107 -1.70 -11.17 8.57
N ALA A 108 -0.90 -11.96 7.85
CA ALA A 108 -1.37 -13.05 6.97
C ALA A 108 -1.88 -14.27 7.76
N GLY A 109 -2.52 -15.21 7.05
CA GLY A 109 -2.86 -16.55 7.54
C GLY A 109 -1.66 -17.50 7.49
N PRO A 110 -1.24 -17.98 6.30
CA PRO A 110 -0.13 -18.93 6.12
C PRO A 110 1.26 -18.23 6.13
N ALA A 111 1.49 -17.32 7.09
CA ALA A 111 2.73 -16.54 7.22
C ALA A 111 4.03 -17.39 7.28
N ALA A 112 3.94 -18.65 7.72
CA ALA A 112 4.99 -19.67 7.61
C ALA A 112 5.15 -20.17 6.15
N SER A 113 5.61 -19.30 5.25
CA SER A 113 5.84 -19.56 3.81
C SER A 113 7.15 -18.90 3.31
N GLU A 114 7.45 -19.02 2.02
CA GLU A 114 8.69 -18.58 1.36
C GLU A 114 8.42 -18.00 -0.05
N GLY A 115 9.44 -17.37 -0.66
CA GLY A 115 9.37 -16.81 -2.02
C GLY A 115 9.21 -17.85 -3.14
N ALA A 116 8.82 -17.37 -4.33
CA ALA A 116 8.60 -18.19 -5.52
C ALA A 116 9.93 -18.48 -6.27
N GLU A 117 10.26 -17.66 -7.28
CA GLU A 117 11.48 -17.75 -8.10
C GLU A 117 12.01 -16.35 -8.47
N GLN A 118 11.31 -15.64 -9.36
CA GLN A 118 11.68 -14.34 -9.91
C GLN A 118 10.47 -13.36 -9.90
N PRO A 119 10.09 -12.83 -8.72
CA PRO A 119 8.97 -11.88 -8.59
C PRO A 119 9.30 -10.48 -9.16
N PRO A 120 8.29 -9.61 -9.35
CA PRO A 120 8.49 -8.21 -9.77
C PRO A 120 9.15 -7.35 -8.67
N ASP A 121 9.45 -6.09 -8.99
CA ASP A 121 10.05 -5.12 -8.06
C ASP A 121 9.07 -4.74 -6.96
N LEU A 122 9.31 -5.23 -5.74
CA LEU A 122 8.49 -5.02 -4.53
C LEU A 122 8.61 -3.58 -3.99
N HIS A 123 8.34 -2.57 -4.84
CA HIS A 123 8.37 -1.12 -4.55
C HIS A 123 7.08 -0.39 -5.00
N CYS A 124 6.08 -1.13 -5.47
CA CYS A 124 4.72 -0.67 -5.78
C CYS A 124 3.73 -1.82 -5.56
N VAL A 125 2.55 -1.52 -5.02
CA VAL A 125 1.48 -2.49 -4.81
C VAL A 125 0.12 -1.80 -4.90
N LEU A 126 -0.92 -2.50 -5.34
CA LEU A 126 -2.29 -1.96 -5.42
C LEU A 126 -3.35 -2.96 -4.98
N VAL A 127 -4.22 -2.50 -4.09
CA VAL A 127 -5.43 -3.18 -3.61
C VAL A 127 -6.65 -2.70 -4.40
N THR A 128 -7.58 -3.61 -4.67
CA THR A 128 -8.81 -3.40 -5.43
C THR A 128 -9.93 -4.27 -4.84
N ASN A 129 -11.17 -3.77 -4.85
CA ASN A 129 -12.36 -4.51 -4.42
C ASN A 129 -12.79 -5.58 -5.46
N PRO A 130 -13.61 -6.57 -5.07
CA PRO A 130 -14.39 -7.41 -6.01
C PRO A 130 -15.59 -6.62 -6.59
N HIS A 131 -16.59 -7.31 -7.15
CA HIS A 131 -17.81 -6.73 -7.73
C HIS A 131 -18.69 -5.93 -6.73
N SER A 132 -18.43 -6.07 -5.43
CA SER A 132 -19.09 -5.36 -4.31
C SER A 132 -18.04 -4.86 -3.29
N SER A 133 -18.45 -4.07 -2.29
CA SER A 133 -17.54 -3.55 -1.26
C SER A 133 -17.01 -4.67 -0.35
N GLN A 134 -15.68 -4.78 -0.23
CA GLN A 134 -14.96 -5.76 0.60
C GLN A 134 -13.95 -5.09 1.54
N TRP A 135 -13.12 -4.19 1.00
CA TRP A 135 -12.07 -3.46 1.72
C TRP A 135 -12.63 -2.32 2.58
N LYS A 136 -13.41 -2.70 3.59
CA LYS A 136 -14.09 -1.85 4.59
C LYS A 136 -13.45 -1.96 5.99
N ASP A 137 -12.29 -2.60 6.09
CA ASP A 137 -11.52 -2.76 7.34
C ASP A 137 -11.27 -1.40 8.03
N PRO A 138 -11.26 -1.32 9.37
CA PRO A 138 -11.13 -0.05 10.10
C PRO A 138 -9.77 0.63 9.87
N ALA A 139 -8.74 -0.15 9.57
CA ALA A 139 -7.44 0.29 9.08
C ALA A 139 -7.56 1.11 7.77
N LEU A 140 -8.13 0.52 6.71
CA LEU A 140 -8.30 1.20 5.42
C LEU A 140 -9.30 2.38 5.51
N SER A 141 -10.30 2.27 6.40
CA SER A 141 -11.20 3.37 6.76
C SER A 141 -10.43 4.59 7.28
N GLN A 142 -9.50 4.38 8.23
CA GLN A 142 -8.59 5.42 8.70
C GLN A 142 -7.64 5.95 7.62
N LEU A 143 -7.20 5.11 6.66
CA LEU A 143 -6.38 5.57 5.53
C LEU A 143 -7.11 6.56 4.61
N ILE A 144 -8.36 6.27 4.21
CA ILE A 144 -9.16 7.23 3.43
C ILE A 144 -9.57 8.46 4.24
N CYS A 145 -9.78 8.34 5.56
CA CYS A 145 -10.00 9.50 6.43
C CYS A 145 -8.77 10.44 6.46
N PHE A 146 -7.57 9.91 6.72
CA PHE A 146 -6.33 10.68 6.70
C PHE A 146 -6.10 11.38 5.35
N CYS A 147 -6.26 10.68 4.21
CA CYS A 147 -6.08 11.30 2.90
C CYS A 147 -7.02 12.50 2.67
N ARG A 148 -8.28 12.41 3.11
CA ARG A 148 -9.31 13.45 2.99
C ARG A 148 -8.91 14.72 3.73
N GLU A 149 -8.51 14.59 5.00
CA GLU A 149 -8.13 15.72 5.85
C GLU A 149 -6.76 16.31 5.45
N SER A 150 -5.80 15.48 4.98
CA SER A 150 -4.55 15.93 4.37
C SER A 150 -4.81 16.77 3.11
N ARG A 151 -5.69 16.30 2.21
CA ARG A 151 -6.14 17.01 1.01
C ARG A 151 -6.76 18.38 1.32
N TYR A 152 -7.52 18.50 2.41
CA TYR A 152 -8.07 19.78 2.89
C TYR A 152 -7.02 20.83 3.30
N MET A 153 -5.75 20.45 3.46
CA MET A 153 -4.60 21.31 3.73
C MET A 153 -3.70 21.52 2.49
N ASP A 154 -4.20 21.19 1.29
CA ASP A 154 -3.51 21.21 -0.02
C ASP A 154 -2.39 20.16 -0.12
N GLN A 155 -2.79 18.89 -0.27
CA GLN A 155 -1.97 17.73 -0.62
C GLN A 155 -2.78 16.78 -1.52
N TRP A 156 -2.45 16.67 -2.81
CA TRP A 156 -3.17 15.81 -3.76
C TRP A 156 -3.18 14.32 -3.34
N VAL A 157 -2.11 13.88 -2.66
CA VAL A 157 -1.98 12.57 -1.99
C VAL A 157 -1.27 12.74 -0.64
N PRO A 158 -1.59 11.91 0.38
CA PRO A 158 -0.75 11.79 1.57
C PRO A 158 0.59 11.12 1.21
N VAL A 159 1.61 11.38 2.03
CA VAL A 159 2.96 10.80 1.91
C VAL A 159 3.54 10.47 3.29
N ILE A 160 4.23 9.32 3.43
CA ILE A 160 4.84 8.95 4.74
C ILE A 160 5.97 7.91 4.65
N ASN A 161 6.78 7.77 5.70
CA ASN A 161 7.77 6.71 5.90
C ASN A 161 7.44 5.87 7.16
N LEU A 162 6.73 4.74 6.98
CA LEU A 162 6.43 3.81 8.07
C LEU A 162 7.73 3.30 8.76
N PRO A 163 7.74 3.10 10.11
CA PRO A 163 8.95 2.79 10.87
C PRO A 163 9.42 1.33 10.69
N GLU A 164 10.74 1.12 10.81
CA GLU A 164 11.43 -0.18 10.62
C GLU A 164 11.57 -0.99 11.93
N ARG A 165 12.18 -2.19 11.80
CA ARG A 165 12.62 -3.08 12.89
C ARG A 165 13.60 -2.40 13.85
N MET A 1 11.54 -25.17 20.18
CA MET A 1 10.13 -25.58 20.42
C MET A 1 9.34 -24.41 21.01
N THR A 2 8.56 -23.70 20.19
CA THR A 2 7.64 -22.61 20.59
C THR A 2 6.35 -22.63 19.78
N LEU A 3 5.27 -22.02 20.30
CA LEU A 3 3.97 -21.88 19.63
C LEU A 3 3.22 -20.63 20.17
N GLU A 4 3.27 -19.52 19.42
CA GLU A 4 2.59 -18.26 19.76
C GLU A 4 2.18 -17.47 18.51
N GLU A 5 0.89 -17.52 18.14
CA GLU A 5 0.32 -16.82 16.97
C GLU A 5 -1.01 -16.09 17.24
N PHE A 6 -1.87 -16.61 18.13
CA PHE A 6 -3.19 -16.06 18.43
C PHE A 6 -3.09 -14.82 19.36
N SER A 7 -2.95 -13.62 18.76
CA SER A 7 -3.01 -12.32 19.45
C SER A 7 -3.56 -11.22 18.53
N ALA A 8 -4.47 -10.39 19.03
CA ALA A 8 -5.11 -9.28 18.32
C ALA A 8 -5.60 -8.16 19.28
N GLY A 9 -6.11 -7.06 18.73
CA GLY A 9 -6.73 -5.94 19.46
C GLY A 9 -7.36 -4.90 18.53
N GLU A 10 -8.11 -3.95 19.11
CA GLU A 10 -8.78 -2.83 18.41
C GLU A 10 -8.77 -1.52 19.23
N GLN A 11 -8.75 -0.39 18.53
CA GLN A 11 -8.84 0.99 19.03
C GLN A 11 -9.65 1.87 18.06
N LYS A 12 -9.97 3.11 18.47
CA LYS A 12 -10.57 4.17 17.62
C LYS A 12 -9.76 5.48 17.72
N THR A 13 -8.72 5.57 16.89
CA THR A 13 -7.82 6.75 16.81
C THR A 13 -7.37 6.97 15.36
N GLU A 14 -7.02 8.20 14.99
CA GLU A 14 -6.56 8.59 13.64
C GLU A 14 -5.32 9.52 13.70
N ARG A 15 -4.14 8.97 13.41
CA ARG A 15 -2.86 9.68 13.26
C ARG A 15 -2.11 9.24 11.99
N MET A 16 -1.13 10.03 11.57
CA MET A 16 -0.35 9.82 10.34
C MET A 16 0.33 8.43 10.28
N ASP A 17 1.05 8.03 11.33
CA ASP A 17 1.74 6.73 11.40
C ASP A 17 0.79 5.52 11.34
N LYS A 18 -0.47 5.69 11.79
CA LYS A 18 -1.51 4.65 11.76
C LYS A 18 -1.89 4.24 10.33
N VAL A 19 -1.65 5.08 9.33
CA VAL A 19 -1.82 4.81 7.89
C VAL A 19 -0.83 3.72 7.42
N GLY A 20 0.43 3.78 7.84
CA GLY A 20 1.46 2.78 7.48
C GLY A 20 1.29 1.45 8.24
N ASP A 21 0.83 1.53 9.49
CA ASP A 21 0.36 0.37 10.27
C ASP A 21 -0.81 -0.35 9.57
N ALA A 22 -1.82 0.43 9.23
CA ALA A 22 -3.01 -0.05 8.51
C ALA A 22 -2.64 -0.71 7.16
N LEU A 23 -1.67 -0.14 6.44
CA LEU A 23 -1.18 -0.66 5.17
C LEU A 23 -0.60 -2.08 5.32
N GLU A 24 0.37 -2.28 6.22
CA GLU A 24 0.92 -3.62 6.47
C GLU A 24 -0.13 -4.68 6.87
N GLU A 25 -1.23 -4.27 7.52
CA GLU A 25 -2.23 -5.21 8.04
C GLU A 25 -3.04 -5.78 6.87
N VAL A 26 -3.53 -4.88 6.02
CA VAL A 26 -4.22 -5.23 4.78
C VAL A 26 -3.31 -6.01 3.83
N LEU A 27 -2.04 -5.62 3.65
CA LEU A 27 -1.09 -6.35 2.80
C LEU A 27 -0.95 -7.84 3.17
N SER A 28 -0.89 -8.14 4.48
CA SER A 28 -0.85 -9.51 5.00
C SER A 28 -2.12 -10.29 4.63
N LYS A 29 -3.29 -9.70 4.85
CA LYS A 29 -4.61 -10.28 4.52
C LYS A 29 -4.82 -10.49 3.01
N ALA A 30 -4.49 -9.49 2.20
CA ALA A 30 -4.71 -9.46 0.76
C ALA A 30 -3.84 -10.50 0.02
N LEU A 31 -2.60 -10.71 0.48
CA LEU A 31 -1.78 -11.85 0.03
C LEU A 31 -2.41 -13.19 0.43
N SER A 32 -2.89 -13.33 1.68
CA SER A 32 -3.47 -14.59 2.19
C SER A 32 -4.64 -15.10 1.32
N GLN A 33 -5.43 -14.20 0.73
CA GLN A 33 -6.53 -14.50 -0.18
C GLN A 33 -6.21 -14.30 -1.68
N ARG A 34 -4.99 -13.84 -1.99
CA ARG A 34 -4.40 -13.67 -3.34
C ARG A 34 -5.18 -12.72 -4.27
N THR A 35 -5.59 -11.55 -3.76
CA THR A 35 -6.41 -10.56 -4.50
C THR A 35 -5.76 -9.19 -4.70
N ILE A 36 -4.45 -9.10 -4.49
CA ILE A 36 -3.67 -7.85 -4.52
C ILE A 36 -2.73 -7.76 -5.74
N THR A 37 -2.41 -6.53 -6.13
CA THR A 37 -1.48 -6.15 -7.20
C THR A 37 -0.16 -5.69 -6.58
N VAL A 38 0.97 -6.07 -7.19
CA VAL A 38 2.33 -5.83 -6.66
C VAL A 38 3.31 -5.48 -7.79
N GLY A 39 4.34 -4.71 -7.45
CA GLY A 39 5.39 -4.24 -8.37
C GLY A 39 5.08 -2.90 -9.02
N VAL A 40 6.13 -2.19 -9.48
CA VAL A 40 6.06 -0.79 -9.93
C VAL A 40 5.25 -0.64 -11.22
N TYR A 41 5.79 -1.15 -12.33
CA TYR A 41 5.30 -0.86 -13.68
C TYR A 41 3.96 -1.54 -14.03
N GLU A 42 3.54 -2.53 -13.23
CA GLU A 42 2.25 -3.24 -13.35
C GLU A 42 1.02 -2.37 -13.04
N ALA A 43 1.18 -1.16 -12.49
CA ALA A 43 0.06 -0.24 -12.24
C ALA A 43 -0.67 0.26 -13.52
N ALA A 44 0.00 0.30 -14.68
CA ALA A 44 -0.63 0.54 -15.99
C ALA A 44 -1.59 -0.58 -16.43
N LYS A 45 -1.16 -1.84 -16.26
CA LYS A 45 -1.97 -3.05 -16.46
C LYS A 45 -3.12 -3.12 -15.46
N LEU A 46 -2.90 -2.77 -14.19
CA LEU A 46 -3.94 -2.61 -13.15
C LEU A 46 -5.14 -1.81 -13.68
N LEU A 47 -4.90 -0.59 -14.17
CA LEU A 47 -5.99 0.26 -14.69
C LEU A 47 -6.67 -0.36 -15.93
N ASN A 48 -5.89 -0.85 -16.89
CA ASN A 48 -6.38 -1.38 -18.16
C ASN A 48 -7.14 -2.72 -18.06
N VAL A 49 -6.86 -3.54 -17.04
CA VAL A 49 -7.48 -4.86 -16.83
C VAL A 49 -8.82 -4.74 -16.10
N ASP A 50 -8.89 -4.03 -14.97
CA ASP A 50 -10.14 -3.82 -14.20
C ASP A 50 -10.25 -2.38 -13.63
N PRO A 51 -10.71 -1.39 -14.43
CA PRO A 51 -10.86 0.00 -14.00
C PRO A 51 -11.99 0.25 -12.99
N ASP A 52 -12.82 -0.76 -12.69
CA ASP A 52 -13.86 -0.75 -11.65
C ASP A 52 -13.37 -1.25 -10.28
N ASN A 53 -12.45 -2.23 -10.26
CA ASN A 53 -12.01 -2.95 -9.05
C ASN A 53 -10.96 -2.16 -8.25
N VAL A 54 -10.11 -1.38 -8.92
CA VAL A 54 -9.12 -0.46 -8.32
C VAL A 54 -9.63 0.24 -7.05
N VAL A 55 -8.80 0.39 -6.00
CA VAL A 55 -9.16 1.26 -4.87
C VAL A 55 -8.03 2.18 -4.33
N LEU A 56 -6.80 1.68 -4.10
CA LEU A 56 -5.70 2.48 -3.54
C LEU A 56 -4.30 2.00 -3.97
N CYS A 57 -3.55 2.85 -4.66
CA CYS A 57 -2.15 2.62 -5.02
C CYS A 57 -1.17 3.13 -3.94
N LEU A 58 -0.24 2.27 -3.47
CA LEU A 58 0.86 2.65 -2.58
C LEU A 58 2.21 2.46 -3.27
N LEU A 59 2.88 3.57 -3.60
CA LEU A 59 4.14 3.59 -4.35
C LEU A 59 5.30 3.98 -3.41
N ALA A 60 6.35 3.15 -3.31
CA ALA A 60 7.41 3.24 -2.30
C ALA A 60 8.81 3.56 -2.90
N ALA A 61 9.28 4.78 -2.70
CA ALA A 61 10.53 5.32 -3.24
C ALA A 61 11.66 5.34 -2.18
N ASP A 62 12.82 4.73 -2.48
CA ASP A 62 14.04 4.82 -1.68
C ASP A 62 14.71 6.20 -1.85
N GLU A 63 15.61 6.58 -0.94
CA GLU A 63 16.49 7.73 -1.12
C GLU A 63 17.39 7.53 -2.37
N ASP A 64 17.93 6.32 -2.54
CA ASP A 64 18.75 5.95 -3.69
C ASP A 64 17.97 5.94 -5.02
N ASP A 65 16.65 5.78 -4.98
CA ASP A 65 15.79 5.80 -6.18
C ASP A 65 15.77 7.17 -6.86
N ASP A 66 16.18 8.23 -6.16
CA ASP A 66 16.30 9.58 -6.70
C ASP A 66 17.30 9.67 -7.87
N ARG A 67 18.25 8.71 -7.99
CA ARG A 67 19.20 8.62 -9.11
C ARG A 67 18.59 8.22 -10.45
N ASP A 68 17.37 7.70 -10.46
CA ASP A 68 16.71 7.07 -11.62
C ASP A 68 15.45 7.84 -12.02
N VAL A 69 15.64 8.88 -12.84
CA VAL A 69 14.54 9.76 -13.31
C VAL A 69 13.43 8.99 -14.03
N ALA A 70 13.75 7.88 -14.70
CA ALA A 70 12.77 7.02 -15.36
C ALA A 70 11.75 6.45 -14.35
N LEU A 71 12.20 5.79 -13.28
CA LEU A 71 11.34 5.29 -12.21
C LEU A 71 10.57 6.41 -11.48
N GLN A 72 11.21 7.57 -11.22
CA GLN A 72 10.51 8.71 -10.62
C GLN A 72 9.37 9.22 -11.52
N ILE A 73 9.60 9.34 -12.83
CA ILE A 73 8.54 9.62 -13.82
C ILE A 73 7.49 8.50 -13.83
N HIS A 74 7.87 7.22 -13.77
CA HIS A 74 6.91 6.09 -13.69
C HIS A 74 5.94 6.25 -12.52
N PHE A 75 6.43 6.61 -11.32
CA PHE A 75 5.57 6.93 -10.18
C PHE A 75 4.59 8.07 -10.48
N THR A 76 5.06 9.21 -11.03
CA THR A 76 4.19 10.37 -11.33
C THR A 76 3.18 10.07 -12.44
N LEU A 77 3.60 9.32 -13.46
CA LEU A 77 2.77 8.83 -14.56
C LEU A 77 1.65 7.90 -14.06
N ILE A 78 2.00 6.88 -13.28
CA ILE A 78 1.04 5.96 -12.65
C ILE A 78 0.03 6.72 -11.78
N GLN A 79 0.49 7.77 -11.11
CA GLN A 79 -0.37 8.66 -10.33
C GLN A 79 -1.44 9.36 -11.20
N ALA A 80 -1.13 9.75 -12.43
CA ALA A 80 -2.12 10.22 -13.41
C ALA A 80 -3.13 9.11 -13.73
N PHE A 81 -2.63 7.90 -13.99
CA PHE A 81 -3.42 6.74 -14.41
C PHE A 81 -4.44 6.33 -13.35
N CYS A 82 -4.01 6.03 -12.12
CA CYS A 82 -4.95 5.73 -11.02
C CYS A 82 -5.97 6.86 -10.77
N CYS A 83 -5.54 8.13 -10.73
CA CYS A 83 -6.44 9.28 -10.57
C CYS A 83 -7.60 9.33 -11.57
N GLU A 84 -7.40 8.84 -12.79
CA GLU A 84 -8.42 8.81 -13.87
C GLU A 84 -9.78 8.20 -13.45
N ASN A 85 -9.78 7.14 -12.62
CA ASN A 85 -11.01 6.49 -12.14
C ASN A 85 -11.34 6.84 -10.66
N ASP A 86 -10.80 7.96 -10.14
CA ASP A 86 -10.86 8.42 -8.76
C ASP A 86 -10.41 7.33 -7.75
N ILE A 87 -9.17 6.88 -7.96
CA ILE A 87 -8.44 5.83 -7.27
C ILE A 87 -7.27 6.52 -6.58
N ASN A 88 -7.53 6.88 -5.33
CA ASN A 88 -6.56 7.54 -4.44
C ASN A 88 -5.24 6.76 -4.28
N ILE A 89 -4.25 7.41 -3.66
CA ILE A 89 -2.83 7.07 -3.77
C ILE A 89 -1.97 7.84 -2.76
N LEU A 90 -1.08 7.13 -2.05
CA LEU A 90 -0.01 7.72 -1.23
C LEU A 90 1.38 7.34 -1.79
N ARG A 91 2.40 8.13 -1.40
CA ARG A 91 3.82 7.86 -1.70
C ARG A 91 4.62 7.66 -0.41
N VAL A 92 5.12 6.45 -0.17
CA VAL A 92 5.94 6.18 1.02
C VAL A 92 7.44 6.24 0.69
N SER A 93 8.24 6.49 1.73
CA SER A 93 9.68 6.78 1.64
C SER A 93 10.56 5.67 2.25
N ASN A 94 9.95 4.53 2.63
CA ASN A 94 10.63 3.37 3.22
C ASN A 94 10.25 2.05 2.51
N PRO A 95 10.64 1.84 1.23
CA PRO A 95 10.40 0.60 0.52
C PRO A 95 11.12 -0.59 1.16
N GLY A 96 12.21 -0.36 1.90
CA GLY A 96 12.90 -1.39 2.68
C GLY A 96 11.96 -2.14 3.64
N ARG A 97 11.01 -1.45 4.28
CA ARG A 97 10.04 -2.07 5.20
C ARG A 97 8.92 -2.79 4.46
N LEU A 98 8.36 -2.14 3.45
CA LEU A 98 7.38 -2.76 2.55
C LEU A 98 7.93 -4.06 1.94
N ALA A 99 9.21 -4.05 1.60
CA ALA A 99 9.95 -5.21 1.10
C ALA A 99 10.18 -6.27 2.20
N GLU A 100 10.49 -5.89 3.44
CA GLU A 100 10.53 -6.86 4.55
C GLU A 100 9.18 -7.56 4.74
N LEU A 101 8.08 -6.80 4.64
CA LEU A 101 6.71 -7.33 4.71
C LEU A 101 6.43 -8.45 3.69
N LEU A 102 7.10 -8.48 2.51
CA LEU A 102 6.93 -9.55 1.51
C LEU A 102 7.24 -10.96 2.06
N LEU A 103 8.14 -11.03 3.05
CA LEU A 103 8.71 -12.25 3.63
C LEU A 103 8.21 -12.50 5.07
N LEU A 104 8.00 -11.43 5.85
CA LEU A 104 7.31 -11.49 7.14
C LEU A 104 5.80 -11.80 7.01
N GLU A 105 5.22 -11.60 5.83
CA GLU A 105 3.78 -11.69 5.56
C GLU A 105 3.11 -12.91 6.22
N THR A 106 2.01 -12.70 6.95
CA THR A 106 1.33 -13.74 7.75
C THR A 106 0.89 -14.98 6.96
N ASP A 107 0.84 -14.91 5.62
CA ASP A 107 0.75 -16.07 4.71
C ASP A 107 1.75 -16.01 3.52
N ALA A 108 2.87 -15.30 3.72
CA ALA A 108 4.04 -15.23 2.82
C ALA A 108 4.45 -16.60 2.25
N GLY A 109 4.68 -16.62 0.94
CA GLY A 109 4.98 -17.80 0.12
C GLY A 109 6.42 -17.79 -0.42
N PRO A 110 6.72 -18.60 -1.46
CA PRO A 110 8.03 -18.66 -2.11
C PRO A 110 8.38 -17.41 -2.95
N ALA A 111 7.48 -16.42 -3.06
CA ALA A 111 7.70 -15.18 -3.81
C ALA A 111 8.74 -14.29 -3.11
N ALA A 112 9.93 -14.16 -3.72
CA ALA A 112 10.99 -13.24 -3.27
C ALA A 112 11.87 -12.75 -4.45
N SER A 113 12.44 -11.55 -4.31
CA SER A 113 13.34 -10.90 -5.28
C SER A 113 14.44 -10.11 -4.54
N GLU A 114 15.58 -10.75 -4.29
CA GLU A 114 16.78 -10.11 -3.68
C GLU A 114 18.07 -10.74 -4.26
N GLY A 115 19.18 -10.00 -4.20
CA GLY A 115 20.47 -10.38 -4.80
C GLY A 115 20.40 -10.57 -6.32
N ALA A 116 21.37 -11.31 -6.88
CA ALA A 116 21.40 -11.89 -8.23
C ALA A 116 21.29 -10.92 -9.44
N GLU A 117 21.25 -9.60 -9.20
CA GLU A 117 20.96 -8.53 -10.18
C GLU A 117 19.55 -8.69 -10.79
N GLN A 118 18.54 -8.36 -10.00
CA GLN A 118 17.10 -8.46 -10.31
C GLN A 118 16.51 -7.07 -10.71
N PRO A 119 15.39 -7.03 -11.47
CA PRO A 119 14.75 -5.78 -11.89
C PRO A 119 14.07 -5.01 -10.73
N PRO A 120 13.67 -3.74 -10.93
CA PRO A 120 12.96 -2.93 -9.92
C PRO A 120 11.52 -3.40 -9.73
N ASP A 121 11.33 -4.34 -8.81
CA ASP A 121 10.05 -4.93 -8.39
C ASP A 121 9.82 -4.77 -6.87
N LEU A 122 8.65 -5.18 -6.37
CA LEU A 122 8.23 -5.17 -4.94
C LEU A 122 8.26 -3.78 -4.25
N HIS A 123 8.60 -2.70 -4.97
CA HIS A 123 8.62 -1.30 -4.52
C HIS A 123 7.26 -0.58 -4.62
N CYS A 124 6.20 -1.27 -5.04
CA CYS A 124 4.83 -0.74 -5.11
C CYS A 124 3.84 -1.86 -4.77
N VAL A 125 2.77 -1.55 -4.04
CA VAL A 125 1.71 -2.49 -3.63
C VAL A 125 0.34 -1.81 -3.74
N LEU A 126 -0.55 -2.35 -4.56
CA LEU A 126 -1.73 -1.67 -5.09
C LEU A 126 -2.97 -2.47 -4.66
N VAL A 127 -3.63 -1.95 -3.63
CA VAL A 127 -4.82 -2.53 -2.99
C VAL A 127 -6.04 -2.23 -3.87
N THR A 128 -6.86 -3.26 -4.14
CA THR A 128 -7.91 -3.26 -5.13
C THR A 128 -9.08 -4.10 -4.62
N ASN A 129 -10.28 -3.50 -4.57
CA ASN A 129 -11.50 -4.09 -3.98
C ASN A 129 -12.12 -5.21 -4.85
N PRO A 130 -12.91 -6.12 -4.27
CA PRO A 130 -13.68 -7.11 -5.04
C PRO A 130 -14.89 -6.49 -5.74
N HIS A 131 -15.70 -5.68 -5.02
CA HIS A 131 -16.85 -4.89 -5.52
C HIS A 131 -17.23 -3.68 -4.64
N SER A 132 -17.02 -3.77 -3.31
CA SER A 132 -17.41 -2.76 -2.32
C SER A 132 -16.69 -1.40 -2.51
N SER A 133 -17.29 -0.32 -1.98
CA SER A 133 -16.77 1.06 -2.04
C SER A 133 -15.44 1.28 -1.31
N GLN A 134 -15.01 0.30 -0.50
CA GLN A 134 -13.73 0.21 0.20
C GLN A 134 -13.27 -1.26 0.28
N TRP A 135 -12.04 -1.53 0.74
CA TRP A 135 -11.49 -2.88 0.89
C TRP A 135 -12.07 -3.68 2.10
N LYS A 136 -13.22 -3.27 2.66
CA LYS A 136 -13.95 -3.81 3.82
C LYS A 136 -13.24 -3.65 5.17
N ASP A 137 -11.93 -3.87 5.24
CA ASP A 137 -11.11 -3.74 6.46
C ASP A 137 -11.10 -2.28 6.99
N PRO A 138 -11.29 -2.04 8.30
CA PRO A 138 -11.30 -0.69 8.87
C PRO A 138 -9.94 0.01 8.82
N ALA A 139 -8.86 -0.77 8.69
CA ALA A 139 -7.51 -0.32 8.38
C ALA A 139 -7.50 0.50 7.06
N LEU A 140 -7.94 -0.10 5.95
CA LEU A 140 -7.98 0.59 4.65
C LEU A 140 -8.98 1.76 4.63
N SER A 141 -10.10 1.67 5.36
CA SER A 141 -10.97 2.83 5.60
C SER A 141 -10.19 4.02 6.20
N GLN A 142 -9.34 3.78 7.20
CA GLN A 142 -8.48 4.81 7.80
C GLN A 142 -7.42 5.38 6.84
N LEU A 143 -6.85 4.58 5.91
CA LEU A 143 -6.01 5.13 4.84
C LEU A 143 -6.78 6.13 3.96
N ILE A 144 -7.99 5.77 3.51
CA ILE A 144 -8.85 6.64 2.68
C ILE A 144 -9.26 7.93 3.44
N CYS A 145 -9.50 7.82 4.76
CA CYS A 145 -9.72 9.00 5.62
C CYS A 145 -8.54 9.99 5.60
N PHE A 146 -7.32 9.52 5.90
CA PHE A 146 -6.08 10.31 5.79
C PHE A 146 -5.91 10.98 4.40
N CYS A 147 -6.21 10.27 3.31
CA CYS A 147 -6.17 10.81 1.95
C CYS A 147 -7.04 12.08 1.82
N ARG A 148 -8.31 12.04 2.22
CA ARG A 148 -9.22 13.22 2.20
C ARG A 148 -8.68 14.41 2.99
N GLU A 149 -8.17 14.19 4.19
CA GLU A 149 -7.68 15.27 5.07
C GLU A 149 -6.51 16.05 4.46
N SER A 150 -5.45 15.36 4.01
CA SER A 150 -4.29 15.99 3.37
C SER A 150 -4.60 16.61 2.01
N ARG A 151 -5.53 16.03 1.23
CA ARG A 151 -6.08 16.64 0.01
C ARG A 151 -6.72 18.00 0.30
N TYR A 152 -7.46 18.13 1.41
CA TYR A 152 -8.00 19.43 1.87
C TYR A 152 -6.92 20.42 2.35
N MET A 153 -5.75 19.93 2.79
CA MET A 153 -4.55 20.73 3.09
C MET A 153 -3.77 21.15 1.81
N ASP A 154 -4.26 20.78 0.62
CA ASP A 154 -3.74 21.06 -0.74
C ASP A 154 -2.65 20.07 -1.22
N GLN A 155 -2.24 19.11 -0.39
CA GLN A 155 -1.34 18.01 -0.77
C GLN A 155 -2.12 16.95 -1.57
N TRP A 156 -2.00 16.98 -2.91
CA TRP A 156 -2.67 16.06 -3.84
C TRP A 156 -2.50 14.59 -3.43
N VAL A 157 -1.27 14.22 -3.05
CA VAL A 157 -0.86 12.89 -2.56
C VAL A 157 0.11 13.06 -1.38
N PRO A 158 -0.31 12.84 -0.11
CA PRO A 158 0.62 12.93 1.02
C PRO A 158 1.60 11.76 1.06
N VAL A 159 2.61 11.90 1.94
CA VAL A 159 3.78 11.01 2.01
C VAL A 159 4.14 10.62 3.45
N ILE A 160 4.73 9.43 3.64
CA ILE A 160 5.20 9.00 4.98
C ILE A 160 6.31 7.92 4.96
N ASN A 161 6.95 7.69 6.10
CA ASN A 161 7.95 6.65 6.37
C ASN A 161 7.59 5.84 7.64
N LEU A 162 6.86 4.73 7.47
CA LEU A 162 6.61 3.78 8.58
C LEU A 162 7.92 3.14 9.11
N PRO A 163 8.02 2.79 10.41
CA PRO A 163 9.24 2.23 11.00
C PRO A 163 9.39 0.72 10.74
N GLU A 164 10.64 0.22 10.75
CA GLU A 164 10.94 -1.21 10.70
C GLU A 164 10.66 -1.95 12.03
N ARG A 165 10.68 -3.30 11.98
CA ARG A 165 10.54 -4.20 13.13
C ARG A 165 11.82 -4.24 13.99
N MET A 1 -11.28 -30.08 24.28
CA MET A 1 -12.74 -30.08 24.00
C MET A 1 -13.32 -28.66 24.15
N THR A 2 -14.42 -28.37 23.44
CA THR A 2 -15.25 -27.14 23.54
C THR A 2 -14.47 -25.81 23.48
N LEU A 3 -14.21 -25.30 22.27
CA LEU A 3 -13.60 -23.99 22.00
C LEU A 3 -14.50 -23.11 21.13
N GLU A 4 -14.66 -21.85 21.52
CA GLU A 4 -15.47 -20.83 20.82
C GLU A 4 -14.88 -19.40 20.90
N GLU A 5 -13.74 -19.22 21.57
CA GLU A 5 -13.09 -17.92 21.75
C GLU A 5 -12.29 -17.45 20.52
N PHE A 6 -12.71 -16.31 19.94
CA PHE A 6 -12.00 -15.54 18.92
C PHE A 6 -12.65 -14.15 18.71
N SER A 7 -12.08 -13.10 19.32
CA SER A 7 -12.54 -11.70 19.17
C SER A 7 -11.42 -10.69 19.45
N ALA A 8 -11.52 -9.49 18.84
CA ALA A 8 -10.65 -8.33 19.05
C ALA A 8 -11.37 -7.01 18.68
N GLY A 9 -10.74 -5.85 18.95
CA GLY A 9 -11.18 -4.53 18.51
C GLY A 9 -11.40 -3.51 19.65
N GLU A 10 -10.44 -2.60 19.81
CA GLU A 10 -10.48 -1.42 20.71
C GLU A 10 -9.82 -0.19 20.08
N GLN A 11 -9.93 0.97 20.75
CA GLN A 11 -9.52 2.33 20.36
C GLN A 11 -10.25 2.92 19.12
N LYS A 12 -10.46 4.24 19.15
CA LYS A 12 -10.97 5.09 18.05
C LYS A 12 -10.16 6.39 17.98
N THR A 13 -8.93 6.30 17.49
CA THR A 13 -7.92 7.37 17.40
C THR A 13 -7.08 7.26 16.13
N GLU A 14 -6.39 8.35 15.77
CA GLU A 14 -5.47 8.46 14.62
C GLU A 14 -4.05 8.89 15.05
N ARG A 15 -3.03 8.45 14.32
CA ARG A 15 -1.60 8.79 14.53
C ARG A 15 -0.80 8.56 13.23
N MET A 16 0.33 9.27 13.08
CA MET A 16 1.20 9.23 11.90
C MET A 16 1.71 7.81 11.60
N ASP A 17 2.33 7.16 12.58
CA ASP A 17 2.78 5.76 12.49
C ASP A 17 1.64 4.76 12.25
N LYS A 18 0.43 5.07 12.72
CA LYS A 18 -0.76 4.22 12.53
C LYS A 18 -1.12 4.05 11.05
N VAL A 19 -0.87 5.05 10.21
CA VAL A 19 -1.06 5.01 8.75
C VAL A 19 -0.19 3.91 8.11
N GLY A 20 1.11 3.88 8.42
CA GLY A 20 2.07 2.91 7.87
C GLY A 20 1.81 1.49 8.35
N ASP A 21 1.49 1.35 9.64
CA ASP A 21 1.06 0.09 10.29
C ASP A 21 -0.20 -0.49 9.62
N ALA A 22 -1.23 0.37 9.51
CA ALA A 22 -2.48 0.04 8.84
C ALA A 22 -2.26 -0.45 7.40
N LEU A 23 -1.36 0.23 6.67
CA LEU A 23 -1.09 -0.04 5.27
C LEU A 23 -0.52 -1.44 5.06
N GLU A 24 0.53 -1.83 5.79
CA GLU A 24 1.06 -3.19 5.71
C GLU A 24 0.11 -4.28 6.25
N GLU A 25 -0.91 -3.93 7.05
CA GLU A 25 -1.82 -4.95 7.61
C GLU A 25 -2.83 -5.40 6.54
N VAL A 26 -3.45 -4.42 5.88
CA VAL A 26 -4.32 -4.63 4.72
C VAL A 26 -3.57 -5.30 3.57
N LEU A 27 -2.37 -4.81 3.24
CA LEU A 27 -1.56 -5.42 2.18
C LEU A 27 -1.18 -6.87 2.49
N SER A 28 -0.93 -7.22 3.75
CA SER A 28 -0.67 -8.63 4.15
C SER A 28 -1.86 -9.54 3.83
N LYS A 29 -3.08 -9.13 4.21
CA LYS A 29 -4.34 -9.85 3.90
C LYS A 29 -4.55 -10.02 2.41
N ALA A 30 -4.42 -8.93 1.65
CA ALA A 30 -4.65 -8.86 0.21
C ALA A 30 -3.63 -9.71 -0.57
N LEU A 31 -2.36 -9.65 -0.18
CA LEU A 31 -1.28 -10.50 -0.69
C LEU A 31 -1.50 -11.99 -0.39
N SER A 32 -1.97 -12.34 0.82
CA SER A 32 -2.31 -13.74 1.15
C SER A 32 -3.31 -14.34 0.17
N GLN A 33 -4.32 -13.55 -0.18
CA GLN A 33 -5.39 -13.89 -1.13
C GLN A 33 -5.00 -13.80 -2.61
N ARG A 34 -3.87 -13.14 -2.90
CA ARG A 34 -3.37 -12.81 -4.24
C ARG A 34 -4.40 -12.12 -5.14
N THR A 35 -5.34 -11.38 -4.54
CA THR A 35 -6.39 -10.57 -5.20
C THR A 35 -5.91 -9.17 -5.62
N ILE A 36 -4.59 -9.00 -5.77
CA ILE A 36 -3.88 -7.73 -5.97
C ILE A 36 -2.87 -7.78 -7.13
N THR A 37 -2.29 -6.61 -7.43
CA THR A 37 -1.19 -6.38 -8.38
C THR A 37 0.07 -6.00 -7.62
N VAL A 38 1.24 -6.33 -8.18
CA VAL A 38 2.56 -5.97 -7.66
C VAL A 38 3.53 -5.60 -8.80
N GLY A 39 4.48 -4.71 -8.53
CA GLY A 39 5.50 -4.22 -9.47
C GLY A 39 5.17 -2.84 -10.03
N VAL A 40 6.20 -1.98 -10.18
CA VAL A 40 6.07 -0.58 -10.63
C VAL A 40 5.59 -0.49 -12.09
N TYR A 41 6.14 -1.34 -12.95
CA TYR A 41 5.94 -1.30 -14.41
C TYR A 41 4.62 -1.94 -14.89
N GLU A 42 3.80 -2.48 -13.97
CA GLU A 42 2.47 -3.06 -14.26
C GLU A 42 1.31 -2.03 -14.28
N ALA A 43 1.59 -0.72 -14.32
CA ALA A 43 0.61 0.37 -14.44
C ALA A 43 -0.45 0.14 -15.56
N ALA A 44 0.01 -0.04 -16.80
CA ALA A 44 -0.87 -0.34 -17.94
C ALA A 44 -1.67 -1.63 -17.73
N LYS A 45 -1.04 -2.68 -17.16
CA LYS A 45 -1.68 -3.95 -16.83
C LYS A 45 -2.81 -3.81 -15.80
N LEU A 46 -2.60 -3.06 -14.71
CA LEU A 46 -3.63 -2.79 -13.70
C LEU A 46 -4.90 -2.19 -14.32
N LEU A 47 -4.76 -1.19 -15.20
CA LEU A 47 -5.89 -0.61 -15.94
C LEU A 47 -6.56 -1.61 -16.92
N ASN A 48 -5.81 -2.56 -17.48
CA ASN A 48 -6.31 -3.59 -18.38
C ASN A 48 -6.84 -4.86 -17.70
N VAL A 49 -6.75 -4.99 -16.36
CA VAL A 49 -7.10 -6.21 -15.60
C VAL A 49 -8.32 -5.99 -14.69
N ASP A 50 -8.40 -4.89 -13.94
CA ASP A 50 -9.51 -4.60 -13.01
C ASP A 50 -9.97 -3.12 -13.01
N PRO A 51 -10.31 -2.51 -14.17
CA PRO A 51 -10.60 -1.06 -14.26
C PRO A 51 -11.83 -0.57 -13.45
N ASP A 52 -12.79 -1.46 -13.17
CA ASP A 52 -14.00 -1.18 -12.38
C ASP A 52 -13.86 -1.59 -10.90
N ASN A 53 -12.96 -2.52 -10.61
CA ASN A 53 -12.69 -3.12 -9.30
C ASN A 53 -11.61 -2.35 -8.53
N VAL A 54 -10.62 -1.81 -9.25
CA VAL A 54 -9.54 -1.00 -8.68
C VAL A 54 -10.05 0.18 -7.87
N VAL A 55 -9.39 0.46 -6.73
CA VAL A 55 -9.68 1.64 -5.90
C VAL A 55 -8.44 2.41 -5.47
N LEU A 56 -7.34 1.75 -5.05
CA LEU A 56 -6.11 2.50 -4.70
C LEU A 56 -4.74 1.78 -4.84
N CYS A 57 -3.69 2.58 -5.04
CA CYS A 57 -2.31 2.12 -5.28
C CYS A 57 -1.31 2.62 -4.22
N LEU A 58 -0.33 1.78 -3.86
CA LEU A 58 0.66 1.99 -2.82
C LEU A 58 2.09 1.92 -3.42
N LEU A 59 2.72 3.08 -3.57
CA LEU A 59 4.03 3.24 -4.22
C LEU A 59 5.13 3.47 -3.16
N ALA A 60 6.28 2.79 -3.26
CA ALA A 60 7.33 2.79 -2.24
C ALA A 60 8.70 3.23 -2.79
N ALA A 61 9.07 4.48 -2.50
CA ALA A 61 10.26 5.13 -3.03
C ALA A 61 11.46 5.04 -2.05
N ASP A 62 12.49 4.27 -2.42
CA ASP A 62 13.77 4.12 -1.72
C ASP A 62 14.58 5.44 -1.64
N GLU A 63 15.62 5.48 -0.80
CA GLU A 63 16.63 6.56 -0.89
C GLU A 63 17.37 6.53 -2.25
N ASP A 64 17.68 5.34 -2.77
CA ASP A 64 18.32 5.17 -4.08
C ASP A 64 17.41 5.56 -5.27
N ASP A 65 16.09 5.59 -5.07
CA ASP A 65 15.11 6.05 -6.06
C ASP A 65 15.28 7.55 -6.39
N ASP A 66 15.87 8.32 -5.47
CA ASP A 66 16.21 9.74 -5.67
C ASP A 66 17.24 9.95 -6.81
N ARG A 67 17.87 8.86 -7.29
CA ARG A 67 18.85 8.80 -8.38
C ARG A 67 18.37 7.98 -9.59
N ASP A 68 17.12 7.51 -9.60
CA ASP A 68 16.49 6.76 -10.69
C ASP A 68 15.32 7.56 -11.28
N VAL A 69 15.65 8.50 -12.17
CA VAL A 69 14.67 9.41 -12.82
C VAL A 69 13.60 8.66 -13.62
N ALA A 70 13.93 7.50 -14.20
CA ALA A 70 12.98 6.65 -14.92
C ALA A 70 11.87 6.14 -13.99
N LEU A 71 12.25 5.54 -12.85
CA LEU A 71 11.30 5.03 -11.87
C LEU A 71 10.46 6.15 -11.21
N GLN A 72 11.06 7.32 -10.97
CA GLN A 72 10.35 8.51 -10.50
C GLN A 72 9.25 8.96 -11.50
N ILE A 73 9.56 9.02 -12.80
CA ILE A 73 8.55 9.25 -13.86
C ILE A 73 7.51 8.13 -13.88
N HIS A 74 7.88 6.85 -13.70
CA HIS A 74 6.91 5.74 -13.60
C HIS A 74 5.89 5.93 -12.46
N PHE A 75 6.31 6.47 -11.30
CA PHE A 75 5.40 6.86 -10.21
C PHE A 75 4.43 7.98 -10.64
N THR A 76 4.88 9.01 -11.36
CA THR A 76 3.99 10.06 -11.90
C THR A 76 3.03 9.52 -12.97
N LEU A 77 3.50 8.63 -13.83
CA LEU A 77 2.76 7.98 -14.91
C LEU A 77 1.55 7.19 -14.39
N ILE A 78 1.79 6.20 -13.51
CA ILE A 78 0.72 5.42 -12.87
C ILE A 78 -0.26 6.34 -12.13
N GLN A 79 0.22 7.45 -11.55
CA GLN A 79 -0.62 8.42 -10.85
C GLN A 79 -1.61 9.13 -11.79
N ALA A 80 -1.15 9.62 -12.96
CA ALA A 80 -2.01 10.21 -13.99
C ALA A 80 -3.14 9.24 -14.42
N PHE A 81 -2.78 8.00 -14.74
CA PHE A 81 -3.74 7.01 -15.25
C PHE A 81 -4.75 6.58 -14.18
N CYS A 82 -4.29 6.27 -12.97
CA CYS A 82 -5.13 5.99 -11.81
C CYS A 82 -6.11 7.16 -11.51
N CYS A 83 -5.64 8.41 -11.50
CA CYS A 83 -6.49 9.59 -11.33
C CYS A 83 -7.66 9.66 -12.34
N GLU A 84 -7.45 9.23 -13.59
CA GLU A 84 -8.48 9.20 -14.63
C GLU A 84 -9.70 8.31 -14.28
N ASN A 85 -9.52 7.24 -13.49
CA ASN A 85 -10.60 6.36 -12.99
C ASN A 85 -10.97 6.65 -11.51
N ASP A 86 -10.56 7.80 -10.96
CA ASP A 86 -10.68 8.22 -9.56
C ASP A 86 -10.13 7.17 -8.57
N ILE A 87 -8.90 6.75 -8.84
CA ILE A 87 -8.09 5.75 -8.14
C ILE A 87 -6.97 6.50 -7.42
N ASN A 88 -7.28 6.88 -6.19
CA ASN A 88 -6.35 7.52 -5.25
C ASN A 88 -5.06 6.69 -5.05
N ILE A 89 -3.99 7.33 -4.55
CA ILE A 89 -2.65 6.75 -4.37
C ILE A 89 -2.03 7.28 -3.06
N LEU A 90 -1.20 6.47 -2.41
CA LEU A 90 -0.32 6.88 -1.30
C LEU A 90 1.14 6.49 -1.63
N ARG A 91 2.05 7.49 -1.59
CA ARG A 91 3.51 7.23 -1.71
C ARG A 91 4.16 7.12 -0.33
N VAL A 92 4.68 5.95 0.04
CA VAL A 92 5.57 5.83 1.20
C VAL A 92 7.01 6.18 0.85
N SER A 93 7.73 6.74 1.82
CA SER A 93 9.13 7.18 1.71
C SER A 93 10.10 6.22 2.44
N ASN A 94 9.58 5.08 2.93
CA ASN A 94 10.31 4.04 3.65
C ASN A 94 10.39 2.74 2.83
N PRO A 95 11.55 2.42 2.20
CA PRO A 95 11.75 1.11 1.58
C PRO A 95 11.71 -0.01 2.63
N GLY A 96 12.01 0.30 3.90
CA GLY A 96 11.78 -0.58 5.05
C GLY A 96 10.31 -1.01 5.22
N ARG A 97 9.33 -0.17 4.88
CA ARG A 97 7.89 -0.54 4.88
C ARG A 97 7.66 -1.71 3.95
N LEU A 98 8.13 -1.55 2.72
CA LEU A 98 7.99 -2.60 1.70
C LEU A 98 8.83 -3.83 2.03
N ALA A 99 10.04 -3.64 2.55
CA ALA A 99 10.93 -4.77 2.88
C ALA A 99 10.39 -5.62 4.04
N GLU A 100 9.72 -4.98 5.01
CA GLU A 100 9.10 -5.68 6.13
C GLU A 100 7.80 -6.38 5.71
N LEU A 101 6.99 -5.80 4.83
CA LEU A 101 5.83 -6.48 4.23
C LEU A 101 6.25 -7.82 3.58
N LEU A 102 7.28 -7.78 2.73
CA LEU A 102 7.84 -8.91 1.99
C LEU A 102 8.67 -9.91 2.83
N LEU A 103 8.75 -9.72 4.14
CA LEU A 103 9.46 -10.62 5.07
C LEU A 103 8.58 -11.12 6.23
N LEU A 104 7.84 -10.24 6.93
CA LEU A 104 7.02 -10.60 8.08
C LEU A 104 5.73 -11.33 7.70
N GLU A 105 4.97 -10.80 6.74
CA GLU A 105 3.63 -11.26 6.34
C GLU A 105 2.74 -11.66 7.53
N THR A 106 2.52 -10.70 8.45
CA THR A 106 1.83 -10.89 9.74
C THR A 106 0.36 -11.34 9.62
N ASP A 107 -0.24 -11.19 8.43
CA ASP A 107 -1.61 -11.62 8.10
C ASP A 107 -1.66 -12.44 6.79
N ALA A 108 -0.56 -13.11 6.44
CA ALA A 108 -0.45 -14.02 5.29
C ALA A 108 0.11 -15.41 5.68
N GLY A 109 0.17 -16.32 4.70
CA GLY A 109 0.66 -17.70 4.85
C GLY A 109 1.54 -18.18 3.68
N PRO A 110 0.96 -18.41 2.48
CA PRO A 110 1.71 -18.93 1.32
C PRO A 110 2.67 -17.90 0.68
N ALA A 111 2.43 -16.61 0.89
CA ALA A 111 3.34 -15.53 0.53
C ALA A 111 4.59 -15.53 1.43
N ALA A 112 5.78 -15.68 0.83
CA ALA A 112 7.07 -15.78 1.52
C ALA A 112 8.15 -14.86 0.90
N SER A 113 8.70 -15.23 -0.27
CA SER A 113 9.80 -14.57 -1.01
C SER A 113 11.09 -14.28 -0.22
N GLU A 114 12.16 -13.85 -0.92
CA GLU A 114 13.43 -13.37 -0.34
C GLU A 114 14.26 -12.60 -1.40
N GLY A 115 15.34 -11.93 -0.98
CA GLY A 115 16.35 -11.33 -1.87
C GLY A 115 17.24 -10.27 -1.18
N ALA A 116 18.34 -9.91 -1.85
CA ALA A 116 19.28 -8.85 -1.45
C ALA A 116 19.98 -8.20 -2.67
N GLU A 117 20.81 -8.96 -3.39
CA GLU A 117 21.55 -8.50 -4.59
C GLU A 117 20.70 -8.38 -5.87
N GLN A 118 19.43 -8.79 -5.82
CA GLN A 118 18.43 -8.64 -6.89
C GLN A 118 18.25 -7.16 -7.34
N PRO A 119 17.82 -6.91 -8.59
CA PRO A 119 17.58 -5.56 -9.10
C PRO A 119 16.37 -4.87 -8.39
N PRO A 120 16.19 -3.55 -8.56
CA PRO A 120 15.08 -2.81 -7.95
C PRO A 120 13.71 -3.22 -8.55
N ASP A 121 13.00 -4.09 -7.84
CA ASP A 121 11.67 -4.62 -8.16
C ASP A 121 10.84 -4.86 -6.89
N LEU A 122 9.54 -5.16 -7.04
CA LEU A 122 8.53 -5.19 -5.96
C LEU A 122 8.58 -3.92 -5.08
N HIS A 123 8.53 -2.74 -5.73
CA HIS A 123 8.49 -1.40 -5.10
C HIS A 123 7.14 -0.65 -5.27
N CYS A 124 6.12 -1.34 -5.77
CA CYS A 124 4.74 -0.88 -5.93
C CYS A 124 3.78 -2.05 -5.75
N VAL A 125 2.63 -1.83 -5.10
CA VAL A 125 1.53 -2.78 -4.95
C VAL A 125 0.17 -2.08 -5.07
N LEU A 126 -0.79 -2.70 -5.73
CA LEU A 126 -2.09 -2.12 -6.08
C LEU A 126 -3.23 -2.97 -5.50
N VAL A 127 -4.12 -2.32 -4.75
CA VAL A 127 -5.29 -2.93 -4.10
C VAL A 127 -6.58 -2.61 -4.86
N THR A 128 -7.43 -3.62 -4.98
CA THR A 128 -8.77 -3.52 -5.58
C THR A 128 -9.85 -4.05 -4.64
N ASN A 129 -11.05 -3.50 -4.74
CA ASN A 129 -12.12 -3.64 -3.75
C ASN A 129 -13.31 -4.44 -4.36
N PRO A 130 -14.08 -5.20 -3.55
CA PRO A 130 -15.19 -6.02 -4.06
C PRO A 130 -16.45 -5.21 -4.47
N HIS A 131 -16.50 -3.90 -4.17
CA HIS A 131 -17.60 -2.99 -4.50
C HIS A 131 -17.14 -1.53 -4.63
N SER A 132 -18.07 -0.61 -4.85
CA SER A 132 -17.83 0.85 -4.79
C SER A 132 -17.49 1.36 -3.38
N SER A 133 -17.92 0.65 -2.33
CA SER A 133 -17.42 0.83 -0.95
C SER A 133 -15.95 0.44 -0.81
N GLN A 134 -15.33 0.76 0.32
CA GLN A 134 -13.90 0.52 0.55
C GLN A 134 -13.61 -0.91 1.04
N TRP A 135 -12.34 -1.31 1.07
CA TRP A 135 -11.89 -2.62 1.57
C TRP A 135 -12.30 -2.82 3.04
N LYS A 136 -12.83 -4.01 3.37
CA LYS A 136 -13.43 -4.35 4.68
C LYS A 136 -12.38 -4.58 5.77
N ASP A 137 -11.71 -3.51 6.22
CA ASP A 137 -10.77 -3.54 7.34
C ASP A 137 -10.67 -2.18 8.07
N PRO A 138 -10.64 -2.13 9.41
CA PRO A 138 -10.58 -0.88 10.18
C PRO A 138 -9.25 -0.12 9.98
N ALA A 139 -8.18 -0.82 9.60
CA ALA A 139 -6.93 -0.24 9.14
C ALA A 139 -7.14 0.66 7.91
N LEU A 140 -7.79 0.15 6.86
CA LEU A 140 -8.10 0.92 5.66
C LEU A 140 -9.09 2.06 5.94
N SER A 141 -10.08 1.85 6.82
CA SER A 141 -10.94 2.93 7.34
C SER A 141 -10.14 4.15 7.83
N GLN A 142 -9.15 3.93 8.70
CA GLN A 142 -8.23 4.97 9.19
C GLN A 142 -7.36 5.60 8.08
N LEU A 143 -6.87 4.81 7.12
CA LEU A 143 -6.11 5.33 5.96
C LEU A 143 -6.92 6.32 5.12
N ILE A 144 -8.20 6.05 4.85
CA ILE A 144 -9.10 6.95 4.12
C ILE A 144 -9.31 8.26 4.92
N CYS A 145 -9.53 8.14 6.23
CA CYS A 145 -9.67 9.31 7.11
C CYS A 145 -8.42 10.21 7.07
N PHE A 146 -7.22 9.64 7.22
CA PHE A 146 -5.96 10.38 7.07
C PHE A 146 -5.81 11.04 5.69
N CYS A 147 -6.04 10.31 4.58
CA CYS A 147 -5.90 10.89 3.25
C CYS A 147 -6.90 12.03 2.97
N ARG A 148 -8.16 11.92 3.40
CA ARG A 148 -9.18 12.99 3.34
C ARG A 148 -8.70 14.29 4.00
N GLU A 149 -8.23 14.20 5.23
CA GLU A 149 -7.69 15.33 6.01
C GLU A 149 -6.49 15.98 5.31
N SER A 150 -5.47 15.18 4.94
CA SER A 150 -4.26 15.66 4.26
C SER A 150 -4.55 16.30 2.89
N ARG A 151 -5.44 15.69 2.10
CA ARG A 151 -5.94 16.23 0.81
C ARG A 151 -6.61 17.59 0.98
N TYR A 152 -7.42 17.77 2.03
CA TYR A 152 -8.02 19.08 2.37
C TYR A 152 -6.98 20.16 2.77
N MET A 153 -5.74 19.77 3.05
CA MET A 153 -4.59 20.65 3.32
C MET A 153 -3.62 20.76 2.12
N ASP A 154 -4.12 20.51 0.89
CA ASP A 154 -3.49 20.71 -0.42
C ASP A 154 -2.43 19.66 -0.82
N GLN A 155 -2.67 18.38 -0.48
CA GLN A 155 -1.92 17.22 -0.96
C GLN A 155 -2.69 16.47 -2.07
N TRP A 156 -2.15 16.44 -3.29
CA TRP A 156 -2.70 15.65 -4.41
C TRP A 156 -2.67 14.14 -4.14
N VAL A 157 -1.68 13.68 -3.37
CA VAL A 157 -1.54 12.32 -2.81
C VAL A 157 -1.06 12.42 -1.35
N PRO A 158 -1.60 11.63 -0.41
CA PRO A 158 -0.98 11.44 0.91
C PRO A 158 0.42 10.81 0.74
N VAL A 159 1.35 11.21 1.59
CA VAL A 159 2.71 10.63 1.66
C VAL A 159 3.16 10.48 3.11
N ILE A 160 3.86 9.39 3.45
CA ILE A 160 4.34 9.16 4.83
C ILE A 160 5.54 8.19 4.92
N ASN A 161 6.11 8.01 6.12
CA ASN A 161 7.11 6.99 6.42
C ASN A 161 6.91 6.43 7.84
N LEU A 162 7.00 5.10 8.02
CA LEU A 162 6.88 4.47 9.34
C LEU A 162 8.21 4.53 10.13
N PRO A 163 8.18 4.50 11.48
CA PRO A 163 9.39 4.42 12.30
C PRO A 163 10.05 3.03 12.18
N GLU A 164 11.38 2.99 12.27
CA GLU A 164 12.16 1.74 12.26
C GLU A 164 12.04 0.94 13.58
N ARG A 165 12.57 -0.28 13.60
CA ARG A 165 12.69 -1.17 14.78
C ARG A 165 13.60 -0.58 15.87
N MET A 1 20.24 -20.29 23.93
CA MET A 1 18.77 -20.14 23.84
C MET A 1 18.32 -18.89 24.59
N THR A 2 17.83 -17.88 23.87
CA THR A 2 17.39 -16.57 24.41
C THR A 2 16.11 -16.11 23.69
N LEU A 3 15.05 -15.81 24.44
CA LEU A 3 13.71 -15.46 23.95
C LEU A 3 13.13 -14.26 24.72
N GLU A 4 12.86 -13.16 24.00
CA GLU A 4 12.29 -11.90 24.53
C GLU A 4 11.11 -11.36 23.69
N GLU A 5 10.54 -12.18 22.79
CA GLU A 5 9.35 -11.81 22.01
C GLU A 5 8.06 -11.76 22.86
N PHE A 6 7.44 -10.58 22.93
CA PHE A 6 6.24 -10.30 23.76
C PHE A 6 5.37 -9.10 23.28
N SER A 7 5.62 -8.56 22.08
CA SER A 7 4.86 -7.42 21.52
C SER A 7 3.40 -7.75 21.20
N ALA A 8 2.48 -6.83 21.54
CA ALA A 8 1.03 -6.91 21.24
C ALA A 8 0.36 -5.51 21.21
N GLY A 9 -0.90 -5.45 20.75
CA GLY A 9 -1.79 -4.29 20.85
C GLY A 9 -2.68 -4.04 19.62
N GLU A 10 -3.85 -3.41 19.84
CA GLU A 10 -4.81 -2.95 18.81
C GLU A 10 -5.51 -1.64 19.24
N GLN A 11 -5.94 -0.84 18.28
CA GLN A 11 -6.83 0.32 18.45
C GLN A 11 -7.45 0.75 17.09
N LYS A 12 -8.57 1.49 17.13
CA LYS A 12 -9.22 2.15 15.98
C LYS A 12 -9.01 3.67 16.05
N THR A 13 -7.86 4.14 15.58
CA THR A 13 -7.44 5.56 15.56
C THR A 13 -6.74 5.92 14.25
N GLU A 14 -6.58 7.23 14.00
CA GLU A 14 -6.24 7.82 12.69
C GLU A 14 -4.94 8.66 12.70
N ARG A 15 -4.10 8.50 13.74
CA ARG A 15 -2.76 9.12 13.88
C ARG A 15 -1.86 8.79 12.68
N MET A 16 -0.85 9.63 12.43
CA MET A 16 0.12 9.41 11.34
C MET A 16 0.79 8.04 11.39
N ASP A 17 1.30 7.58 12.53
CA ASP A 17 1.88 6.24 12.67
C ASP A 17 0.86 5.10 12.43
N LYS A 18 -0.42 5.30 12.77
CA LYS A 18 -1.50 4.34 12.48
C LYS A 18 -1.71 4.12 10.98
N VAL A 19 -1.41 5.09 10.12
CA VAL A 19 -1.53 4.97 8.64
C VAL A 19 -0.59 3.88 8.11
N GLY A 20 0.69 3.90 8.48
CA GLY A 20 1.67 2.89 8.03
C GLY A 20 1.43 1.51 8.64
N ASP A 21 1.03 1.47 9.92
CA ASP A 21 0.59 0.26 10.62
C ASP A 21 -0.62 -0.41 9.93
N ALA A 22 -1.63 0.41 9.66
CA ALA A 22 -2.83 0.02 8.94
C ALA A 22 -2.52 -0.57 7.55
N LEU A 23 -1.52 -0.02 6.85
CA LEU A 23 -1.12 -0.46 5.51
C LEU A 23 -0.59 -1.88 5.55
N GLU A 24 0.43 -2.16 6.38
CA GLU A 24 0.97 -3.51 6.49
C GLU A 24 -0.05 -4.56 7.01
N GLU A 25 -1.14 -4.14 7.67
CA GLU A 25 -2.17 -5.06 8.18
C GLU A 25 -3.07 -5.53 7.02
N VAL A 26 -3.68 -4.57 6.33
CA VAL A 26 -4.42 -4.78 5.10
C VAL A 26 -3.59 -5.51 4.04
N LEU A 27 -2.35 -5.10 3.77
CA LEU A 27 -1.48 -5.73 2.77
C LEU A 27 -1.16 -7.21 3.10
N SER A 28 -1.09 -7.57 4.38
CA SER A 28 -1.08 -8.98 4.81
C SER A 28 -2.32 -9.71 4.27
N LYS A 29 -3.51 -9.31 4.71
CA LYS A 29 -4.79 -9.90 4.25
C LYS A 29 -4.97 -9.91 2.73
N ALA A 30 -4.53 -8.85 2.05
CA ALA A 30 -4.56 -8.69 0.60
C ALA A 30 -3.89 -9.87 -0.11
N LEU A 31 -2.60 -10.11 0.20
CA LEU A 31 -1.86 -11.22 -0.40
C LEU A 31 -2.46 -12.58 -0.01
N SER A 32 -3.05 -12.73 1.19
CA SER A 32 -3.79 -13.95 1.56
C SER A 32 -5.00 -14.24 0.65
N GLN A 33 -5.58 -13.22 0.00
CA GLN A 33 -6.67 -13.39 -0.98
C GLN A 33 -6.20 -13.56 -2.43
N ARG A 34 -4.99 -13.09 -2.74
CA ARG A 34 -4.43 -12.93 -4.09
C ARG A 34 -5.39 -12.25 -5.11
N THR A 35 -5.95 -11.10 -4.73
CA THR A 35 -6.92 -10.30 -5.52
C THR A 35 -6.55 -8.81 -5.62
N ILE A 36 -5.27 -8.47 -5.48
CA ILE A 36 -4.73 -7.10 -5.48
C ILE A 36 -3.59 -6.90 -6.51
N THR A 37 -3.20 -5.65 -6.72
CA THR A 37 -1.98 -5.23 -7.43
C THR A 37 -0.78 -5.20 -6.48
N VAL A 38 0.37 -5.65 -6.99
CA VAL A 38 1.69 -5.54 -6.35
C VAL A 38 2.79 -5.43 -7.43
N GLY A 39 3.89 -4.72 -7.16
CA GLY A 39 5.05 -4.60 -8.07
C GLY A 39 5.76 -3.25 -7.95
N VAL A 40 6.03 -2.60 -9.09
CA VAL A 40 6.19 -1.13 -9.25
C VAL A 40 5.53 -0.70 -10.55
N TYR A 41 6.22 -0.89 -11.68
CA TYR A 41 5.84 -0.36 -12.98
C TYR A 41 4.88 -1.34 -13.68
N GLU A 42 3.63 -1.34 -13.20
CA GLU A 42 2.56 -2.28 -13.59
C GLU A 42 1.29 -1.55 -14.10
N ALA A 43 1.35 -0.24 -14.32
CA ALA A 43 0.24 0.70 -14.59
C ALA A 43 -0.79 0.20 -15.65
N ALA A 44 -0.30 -0.22 -16.82
CA ALA A 44 -1.13 -0.81 -17.87
C ALA A 44 -1.90 -2.04 -17.35
N LYS A 45 -1.20 -2.96 -16.67
CA LYS A 45 -1.78 -4.11 -15.99
C LYS A 45 -2.84 -3.74 -14.94
N LEU A 46 -2.66 -2.71 -14.10
CA LEU A 46 -3.69 -2.25 -13.14
C LEU A 46 -5.04 -2.05 -13.86
N LEU A 47 -5.05 -1.23 -14.92
CA LEU A 47 -6.25 -1.03 -15.74
C LEU A 47 -6.72 -2.30 -16.47
N ASN A 48 -5.82 -3.24 -16.77
CA ASN A 48 -6.12 -4.54 -17.38
C ASN A 48 -6.67 -5.60 -16.39
N VAL A 49 -6.59 -5.40 -15.06
CA VAL A 49 -7.03 -6.36 -14.03
C VAL A 49 -8.22 -5.87 -13.21
N ASP A 50 -8.24 -4.59 -12.82
CA ASP A 50 -9.22 -4.04 -11.88
C ASP A 50 -9.66 -2.58 -12.24
N PRO A 51 -10.16 -2.32 -13.46
CA PRO A 51 -10.42 -0.97 -13.99
C PRO A 51 -11.51 -0.16 -13.25
N ASP A 52 -12.54 -0.84 -12.74
CA ASP A 52 -13.63 -0.26 -11.93
C ASP A 52 -13.46 -0.50 -10.42
N ASN A 53 -12.65 -1.51 -10.10
CA ASN A 53 -12.45 -2.12 -8.77
C ASN A 53 -11.41 -1.36 -7.92
N VAL A 54 -10.45 -0.68 -8.55
CA VAL A 54 -9.45 0.25 -7.99
C VAL A 54 -9.93 0.98 -6.71
N VAL A 55 -9.07 1.06 -5.67
CA VAL A 55 -9.32 1.82 -4.43
C VAL A 55 -8.16 2.77 -4.08
N LEU A 56 -6.97 2.24 -3.80
CA LEU A 56 -5.84 3.06 -3.29
C LEU A 56 -4.47 2.52 -3.71
N CYS A 57 -3.60 3.41 -4.18
CA CYS A 57 -2.24 3.12 -4.65
C CYS A 57 -1.15 3.60 -3.67
N LEU A 58 -0.31 2.68 -3.20
CA LEU A 58 0.73 2.92 -2.20
C LEU A 58 2.12 2.68 -2.82
N LEU A 59 2.84 3.75 -3.11
CA LEU A 59 4.14 3.72 -3.78
C LEU A 59 5.28 4.09 -2.81
N ALA A 60 6.44 3.41 -2.87
CA ALA A 60 7.55 3.62 -1.96
C ALA A 60 8.86 4.08 -2.64
N ALA A 61 9.37 5.24 -2.23
CA ALA A 61 10.46 6.00 -2.83
C ALA A 61 11.39 6.59 -1.77
N ASP A 62 12.60 6.03 -1.63
CA ASP A 62 13.69 6.63 -0.85
C ASP A 62 14.18 7.95 -1.48
N GLU A 63 15.04 8.69 -0.79
CA GLU A 63 15.80 9.82 -1.37
C GLU A 63 16.61 9.39 -2.61
N ASP A 64 17.17 8.18 -2.62
CA ASP A 64 17.89 7.63 -3.78
C ASP A 64 17.00 7.37 -5.01
N ASP A 65 15.72 7.08 -4.80
CA ASP A 65 14.75 6.91 -5.89
C ASP A 65 14.39 8.22 -6.58
N ASP A 66 14.55 9.36 -5.88
CA ASP A 66 14.39 10.69 -6.47
C ASP A 66 15.51 11.04 -7.47
N ARG A 67 16.69 10.40 -7.33
CA ARG A 67 17.82 10.46 -8.27
C ARG A 67 17.62 9.61 -9.53
N ASP A 68 16.73 8.62 -9.46
CA ASP A 68 16.43 7.69 -10.55
C ASP A 68 15.27 8.22 -11.41
N VAL A 69 15.62 8.98 -12.46
CA VAL A 69 14.65 9.59 -13.38
C VAL A 69 13.74 8.58 -14.08
N ALA A 70 14.23 7.35 -14.33
CA ALA A 70 13.44 6.29 -14.96
C ALA A 70 12.33 5.79 -14.01
N LEU A 71 12.69 5.50 -12.76
CA LEU A 71 11.74 5.20 -11.69
C LEU A 71 10.75 6.37 -11.51
N GLN A 72 11.23 7.62 -11.46
CA GLN A 72 10.36 8.79 -11.33
C GLN A 72 9.25 8.82 -12.40
N ILE A 73 9.58 8.60 -13.68
CA ILE A 73 8.57 8.46 -14.76
C ILE A 73 7.60 7.31 -14.47
N HIS A 74 8.07 6.11 -14.12
CA HIS A 74 7.21 4.97 -13.75
C HIS A 74 6.22 5.31 -12.63
N PHE A 75 6.69 5.95 -11.57
CA PHE A 75 5.89 6.45 -10.45
C PHE A 75 4.88 7.54 -10.87
N THR A 76 5.27 8.51 -11.70
CA THR A 76 4.35 9.54 -12.23
C THR A 76 3.28 8.94 -13.16
N LEU A 77 3.63 7.93 -13.94
CA LEU A 77 2.75 7.23 -14.88
C LEU A 77 1.65 6.43 -14.16
N ILE A 78 2.01 5.53 -13.24
CA ILE A 78 1.02 4.79 -12.42
C ILE A 78 0.16 5.76 -11.59
N GLN A 79 0.73 6.91 -11.20
CA GLN A 79 0.01 7.99 -10.52
C GLN A 79 -1.06 8.58 -11.43
N ALA A 80 -0.71 9.00 -12.66
CA ALA A 80 -1.63 9.56 -13.66
C ALA A 80 -2.85 8.67 -13.90
N PHE A 81 -2.64 7.36 -14.05
CA PHE A 81 -3.73 6.41 -14.35
C PHE A 81 -4.67 6.25 -13.16
N CYS A 82 -4.15 6.09 -11.93
CA CYS A 82 -4.97 6.12 -10.72
C CYS A 82 -5.74 7.45 -10.58
N CYS A 83 -5.07 8.59 -10.80
CA CYS A 83 -5.63 9.93 -10.78
C CYS A 83 -6.83 10.18 -11.71
N GLU A 84 -6.98 9.41 -12.80
CA GLU A 84 -8.19 9.44 -13.65
C GLU A 84 -9.48 9.29 -12.81
N ASN A 85 -9.66 8.13 -12.17
CA ASN A 85 -10.84 7.86 -11.36
C ASN A 85 -10.65 8.36 -9.91
N ASP A 86 -11.67 8.15 -9.09
CA ASP A 86 -11.68 8.46 -7.64
C ASP A 86 -10.79 7.48 -6.82
N ILE A 87 -9.52 7.35 -7.19
CA ILE A 87 -8.54 6.35 -6.77
C ILE A 87 -7.38 7.10 -6.11
N ASN A 88 -7.55 7.35 -4.83
CA ASN A 88 -6.57 7.98 -3.94
C ASN A 88 -5.19 7.27 -3.95
N ILE A 89 -4.16 7.94 -3.44
CA ILE A 89 -2.73 7.61 -3.55
C ILE A 89 -1.97 8.14 -2.32
N LEU A 90 -0.95 7.40 -1.84
CA LEU A 90 0.04 7.92 -0.87
C LEU A 90 1.47 7.42 -1.18
N ARG A 91 2.48 8.15 -0.70
CA ARG A 91 3.90 7.91 -0.98
C ARG A 91 4.72 7.66 0.29
N VAL A 92 5.60 6.65 0.31
CA VAL A 92 6.37 6.29 1.52
C VAL A 92 7.88 6.22 1.30
N SER A 93 8.64 6.87 2.17
CA SER A 93 10.11 6.97 2.18
C SER A 93 10.86 5.69 2.58
N ASN A 94 10.20 4.51 2.58
CA ASN A 94 10.78 3.23 3.03
C ASN A 94 10.48 2.04 2.08
N PRO A 95 11.06 2.03 0.87
CA PRO A 95 10.84 0.97 -0.13
C PRO A 95 11.31 -0.41 0.35
N GLY A 96 12.37 -0.46 1.15
CA GLY A 96 12.89 -1.67 1.76
C GLY A 96 11.81 -2.43 2.54
N ARG A 97 11.00 -1.73 3.34
CA ARG A 97 9.94 -2.33 4.17
C ARG A 97 8.72 -2.83 3.41
N LEU A 98 8.27 -2.08 2.40
CA LEU A 98 7.20 -2.54 1.50
C LEU A 98 7.56 -3.85 0.81
N ALA A 99 8.81 -3.97 0.34
CA ALA A 99 9.34 -5.20 -0.23
C ALA A 99 9.57 -6.29 0.84
N GLU A 100 10.00 -5.94 2.05
CA GLU A 100 10.15 -6.91 3.15
C GLU A 100 8.81 -7.62 3.41
N LEU A 101 7.71 -6.86 3.45
CA LEU A 101 6.36 -7.36 3.65
C LEU A 101 5.92 -8.40 2.60
N LEU A 102 6.50 -8.40 1.38
CA LEU A 102 6.18 -9.45 0.38
C LEU A 102 6.44 -10.87 0.88
N LEU A 103 7.48 -11.02 1.72
CA LEU A 103 8.05 -12.29 2.16
C LEU A 103 7.69 -12.61 3.62
N LEU A 104 7.69 -11.59 4.48
CA LEU A 104 7.18 -11.65 5.86
C LEU A 104 5.67 -11.98 5.95
N GLU A 105 4.93 -11.80 4.86
CA GLU A 105 3.49 -12.06 4.76
C GLU A 105 3.08 -13.43 5.30
N THR A 106 3.85 -14.47 4.98
CA THR A 106 3.63 -15.87 5.38
C THR A 106 3.45 -16.02 6.90
N ASP A 107 2.18 -16.07 7.35
CA ASP A 107 1.74 -15.88 8.74
C ASP A 107 2.33 -14.62 9.43
N ALA A 108 2.07 -13.43 8.86
CA ALA A 108 2.52 -12.13 9.37
C ALA A 108 2.16 -11.88 10.84
N GLY A 109 3.13 -11.34 11.59
CA GLY A 109 3.07 -11.13 13.05
C GLY A 109 4.17 -11.93 13.75
N PRO A 110 3.96 -13.23 14.04
CA PRO A 110 4.98 -14.09 14.67
C PRO A 110 6.16 -14.43 13.74
N ALA A 111 5.96 -14.44 12.42
CA ALA A 111 7.02 -14.67 11.44
C ALA A 111 8.05 -13.51 11.41
N ALA A 112 9.32 -13.83 11.14
CA ALA A 112 10.42 -12.87 10.97
C ALA A 112 11.50 -13.42 10.02
N SER A 113 11.98 -12.58 9.10
CA SER A 113 13.07 -12.82 8.14
C SER A 113 13.64 -11.49 7.63
N GLU A 114 14.64 -11.52 6.74
CA GLU A 114 15.19 -10.32 6.08
C GLU A 114 15.82 -10.66 4.71
N GLY A 115 15.73 -9.74 3.74
CA GLY A 115 16.37 -9.84 2.42
C GLY A 115 17.87 -9.48 2.40
N ALA A 116 18.46 -9.50 1.20
CA ALA A 116 19.87 -9.18 0.96
C ALA A 116 20.05 -8.16 -0.19
N GLU A 117 19.75 -8.56 -1.44
CA GLU A 117 19.96 -7.72 -2.64
C GLU A 117 19.02 -6.50 -2.71
N GLN A 118 17.74 -6.67 -2.34
CA GLN A 118 16.68 -5.65 -2.38
C GLN A 118 16.71 -4.76 -3.65
N PRO A 119 16.46 -5.34 -4.86
CA PRO A 119 16.48 -4.63 -6.15
C PRO A 119 15.34 -3.58 -6.30
N PRO A 120 15.36 -2.73 -7.34
CA PRO A 120 14.35 -1.68 -7.57
C PRO A 120 13.00 -2.21 -8.13
N ASP A 121 12.42 -3.20 -7.47
CA ASP A 121 11.07 -3.74 -7.71
C ASP A 121 10.36 -4.12 -6.39
N LEU A 122 9.07 -4.49 -6.45
CA LEU A 122 8.24 -4.87 -5.29
C LEU A 122 8.12 -3.75 -4.21
N HIS A 123 8.22 -2.49 -4.65
CA HIS A 123 8.12 -1.26 -3.82
C HIS A 123 6.79 -0.51 -3.99
N CYS A 124 5.80 -1.09 -4.66
CA CYS A 124 4.44 -0.55 -4.78
C CYS A 124 3.39 -1.65 -4.57
N VAL A 125 2.25 -1.28 -3.99
CA VAL A 125 1.07 -2.12 -3.80
C VAL A 125 -0.21 -1.30 -4.05
N LEU A 126 -1.27 -1.93 -4.54
CA LEU A 126 -2.59 -1.27 -4.69
C LEU A 126 -3.73 -2.23 -4.33
N VAL A 127 -4.49 -1.87 -3.29
CA VAL A 127 -5.76 -2.57 -2.96
C VAL A 127 -6.85 -2.13 -3.92
N THR A 128 -7.71 -3.09 -4.25
CA THR A 128 -8.94 -2.92 -5.01
C THR A 128 -10.09 -3.72 -4.38
N ASN A 129 -11.35 -3.41 -4.67
CA ASN A 129 -12.53 -4.09 -4.12
C ASN A 129 -13.25 -4.98 -5.16
N PRO A 130 -13.93 -6.07 -4.76
CA PRO A 130 -14.72 -6.90 -5.68
C PRO A 130 -16.08 -6.25 -6.00
N HIS A 131 -16.69 -6.67 -7.12
CA HIS A 131 -17.97 -6.18 -7.66
C HIS A 131 -19.24 -6.61 -6.86
N SER A 132 -19.12 -6.88 -5.56
CA SER A 132 -20.23 -7.33 -4.70
C SER A 132 -20.14 -6.75 -3.27
N SER A 133 -19.16 -7.19 -2.47
CA SER A 133 -18.97 -6.80 -1.06
C SER A 133 -17.58 -6.18 -0.85
N GLN A 134 -17.50 -4.85 -0.82
CA GLN A 134 -16.22 -4.12 -0.75
C GLN A 134 -15.39 -4.48 0.50
N TRP A 135 -14.25 -5.14 0.29
CA TRP A 135 -13.40 -5.70 1.36
C TRP A 135 -12.58 -4.68 2.14
N LYS A 136 -12.68 -3.37 1.82
CA LYS A 136 -11.80 -2.25 2.24
C LYS A 136 -11.17 -2.35 3.64
N ASP A 137 -11.95 -2.67 4.68
CA ASP A 137 -11.58 -2.74 6.10
C ASP A 137 -11.25 -1.37 6.74
N PRO A 138 -11.43 -1.20 8.07
CA PRO A 138 -11.36 0.10 8.74
C PRO A 138 -9.94 0.70 8.73
N ALA A 139 -8.92 -0.14 8.74
CA ALA A 139 -7.52 0.24 8.55
C ALA A 139 -7.33 1.03 7.25
N LEU A 140 -7.75 0.47 6.11
CA LEU A 140 -7.66 1.12 4.80
C LEU A 140 -8.60 2.34 4.69
N SER A 141 -9.76 2.33 5.35
CA SER A 141 -10.61 3.53 5.50
C SER A 141 -9.89 4.70 6.19
N GLN A 142 -9.17 4.46 7.29
CA GLN A 142 -8.34 5.46 7.95
C GLN A 142 -7.20 5.97 7.04
N LEU A 143 -6.55 5.08 6.28
CA LEU A 143 -5.53 5.42 5.27
C LEU A 143 -6.05 6.41 4.22
N ILE A 144 -7.10 6.06 3.47
CA ILE A 144 -7.65 6.96 2.45
C ILE A 144 -8.12 8.29 3.05
N CYS A 145 -8.69 8.27 4.26
CA CYS A 145 -9.13 9.49 4.95
C CYS A 145 -7.96 10.44 5.27
N PHE A 146 -6.87 9.96 5.90
CA PHE A 146 -5.65 10.76 6.14
C PHE A 146 -5.13 11.37 4.83
N CYS A 147 -5.00 10.55 3.78
CA CYS A 147 -4.48 10.95 2.50
C CYS A 147 -5.36 12.00 1.79
N ARG A 148 -6.69 11.85 1.82
CA ARG A 148 -7.64 12.85 1.30
C ARG A 148 -7.55 14.17 2.06
N GLU A 149 -7.61 14.13 3.39
CA GLU A 149 -7.54 15.33 4.26
C GLU A 149 -6.23 16.10 4.08
N SER A 150 -5.10 15.40 4.01
CA SER A 150 -3.78 15.99 3.70
C SER A 150 -3.78 16.66 2.32
N ARG A 151 -4.07 15.91 1.26
CA ARG A 151 -4.12 16.40 -0.14
C ARG A 151 -5.21 17.45 -0.41
N TYR A 152 -6.18 17.63 0.49
CA TYR A 152 -7.15 18.74 0.46
C TYR A 152 -6.55 20.10 0.89
N MET A 153 -5.41 20.12 1.59
CA MET A 153 -4.69 21.33 1.98
C MET A 153 -3.30 21.42 1.31
N ASP A 154 -2.46 20.41 1.49
CA ASP A 154 -1.16 20.32 0.81
C ASP A 154 -1.33 20.08 -0.69
N GLN A 155 -0.36 20.53 -1.48
CA GLN A 155 -0.42 20.52 -2.95
C GLN A 155 -0.08 19.14 -3.57
N TRP A 156 0.10 18.12 -2.72
CA TRP A 156 0.59 16.78 -3.04
C TRP A 156 -0.01 15.70 -2.10
N VAL A 157 0.19 14.42 -2.43
CA VAL A 157 -0.05 13.27 -1.55
C VAL A 157 0.85 13.31 -0.30
N PRO A 158 0.44 12.73 0.86
CA PRO A 158 1.28 12.73 2.04
C PRO A 158 2.49 11.79 1.88
N VAL A 159 3.46 11.99 2.78
CA VAL A 159 4.73 11.26 2.86
C VAL A 159 4.95 10.71 4.28
N ILE A 160 5.22 9.41 4.40
CA ILE A 160 5.61 8.79 5.70
C ILE A 160 6.63 7.65 5.54
N ASN A 161 7.13 7.10 6.63
CA ASN A 161 8.02 5.93 6.68
C ASN A 161 7.54 4.95 7.76
N LEU A 162 6.96 3.81 7.35
CA LEU A 162 6.61 2.73 8.29
C LEU A 162 7.86 2.19 9.04
N PRO A 163 7.72 1.73 10.29
CA PRO A 163 8.82 1.21 11.11
C PRO A 163 9.29 -0.20 10.65
N GLU A 164 10.23 -0.79 11.39
CA GLU A 164 10.77 -2.14 11.15
C GLU A 164 9.66 -3.19 11.01
N ARG A 165 8.81 -3.26 12.03
CA ARG A 165 7.51 -3.97 12.14
C ARG A 165 6.77 -3.57 13.44
N MET A 1 -25.39 -24.95 11.48
CA MET A 1 -26.85 -24.91 11.80
C MET A 1 -27.58 -23.73 11.14
N THR A 2 -27.12 -22.49 11.34
CA THR A 2 -27.66 -21.26 10.72
C THR A 2 -26.54 -20.23 10.45
N LEU A 3 -26.87 -19.10 9.83
CA LEU A 3 -25.96 -18.02 9.44
C LEU A 3 -26.36 -16.69 10.11
N GLU A 4 -25.67 -16.33 11.20
CA GLU A 4 -25.94 -15.15 12.04
C GLU A 4 -24.70 -14.28 12.35
N GLU A 5 -23.53 -14.60 11.75
CA GLU A 5 -22.31 -13.79 11.91
C GLU A 5 -22.44 -12.36 11.36
N PHE A 6 -22.22 -11.37 12.24
CA PHE A 6 -22.07 -9.94 11.90
C PHE A 6 -21.08 -9.26 12.85
N SER A 7 -19.87 -8.95 12.36
CA SER A 7 -18.85 -8.19 13.11
C SER A 7 -19.27 -6.74 13.39
N ALA A 8 -18.75 -6.14 14.45
CA ALA A 8 -19.05 -4.77 14.89
C ALA A 8 -17.86 -4.08 15.60
N GLY A 9 -17.96 -2.76 15.78
CA GLY A 9 -17.00 -1.91 16.49
C GLY A 9 -16.75 -0.56 15.80
N GLU A 10 -16.32 0.44 16.57
CA GLU A 10 -16.00 1.80 16.10
C GLU A 10 -14.99 2.48 17.04
N GLN A 11 -14.12 3.34 16.49
CA GLN A 11 -13.28 4.30 17.23
C GLN A 11 -13.12 5.64 16.48
N LYS A 12 -12.63 6.65 17.20
CA LYS A 12 -12.33 8.02 16.75
C LYS A 12 -10.87 8.40 17.07
N THR A 13 -9.94 7.59 16.55
CA THR A 13 -8.49 7.81 16.61
C THR A 13 -7.84 7.63 15.24
N GLU A 14 -6.88 8.50 14.94
CA GLU A 14 -5.98 8.42 13.78
C GLU A 14 -4.61 9.04 14.15
N ARG A 15 -3.53 8.48 13.60
CA ARG A 15 -2.13 8.86 13.91
C ARG A 15 -1.22 8.60 12.71
N MET A 16 -0.24 9.47 12.49
CA MET A 16 0.67 9.45 11.34
C MET A 16 1.39 8.10 11.14
N ASP A 17 2.08 7.58 12.17
CA ASP A 17 2.71 6.24 12.11
C ASP A 17 1.71 5.10 11.89
N LYS A 18 0.48 5.25 12.41
CA LYS A 18 -0.62 4.28 12.29
C LYS A 18 -1.07 4.11 10.83
N VAL A 19 -0.94 5.13 9.98
CA VAL A 19 -1.24 5.04 8.53
C VAL A 19 -0.38 3.97 7.85
N GLY A 20 0.94 4.02 8.04
CA GLY A 20 1.86 3.07 7.41
C GLY A 20 1.74 1.66 7.99
N ASP A 21 1.56 1.56 9.32
CA ASP A 21 1.26 0.32 10.04
C ASP A 21 -0.01 -0.37 9.51
N ALA A 22 -1.09 0.42 9.39
CA ALA A 22 -2.37 -0.01 8.83
C ALA A 22 -2.21 -0.55 7.40
N LEU A 23 -1.43 0.14 6.55
CA LEU A 23 -1.24 -0.23 5.15
C LEU A 23 -0.57 -1.61 5.02
N GLU A 24 0.57 -1.80 5.68
CA GLU A 24 1.28 -3.07 5.63
C GLU A 24 0.48 -4.25 6.26
N GLU A 25 -0.52 -3.97 7.11
CA GLU A 25 -1.42 -4.99 7.66
C GLU A 25 -2.39 -5.49 6.57
N VAL A 26 -3.04 -4.56 5.87
CA VAL A 26 -3.91 -4.85 4.71
C VAL A 26 -3.14 -5.57 3.60
N LEU A 27 -1.93 -5.10 3.25
CA LEU A 27 -1.01 -5.79 2.34
C LEU A 27 -0.78 -7.25 2.78
N SER A 28 -0.60 -7.51 4.07
CA SER A 28 -0.46 -8.87 4.61
C SER A 28 -1.65 -9.77 4.24
N LYS A 29 -2.89 -9.32 4.47
CA LYS A 29 -4.13 -10.00 4.07
C LYS A 29 -4.25 -10.16 2.55
N ALA A 30 -3.93 -9.11 1.81
CA ALA A 30 -4.06 -9.02 0.36
C ALA A 30 -3.11 -9.98 -0.39
N LEU A 31 -1.83 -10.02 0.00
CA LEU A 31 -0.89 -11.01 -0.53
C LEU A 31 -1.24 -12.43 -0.07
N SER A 32 -1.73 -12.61 1.17
CA SER A 32 -2.20 -13.93 1.66
C SER A 32 -3.31 -14.55 0.80
N GLN A 33 -4.14 -13.72 0.15
CA GLN A 33 -5.21 -14.11 -0.75
C GLN A 33 -4.90 -13.85 -2.24
N ARG A 34 -3.70 -13.35 -2.56
CA ARG A 34 -3.05 -13.36 -3.88
C ARG A 34 -3.82 -12.68 -5.01
N THR A 35 -4.58 -11.62 -4.69
CA THR A 35 -5.56 -10.98 -5.60
C THR A 35 -5.23 -9.54 -6.01
N ILE A 36 -4.03 -9.06 -5.63
CA ILE A 36 -3.56 -7.68 -5.80
C ILE A 36 -2.43 -7.53 -6.85
N THR A 37 -2.24 -6.28 -7.28
CA THR A 37 -1.08 -5.81 -8.07
C THR A 37 0.10 -5.49 -7.14
N VAL A 38 1.32 -5.76 -7.59
CA VAL A 38 2.56 -5.47 -6.86
C VAL A 38 3.70 -5.16 -7.85
N GLY A 39 4.66 -4.33 -7.43
CA GLY A 39 5.74 -3.77 -8.26
C GLY A 39 5.35 -2.43 -8.91
N VAL A 40 6.35 -1.58 -9.18
CA VAL A 40 6.16 -0.18 -9.64
C VAL A 40 5.74 -0.09 -11.11
N TYR A 41 6.26 -0.99 -11.93
CA TYR A 41 5.85 -1.19 -13.32
C TYR A 41 4.47 -1.90 -13.39
N GLU A 42 4.07 -2.40 -14.57
CA GLU A 42 2.75 -3.04 -14.80
C GLU A 42 1.55 -2.05 -14.79
N ALA A 43 1.81 -0.74 -14.80
CA ALA A 43 0.83 0.35 -14.72
C ALA A 43 -0.26 0.32 -15.82
N ALA A 44 0.13 0.13 -17.08
CA ALA A 44 -0.83 -0.02 -18.17
C ALA A 44 -1.73 -1.26 -17.96
N LYS A 45 -1.11 -2.41 -17.61
CA LYS A 45 -1.77 -3.69 -17.35
C LYS A 45 -2.76 -3.63 -16.19
N LEU A 46 -2.37 -3.12 -15.02
CA LEU A 46 -3.26 -2.94 -13.87
C LEU A 46 -4.50 -2.12 -14.23
N LEU A 47 -4.34 -1.04 -14.99
CA LEU A 47 -5.46 -0.22 -15.44
C LEU A 47 -6.37 -0.98 -16.43
N ASN A 48 -5.80 -1.74 -17.36
CA ASN A 48 -6.52 -2.56 -18.33
C ASN A 48 -7.20 -3.83 -17.78
N VAL A 49 -6.92 -4.25 -16.53
CA VAL A 49 -7.45 -5.51 -15.96
C VAL A 49 -8.36 -5.32 -14.73
N ASP A 50 -8.21 -4.21 -13.97
CA ASP A 50 -9.08 -3.85 -12.84
C ASP A 50 -9.56 -2.37 -12.87
N PRO A 51 -10.08 -1.83 -13.99
CA PRO A 51 -10.42 -0.40 -14.11
C PRO A 51 -11.54 0.06 -13.15
N ASP A 52 -12.56 -0.78 -12.93
CA ASP A 52 -13.67 -0.52 -12.00
C ASP A 52 -13.40 -1.04 -10.57
N ASN A 53 -12.54 -2.05 -10.46
CA ASN A 53 -12.24 -2.79 -9.23
C ASN A 53 -11.07 -2.18 -8.42
N VAL A 54 -10.15 -1.44 -9.05
CA VAL A 54 -9.11 -0.71 -8.33
C VAL A 54 -9.71 0.21 -7.26
N VAL A 55 -9.08 0.27 -6.08
CA VAL A 55 -9.49 1.18 -5.00
C VAL A 55 -8.38 2.12 -4.55
N LEU A 56 -7.13 1.64 -4.44
CA LEU A 56 -6.01 2.51 -3.99
C LEU A 56 -4.62 2.01 -4.38
N CYS A 57 -3.67 2.95 -4.53
CA CYS A 57 -2.27 2.68 -4.88
C CYS A 57 -1.26 3.21 -3.86
N LEU A 58 -0.17 2.47 -3.64
CA LEU A 58 0.96 2.79 -2.79
C LEU A 58 2.27 2.73 -3.56
N LEU A 59 2.86 3.89 -3.84
CA LEU A 59 4.23 4.00 -4.33
C LEU A 59 5.20 4.06 -3.13
N ALA A 60 6.34 3.40 -3.21
CA ALA A 60 7.32 3.30 -2.11
C ALA A 60 8.76 3.53 -2.61
N ALA A 61 9.34 4.68 -2.23
CA ALA A 61 10.65 5.16 -2.70
C ALA A 61 11.69 5.23 -1.55
N ASP A 62 12.77 4.47 -1.64
CA ASP A 62 13.94 4.61 -0.75
C ASP A 62 14.81 5.83 -1.13
N GLU A 63 15.85 6.15 -0.36
CA GLU A 63 16.78 7.25 -0.68
C GLU A 63 17.45 7.03 -2.05
N ASP A 64 17.91 5.81 -2.33
CA ASP A 64 18.55 5.45 -3.61
C ASP A 64 17.63 5.64 -4.81
N ASP A 65 16.33 5.42 -4.63
CA ASP A 65 15.32 5.48 -5.69
C ASP A 65 15.06 6.90 -6.21
N ASP A 66 15.53 7.92 -5.49
CA ASP A 66 15.53 9.31 -5.96
C ASP A 66 16.33 9.49 -7.27
N ARG A 67 17.38 8.67 -7.49
CA ARG A 67 18.23 8.73 -8.70
C ARG A 67 17.61 8.12 -9.97
N ASP A 68 16.49 7.41 -9.83
CA ASP A 68 15.85 6.64 -10.91
C ASP A 68 14.75 7.47 -11.59
N VAL A 69 15.14 8.22 -12.62
CA VAL A 69 14.24 9.09 -13.41
C VAL A 69 13.09 8.32 -14.07
N ALA A 70 13.29 7.05 -14.42
CA ALA A 70 12.25 6.21 -15.02
C ALA A 70 11.16 5.87 -13.99
N LEU A 71 11.56 5.45 -12.79
CA LEU A 71 10.68 5.22 -11.65
C LEU A 71 9.89 6.48 -11.25
N GLN A 72 10.52 7.66 -11.23
CA GLN A 72 9.83 8.93 -10.98
C GLN A 72 8.74 9.24 -12.02
N ILE A 73 8.96 8.89 -13.31
CA ILE A 73 7.90 8.91 -14.34
C ILE A 73 6.82 7.86 -14.04
N HIS A 74 7.18 6.61 -13.71
CA HIS A 74 6.21 5.54 -13.36
C HIS A 74 5.29 5.92 -12.19
N PHE A 75 5.81 6.63 -11.19
CA PHE A 75 5.04 7.26 -10.11
C PHE A 75 4.04 8.28 -10.69
N THR A 76 4.51 9.25 -11.47
CA THR A 76 3.66 10.33 -12.06
C THR A 76 2.56 9.77 -12.98
N LEU A 77 2.90 8.75 -13.78
CA LEU A 77 2.01 7.99 -14.65
C LEU A 77 0.81 7.39 -13.89
N ILE A 78 1.09 6.54 -12.90
CA ILE A 78 0.06 5.95 -12.03
C ILE A 78 -0.76 7.04 -11.34
N GLN A 79 -0.11 8.12 -10.90
CA GLN A 79 -0.79 9.23 -10.24
C GLN A 79 -1.86 9.84 -11.17
N ALA A 80 -1.55 10.14 -12.44
CA ALA A 80 -2.51 10.63 -13.44
C ALA A 80 -3.72 9.68 -13.60
N PHE A 81 -3.46 8.39 -13.83
CA PHE A 81 -4.50 7.40 -14.11
C PHE A 81 -5.43 7.18 -12.92
N CYS A 82 -4.87 6.96 -11.72
CA CYS A 82 -5.65 6.87 -10.49
C CYS A 82 -6.42 8.18 -10.18
N CYS A 83 -5.86 9.36 -10.48
CA CYS A 83 -6.55 10.65 -10.33
C CYS A 83 -7.83 10.81 -11.19
N GLU A 84 -7.94 10.14 -12.35
CA GLU A 84 -9.18 10.14 -13.15
C GLU A 84 -10.40 9.72 -12.33
N ASN A 85 -10.43 8.47 -11.88
CA ASN A 85 -11.56 7.90 -11.14
C ASN A 85 -11.41 8.13 -9.62
N ASP A 86 -12.35 7.59 -8.85
CA ASP A 86 -12.36 7.65 -7.37
C ASP A 86 -11.33 6.69 -6.70
N ILE A 87 -10.04 6.87 -7.03
CA ILE A 87 -8.93 5.96 -6.74
C ILE A 87 -7.79 6.74 -6.08
N ASN A 88 -7.89 6.94 -4.77
CA ASN A 88 -6.85 7.62 -3.99
C ASN A 88 -5.48 6.87 -4.00
N ILE A 89 -4.42 7.55 -3.58
CA ILE A 89 -3.00 7.18 -3.69
C ILE A 89 -2.25 7.73 -2.46
N LEU A 90 -1.19 7.04 -2.01
CA LEU A 90 -0.19 7.54 -1.06
C LEU A 90 1.23 7.18 -1.54
N ARG A 91 2.18 8.08 -1.35
CA ARG A 91 3.62 7.82 -1.56
C ARG A 91 4.35 7.64 -0.23
N VAL A 92 4.69 6.40 0.15
CA VAL A 92 5.60 6.16 1.29
C VAL A 92 7.07 6.30 0.89
N SER A 93 7.90 6.56 1.89
CA SER A 93 9.35 6.81 1.81
C SER A 93 10.18 5.64 2.37
N ASN A 94 9.55 4.48 2.64
CA ASN A 94 10.14 3.34 3.33
C ASN A 94 9.74 1.95 2.74
N PRO A 95 10.12 1.63 1.48
CA PRO A 95 9.79 0.34 0.86
C PRO A 95 10.40 -0.86 1.60
N GLY A 96 11.56 -0.67 2.24
CA GLY A 96 12.22 -1.71 3.04
C GLY A 96 11.40 -2.22 4.22
N ARG A 97 10.51 -1.38 4.80
CA ARG A 97 9.59 -1.77 5.89
C ARG A 97 8.39 -2.56 5.35
N LEU A 98 7.81 -2.12 4.23
CA LEU A 98 6.78 -2.87 3.51
C LEU A 98 7.26 -4.28 3.13
N ALA A 99 8.47 -4.38 2.61
CA ALA A 99 9.13 -5.63 2.27
C ALA A 99 9.45 -6.50 3.51
N GLU A 100 9.81 -5.90 4.64
CA GLU A 100 10.08 -6.62 5.90
C GLU A 100 8.83 -7.35 6.40
N LEU A 101 7.66 -6.71 6.32
CA LEU A 101 6.38 -7.33 6.70
C LEU A 101 6.09 -8.59 5.87
N LEU A 102 6.29 -8.54 4.54
CA LEU A 102 6.07 -9.71 3.68
C LEU A 102 6.94 -10.91 4.06
N LEU A 103 8.15 -10.67 4.58
CA LEU A 103 9.07 -11.69 5.06
C LEU A 103 8.48 -12.50 6.24
N LEU A 104 7.90 -11.81 7.23
CA LEU A 104 7.23 -12.39 8.39
C LEU A 104 5.90 -13.08 8.02
N GLU A 105 5.10 -12.45 7.17
CA GLU A 105 3.82 -12.95 6.65
C GLU A 105 3.98 -14.21 5.78
N THR A 106 4.89 -14.17 4.80
CA THR A 106 5.24 -15.22 3.84
C THR A 106 4.05 -16.01 3.29
N ASP A 107 3.12 -15.32 2.62
CA ASP A 107 1.84 -15.82 2.08
C ASP A 107 1.05 -16.60 3.15
N ALA A 108 0.55 -15.90 4.17
CA ALA A 108 -0.17 -16.52 5.30
C ALA A 108 -1.52 -17.17 4.90
N GLY A 109 -2.15 -17.88 5.84
CA GLY A 109 -3.36 -18.68 5.60
C GLY A 109 -3.08 -20.20 5.71
N PRO A 110 -3.94 -21.05 5.11
CA PRO A 110 -3.88 -22.50 5.28
C PRO A 110 -2.68 -23.20 4.60
N ALA A 111 -1.96 -22.52 3.69
CA ALA A 111 -0.77 -23.03 3.00
C ALA A 111 0.27 -21.92 2.75
N ALA A 112 1.52 -22.16 3.14
CA ALA A 112 2.67 -21.24 2.99
C ALA A 112 3.96 -22.02 2.66
N SER A 113 4.76 -21.53 1.70
CA SER A 113 6.08 -22.08 1.35
C SER A 113 6.96 -21.04 0.62
N GLU A 114 6.61 -20.68 -0.63
CA GLU A 114 7.36 -19.72 -1.46
C GLU A 114 7.17 -18.25 -1.00
N GLY A 115 8.07 -17.36 -1.45
CA GLY A 115 8.00 -15.90 -1.26
C GLY A 115 7.64 -15.14 -2.54
N ALA A 116 7.33 -13.84 -2.41
CA ALA A 116 6.97 -12.97 -3.53
C ALA A 116 8.20 -12.52 -4.34
N GLU A 117 8.36 -13.14 -5.52
CA GLU A 117 9.54 -12.95 -6.41
C GLU A 117 9.19 -12.75 -7.91
N GLN A 118 7.91 -12.73 -8.29
CA GLN A 118 7.47 -12.36 -9.64
C GLN A 118 7.85 -10.91 -10.07
N PRO A 119 7.60 -9.84 -9.30
CA PRO A 119 7.94 -8.48 -9.72
C PRO A 119 9.47 -8.25 -9.73
N PRO A 120 9.99 -7.33 -10.58
CA PRO A 120 11.43 -7.06 -10.68
C PRO A 120 11.98 -6.37 -9.42
N ASP A 121 11.24 -5.42 -8.86
CA ASP A 121 11.52 -4.70 -7.61
C ASP A 121 10.21 -4.41 -6.86
N LEU A 122 10.01 -5.01 -5.69
CA LEU A 122 8.87 -4.76 -4.81
C LEU A 122 9.00 -3.38 -4.16
N HIS A 123 8.50 -2.35 -4.86
CA HIS A 123 8.50 -0.92 -4.47
C HIS A 123 7.14 -0.23 -4.70
N CYS A 124 6.09 -0.99 -5.01
CA CYS A 124 4.71 -0.52 -5.05
C CYS A 124 3.74 -1.66 -4.74
N VAL A 125 2.57 -1.33 -4.20
CA VAL A 125 1.40 -2.20 -4.08
C VAL A 125 0.15 -1.45 -4.52
N LEU A 126 -0.76 -2.13 -5.21
CA LEU A 126 -2.06 -1.59 -5.60
C LEU A 126 -3.18 -2.56 -5.22
N VAL A 127 -4.11 -2.05 -4.42
CA VAL A 127 -5.20 -2.79 -3.79
C VAL A 127 -6.50 -2.54 -4.56
N THR A 128 -7.29 -3.60 -4.75
CA THR A 128 -8.50 -3.59 -5.58
C THR A 128 -9.65 -4.33 -4.89
N ASN A 129 -10.80 -3.65 -4.73
CA ASN A 129 -12.03 -4.22 -4.17
C ASN A 129 -12.91 -4.88 -5.26
N PRO A 130 -13.83 -5.81 -4.91
CA PRO A 130 -14.91 -6.28 -5.80
C PRO A 130 -15.94 -5.16 -6.08
N HIS A 131 -17.13 -5.51 -6.61
CA HIS A 131 -18.24 -4.56 -6.84
C HIS A 131 -18.69 -3.77 -5.59
N SER A 132 -18.42 -4.26 -4.38
CA SER A 132 -18.63 -3.54 -3.11
C SER A 132 -17.81 -2.26 -3.02
N SER A 133 -18.35 -1.21 -2.40
CA SER A 133 -17.73 0.13 -2.29
C SER A 133 -16.50 0.24 -1.37
N GLN A 134 -16.05 -0.87 -0.77
CA GLN A 134 -14.94 -0.96 0.19
C GLN A 134 -14.14 -2.26 0.05
N TRP A 135 -12.92 -2.29 0.60
CA TRP A 135 -12.09 -3.50 0.71
C TRP A 135 -12.34 -4.32 2.00
N LYS A 136 -13.28 -3.87 2.86
CA LYS A 136 -13.67 -4.50 4.14
C LYS A 136 -12.50 -4.61 5.15
N ASP A 137 -11.82 -3.49 5.40
CA ASP A 137 -10.75 -3.41 6.40
C ASP A 137 -10.75 -2.06 7.17
N PRO A 138 -10.80 -2.05 8.52
CA PRO A 138 -10.78 -0.82 9.31
C PRO A 138 -9.44 -0.07 9.21
N ALA A 139 -8.35 -0.79 8.93
CA ALA A 139 -7.03 -0.26 8.61
C ALA A 139 -7.07 0.62 7.36
N LEU A 140 -7.49 0.07 6.22
CA LEU A 140 -7.61 0.82 4.95
C LEU A 140 -8.68 1.93 5.04
N SER A 141 -9.72 1.76 5.84
CA SER A 141 -10.69 2.84 6.15
C SER A 141 -9.99 4.07 6.75
N GLN A 142 -9.15 3.90 7.78
CA GLN A 142 -8.35 4.98 8.37
C GLN A 142 -7.35 5.61 7.38
N LEU A 143 -6.76 4.82 6.48
CA LEU A 143 -5.92 5.33 5.37
C LEU A 143 -6.70 6.25 4.43
N ILE A 144 -7.88 5.85 3.95
CA ILE A 144 -8.72 6.67 3.06
C ILE A 144 -9.05 8.02 3.73
N CYS A 145 -9.41 7.99 5.02
CA CYS A 145 -9.62 9.21 5.83
C CYS A 145 -8.38 10.12 5.85
N PHE A 146 -7.21 9.61 6.25
CA PHE A 146 -5.97 10.40 6.26
C PHE A 146 -5.62 10.96 4.86
N CYS A 147 -5.75 10.16 3.80
CA CYS A 147 -5.51 10.58 2.42
C CYS A 147 -6.41 11.75 2.01
N ARG A 148 -7.74 11.68 2.24
CA ARG A 148 -8.69 12.78 1.98
C ARG A 148 -8.34 14.07 2.74
N GLU A 149 -8.04 13.97 4.04
CA GLU A 149 -7.69 15.12 4.88
C GLU A 149 -6.37 15.78 4.45
N SER A 150 -5.33 15.00 4.16
CA SER A 150 -4.02 15.50 3.70
C SER A 150 -4.10 16.10 2.29
N ARG A 151 -4.79 15.44 1.35
CA ARG A 151 -5.05 15.93 -0.02
C ARG A 151 -5.85 17.25 -0.05
N TYR A 152 -6.57 17.60 1.02
CA TYR A 152 -7.18 18.93 1.16
C TYR A 152 -6.17 20.09 1.27
N MET A 153 -4.90 19.79 1.56
CA MET A 153 -3.77 20.74 1.62
C MET A 153 -2.69 20.43 0.57
N ASP A 154 -2.30 19.16 0.41
CA ASP A 154 -1.29 18.72 -0.57
C ASP A 154 -1.75 18.96 -2.03
N GLN A 155 -0.78 19.17 -2.93
CA GLN A 155 -0.98 19.50 -4.34
C GLN A 155 -1.30 18.27 -5.22
N TRP A 156 -1.06 17.06 -4.74
CA TRP A 156 -1.18 15.79 -5.48
C TRP A 156 -1.63 14.62 -4.57
N VAL A 157 -0.73 14.15 -3.70
CA VAL A 157 -0.87 12.93 -2.87
C VAL A 157 -0.16 13.10 -1.52
N PRO A 158 -0.66 12.50 -0.43
CA PRO A 158 0.06 12.47 0.85
C PRO A 158 1.41 11.75 0.72
N VAL A 159 2.30 12.04 1.67
CA VAL A 159 3.62 11.42 1.82
C VAL A 159 3.89 11.05 3.27
N ILE A 160 4.51 9.89 3.53
CA ILE A 160 4.89 9.47 4.89
C ILE A 160 6.00 8.43 4.93
N ASN A 161 6.49 8.09 6.13
CA ASN A 161 7.30 6.90 6.42
C ASN A 161 6.70 6.12 7.59
N LEU A 162 7.16 4.89 7.82
CA LEU A 162 6.75 4.06 8.96
C LEU A 162 7.99 3.55 9.74
N PRO A 163 7.89 3.36 11.07
CA PRO A 163 9.01 2.94 11.90
C PRO A 163 9.41 1.48 11.64
N GLU A 164 10.63 1.10 12.07
CA GLU A 164 11.13 -0.27 11.96
C GLU A 164 10.39 -1.24 12.92
N ARG A 165 10.58 -2.54 12.71
CA ARG A 165 9.96 -3.65 13.45
C ARG A 165 10.59 -3.84 14.84
N MET A 1 9.92 -23.14 30.57
CA MET A 1 8.49 -23.49 30.69
C MET A 1 7.65 -22.21 30.92
N THR A 2 7.11 -21.64 29.84
CA THR A 2 6.40 -20.34 29.81
C THR A 2 5.18 -20.37 28.88
N LEU A 3 3.97 -20.30 29.44
CA LEU A 3 2.69 -20.36 28.72
C LEU A 3 1.59 -19.55 29.45
N GLU A 4 1.46 -18.26 29.10
CA GLU A 4 0.50 -17.32 29.74
C GLU A 4 -0.09 -16.25 28.80
N GLU A 5 0.21 -16.30 27.49
CA GLU A 5 -0.22 -15.28 26.52
C GLU A 5 -1.75 -15.19 26.29
N PHE A 6 -2.34 -14.08 26.72
CA PHE A 6 -3.75 -13.71 26.52
C PHE A 6 -3.96 -12.20 26.72
N SER A 7 -3.94 -11.41 25.63
CA SER A 7 -4.13 -9.95 25.64
C SER A 7 -4.95 -9.46 24.43
N ALA A 8 -5.58 -8.28 24.56
CA ALA A 8 -6.34 -7.59 23.52
C ALA A 8 -6.39 -6.05 23.74
N GLY A 9 -6.92 -5.31 22.76
CA GLY A 9 -7.19 -3.87 22.84
C GLY A 9 -7.64 -3.26 21.50
N GLU A 10 -8.17 -2.04 21.54
CA GLU A 10 -8.64 -1.26 20.36
C GLU A 10 -8.60 0.26 20.64
N GLN A 11 -8.61 1.08 19.58
CA GLN A 11 -8.77 2.55 19.62
C GLN A 11 -9.70 3.03 18.50
N LYS A 12 -10.10 4.32 18.51
CA LYS A 12 -11.10 4.92 17.60
C LYS A 12 -10.59 6.15 16.82
N THR A 13 -9.32 6.52 16.98
CA THR A 13 -8.69 7.75 16.48
C THR A 13 -7.63 7.50 15.40
N GLU A 14 -7.16 8.57 14.76
CA GLU A 14 -6.08 8.58 13.76
C GLU A 14 -4.79 9.25 14.29
N ARG A 15 -3.64 8.84 13.72
CA ARG A 15 -2.28 9.30 14.07
C ARG A 15 -1.29 8.86 12.98
N MET A 16 -0.19 9.58 12.75
CA MET A 16 0.80 9.20 11.73
C MET A 16 1.37 7.78 11.92
N ASP A 17 1.73 7.40 13.15
CA ASP A 17 2.16 6.03 13.46
C ASP A 17 1.07 4.97 13.19
N LYS A 18 -0.20 5.29 13.45
CA LYS A 18 -1.35 4.43 13.12
C LYS A 18 -1.50 4.20 11.62
N VAL A 19 -1.19 5.20 10.77
CA VAL A 19 -1.29 5.10 9.30
C VAL A 19 -0.26 4.13 8.75
N GLY A 20 0.98 4.19 9.23
CA GLY A 20 2.04 3.24 8.85
C GLY A 20 1.71 1.80 9.26
N ASP A 21 1.33 1.60 10.52
CA ASP A 21 0.86 0.32 11.06
C ASP A 21 -0.32 -0.26 10.25
N ALA A 22 -1.30 0.61 9.96
CA ALA A 22 -2.46 0.29 9.14
C ALA A 22 -2.09 -0.18 7.72
N LEU A 23 -1.06 0.43 7.12
CA LEU A 23 -0.53 0.05 5.80
C LEU A 23 -0.13 -1.43 5.83
N GLU A 24 0.66 -1.82 6.83
CA GLU A 24 1.06 -3.22 7.05
C GLU A 24 -0.12 -4.19 7.27
N GLU A 25 -1.23 -3.72 7.87
CA GLU A 25 -2.33 -4.61 8.25
C GLU A 25 -3.08 -5.08 7.01
N VAL A 26 -3.43 -4.12 6.15
CA VAL A 26 -4.04 -4.38 4.84
C VAL A 26 -3.10 -5.14 3.92
N LEU A 27 -1.80 -4.84 3.89
CA LEU A 27 -0.82 -5.58 3.08
C LEU A 27 -0.79 -7.08 3.42
N SER A 28 -0.85 -7.43 4.70
CA SER A 28 -0.98 -8.83 5.17
C SER A 28 -2.26 -9.47 4.59
N LYS A 29 -3.43 -8.87 4.83
CA LYS A 29 -4.72 -9.31 4.28
C LYS A 29 -4.69 -9.48 2.76
N ALA A 30 -4.11 -8.52 2.03
CA ALA A 30 -4.04 -8.49 0.57
C ALA A 30 -3.31 -9.72 0.01
N LEU A 31 -2.13 -10.06 0.54
CA LEU A 31 -1.43 -11.26 0.11
C LEU A 31 -2.21 -12.54 0.44
N SER A 32 -2.96 -12.59 1.55
CA SER A 32 -3.88 -13.71 1.82
C SER A 32 -5.02 -13.85 0.80
N GLN A 33 -5.40 -12.76 0.09
CA GLN A 33 -6.41 -12.82 -0.98
C GLN A 33 -5.82 -13.13 -2.37
N ARG A 34 -4.52 -12.90 -2.55
CA ARG A 34 -3.76 -12.88 -3.81
C ARG A 34 -4.44 -12.19 -5.02
N THR A 35 -5.20 -11.10 -4.79
CA THR A 35 -6.03 -10.38 -5.78
C THR A 35 -5.59 -8.94 -6.08
N ILE A 36 -4.40 -8.55 -5.64
CA ILE A 36 -3.84 -7.19 -5.79
C ILE A 36 -2.69 -7.13 -6.80
N THR A 37 -2.46 -5.94 -7.37
CA THR A 37 -1.26 -5.61 -8.16
C THR A 37 -0.07 -5.44 -7.22
N VAL A 38 1.13 -5.82 -7.68
CA VAL A 38 2.40 -5.58 -6.99
C VAL A 38 3.52 -5.30 -8.01
N GLY A 39 4.51 -4.50 -7.62
CA GLY A 39 5.58 -3.98 -8.47
C GLY A 39 5.20 -2.65 -9.14
N VAL A 40 6.23 -1.86 -9.50
CA VAL A 40 6.07 -0.48 -10.03
C VAL A 40 5.66 -0.48 -11.49
N TYR A 41 6.22 -1.41 -12.27
CA TYR A 41 5.80 -1.70 -13.64
C TYR A 41 4.42 -2.41 -13.64
N GLU A 42 3.92 -2.84 -14.81
CA GLU A 42 2.53 -3.34 -15.02
C GLU A 42 1.46 -2.23 -14.95
N ALA A 43 1.87 -0.95 -14.92
CA ALA A 43 1.03 0.25 -14.80
C ALA A 43 -0.07 0.36 -15.88
N ALA A 44 0.30 0.28 -17.17
CA ALA A 44 -0.67 0.29 -18.27
C ALA A 44 -1.65 -0.89 -18.19
N LYS A 45 -1.15 -2.07 -17.81
CA LYS A 45 -1.93 -3.30 -17.60
C LYS A 45 -2.97 -3.16 -16.50
N LEU A 46 -2.57 -2.79 -15.26
CA LEU A 46 -3.47 -2.63 -14.13
C LEU A 46 -4.64 -1.69 -14.46
N LEU A 47 -4.35 -0.58 -15.15
CA LEU A 47 -5.37 0.39 -15.60
C LEU A 47 -6.38 -0.25 -16.56
N ASN A 48 -5.92 -1.01 -17.55
CA ASN A 48 -6.73 -1.75 -18.51
C ASN A 48 -7.40 -3.03 -17.94
N VAL A 49 -7.11 -3.44 -16.70
CA VAL A 49 -7.62 -4.68 -16.07
C VAL A 49 -8.65 -4.39 -14.97
N ASP A 50 -8.39 -3.43 -14.07
CA ASP A 50 -9.29 -3.04 -12.96
C ASP A 50 -9.43 -1.51 -12.79
N PRO A 51 -10.01 -0.78 -13.77
CA PRO A 51 -10.15 0.69 -13.72
C PRO A 51 -11.18 1.16 -12.67
N ASP A 52 -12.41 0.65 -12.70
CA ASP A 52 -13.45 0.92 -11.71
C ASP A 52 -13.21 0.20 -10.37
N ASN A 53 -12.71 -1.03 -10.46
CA ASN A 53 -12.43 -1.95 -9.35
C ASN A 53 -11.28 -1.54 -8.42
N VAL A 54 -10.42 -0.59 -8.79
CA VAL A 54 -9.37 -0.08 -7.87
C VAL A 54 -9.98 0.54 -6.63
N VAL A 55 -9.36 0.28 -5.47
CA VAL A 55 -9.76 0.90 -4.19
C VAL A 55 -8.63 1.73 -3.57
N LEU A 56 -7.35 1.32 -3.69
CA LEU A 56 -6.22 2.14 -3.24
C LEU A 56 -4.87 1.81 -3.90
N CYS A 57 -4.18 2.85 -4.35
CA CYS A 57 -2.79 2.79 -4.82
C CYS A 57 -1.78 3.12 -3.69
N LEU A 58 -0.83 2.21 -3.39
CA LEU A 58 0.25 2.39 -2.40
C LEU A 58 1.63 2.43 -3.10
N LEU A 59 2.12 3.62 -3.45
CA LEU A 59 3.41 3.77 -4.14
C LEU A 59 4.55 4.06 -3.14
N ALA A 60 5.66 3.31 -3.15
CA ALA A 60 6.69 3.33 -2.10
C ALA A 60 8.11 3.66 -2.64
N ALA A 61 8.52 4.93 -2.53
CA ALA A 61 9.77 5.45 -3.10
C ALA A 61 10.98 5.33 -2.14
N ASP A 62 12.05 4.65 -2.56
CA ASP A 62 13.33 4.54 -1.82
C ASP A 62 14.13 5.86 -1.84
N GLU A 63 15.13 6.00 -0.95
CA GLU A 63 16.21 6.98 -1.12
C GLU A 63 16.94 6.78 -2.47
N ASP A 64 17.29 5.53 -2.77
CA ASP A 64 17.97 5.12 -4.01
C ASP A 64 17.15 5.42 -5.28
N ASP A 65 15.83 5.53 -5.17
CA ASP A 65 14.92 5.79 -6.29
C ASP A 65 15.17 7.16 -6.96
N ASP A 66 15.79 8.08 -6.23
CA ASP A 66 16.11 9.40 -6.77
C ASP A 66 17.17 9.35 -7.90
N ARG A 67 17.89 8.22 -8.02
CA ARG A 67 18.93 8.00 -9.05
C ARG A 67 18.39 7.53 -10.40
N ASP A 68 17.13 7.09 -10.47
CA ASP A 68 16.45 6.57 -11.64
C ASP A 68 15.18 7.37 -11.97
N VAL A 69 15.37 8.47 -12.69
CA VAL A 69 14.31 9.39 -13.15
C VAL A 69 13.19 8.68 -13.93
N ALA A 70 13.50 7.59 -14.65
CA ALA A 70 12.51 6.76 -15.34
C ALA A 70 11.43 6.24 -14.37
N LEU A 71 11.84 5.67 -13.23
CA LEU A 71 10.94 5.17 -12.19
C LEU A 71 10.19 6.30 -11.48
N GLN A 72 10.84 7.45 -11.24
CA GLN A 72 10.16 8.64 -10.69
C GLN A 72 9.04 9.15 -11.62
N ILE A 73 9.27 9.15 -12.94
CA ILE A 73 8.22 9.40 -13.94
C ILE A 73 7.17 8.29 -13.92
N HIS A 74 7.52 7.01 -13.80
CA HIS A 74 6.54 5.90 -13.68
C HIS A 74 5.56 6.10 -12.51
N PHE A 75 6.03 6.58 -11.37
CA PHE A 75 5.17 7.02 -10.24
C PHE A 75 4.22 8.15 -10.67
N THR A 76 4.74 9.23 -11.24
CA THR A 76 3.93 10.41 -11.66
C THR A 76 2.89 10.04 -12.72
N LEU A 77 3.27 9.17 -13.66
CA LEU A 77 2.46 8.65 -14.75
C LEU A 77 1.25 7.85 -14.26
N ILE A 78 1.48 6.75 -13.52
CA ILE A 78 0.37 5.94 -12.98
C ILE A 78 -0.51 6.76 -12.04
N GLN A 79 0.05 7.78 -11.36
CA GLN A 79 -0.71 8.70 -10.52
C GLN A 79 -1.76 9.49 -11.34
N ALA A 80 -1.37 10.07 -12.48
CA ALA A 80 -2.31 10.72 -13.40
C ALA A 80 -3.46 9.76 -13.79
N PHE A 81 -3.11 8.53 -14.16
CA PHE A 81 -4.06 7.53 -14.65
C PHE A 81 -5.05 7.07 -13.57
N CYS A 82 -4.57 6.66 -12.38
CA CYS A 82 -5.47 6.24 -11.30
C CYS A 82 -6.34 7.39 -10.75
N CYS A 83 -5.82 8.62 -10.73
CA CYS A 83 -6.60 9.83 -10.40
C CYS A 83 -7.78 10.05 -11.35
N GLU A 84 -7.67 9.67 -12.63
CA GLU A 84 -8.78 9.77 -13.59
C GLU A 84 -10.03 8.96 -13.18
N ASN A 85 -9.85 7.82 -12.50
CA ASN A 85 -10.96 7.01 -11.93
C ASN A 85 -11.52 7.60 -10.63
N ASP A 86 -10.76 8.46 -9.94
CA ASP A 86 -11.02 9.11 -8.66
C ASP A 86 -11.67 8.22 -7.57
N ILE A 87 -10.86 7.31 -6.96
CA ILE A 87 -11.23 6.57 -5.74
C ILE A 87 -10.27 6.97 -4.59
N ASN A 88 -9.14 6.29 -4.40
CA ASN A 88 -8.12 6.71 -3.43
C ASN A 88 -6.67 6.31 -3.81
N ILE A 89 -5.73 7.14 -3.35
CA ILE A 89 -4.31 7.19 -3.74
C ILE A 89 -3.46 7.74 -2.58
N LEU A 90 -2.29 7.15 -2.32
CA LEU A 90 -1.24 7.76 -1.48
C LEU A 90 0.17 7.22 -1.83
N ARG A 91 1.20 7.85 -1.26
CA ARG A 91 2.59 7.37 -1.37
C ARG A 91 3.31 7.31 -0.02
N VAL A 92 4.35 6.50 0.04
CA VAL A 92 5.21 6.32 1.22
C VAL A 92 6.69 6.44 0.84
N SER A 93 7.51 6.75 1.84
CA SER A 93 8.94 7.08 1.73
C SER A 93 9.84 5.95 2.27
N ASN A 94 9.25 4.80 2.64
CA ASN A 94 9.92 3.69 3.32
C ASN A 94 9.54 2.29 2.78
N PRO A 95 9.85 2.00 1.50
CA PRO A 95 9.60 0.68 0.88
C PRO A 95 10.38 -0.46 1.54
N GLY A 96 11.48 -0.16 2.25
CA GLY A 96 12.25 -1.17 2.99
C GLY A 96 11.43 -1.93 4.03
N ARG A 97 10.41 -1.28 4.63
CA ARG A 97 9.48 -1.94 5.60
C ARG A 97 8.33 -2.65 4.89
N LEU A 98 7.84 -2.11 3.77
CA LEU A 98 6.90 -2.84 2.90
C LEU A 98 7.50 -4.17 2.44
N ALA A 99 8.72 -4.13 1.90
CA ALA A 99 9.46 -5.30 1.45
C ALA A 99 9.78 -6.30 2.59
N GLU A 100 10.06 -5.81 3.81
CA GLU A 100 10.31 -6.69 4.97
C GLU A 100 9.05 -7.48 5.36
N LEU A 101 7.90 -6.80 5.51
CA LEU A 101 6.66 -7.48 5.89
C LEU A 101 6.21 -8.52 4.84
N LEU A 102 6.48 -8.26 3.54
CA LEU A 102 6.18 -9.11 2.38
C LEU A 102 6.93 -10.46 2.33
N LEU A 103 7.94 -10.63 3.17
CA LEU A 103 8.57 -11.91 3.47
C LEU A 103 7.86 -12.64 4.62
N LEU A 104 7.66 -11.96 5.75
CA LEU A 104 7.21 -12.53 7.01
C LEU A 104 5.69 -12.85 7.04
N GLU A 105 4.83 -11.86 6.80
CA GLU A 105 3.36 -11.87 6.98
C GLU A 105 2.86 -12.29 8.40
N THR A 106 2.13 -11.40 9.07
CA THR A 106 1.43 -11.66 10.34
C THR A 106 0.28 -12.66 10.15
N ASP A 107 0.57 -13.95 10.29
CA ASP A 107 -0.33 -15.11 10.07
C ASP A 107 -1.05 -15.12 8.70
N ALA A 108 -0.45 -14.47 7.69
CA ALA A 108 -1.01 -14.21 6.37
C ALA A 108 -0.19 -14.84 5.22
N GLY A 109 -0.76 -14.85 4.00
CA GLY A 109 -0.08 -15.32 2.77
C GLY A 109 0.60 -16.70 2.89
N PRO A 110 1.62 -16.98 2.05
CA PRO A 110 2.48 -18.16 2.16
C PRO A 110 3.56 -17.97 3.26
N ALA A 111 3.13 -17.87 4.53
CA ALA A 111 3.99 -17.66 5.70
C ALA A 111 5.11 -18.71 5.83
N ALA A 112 6.37 -18.31 5.61
CA ALA A 112 7.58 -19.14 5.74
C ALA A 112 8.81 -18.33 6.21
N SER A 113 9.86 -19.02 6.64
CA SER A 113 11.12 -18.44 7.13
C SER A 113 12.12 -18.21 5.98
N GLU A 114 12.10 -17.02 5.39
CA GLU A 114 13.03 -16.57 4.33
C GLU A 114 13.47 -15.11 4.53
N GLY A 115 14.51 -14.68 3.80
CA GLY A 115 15.01 -13.30 3.71
C GLY A 115 16.51 -13.16 3.98
N ALA A 116 17.18 -12.37 3.13
CA ALA A 116 18.57 -11.95 3.30
C ALA A 116 18.82 -10.60 2.59
N GLU A 117 18.80 -10.59 1.25
CA GLU A 117 19.09 -9.43 0.39
C GLU A 117 18.46 -9.60 -1.01
N GLN A 118 17.17 -9.29 -1.14
CA GLN A 118 16.45 -9.28 -2.43
C GLN A 118 16.86 -8.06 -3.31
N PRO A 119 16.60 -8.12 -4.64
CA PRO A 119 16.87 -7.01 -5.57
C PRO A 119 15.90 -5.82 -5.36
N PRO A 120 16.13 -4.66 -6.03
CA PRO A 120 15.24 -3.49 -5.98
C PRO A 120 13.93 -3.69 -6.76
N ASP A 121 12.98 -4.41 -6.17
CA ASP A 121 11.58 -4.58 -6.61
C ASP A 121 10.59 -4.53 -5.43
N LEU A 122 9.30 -4.79 -5.67
CA LEU A 122 8.19 -4.68 -4.68
C LEU A 122 7.94 -3.23 -4.18
N HIS A 123 8.41 -2.20 -4.90
CA HIS A 123 8.33 -0.78 -4.53
C HIS A 123 6.95 -0.12 -4.80
N CYS A 124 5.93 -0.90 -5.15
CA CYS A 124 4.53 -0.51 -5.26
C CYS A 124 3.63 -1.72 -4.93
N VAL A 125 2.48 -1.47 -4.30
CA VAL A 125 1.31 -2.36 -4.33
C VAL A 125 0.11 -1.52 -4.77
N LEU A 126 -0.85 -2.17 -5.44
CA LEU A 126 -2.13 -1.52 -5.76
C LEU A 126 -3.32 -2.46 -5.51
N VAL A 127 -4.12 -2.11 -4.51
CA VAL A 127 -5.28 -2.84 -3.99
C VAL A 127 -6.51 -2.60 -4.87
N THR A 128 -7.13 -3.69 -5.32
CA THR A 128 -8.42 -3.66 -6.03
C THR A 128 -9.35 -4.78 -5.54
N ASN A 129 -10.67 -4.61 -5.72
CA ASN A 129 -11.67 -5.65 -5.47
C ASN A 129 -11.97 -6.45 -6.75
N PRO A 130 -12.26 -7.77 -6.68
CA PRO A 130 -12.51 -8.59 -7.87
C PRO A 130 -13.81 -8.21 -8.60
N HIS A 131 -14.90 -7.97 -7.85
CA HIS A 131 -16.17 -7.36 -8.26
C HIS A 131 -17.01 -7.03 -7.01
N SER A 132 -17.14 -5.74 -6.67
CA SER A 132 -18.02 -5.22 -5.59
C SER A 132 -17.72 -5.69 -4.16
N SER A 133 -16.58 -6.38 -3.93
CA SER A 133 -16.23 -7.01 -2.65
C SER A 133 -15.93 -6.01 -1.53
N GLN A 134 -16.14 -6.43 -0.28
CA GLN A 134 -15.98 -5.69 0.97
C GLN A 134 -14.49 -5.45 1.37
N TRP A 135 -13.75 -4.68 0.57
CA TRP A 135 -12.36 -4.28 0.85
C TRP A 135 -12.19 -3.19 1.94
N LYS A 136 -13.30 -2.76 2.57
CA LYS A 136 -13.32 -1.79 3.67
C LYS A 136 -12.87 -2.44 4.99
N ASP A 137 -11.71 -2.03 5.49
CA ASP A 137 -11.10 -2.45 6.77
C ASP A 137 -10.81 -1.24 7.67
N PRO A 138 -10.83 -1.37 9.01
CA PRO A 138 -10.72 -0.24 9.94
C PRO A 138 -9.35 0.47 9.87
N ALA A 139 -8.28 -0.29 9.63
CA ALA A 139 -6.94 0.20 9.31
C ALA A 139 -7.00 1.14 8.08
N LEU A 140 -7.64 0.69 7.00
CA LEU A 140 -7.78 1.43 5.76
C LEU A 140 -8.70 2.67 5.89
N SER A 141 -9.73 2.61 6.73
CA SER A 141 -10.52 3.80 7.11
C SER A 141 -9.65 4.89 7.74
N GLN A 142 -8.75 4.53 8.68
CA GLN A 142 -7.76 5.46 9.24
C GLN A 142 -6.80 6.02 8.16
N LEU A 143 -6.30 5.18 7.25
CA LEU A 143 -5.49 5.63 6.10
C LEU A 143 -6.20 6.65 5.21
N ILE A 144 -7.43 6.36 4.77
CA ILE A 144 -8.26 7.26 3.95
C ILE A 144 -8.41 8.62 4.63
N CYS A 145 -8.82 8.64 5.90
CA CYS A 145 -9.03 9.89 6.63
C CYS A 145 -7.74 10.73 6.76
N PHE A 146 -6.62 10.15 7.19
CA PHE A 146 -5.33 10.85 7.26
C PHE A 146 -4.89 11.39 5.88
N CYS A 147 -4.90 10.54 4.85
CA CYS A 147 -4.48 10.97 3.52
C CYS A 147 -5.36 12.10 2.96
N ARG A 148 -6.67 12.07 3.21
CA ARG A 148 -7.64 13.11 2.82
C ARG A 148 -7.29 14.48 3.38
N GLU A 149 -6.97 14.56 4.67
CA GLU A 149 -6.57 15.82 5.32
C GLU A 149 -5.26 16.39 4.78
N SER A 150 -4.23 15.55 4.55
CA SER A 150 -2.96 16.03 3.99
C SER A 150 -3.07 16.39 2.50
N ARG A 151 -3.80 15.59 1.69
CA ARG A 151 -4.16 15.87 0.28
C ARG A 151 -4.94 17.18 0.10
N TYR A 152 -5.60 17.69 1.15
CA TYR A 152 -6.18 19.05 1.16
C TYR A 152 -5.14 20.19 1.07
N MET A 153 -3.85 19.89 1.24
CA MET A 153 -2.72 20.81 1.08
C MET A 153 -1.70 20.34 0.02
N ASP A 154 -1.36 19.03 -0.02
CA ASP A 154 -0.50 18.44 -1.05
C ASP A 154 -1.12 18.56 -2.46
N GLN A 155 -0.26 18.62 -3.49
CA GLN A 155 -0.64 18.93 -4.88
C GLN A 155 -1.14 17.71 -5.69
N TRP A 156 -0.97 16.50 -5.14
CA TRP A 156 -1.24 15.21 -5.80
C TRP A 156 -1.69 14.15 -4.77
N VAL A 157 -0.73 13.67 -3.98
CA VAL A 157 -0.84 12.68 -2.91
C VAL A 157 0.08 13.06 -1.74
N PRO A 158 -0.26 12.67 -0.50
CA PRO A 158 0.61 12.85 0.67
C PRO A 158 1.67 11.75 0.79
N VAL A 159 2.68 12.01 1.61
CA VAL A 159 3.76 11.07 1.99
C VAL A 159 3.60 10.58 3.44
N ILE A 160 4.01 9.34 3.72
CA ILE A 160 4.35 8.90 5.10
C ILE A 160 5.55 7.94 5.12
N ASN A 161 6.17 7.75 6.28
CA ASN A 161 7.31 6.85 6.51
C ASN A 161 7.02 5.94 7.74
N LEU A 162 6.50 4.73 7.49
CA LEU A 162 6.15 3.80 8.57
C LEU A 162 7.37 3.39 9.43
N PRO A 163 7.20 3.24 10.76
CA PRO A 163 8.27 2.83 11.67
C PRO A 163 8.67 1.36 11.46
N GLU A 164 9.76 0.94 12.11
CA GLU A 164 10.22 -0.46 12.07
C GLU A 164 9.20 -1.44 12.69
N ARG A 165 9.41 -2.73 12.40
CA ARG A 165 8.59 -3.87 12.85
C ARG A 165 8.70 -4.12 14.36
N MET A 1 -7.56 -30.74 31.01
CA MET A 1 -6.94 -29.61 30.26
C MET A 1 -6.79 -29.97 28.77
N THR A 2 -7.23 -29.07 27.89
CA THR A 2 -7.31 -29.27 26.41
C THR A 2 -6.66 -28.16 25.58
N LEU A 3 -6.12 -27.12 26.22
CA LEU A 3 -5.47 -25.93 25.63
C LEU A 3 -6.28 -25.28 24.48
N GLU A 4 -7.47 -24.77 24.81
CA GLU A 4 -8.40 -24.13 23.86
C GLU A 4 -8.39 -22.58 23.93
N GLU A 5 -7.66 -21.99 24.87
CA GLU A 5 -7.52 -20.53 25.02
C GLU A 5 -6.62 -19.88 23.94
N PHE A 6 -7.20 -19.00 23.13
CA PHE A 6 -6.52 -18.15 22.14
C PHE A 6 -7.42 -16.97 21.70
N SER A 7 -7.24 -15.79 22.29
CA SER A 7 -7.95 -14.54 21.90
C SER A 7 -7.15 -13.27 22.24
N ALA A 8 -6.97 -12.39 21.26
CA ALA A 8 -6.36 -11.05 21.38
C ALA A 8 -6.83 -10.12 20.23
N GLY A 9 -6.43 -8.84 20.28
CA GLY A 9 -6.60 -7.85 19.19
C GLY A 9 -7.47 -6.65 19.57
N GLU A 10 -6.87 -5.47 19.65
CA GLU A 10 -7.54 -4.17 19.86
C GLU A 10 -6.81 -3.04 19.10
N GLN A 11 -7.54 -2.06 18.56
CA GLN A 11 -6.99 -0.92 17.83
C GLN A 11 -8.02 0.22 17.65
N LYS A 12 -7.67 1.44 18.06
CA LYS A 12 -8.52 2.65 17.98
C LYS A 12 -7.78 3.98 17.68
N THR A 13 -6.44 3.97 17.67
CA THR A 13 -5.59 5.13 17.34
C THR A 13 -5.57 5.44 15.83
N GLU A 14 -5.16 6.67 15.48
CA GLU A 14 -5.06 7.20 14.10
C GLU A 14 -3.78 8.01 13.82
N ARG A 15 -2.73 7.80 14.64
CA ARG A 15 -1.43 8.50 14.61
C ARG A 15 -0.71 8.41 13.25
N MET A 16 0.23 9.32 13.00
CA MET A 16 1.07 9.38 11.79
C MET A 16 1.76 8.04 11.46
N ASP A 17 2.50 7.47 12.41
CA ASP A 17 3.15 6.15 12.23
C ASP A 17 2.14 5.00 12.05
N LYS A 18 0.95 5.11 12.68
CA LYS A 18 -0.13 4.13 12.51
C LYS A 18 -0.63 4.04 11.07
N VAL A 19 -0.57 5.11 10.27
CA VAL A 19 -0.94 5.10 8.84
C VAL A 19 -0.12 4.06 8.06
N GLY A 20 1.21 4.12 8.15
CA GLY A 20 2.09 3.24 7.37
C GLY A 20 2.08 1.80 7.89
N ASP A 21 2.03 1.62 9.22
CA ASP A 21 1.85 0.32 9.89
C ASP A 21 0.55 -0.38 9.46
N ALA A 22 -0.55 0.38 9.53
CA ALA A 22 -1.88 -0.06 9.08
C ALA A 22 -1.85 -0.54 7.62
N LEU A 23 -1.17 0.21 6.75
CA LEU A 23 -1.11 -0.09 5.32
C LEU A 23 -0.44 -1.44 5.05
N GLU A 24 0.75 -1.67 5.62
CA GLU A 24 1.44 -2.96 5.47
C GLU A 24 0.66 -4.15 6.09
N GLU A 25 -0.27 -3.91 7.02
CA GLU A 25 -1.10 -4.99 7.59
C GLU A 25 -2.17 -5.46 6.58
N VAL A 26 -2.91 -4.51 6.01
CA VAL A 26 -3.86 -4.74 4.91
C VAL A 26 -3.19 -5.42 3.72
N LEU A 27 -1.98 -4.98 3.36
CA LEU A 27 -1.18 -5.61 2.30
C LEU A 27 -0.92 -7.11 2.53
N SER A 28 -0.65 -7.52 3.77
CA SER A 28 -0.53 -8.95 4.11
C SER A 28 -1.82 -9.73 3.89
N LYS A 29 -2.96 -9.19 4.37
CA LYS A 29 -4.30 -9.77 4.16
C LYS A 29 -4.65 -9.89 2.68
N ALA A 30 -4.32 -8.88 1.89
CA ALA A 30 -4.61 -8.78 0.46
C ALA A 30 -3.82 -9.78 -0.39
N LEU A 31 -2.52 -9.97 -0.09
CA LEU A 31 -1.70 -11.05 -0.64
C LEU A 31 -2.19 -12.43 -0.19
N SER A 32 -2.54 -12.62 1.10
CA SER A 32 -3.09 -13.89 1.60
C SER A 32 -4.31 -14.36 0.78
N GLN A 33 -5.18 -13.44 0.36
CA GLN A 33 -6.37 -13.69 -0.45
C GLN A 33 -6.19 -13.44 -1.96
N ARG A 34 -4.98 -13.09 -2.42
CA ARG A 34 -4.52 -13.05 -3.83
C ARG A 34 -5.35 -12.12 -4.74
N THR A 35 -5.80 -10.96 -4.23
CA THR A 35 -6.70 -10.03 -4.94
C THR A 35 -6.07 -8.65 -5.24
N ILE A 36 -4.76 -8.53 -5.05
CA ILE A 36 -3.99 -7.27 -5.08
C ILE A 36 -2.92 -7.24 -6.16
N THR A 37 -2.65 -6.03 -6.70
CA THR A 37 -1.52 -5.77 -7.61
C THR A 37 -0.25 -5.41 -6.84
N VAL A 38 0.92 -5.77 -7.38
CA VAL A 38 2.25 -5.43 -6.83
C VAL A 38 3.26 -5.20 -7.96
N GLY A 39 4.16 -4.21 -7.77
CA GLY A 39 5.23 -3.84 -8.69
C GLY A 39 5.02 -2.51 -9.42
N VAL A 40 6.07 -1.67 -9.47
CA VAL A 40 6.02 -0.27 -9.97
C VAL A 40 5.60 -0.21 -11.44
N TYR A 41 6.11 -1.14 -12.26
CA TYR A 41 5.93 -1.17 -13.71
C TYR A 41 4.74 -2.05 -14.16
N GLU A 42 3.70 -2.17 -13.32
CA GLU A 42 2.39 -2.77 -13.68
C GLU A 42 1.24 -1.75 -13.83
N ALA A 43 1.54 -0.45 -13.77
CA ALA A 43 0.58 0.66 -13.84
C ALA A 43 -0.39 0.59 -15.05
N ALA A 44 0.12 0.33 -16.25
CA ALA A 44 -0.69 0.18 -17.46
C ALA A 44 -1.64 -1.03 -17.36
N LYS A 45 -1.12 -2.20 -16.98
CA LYS A 45 -1.87 -3.45 -16.79
C LYS A 45 -2.99 -3.30 -15.76
N LEU A 46 -2.68 -2.83 -14.55
CA LEU A 46 -3.66 -2.67 -13.48
C LEU A 46 -4.83 -1.77 -13.90
N LEU A 47 -4.56 -0.64 -14.57
CA LEU A 47 -5.61 0.23 -15.10
C LEU A 47 -6.47 -0.49 -16.16
N ASN A 48 -5.87 -1.28 -17.05
CA ASN A 48 -6.58 -2.07 -18.06
C ASN A 48 -7.36 -3.29 -17.50
N VAL A 49 -7.16 -3.69 -16.23
CA VAL A 49 -7.84 -4.83 -15.58
C VAL A 49 -8.95 -4.38 -14.62
N ASP A 50 -8.71 -3.33 -13.83
CA ASP A 50 -9.59 -2.92 -12.72
C ASP A 50 -9.85 -1.40 -12.59
N PRO A 51 -10.20 -0.67 -13.69
CA PRO A 51 -10.19 0.80 -13.74
C PRO A 51 -11.21 1.50 -12.81
N ASP A 52 -12.34 0.86 -12.51
CA ASP A 52 -13.36 1.34 -11.56
C ASP A 52 -13.22 0.71 -10.15
N ASN A 53 -12.71 -0.52 -10.10
CA ASN A 53 -12.51 -1.32 -8.88
C ASN A 53 -11.30 -0.88 -8.03
N VAL A 54 -10.43 0.00 -8.55
CA VAL A 54 -9.35 0.68 -7.82
C VAL A 54 -9.78 1.18 -6.44
N VAL A 55 -9.09 0.74 -5.38
CA VAL A 55 -9.39 1.14 -4.00
C VAL A 55 -8.37 2.16 -3.48
N LEU A 56 -7.09 1.77 -3.41
CA LEU A 56 -6.00 2.61 -2.91
C LEU A 56 -4.68 2.31 -3.61
N CYS A 57 -4.11 3.32 -4.26
CA CYS A 57 -2.77 3.31 -4.84
C CYS A 57 -1.66 3.69 -3.83
N LEU A 58 -0.64 2.83 -3.69
CA LEU A 58 0.56 3.05 -2.88
C LEU A 58 1.83 2.99 -3.74
N LEU A 59 2.48 4.11 -3.97
CA LEU A 59 3.87 4.13 -4.44
C LEU A 59 4.82 4.21 -3.24
N ALA A 60 5.95 3.50 -3.30
CA ALA A 60 6.95 3.44 -2.23
C ALA A 60 8.36 3.76 -2.76
N ALA A 61 8.76 5.03 -2.67
CA ALA A 61 10.05 5.54 -3.15
C ALA A 61 11.17 5.40 -2.11
N ASP A 62 12.28 4.72 -2.44
CA ASP A 62 13.50 4.69 -1.61
C ASP A 62 14.44 5.85 -1.97
N GLU A 63 15.32 6.23 -1.05
CA GLU A 63 16.28 7.32 -1.23
C GLU A 63 17.27 7.04 -2.37
N ASP A 64 17.86 5.83 -2.42
CA ASP A 64 18.76 5.45 -3.51
C ASP A 64 18.03 5.25 -4.86
N ASP A 65 16.74 4.94 -4.82
CA ASP A 65 15.91 4.78 -6.02
C ASP A 65 15.48 6.12 -6.64
N ASP A 66 15.72 7.24 -5.95
CA ASP A 66 15.65 8.59 -6.52
C ASP A 66 16.66 8.79 -7.67
N ARG A 67 17.76 8.03 -7.67
CA ARG A 67 18.80 8.07 -8.74
C ARG A 67 18.44 7.24 -9.99
N ASP A 68 17.35 6.47 -9.97
CA ASP A 68 16.97 5.54 -11.05
C ASP A 68 15.96 6.16 -12.03
N VAL A 69 16.43 6.58 -13.19
CA VAL A 69 15.63 7.23 -14.26
C VAL A 69 14.44 6.39 -14.76
N ALA A 70 14.51 5.06 -14.68
CA ALA A 70 13.41 4.17 -15.08
C ALA A 70 12.23 4.30 -14.10
N LEU A 71 12.51 4.20 -12.81
CA LEU A 71 11.53 4.36 -11.74
C LEU A 71 10.89 5.76 -11.77
N GLN A 72 11.68 6.79 -12.06
CA GLN A 72 11.23 8.17 -12.21
C GLN A 72 10.14 8.30 -13.30
N ILE A 73 10.38 7.84 -14.54
CA ILE A 73 9.33 7.83 -15.57
C ILE A 73 8.15 6.90 -15.21
N HIS A 74 8.38 5.77 -14.54
CA HIS A 74 7.29 4.89 -14.03
C HIS A 74 6.37 5.60 -13.03
N PHE A 75 6.90 6.48 -12.18
CA PHE A 75 6.11 7.33 -11.28
C PHE A 75 5.28 8.39 -12.03
N THR A 76 5.82 9.00 -13.11
CA THR A 76 5.05 9.94 -13.96
C THR A 76 3.91 9.22 -14.72
N LEU A 77 4.19 8.06 -15.29
CA LEU A 77 3.24 7.16 -15.95
C LEU A 77 2.01 6.87 -15.07
N ILE A 78 2.24 6.24 -13.90
CA ILE A 78 1.18 5.91 -12.95
C ILE A 78 0.44 7.16 -12.46
N GLN A 79 1.11 8.32 -12.36
CA GLN A 79 0.47 9.59 -11.98
C GLN A 79 -0.68 9.96 -12.93
N ALA A 80 -0.48 9.87 -14.25
CA ALA A 80 -1.57 10.04 -15.23
C ALA A 80 -2.72 9.06 -14.96
N PHE A 81 -2.38 7.78 -14.78
CA PHE A 81 -3.36 6.71 -14.61
C PHE A 81 -4.18 6.83 -13.31
N CYS A 82 -3.56 7.10 -12.15
CA CYS A 82 -4.29 7.31 -10.90
C CYS A 82 -5.12 8.60 -10.89
N CYS A 83 -4.68 9.66 -11.59
CA CYS A 83 -5.47 10.86 -11.82
C CYS A 83 -6.80 10.59 -12.57
N GLU A 84 -6.84 9.57 -13.43
CA GLU A 84 -8.05 9.23 -14.20
C GLU A 84 -9.31 8.93 -13.34
N ASN A 85 -9.19 8.13 -12.27
CA ASN A 85 -10.32 7.78 -11.37
C ASN A 85 -9.86 7.58 -9.92
N ASP A 86 -8.83 6.74 -9.73
CA ASP A 86 -8.32 6.15 -8.48
C ASP A 86 -8.71 6.88 -7.19
N ILE A 87 -9.81 6.42 -6.60
CA ILE A 87 -10.60 7.05 -5.53
C ILE A 87 -9.74 7.52 -4.33
N ASN A 88 -8.72 6.74 -3.93
CA ASN A 88 -7.75 7.17 -2.91
C ASN A 88 -6.30 6.75 -3.27
N ILE A 89 -5.31 7.54 -2.83
CA ILE A 89 -3.90 7.48 -3.26
C ILE A 89 -2.99 7.98 -2.11
N LEU A 90 -1.84 7.32 -1.91
CA LEU A 90 -0.77 7.70 -0.97
C LEU A 90 0.62 7.39 -1.56
N ARG A 91 1.62 8.21 -1.23
CA ARG A 91 3.03 7.96 -1.57
C ARG A 91 3.87 7.75 -0.30
N VAL A 92 4.15 6.49 0.06
CA VAL A 92 5.07 6.22 1.17
C VAL A 92 6.54 6.42 0.72
N SER A 93 7.43 6.62 1.69
CA SER A 93 8.85 6.97 1.48
C SER A 93 9.79 5.97 2.19
N ASN A 94 9.27 4.80 2.58
CA ASN A 94 10.02 3.69 3.15
C ASN A 94 9.58 2.31 2.57
N PRO A 95 9.92 2.01 1.29
CA PRO A 95 9.62 0.72 0.67
C PRO A 95 10.29 -0.45 1.39
N GLY A 96 11.49 -0.22 1.96
CA GLY A 96 12.21 -1.21 2.74
C GLY A 96 11.36 -1.80 3.88
N ARG A 97 10.55 -0.96 4.56
CA ARG A 97 9.66 -1.41 5.64
C ARG A 97 8.49 -2.26 5.12
N LEU A 98 7.81 -1.73 4.10
CA LEU A 98 6.70 -2.39 3.41
C LEU A 98 7.10 -3.78 2.92
N ALA A 99 8.23 -3.84 2.23
CA ALA A 99 8.85 -5.05 1.73
C ALA A 99 9.24 -6.01 2.85
N GLU A 100 9.77 -5.52 3.98
CA GLU A 100 10.20 -6.38 5.09
C GLU A 100 9.01 -7.06 5.80
N LEU A 101 7.90 -6.35 6.00
CA LEU A 101 6.68 -6.91 6.59
C LEU A 101 6.13 -8.04 5.70
N LEU A 102 5.91 -7.76 4.40
CA LEU A 102 5.42 -8.78 3.46
C LEU A 102 6.45 -9.88 3.14
N LEU A 103 7.71 -9.73 3.56
CA LEU A 103 8.75 -10.78 3.55
C LEU A 103 8.42 -11.86 4.59
N LEU A 104 8.26 -11.45 5.86
CA LEU A 104 7.94 -12.36 6.98
C LEU A 104 6.55 -13.01 6.84
N GLU A 105 5.56 -12.23 6.37
CA GLU A 105 4.16 -12.66 6.17
C GLU A 105 3.88 -13.06 4.69
N THR A 106 4.94 -13.38 3.92
CA THR A 106 4.84 -13.80 2.51
C THR A 106 3.88 -14.98 2.35
N ASP A 107 2.83 -14.78 1.54
CA ASP A 107 1.78 -15.77 1.24
C ASP A 107 1.32 -16.57 2.48
N ALA A 108 0.83 -15.85 3.50
CA ALA A 108 0.36 -16.40 4.76
C ALA A 108 -0.78 -17.44 4.62
N GLY A 109 -1.06 -18.19 5.68
CA GLY A 109 -1.94 -19.37 5.64
C GLY A 109 -1.21 -20.62 5.12
N PRO A 110 -1.93 -21.63 4.60
CA PRO A 110 -1.34 -22.92 4.18
C PRO A 110 -0.52 -22.88 2.88
N ALA A 111 -0.47 -21.75 2.17
CA ALA A 111 0.26 -21.58 0.91
C ALA A 111 1.80 -21.64 1.05
N ALA A 112 2.50 -21.77 -0.09
CA ALA A 112 3.96 -21.76 -0.18
C ALA A 112 4.59 -20.35 0.00
N SER A 113 5.90 -20.28 0.25
CA SER A 113 6.70 -19.05 0.33
C SER A 113 7.01 -18.43 -1.05
N GLU A 114 7.87 -17.41 -1.10
CA GLU A 114 8.46 -16.86 -2.34
C GLU A 114 9.17 -17.93 -3.23
N GLY A 115 9.38 -17.59 -4.50
CA GLY A 115 10.12 -18.41 -5.47
C GLY A 115 10.69 -17.59 -6.63
N ALA A 116 10.11 -17.73 -7.82
CA ALA A 116 10.57 -17.12 -9.07
C ALA A 116 10.30 -15.60 -9.22
N GLU A 117 9.51 -15.00 -8.31
CA GLU A 117 9.13 -13.57 -8.26
C GLU A 117 8.34 -13.11 -9.51
N GLN A 118 7.00 -13.25 -9.46
CA GLN A 118 6.07 -12.77 -10.50
C GLN A 118 6.22 -11.27 -10.86
N PRO A 119 6.19 -10.30 -9.92
CA PRO A 119 6.25 -8.88 -10.25
C PRO A 119 7.66 -8.42 -10.70
N PRO A 120 7.78 -7.26 -11.39
CA PRO A 120 9.07 -6.76 -11.87
C PRO A 120 9.98 -6.22 -10.73
N ASP A 121 9.40 -5.68 -9.66
CA ASP A 121 10.09 -5.25 -8.43
C ASP A 121 9.10 -5.16 -7.25
N LEU A 122 9.59 -4.87 -6.03
CA LEU A 122 8.84 -4.77 -4.77
C LEU A 122 8.92 -3.33 -4.20
N HIS A 123 8.43 -2.34 -4.96
CA HIS A 123 8.40 -0.90 -4.62
C HIS A 123 7.05 -0.18 -4.90
N CYS A 124 6.00 -0.93 -5.26
CA CYS A 124 4.62 -0.43 -5.39
C CYS A 124 3.63 -1.54 -5.08
N VAL A 125 2.47 -1.18 -4.52
CA VAL A 125 1.35 -2.09 -4.26
C VAL A 125 0.03 -1.36 -4.50
N LEU A 126 -0.96 -2.05 -5.09
CA LEU A 126 -2.23 -1.44 -5.52
C LEU A 126 -3.44 -2.23 -5.01
N VAL A 127 -4.02 -1.76 -3.90
CA VAL A 127 -5.25 -2.28 -3.29
C VAL A 127 -6.43 -1.98 -4.21
N THR A 128 -7.22 -2.99 -4.53
CA THR A 128 -8.37 -2.93 -5.43
C THR A 128 -9.41 -3.95 -4.93
N ASN A 129 -10.71 -3.65 -5.05
CA ASN A 129 -11.80 -4.56 -4.65
C ASN A 129 -12.12 -5.62 -5.75
N PRO A 130 -12.72 -6.77 -5.39
CA PRO A 130 -13.39 -7.64 -6.36
C PRO A 130 -14.75 -7.07 -6.79
N HIS A 131 -15.30 -7.54 -7.93
CA HIS A 131 -16.58 -7.09 -8.48
C HIS A 131 -17.75 -7.25 -7.50
N SER A 132 -18.74 -6.35 -7.59
CA SER A 132 -19.94 -6.29 -6.75
C SER A 132 -19.69 -6.18 -5.24
N SER A 133 -18.48 -5.78 -4.83
CA SER A 133 -18.03 -5.68 -3.43
C SER A 133 -17.09 -4.48 -3.21
N GLN A 134 -16.59 -4.31 -1.98
CA GLN A 134 -15.64 -3.28 -1.58
C GLN A 134 -14.65 -3.79 -0.52
N TRP A 135 -13.47 -3.17 -0.42
CA TRP A 135 -12.53 -3.39 0.69
C TRP A 135 -13.03 -2.69 1.96
N LYS A 136 -12.95 -3.39 3.11
CA LYS A 136 -13.29 -2.89 4.45
C LYS A 136 -12.39 -3.54 5.50
N ASP A 137 -11.47 -2.77 6.06
CA ASP A 137 -10.59 -3.16 7.17
C ASP A 137 -10.36 -1.94 8.09
N PRO A 138 -10.30 -2.09 9.43
CA PRO A 138 -10.11 -0.95 10.35
C PRO A 138 -8.80 -0.19 10.11
N ALA A 139 -7.74 -0.89 9.69
CA ALA A 139 -6.48 -0.32 9.26
C ALA A 139 -6.66 0.63 8.06
N LEU A 140 -7.23 0.14 6.95
CA LEU A 140 -7.48 0.93 5.74
C LEU A 140 -8.51 2.06 5.97
N SER A 141 -9.47 1.87 6.89
CA SER A 141 -10.38 2.93 7.34
C SER A 141 -9.61 4.13 7.89
N GLN A 142 -8.64 3.91 8.78
CA GLN A 142 -7.74 4.95 9.29
C GLN A 142 -6.91 5.64 8.19
N LEU A 143 -6.43 4.88 7.20
CA LEU A 143 -5.71 5.44 6.03
C LEU A 143 -6.57 6.40 5.19
N ILE A 144 -7.80 6.01 4.84
CA ILE A 144 -8.73 6.87 4.08
C ILE A 144 -9.00 8.17 4.85
N CYS A 145 -9.22 8.08 6.17
CA CYS A 145 -9.40 9.26 7.04
C CYS A 145 -8.21 10.22 6.98
N PHE A 146 -6.98 9.75 7.24
CA PHE A 146 -5.76 10.59 7.13
C PHE A 146 -5.62 11.22 5.73
N CYS A 147 -5.87 10.45 4.66
CA CYS A 147 -5.83 10.94 3.30
C CYS A 147 -6.81 12.10 3.04
N ARG A 148 -8.09 11.95 3.39
CA ARG A 148 -9.13 12.98 3.21
C ARG A 148 -8.81 14.28 3.95
N GLU A 149 -8.32 14.19 5.17
CA GLU A 149 -7.89 15.35 5.97
C GLU A 149 -6.76 16.14 5.28
N SER A 150 -5.72 15.47 4.78
CA SER A 150 -4.61 16.12 4.09
C SER A 150 -5.01 16.64 2.69
N ARG A 151 -5.88 15.91 1.95
CA ARG A 151 -6.46 16.36 0.67
C ARG A 151 -7.24 17.66 0.84
N TYR A 152 -7.92 17.86 1.97
CA TYR A 152 -8.63 19.11 2.29
C TYR A 152 -7.72 20.36 2.36
N MET A 153 -6.40 20.17 2.43
CA MET A 153 -5.37 21.23 2.43
C MET A 153 -4.73 21.45 1.05
N ASP A 154 -5.34 20.92 -0.03
CA ASP A 154 -4.90 20.98 -1.44
C ASP A 154 -3.50 20.38 -1.71
N GLN A 155 -3.06 19.44 -0.86
CA GLN A 155 -1.82 18.66 -1.03
C GLN A 155 -1.87 17.57 -2.12
N TRP A 156 -3.02 17.39 -2.79
CA TRP A 156 -3.33 16.37 -3.81
C TRP A 156 -3.28 14.93 -3.27
N VAL A 157 -2.08 14.43 -2.96
CA VAL A 157 -1.78 13.11 -2.37
C VAL A 157 -0.77 13.28 -1.24
N PRO A 158 -1.11 12.91 0.02
CA PRO A 158 -0.17 12.98 1.12
C PRO A 158 0.96 11.95 0.96
N VAL A 159 1.99 12.10 1.79
CA VAL A 159 3.17 11.23 1.83
C VAL A 159 3.58 10.92 3.27
N ILE A 160 4.19 9.75 3.52
CA ILE A 160 4.67 9.39 4.88
C ILE A 160 5.78 8.33 4.90
N ASN A 161 6.46 8.18 6.04
CA ASN A 161 7.52 7.19 6.29
C ASN A 161 7.36 6.54 7.67
N LEU A 162 6.86 5.29 7.72
CA LEU A 162 6.80 4.52 8.95
C LEU A 162 8.22 4.17 9.50
N PRO A 163 8.39 4.01 10.83
CA PRO A 163 9.65 3.55 11.44
C PRO A 163 9.89 2.06 11.21
N GLU A 164 11.13 1.60 11.45
CA GLU A 164 11.56 0.20 11.32
C GLU A 164 10.98 -0.74 12.42
N ARG A 165 11.31 -2.04 12.35
CA ARG A 165 10.80 -3.13 13.21
C ARG A 165 10.92 -2.82 14.72
N MET A 1 16.82 -15.16 25.13
CA MET A 1 15.36 -15.44 25.09
C MET A 1 14.85 -15.44 23.65
N THR A 2 13.80 -16.23 23.37
CA THR A 2 13.15 -16.37 22.05
C THR A 2 11.63 -16.35 22.18
N LEU A 3 10.96 -15.44 21.45
CA LEU A 3 9.50 -15.34 21.36
C LEU A 3 9.03 -14.94 19.95
N GLU A 4 7.76 -15.24 19.63
CA GLU A 4 7.13 -14.94 18.33
C GLU A 4 5.61 -14.70 18.43
N GLU A 5 5.05 -14.60 19.64
CA GLU A 5 3.63 -14.30 19.85
C GLU A 5 3.23 -12.90 19.34
N PHE A 6 2.21 -12.86 18.48
CA PHE A 6 1.52 -11.65 18.01
C PHE A 6 -0.01 -11.77 18.17
N SER A 7 -0.54 -11.28 19.29
CA SER A 7 -1.97 -11.28 19.64
C SER A 7 -2.39 -9.96 20.29
N ALA A 8 -2.81 -8.98 19.48
CA ALA A 8 -3.30 -7.67 19.90
C ALA A 8 -4.43 -7.15 18.97
N GLY A 9 -5.06 -6.02 19.33
CA GLY A 9 -6.12 -5.38 18.52
C GLY A 9 -6.80 -4.21 19.22
N GLU A 10 -6.23 -3.01 19.05
CA GLU A 10 -6.79 -1.72 19.47
C GLU A 10 -6.59 -0.64 18.38
N GLN A 11 -7.61 0.18 18.14
CA GLN A 11 -7.58 1.32 17.21
C GLN A 11 -8.44 2.48 17.76
N LYS A 12 -7.79 3.39 18.49
CA LYS A 12 -8.42 4.51 19.23
C LYS A 12 -7.75 5.88 18.99
N THR A 13 -6.78 5.95 18.07
CA THR A 13 -5.99 7.14 17.71
C THR A 13 -5.78 7.24 16.18
N GLU A 14 -5.31 8.41 15.74
CA GLU A 14 -5.01 8.76 14.34
C GLU A 14 -3.57 9.25 14.13
N ARG A 15 -2.63 8.80 14.99
CA ARG A 15 -1.18 9.02 14.89
C ARG A 15 -0.63 8.69 13.49
N MET A 16 0.35 9.46 13.02
CA MET A 16 0.97 9.24 11.71
C MET A 16 1.61 7.85 11.57
N ASP A 17 2.27 7.33 12.61
CA ASP A 17 2.82 5.97 12.60
C ASP A 17 1.73 4.87 12.51
N LYS A 18 0.52 5.12 13.04
CA LYS A 18 -0.63 4.20 12.91
C LYS A 18 -1.04 3.99 11.45
N VAL A 19 -0.88 4.99 10.58
CA VAL A 19 -1.15 4.91 9.14
C VAL A 19 -0.28 3.86 8.45
N GLY A 20 1.02 3.89 8.72
CA GLY A 20 2.00 2.95 8.15
C GLY A 20 1.85 1.53 8.70
N ASP A 21 1.60 1.42 10.01
CA ASP A 21 1.24 0.17 10.70
C ASP A 21 -0.01 -0.46 10.07
N ALA A 22 -1.06 0.34 9.92
CA ALA A 22 -2.33 -0.06 9.31
C ALA A 22 -2.18 -0.58 7.88
N LEU A 23 -1.31 0.07 7.08
CA LEU A 23 -1.03 -0.32 5.70
C LEU A 23 -0.43 -1.73 5.63
N GLU A 24 0.56 -1.99 6.49
CA GLU A 24 1.21 -3.30 6.63
C GLU A 24 0.21 -4.42 7.01
N GLU A 25 -0.85 -4.08 7.76
CA GLU A 25 -1.85 -5.06 8.22
C GLU A 25 -2.69 -5.56 7.03
N VAL A 26 -3.23 -4.63 6.26
CA VAL A 26 -4.03 -4.92 5.06
C VAL A 26 -3.20 -5.64 4.00
N LEU A 27 -1.94 -5.23 3.78
CA LEU A 27 -0.98 -5.92 2.92
C LEU A 27 -0.89 -7.41 3.22
N SER A 28 -0.81 -7.79 4.49
CA SER A 28 -0.83 -9.21 4.89
C SER A 28 -2.14 -9.91 4.55
N LYS A 29 -3.31 -9.30 4.81
CA LYS A 29 -4.63 -9.88 4.43
C LYS A 29 -4.78 -10.06 2.92
N ALA A 30 -4.45 -9.05 2.14
CA ALA A 30 -4.61 -9.04 0.69
C ALA A 30 -3.64 -10.02 0.00
N LEU A 31 -2.40 -10.11 0.49
CA LEU A 31 -1.45 -11.15 0.10
C LEU A 31 -1.94 -12.56 0.49
N SER A 32 -2.47 -12.74 1.70
CA SER A 32 -2.98 -14.04 2.19
C SER A 32 -4.01 -14.66 1.24
N GLN A 33 -4.92 -13.83 0.70
CA GLN A 33 -5.96 -14.23 -0.25
C GLN A 33 -5.56 -14.12 -1.73
N ARG A 34 -4.36 -13.59 -2.02
CA ARG A 34 -3.70 -13.53 -3.34
C ARG A 34 -4.54 -12.85 -4.44
N THR A 35 -5.12 -11.69 -4.15
CA THR A 35 -5.94 -10.88 -5.09
C THR A 35 -5.54 -9.39 -5.17
N ILE A 36 -4.28 -9.07 -4.83
CA ILE A 36 -3.70 -7.71 -4.83
C ILE A 36 -2.66 -7.52 -5.93
N THR A 37 -2.63 -6.34 -6.56
CA THR A 37 -1.60 -5.92 -7.51
C THR A 37 -0.34 -5.49 -6.77
N VAL A 38 0.84 -5.98 -7.19
CA VAL A 38 2.15 -5.60 -6.64
C VAL A 38 3.19 -5.47 -7.78
N GLY A 39 4.18 -4.59 -7.60
CA GLY A 39 5.24 -4.30 -8.59
C GLY A 39 5.00 -2.99 -9.36
N VAL A 40 6.08 -2.23 -9.58
CA VAL A 40 6.06 -0.87 -10.18
C VAL A 40 5.59 -0.91 -11.64
N TYR A 41 6.26 -1.69 -12.48
CA TYR A 41 6.04 -1.73 -13.93
C TYR A 41 4.90 -2.69 -14.35
N GLU A 42 3.83 -2.73 -13.56
CA GLU A 42 2.58 -3.49 -13.81
C GLU A 42 1.36 -2.57 -13.98
N ALA A 43 1.58 -1.25 -14.14
CA ALA A 43 0.55 -0.23 -14.27
C ALA A 43 -0.47 -0.50 -15.40
N ALA A 44 0.01 -0.83 -16.60
CA ALA A 44 -0.85 -1.17 -17.74
C ALA A 44 -1.71 -2.42 -17.47
N LYS A 45 -1.17 -3.43 -16.78
CA LYS A 45 -1.89 -4.61 -16.30
C LYS A 45 -3.06 -4.24 -15.37
N LEU A 46 -2.82 -3.35 -14.40
CA LEU A 46 -3.87 -2.78 -13.53
C LEU A 46 -5.05 -2.25 -14.37
N LEU A 47 -4.77 -1.35 -15.32
CA LEU A 47 -5.79 -0.72 -16.17
C LEU A 47 -6.49 -1.71 -17.15
N ASN A 48 -5.90 -2.90 -17.37
CA ASN A 48 -6.47 -3.99 -18.17
C ASN A 48 -7.20 -5.06 -17.32
N VAL A 49 -7.13 -5.02 -15.99
CA VAL A 49 -7.79 -5.99 -15.07
C VAL A 49 -8.95 -5.35 -14.31
N ASP A 50 -8.75 -4.19 -13.68
CA ASP A 50 -9.73 -3.54 -12.78
C ASP A 50 -9.79 -1.99 -12.91
N PRO A 51 -10.01 -1.43 -14.11
CA PRO A 51 -9.99 0.02 -14.36
C PRO A 51 -11.05 0.84 -13.61
N ASP A 52 -12.23 0.26 -13.31
CA ASP A 52 -13.29 0.88 -12.49
C ASP A 52 -13.30 0.39 -11.03
N ASN A 53 -12.74 -0.80 -10.81
CA ASN A 53 -12.68 -1.55 -9.55
C ASN A 53 -11.44 -1.19 -8.69
N VAL A 54 -10.60 -0.26 -9.14
CA VAL A 54 -9.53 0.36 -8.34
C VAL A 54 -10.05 0.90 -7.00
N VAL A 55 -9.19 0.85 -5.97
CA VAL A 55 -9.41 1.52 -4.68
C VAL A 55 -8.27 2.50 -4.42
N LEU A 56 -7.02 2.04 -4.42
CA LEU A 56 -5.86 2.96 -4.35
C LEU A 56 -4.54 2.36 -4.85
N CYS A 57 -3.58 3.23 -5.20
CA CYS A 57 -2.17 2.84 -5.34
C CYS A 57 -1.26 3.42 -4.24
N LEU A 58 -0.40 2.56 -3.68
CA LEU A 58 0.70 2.85 -2.77
C LEU A 58 2.03 2.74 -3.51
N LEU A 59 2.71 3.87 -3.68
CA LEU A 59 3.97 3.96 -4.42
C LEU A 59 5.10 4.26 -3.43
N ALA A 60 6.15 3.42 -3.40
CA ALA A 60 7.17 3.44 -2.34
C ALA A 60 8.57 3.80 -2.88
N ALA A 61 9.03 5.02 -2.61
CA ALA A 61 10.25 5.62 -3.16
C ALA A 61 11.34 5.79 -2.08
N ASP A 62 12.50 5.18 -2.28
CA ASP A 62 13.67 5.30 -1.39
C ASP A 62 14.33 6.70 -1.46
N GLU A 63 15.28 6.99 -0.56
CA GLU A 63 16.18 8.14 -0.66
C GLU A 63 16.97 8.11 -1.98
N ASP A 64 17.48 6.95 -2.38
CA ASP A 64 18.18 6.75 -3.66
C ASP A 64 17.30 6.97 -4.90
N ASP A 65 16.00 6.71 -4.76
CA ASP A 65 15.02 6.88 -5.85
C ASP A 65 14.76 8.36 -6.18
N ASP A 66 15.17 9.28 -5.32
CA ASP A 66 15.15 10.72 -5.57
C ASP A 66 16.02 11.14 -6.77
N ARG A 67 17.02 10.31 -7.16
CA ARG A 67 17.87 10.54 -8.36
C ARG A 67 17.56 9.62 -9.55
N ASP A 68 16.59 8.72 -9.43
CA ASP A 68 16.23 7.75 -10.47
C ASP A 68 15.10 8.31 -11.36
N VAL A 69 15.48 9.08 -12.39
CA VAL A 69 14.53 9.70 -13.34
C VAL A 69 13.64 8.70 -14.08
N ALA A 70 14.13 7.47 -14.31
CA ALA A 70 13.36 6.41 -14.95
C ALA A 70 12.20 5.95 -14.05
N LEU A 71 12.48 5.67 -12.78
CA LEU A 71 11.48 5.34 -11.78
C LEU A 71 10.46 6.47 -11.58
N GLN A 72 10.92 7.72 -11.53
CA GLN A 72 10.06 8.90 -11.36
C GLN A 72 9.02 9.01 -12.50
N ILE A 73 9.41 8.72 -13.74
CA ILE A 73 8.48 8.57 -14.88
C ILE A 73 7.50 7.40 -14.65
N HIS A 74 7.97 6.21 -14.24
CA HIS A 74 7.10 5.05 -13.95
C HIS A 74 6.07 5.33 -12.84
N PHE A 75 6.46 6.01 -11.76
CA PHE A 75 5.57 6.46 -10.69
C PHE A 75 4.55 7.49 -11.20
N THR A 76 4.95 8.40 -12.10
CA THR A 76 4.02 9.34 -12.76
C THR A 76 3.03 8.62 -13.69
N LEU A 77 3.47 7.57 -14.40
CA LEU A 77 2.63 6.76 -15.29
C LEU A 77 1.46 6.08 -14.55
N ILE A 78 1.75 5.28 -13.52
CA ILE A 78 0.71 4.64 -12.71
C ILE A 78 -0.20 5.67 -12.01
N GLN A 79 0.35 6.85 -11.69
CA GLN A 79 -0.43 7.96 -11.12
C GLN A 79 -1.47 8.47 -12.14
N ALA A 80 -1.08 8.68 -13.40
CA ALA A 80 -2.00 9.03 -14.49
C ALA A 80 -3.17 8.04 -14.59
N PHE A 81 -2.87 6.74 -14.57
CA PHE A 81 -3.89 5.69 -14.72
C PHE A 81 -4.90 5.67 -13.56
N CYS A 82 -4.44 5.69 -12.31
CA CYS A 82 -5.33 5.78 -11.14
C CYS A 82 -6.13 7.10 -11.08
N CYS A 83 -5.60 8.19 -11.63
CA CYS A 83 -6.31 9.47 -11.78
C CYS A 83 -7.49 9.43 -12.76
N GLU A 84 -7.46 8.59 -13.80
CA GLU A 84 -8.53 8.49 -14.82
C GLU A 84 -9.90 8.16 -14.22
N ASN A 85 -9.96 7.18 -13.30
CA ASN A 85 -11.17 6.82 -12.56
C ASN A 85 -11.30 7.59 -11.22
N ASP A 86 -10.30 8.42 -10.88
CA ASP A 86 -10.18 9.27 -9.69
C ASP A 86 -10.73 8.66 -8.38
N ILE A 87 -10.02 7.64 -7.84
CA ILE A 87 -10.29 7.08 -6.50
C ILE A 87 -9.32 7.65 -5.45
N ASN A 88 -8.16 7.03 -5.23
CA ASN A 88 -7.14 7.42 -4.24
C ASN A 88 -5.72 6.93 -4.59
N ILE A 89 -4.72 7.60 -4.02
CA ILE A 89 -3.29 7.32 -4.18
C ILE A 89 -2.53 7.92 -2.98
N LEU A 90 -1.61 7.16 -2.37
CA LEU A 90 -0.64 7.68 -1.40
C LEU A 90 0.79 7.39 -1.86
N ARG A 91 1.77 8.19 -1.41
CA ARG A 91 3.20 7.85 -1.51
C ARG A 91 3.77 7.48 -0.14
N VAL A 92 4.82 6.65 -0.14
CA VAL A 92 5.68 6.42 1.03
C VAL A 92 7.16 6.54 0.68
N SER A 93 7.95 6.91 1.69
CA SER A 93 9.38 7.21 1.62
C SER A 93 10.26 6.01 2.07
N ASN A 94 9.66 4.85 2.35
CA ASN A 94 10.31 3.70 3.00
C ASN A 94 9.97 2.33 2.37
N PRO A 95 10.40 2.06 1.13
CA PRO A 95 10.09 0.81 0.43
C PRO A 95 10.74 -0.42 1.08
N GLY A 96 11.88 -0.25 1.75
CA GLY A 96 12.55 -1.33 2.48
C GLY A 96 11.64 -1.97 3.54
N ARG A 97 10.81 -1.17 4.23
CA ARG A 97 9.86 -1.67 5.24
C ARG A 97 8.69 -2.42 4.61
N LEU A 98 8.17 -1.92 3.49
CA LEU A 98 7.13 -2.62 2.72
C LEU A 98 7.67 -3.97 2.17
N ALA A 99 8.91 -4.01 1.68
CA ALA A 99 9.56 -5.23 1.19
C ALA A 99 9.86 -6.25 2.31
N GLU A 100 10.26 -5.81 3.50
CA GLU A 100 10.39 -6.69 4.69
C GLU A 100 9.05 -7.34 5.07
N LEU A 101 7.93 -6.61 5.00
CA LEU A 101 6.61 -7.17 5.31
C LEU A 101 6.23 -8.33 4.37
N LEU A 102 6.54 -8.20 3.08
CA LEU A 102 6.46 -9.23 2.04
C LEU A 102 7.48 -10.40 2.21
N LEU A 103 8.22 -10.43 3.33
CA LEU A 103 9.03 -11.55 3.81
C LEU A 103 8.48 -12.14 5.13
N LEU A 104 8.12 -11.30 6.11
CA LEU A 104 7.66 -11.73 7.44
C LEU A 104 6.17 -12.15 7.54
N GLU A 105 5.26 -11.54 6.77
CA GLU A 105 3.80 -11.78 6.78
C GLU A 105 3.14 -11.77 8.19
N THR A 106 2.79 -10.57 8.67
CA THR A 106 2.00 -10.32 9.89
C THR A 106 0.57 -10.87 9.82
N ASP A 107 0.32 -12.04 10.41
CA ASP A 107 -1.00 -12.71 10.48
C ASP A 107 -1.64 -13.05 9.12
N ALA A 108 -0.82 -13.23 8.07
CA ALA A 108 -1.24 -13.92 6.84
C ALA A 108 -1.38 -15.44 7.05
N GLY A 109 -2.02 -16.12 6.09
CA GLY A 109 -2.01 -17.56 5.90
C GLY A 109 -0.72 -18.05 5.22
N PRO A 110 -0.74 -19.21 4.51
CA PRO A 110 0.43 -19.80 3.84
C PRO A 110 0.83 -19.05 2.54
N ALA A 111 0.92 -17.71 2.58
CA ALA A 111 1.32 -16.86 1.45
C ALA A 111 2.72 -17.19 0.89
N ALA A 112 3.65 -17.58 1.75
CA ALA A 112 5.01 -18.07 1.47
C ALA A 112 5.82 -17.24 0.43
N SER A 113 6.44 -16.15 0.89
CA SER A 113 7.39 -15.31 0.12
C SER A 113 8.69 -15.05 0.90
N GLU A 114 9.80 -14.83 0.18
CA GLU A 114 11.14 -14.55 0.74
C GLU A 114 12.04 -13.78 -0.26
N GLY A 115 13.27 -13.43 0.14
CA GLY A 115 14.27 -12.75 -0.69
C GLY A 115 15.71 -12.89 -0.15
N ALA A 116 16.69 -12.36 -0.89
CA ALA A 116 18.12 -12.45 -0.57
C ALA A 116 18.82 -11.07 -0.62
N GLU A 117 19.24 -10.61 -1.80
CA GLU A 117 19.94 -9.32 -2.00
C GLU A 117 19.01 -8.09 -1.83
N GLN A 118 17.70 -8.29 -1.96
CA GLN A 118 16.63 -7.27 -2.01
C GLN A 118 16.97 -6.08 -2.94
N PRO A 119 17.02 -6.29 -4.27
CA PRO A 119 17.21 -5.23 -5.28
C PRO A 119 16.03 -4.23 -5.34
N PRO A 120 16.18 -3.09 -6.04
CA PRO A 120 15.16 -2.02 -6.12
C PRO A 120 13.99 -2.35 -7.07
N ASP A 121 13.28 -3.44 -6.79
CA ASP A 121 12.03 -3.89 -7.42
C ASP A 121 10.99 -4.29 -6.35
N LEU A 122 9.75 -4.59 -6.78
CA LEU A 122 8.58 -4.82 -5.90
C LEU A 122 8.40 -3.72 -4.82
N HIS A 123 8.49 -2.45 -5.24
CA HIS A 123 8.25 -1.24 -4.42
C HIS A 123 7.06 -0.35 -4.87
N CYS A 124 6.00 -1.01 -5.32
CA CYS A 124 4.66 -0.47 -5.54
C CYS A 124 3.62 -1.55 -5.20
N VAL A 125 2.45 -1.16 -4.69
CA VAL A 125 1.29 -2.03 -4.45
C VAL A 125 -0.01 -1.28 -4.73
N LEU A 126 -1.03 -1.97 -5.24
CA LEU A 126 -2.36 -1.42 -5.52
C LEU A 126 -3.47 -2.36 -5.04
N VAL A 127 -4.24 -1.86 -4.07
CA VAL A 127 -5.45 -2.48 -3.50
C VAL A 127 -6.64 -2.16 -4.40
N THR A 128 -7.45 -3.17 -4.72
CA THR A 128 -8.66 -3.04 -5.56
C THR A 128 -9.81 -3.90 -5.05
N ASN A 129 -11.05 -3.44 -5.28
CA ASN A 129 -12.29 -4.07 -4.79
C ASN A 129 -12.78 -5.20 -5.73
N PRO A 130 -13.66 -6.11 -5.25
CA PRO A 130 -14.32 -7.12 -6.10
C PRO A 130 -15.54 -6.59 -6.88
N HIS A 131 -16.15 -5.48 -6.42
CA HIS A 131 -17.35 -4.84 -6.98
C HIS A 131 -17.51 -3.40 -6.50
N SER A 132 -18.56 -2.70 -6.94
CA SER A 132 -18.88 -1.31 -6.57
C SER A 132 -18.88 -1.01 -5.05
N SER A 133 -19.15 -2.03 -4.23
CA SER A 133 -18.86 -2.08 -2.79
C SER A 133 -17.35 -2.03 -2.49
N GLN A 134 -16.86 -0.85 -2.08
CA GLN A 134 -15.45 -0.57 -1.78
C GLN A 134 -14.86 -1.45 -0.66
N TRP A 135 -13.53 -1.49 -0.54
CA TRP A 135 -12.79 -2.41 0.36
C TRP A 135 -13.17 -2.26 1.85
N LYS A 136 -13.01 -3.35 2.62
CA LYS A 136 -13.50 -3.53 4.00
C LYS A 136 -12.40 -4.06 4.94
N ASP A 137 -11.67 -3.14 5.56
CA ASP A 137 -10.73 -3.40 6.65
C ASP A 137 -10.61 -2.17 7.57
N PRO A 138 -10.70 -2.30 8.92
CA PRO A 138 -10.66 -1.16 9.84
C PRO A 138 -9.34 -0.39 9.81
N ALA A 139 -8.22 -1.05 9.49
CA ALA A 139 -6.92 -0.41 9.35
C ALA A 139 -6.92 0.52 8.11
N LEU A 140 -7.42 0.02 6.97
CA LEU A 140 -7.57 0.82 5.75
C LEU A 140 -8.61 1.95 5.92
N SER A 141 -9.67 1.75 6.71
CA SER A 141 -10.57 2.86 7.12
C SER A 141 -9.80 4.01 7.80
N GLN A 142 -8.85 3.71 8.69
CA GLN A 142 -7.98 4.71 9.32
C GLN A 142 -7.08 5.44 8.30
N LEU A 143 -6.50 4.70 7.33
CA LEU A 143 -5.73 5.29 6.22
C LEU A 143 -6.54 6.27 5.36
N ILE A 144 -7.78 5.92 5.01
CA ILE A 144 -8.69 6.79 4.23
C ILE A 144 -9.01 8.08 5.01
N CYS A 145 -9.23 7.99 6.32
CA CYS A 145 -9.43 9.14 7.20
C CYS A 145 -8.22 10.11 7.16
N PHE A 146 -7.02 9.61 7.46
CA PHE A 146 -5.78 10.39 7.39
C PHE A 146 -5.54 11.00 6.01
N CYS A 147 -5.63 10.21 4.93
CA CYS A 147 -5.35 10.71 3.58
C CYS A 147 -6.30 11.83 3.15
N ARG A 148 -7.59 11.76 3.50
CA ARG A 148 -8.57 12.84 3.26
C ARG A 148 -8.19 14.14 3.95
N GLU A 149 -7.83 14.10 5.23
CA GLU A 149 -7.40 15.31 5.97
C GLU A 149 -6.13 15.92 5.37
N SER A 150 -5.12 15.11 5.05
CA SER A 150 -3.87 15.56 4.43
C SER A 150 -4.08 16.12 3.02
N ARG A 151 -4.75 15.43 2.11
CA ARG A 151 -5.03 15.93 0.74
C ARG A 151 -5.90 17.20 0.71
N TYR A 152 -6.58 17.54 1.81
CA TYR A 152 -7.27 18.83 1.97
C TYR A 152 -6.32 20.04 2.12
N MET A 153 -5.02 19.83 2.39
CA MET A 153 -4.00 20.89 2.55
C MET A 153 -2.70 20.65 1.75
N ASP A 154 -2.37 19.39 1.43
CA ASP A 154 -1.36 19.03 0.43
C ASP A 154 -1.82 19.43 -0.99
N GLN A 155 -0.88 19.48 -1.94
CA GLN A 155 -1.10 19.94 -3.31
C GLN A 155 -1.27 18.79 -4.33
N TRP A 156 -0.98 17.54 -3.92
CA TRP A 156 -1.06 16.33 -4.76
C TRP A 156 -1.55 15.11 -3.97
N VAL A 157 -0.69 14.53 -3.13
CA VAL A 157 -0.91 13.28 -2.37
C VAL A 157 -0.20 13.35 -1.01
N PRO A 158 -0.70 12.65 0.04
CA PRO A 158 0.04 12.52 1.29
C PRO A 158 1.29 11.65 1.11
N VAL A 159 2.23 11.83 2.03
CA VAL A 159 3.49 11.09 2.11
C VAL A 159 3.73 10.62 3.55
N ILE A 160 4.21 9.39 3.75
CA ILE A 160 4.69 8.96 5.09
C ILE A 160 5.85 7.95 5.03
N ASN A 161 6.48 7.69 6.16
CA ASN A 161 7.54 6.70 6.36
C ASN A 161 7.16 5.77 7.52
N LEU A 162 6.58 4.61 7.21
CA LEU A 162 6.22 3.60 8.22
C LEU A 162 7.44 3.14 9.04
N PRO A 163 7.28 2.79 10.33
CA PRO A 163 8.37 2.33 11.19
C PRO A 163 8.85 0.91 10.83
N GLU A 164 9.90 0.43 11.49
CA GLU A 164 10.42 -0.94 11.33
C GLU A 164 9.38 -2.02 11.70
N ARG A 165 9.68 -3.26 11.29
CA ARG A 165 8.85 -4.46 11.52
C ARG A 165 8.68 -4.83 13.01
N MET A 1 -9.52 -31.16 13.43
CA MET A 1 -9.04 -29.76 13.19
C MET A 1 -10.11 -28.96 12.47
N THR A 2 -10.50 -27.82 13.03
CA THR A 2 -11.58 -26.92 12.54
C THR A 2 -11.18 -25.44 12.60
N LEU A 3 -12.06 -24.54 12.14
CA LEU A 3 -11.85 -23.08 12.06
C LEU A 3 -12.99 -22.30 12.77
N GLU A 4 -12.67 -21.74 13.94
CA GLU A 4 -13.62 -20.97 14.78
C GLU A 4 -13.15 -19.52 15.05
N GLU A 5 -11.99 -19.12 14.52
CA GLU A 5 -11.43 -17.78 14.67
C GLU A 5 -12.22 -16.69 13.92
N PHE A 6 -12.80 -15.75 14.69
CA PHE A 6 -13.52 -14.56 14.20
C PHE A 6 -13.57 -13.48 15.31
N SER A 7 -12.82 -12.37 15.14
CA SER A 7 -12.82 -11.23 16.06
C SER A 7 -12.63 -9.89 15.31
N ALA A 8 -12.81 -8.77 16.03
CA ALA A 8 -12.72 -7.39 15.53
C ALA A 8 -12.29 -6.39 16.63
N GLY A 9 -12.12 -5.10 16.27
CA GLY A 9 -11.84 -4.00 17.20
C GLY A 9 -11.98 -2.62 16.57
N GLU A 10 -11.95 -1.57 17.39
CA GLU A 10 -12.07 -0.15 17.00
C GLU A 10 -11.15 0.77 17.82
N GLN A 11 -10.71 1.87 17.21
CA GLN A 11 -10.12 3.06 17.84
C GLN A 11 -10.58 4.34 17.10
N LYS A 12 -10.34 5.51 17.70
CA LYS A 12 -10.60 6.84 17.12
C LYS A 12 -9.35 7.73 17.23
N THR A 13 -8.37 7.45 16.37
CA THR A 13 -7.11 8.21 16.26
C THR A 13 -6.55 8.17 14.83
N GLU A 14 -5.83 9.21 14.44
CA GLU A 14 -5.29 9.46 13.09
C GLU A 14 -3.76 9.69 13.08
N ARG A 15 -3.06 9.19 14.12
CA ARG A 15 -1.59 9.16 14.27
C ARG A 15 -0.86 8.84 12.97
N MET A 16 0.09 9.69 12.57
CA MET A 16 0.78 9.61 11.28
C MET A 16 1.43 8.24 11.00
N ASP A 17 2.13 7.65 11.98
CA ASP A 17 2.76 6.33 11.87
C ASP A 17 1.74 5.18 11.72
N LYS A 18 0.53 5.34 12.27
CA LYS A 18 -0.57 4.37 12.13
C LYS A 18 -0.96 4.17 10.66
N VAL A 19 -0.86 5.20 9.82
CA VAL A 19 -1.15 5.14 8.38
C VAL A 19 -0.34 4.06 7.68
N GLY A 20 0.99 4.08 7.86
CA GLY A 20 1.86 3.11 7.19
C GLY A 20 1.77 1.71 7.81
N ASP A 21 1.66 1.64 9.14
CA ASP A 21 1.40 0.38 9.87
C ASP A 21 0.13 -0.32 9.38
N ALA A 22 -0.95 0.46 9.27
CA ALA A 22 -2.25 0.04 8.75
C ALA A 22 -2.14 -0.54 7.33
N LEU A 23 -1.33 0.08 6.46
CA LEU A 23 -1.16 -0.35 5.08
C LEU A 23 -0.55 -1.75 5.03
N GLU A 24 0.54 -1.95 5.75
CA GLU A 24 1.20 -3.24 5.90
C GLU A 24 0.26 -4.36 6.41
N GLU A 25 -0.74 -4.01 7.23
CA GLU A 25 -1.67 -5.00 7.79
C GLU A 25 -2.62 -5.51 6.68
N VAL A 26 -3.23 -4.56 5.97
CA VAL A 26 -4.10 -4.80 4.82
C VAL A 26 -3.39 -5.54 3.69
N LEU A 27 -2.12 -5.22 3.42
CA LEU A 27 -1.25 -5.94 2.47
C LEU A 27 -1.16 -7.44 2.76
N SER A 28 -0.96 -7.80 4.03
CA SER A 28 -0.95 -9.21 4.46
C SER A 28 -2.33 -9.86 4.22
N LYS A 29 -3.41 -9.22 4.70
CA LYS A 29 -4.81 -9.65 4.53
C LYS A 29 -5.21 -9.86 3.05
N ALA A 30 -4.83 -8.92 2.19
CA ALA A 30 -5.15 -8.93 0.77
C ALA A 30 -4.45 -10.07 0.01
N LEU A 31 -3.24 -10.46 0.43
CA LEU A 31 -2.63 -11.72 -0.01
C LEU A 31 -3.44 -12.93 0.45
N SER A 32 -3.89 -13.00 1.71
CA SER A 32 -4.64 -14.16 2.23
C SER A 32 -5.93 -14.46 1.44
N GLN A 33 -6.55 -13.43 0.85
CA GLN A 33 -7.70 -13.52 -0.05
C GLN A 33 -7.38 -13.37 -1.55
N ARG A 34 -6.09 -13.25 -1.90
CA ARG A 34 -5.47 -13.31 -3.24
C ARG A 34 -6.07 -12.32 -4.26
N THR A 35 -6.12 -11.03 -3.90
CA THR A 35 -6.79 -9.97 -4.71
C THR A 35 -5.97 -8.67 -4.89
N ILE A 36 -4.66 -8.73 -4.64
CA ILE A 36 -3.76 -7.56 -4.58
C ILE A 36 -2.74 -7.49 -5.74
N THR A 37 -2.41 -6.26 -6.14
CA THR A 37 -1.34 -5.88 -7.08
C THR A 37 -0.07 -5.51 -6.32
N VAL A 38 1.09 -5.94 -6.82
CA VAL A 38 2.42 -5.56 -6.33
C VAL A 38 3.43 -5.43 -7.48
N GLY A 39 4.43 -4.57 -7.33
CA GLY A 39 5.50 -4.31 -8.30
C GLY A 39 5.21 -3.08 -9.19
N VAL A 40 6.26 -2.29 -9.48
CA VAL A 40 6.13 -0.96 -10.13
C VAL A 40 5.72 -1.11 -11.61
N TYR A 41 6.34 -2.05 -12.32
CA TYR A 41 6.23 -2.22 -13.78
C TYR A 41 4.87 -2.79 -14.25
N GLU A 42 4.04 -3.32 -13.35
CA GLU A 42 2.69 -3.82 -13.65
C GLU A 42 1.65 -2.73 -13.96
N ALA A 43 1.98 -1.44 -13.82
CA ALA A 43 1.06 -0.29 -13.97
C ALA A 43 0.21 -0.29 -15.26
N ALA A 44 0.81 -0.60 -16.41
CA ALA A 44 0.11 -0.68 -17.70
C ALA A 44 -0.93 -1.83 -17.74
N LYS A 45 -0.53 -3.03 -17.30
CA LYS A 45 -1.42 -4.20 -17.18
C LYS A 45 -2.55 -3.98 -16.18
N LEU A 46 -2.25 -3.41 -15.01
CA LEU A 46 -3.23 -2.93 -14.02
C LEU A 46 -4.36 -2.13 -14.68
N LEU A 47 -4.01 -1.07 -15.44
CA LEU A 47 -4.99 -0.22 -16.12
C LEU A 47 -5.83 -0.99 -17.17
N ASN A 48 -5.27 -2.04 -17.77
CA ASN A 48 -5.94 -2.95 -18.70
C ASN A 48 -6.71 -4.10 -18.03
N VAL A 49 -6.63 -4.27 -16.69
CA VAL A 49 -7.19 -5.41 -15.94
C VAL A 49 -8.29 -5.00 -14.96
N ASP A 50 -8.11 -3.94 -14.17
CA ASP A 50 -9.09 -3.47 -13.16
C ASP A 50 -9.32 -1.92 -13.17
N PRO A 51 -9.61 -1.28 -14.31
CA PRO A 51 -9.74 0.19 -14.41
C PRO A 51 -10.92 0.78 -13.61
N ASP A 52 -12.06 0.08 -13.53
CA ASP A 52 -13.21 0.47 -12.70
C ASP A 52 -13.10 -0.05 -11.26
N ASN A 53 -12.52 -1.23 -11.10
CA ASN A 53 -12.42 -1.99 -9.85
C ASN A 53 -11.32 -1.49 -8.87
N VAL A 54 -10.28 -0.81 -9.36
CA VAL A 54 -9.21 -0.22 -8.53
C VAL A 54 -9.76 0.68 -7.41
N VAL A 55 -9.08 0.74 -6.26
CA VAL A 55 -9.47 1.64 -5.15
C VAL A 55 -8.36 2.53 -4.58
N LEU A 56 -7.12 2.02 -4.36
CA LEU A 56 -6.05 2.80 -3.72
C LEU A 56 -4.62 2.35 -4.13
N CYS A 57 -3.78 3.31 -4.52
CA CYS A 57 -2.41 3.09 -5.03
C CYS A 57 -1.31 3.58 -4.06
N LEU A 58 -0.34 2.74 -3.70
CA LEU A 58 0.67 3.03 -2.66
C LEU A 58 2.11 2.78 -3.16
N LEU A 59 2.83 3.85 -3.46
CA LEU A 59 4.12 3.81 -4.18
C LEU A 59 5.29 4.13 -3.23
N ALA A 60 6.34 3.30 -3.22
CA ALA A 60 7.39 3.31 -2.18
C ALA A 60 8.78 3.64 -2.75
N ALA A 61 9.21 4.90 -2.67
CA ALA A 61 10.46 5.40 -3.24
C ALA A 61 11.61 5.43 -2.20
N ASP A 62 12.69 4.68 -2.42
CA ASP A 62 13.93 4.75 -1.62
C ASP A 62 14.72 6.06 -1.93
N GLU A 63 15.75 6.35 -1.14
CA GLU A 63 16.73 7.41 -1.45
C GLU A 63 17.38 7.18 -2.84
N ASP A 64 17.77 5.94 -3.15
CA ASP A 64 18.39 5.59 -4.43
C ASP A 64 17.43 5.66 -5.63
N ASP A 65 16.12 5.53 -5.38
CA ASP A 65 15.09 5.68 -6.43
C ASP A 65 15.00 7.12 -6.96
N ASP A 66 15.46 8.10 -6.17
CA ASP A 66 15.51 9.50 -6.61
C ASP A 66 16.47 9.72 -7.79
N ARG A 67 17.44 8.81 -7.99
CA ARG A 67 18.37 8.80 -9.13
C ARG A 67 17.86 8.03 -10.35
N ASP A 68 16.73 7.33 -10.24
CA ASP A 68 16.09 6.57 -11.33
C ASP A 68 14.93 7.37 -11.92
N VAL A 69 15.25 8.30 -12.83
CA VAL A 69 14.28 9.19 -13.47
C VAL A 69 13.17 8.46 -14.21
N ALA A 70 13.44 7.27 -14.75
CA ALA A 70 12.46 6.42 -15.42
C ALA A 70 11.39 5.92 -14.42
N LEU A 71 11.82 5.37 -13.29
CA LEU A 71 10.94 4.96 -12.20
C LEU A 71 10.18 6.15 -11.58
N GLN A 72 10.82 7.31 -11.41
CA GLN A 72 10.14 8.54 -10.96
C GLN A 72 8.99 8.93 -11.91
N ILE A 73 9.21 8.87 -13.24
CA ILE A 73 8.15 9.03 -14.25
C ILE A 73 7.07 7.94 -14.12
N HIS A 74 7.44 6.66 -13.94
CA HIS A 74 6.48 5.56 -13.73
C HIS A 74 5.55 5.79 -12.53
N PHE A 75 6.09 6.32 -11.42
CA PHE A 75 5.29 6.74 -10.26
C PHE A 75 4.30 7.88 -10.63
N THR A 76 4.73 8.90 -11.38
CA THR A 76 3.85 10.00 -11.82
C THR A 76 2.78 9.54 -12.83
N LEU A 77 3.14 8.63 -13.74
CA LEU A 77 2.26 8.02 -14.75
C LEU A 77 1.02 7.37 -14.12
N ILE A 78 1.24 6.33 -13.30
CA ILE A 78 0.15 5.65 -12.57
C ILE A 78 -0.63 6.62 -11.68
N GLN A 79 0.04 7.64 -11.11
CA GLN A 79 -0.61 8.67 -10.30
C GLN A 79 -1.62 9.49 -11.11
N ALA A 80 -1.25 9.95 -12.31
CA ALA A 80 -2.16 10.65 -13.23
C ALA A 80 -3.43 9.83 -13.51
N PHE A 81 -3.26 8.52 -13.76
CA PHE A 81 -4.37 7.62 -14.05
C PHE A 81 -5.29 7.40 -12.82
N CYS A 82 -4.72 7.11 -11.65
CA CYS A 82 -5.46 7.06 -10.38
C CYS A 82 -6.26 8.35 -10.13
N CYS A 83 -5.61 9.51 -10.26
CA CYS A 83 -6.20 10.84 -10.09
C CYS A 83 -7.41 11.15 -10.99
N GLU A 84 -7.50 10.58 -12.19
CA GLU A 84 -8.68 10.71 -13.06
C GLU A 84 -9.97 10.26 -12.35
N ASN A 85 -9.99 9.00 -11.90
CA ASN A 85 -11.18 8.37 -11.34
C ASN A 85 -11.23 8.55 -9.81
N ASP A 86 -12.29 8.01 -9.19
CA ASP A 86 -12.50 8.01 -7.73
C ASP A 86 -11.57 6.98 -7.02
N ILE A 87 -10.26 7.19 -7.10
CA ILE A 87 -9.16 6.32 -6.69
C ILE A 87 -8.05 7.21 -6.10
N ASN A 88 -8.08 7.31 -4.77
CA ASN A 88 -7.00 7.86 -3.96
C ASN A 88 -5.67 7.08 -4.10
N ILE A 89 -4.62 7.67 -3.51
CA ILE A 89 -3.20 7.31 -3.65
C ILE A 89 -2.39 8.01 -2.54
N LEU A 90 -1.28 7.41 -2.10
CA LEU A 90 -0.20 8.10 -1.39
C LEU A 90 1.19 7.57 -1.77
N ARG A 91 2.24 8.23 -1.27
CA ARG A 91 3.64 7.83 -1.47
C ARG A 91 4.33 7.60 -0.13
N VAL A 92 5.11 6.52 -0.02
CA VAL A 92 5.98 6.27 1.12
C VAL A 92 7.45 6.32 0.71
N SER A 93 8.32 6.50 1.68
CA SER A 93 9.75 6.80 1.52
C SER A 93 10.66 5.67 2.05
N ASN A 94 10.07 4.52 2.42
CA ASN A 94 10.73 3.42 3.13
C ASN A 94 10.38 2.02 2.58
N PRO A 95 10.70 1.71 1.30
CA PRO A 95 10.35 0.43 0.69
C PRO A 95 11.05 -0.78 1.34
N GLY A 96 12.22 -0.57 1.94
CA GLY A 96 12.94 -1.61 2.68
C GLY A 96 12.13 -2.21 3.84
N ARG A 97 11.23 -1.42 4.45
CA ARG A 97 10.33 -1.90 5.52
C ARG A 97 9.11 -2.64 4.95
N LEU A 98 8.53 -2.12 3.87
CA LEU A 98 7.46 -2.79 3.12
C LEU A 98 7.94 -4.13 2.51
N ALA A 99 9.26 -4.30 2.28
CA ALA A 99 9.90 -5.56 1.95
C ALA A 99 10.09 -6.47 3.19
N GLU A 100 10.60 -5.95 4.32
CA GLU A 100 10.73 -6.73 5.57
C GLU A 100 9.39 -7.31 6.08
N LEU A 101 8.26 -6.63 5.82
CA LEU A 101 6.90 -7.14 6.00
C LEU A 101 6.69 -8.50 5.31
N LEU A 102 7.23 -8.69 4.11
CA LEU A 102 7.04 -9.93 3.35
C LEU A 102 7.69 -11.16 4.01
N LEU A 103 8.63 -10.94 4.92
CA LEU A 103 9.22 -12.00 5.75
C LEU A 103 8.21 -12.63 6.74
N LEU A 104 7.15 -11.90 7.10
CA LEU A 104 6.08 -12.38 8.00
C LEU A 104 5.02 -13.20 7.24
N GLU A 105 4.11 -12.55 6.50
CA GLU A 105 2.94 -13.22 5.88
C GLU A 105 2.48 -12.61 4.54
N THR A 106 2.73 -11.32 4.28
CA THR A 106 2.60 -10.70 2.96
C THR A 106 3.52 -11.35 1.93
N ASP A 107 3.08 -11.46 0.67
CA ASP A 107 3.75 -12.18 -0.43
C ASP A 107 4.32 -13.58 -0.05
N ALA A 108 3.74 -14.25 0.96
CA ALA A 108 4.19 -15.58 1.40
C ALA A 108 4.19 -16.63 0.27
N GLY A 109 5.14 -17.58 0.34
CA GLY A 109 5.49 -18.50 -0.75
C GLY A 109 6.97 -18.32 -1.20
N PRO A 110 7.36 -18.88 -2.36
CA PRO A 110 8.73 -18.75 -2.91
C PRO A 110 8.98 -17.36 -3.51
N ALA A 111 9.00 -16.33 -2.65
CA ALA A 111 9.30 -14.93 -2.96
C ALA A 111 10.80 -14.68 -3.29
N ALA A 112 11.12 -13.44 -3.68
CA ALA A 112 12.48 -12.93 -3.84
C ALA A 112 12.62 -11.51 -3.24
N SER A 113 13.80 -11.18 -2.68
CA SER A 113 14.09 -9.88 -2.05
C SER A 113 15.59 -9.52 -2.07
N GLU A 114 16.43 -10.27 -2.79
CA GLU A 114 17.90 -10.21 -2.72
C GLU A 114 18.55 -10.38 -4.12
N GLY A 115 19.77 -9.86 -4.29
CA GLY A 115 20.63 -10.03 -5.47
C GLY A 115 22.04 -9.48 -5.26
N ALA A 116 22.96 -9.80 -6.17
CA ALA A 116 24.37 -9.38 -6.11
C ALA A 116 24.55 -7.89 -6.47
N GLU A 117 24.35 -7.53 -7.75
CA GLU A 117 24.52 -6.18 -8.30
C GLU A 117 23.40 -5.85 -9.31
N GLN A 118 22.19 -5.60 -8.79
CA GLN A 118 21.00 -5.14 -9.53
C GLN A 118 20.26 -4.01 -8.79
N PRO A 119 19.44 -3.19 -9.48
CA PRO A 119 18.57 -2.21 -8.85
C PRO A 119 17.44 -2.89 -8.03
N PRO A 120 16.74 -2.14 -7.14
CA PRO A 120 15.64 -2.67 -6.35
C PRO A 120 14.40 -3.03 -7.20
N ASP A 121 13.46 -3.75 -6.59
CA ASP A 121 12.19 -4.25 -7.16
C ASP A 121 11.10 -4.31 -6.06
N LEU A 122 9.89 -4.80 -6.37
CA LEU A 122 8.75 -4.95 -5.43
C LEU A 122 8.54 -3.76 -4.46
N HIS A 123 8.61 -2.53 -4.99
CA HIS A 123 8.42 -1.26 -4.25
C HIS A 123 7.26 -0.37 -4.76
N CYS A 124 6.19 -1.04 -5.17
CA CYS A 124 4.85 -0.50 -5.38
C CYS A 124 3.83 -1.55 -4.94
N VAL A 125 2.76 -1.16 -4.25
CA VAL A 125 1.62 -2.03 -3.91
C VAL A 125 0.31 -1.30 -4.17
N LEU A 126 -0.71 -2.02 -4.63
CA LEU A 126 -2.01 -1.44 -4.98
C LEU A 126 -3.19 -2.32 -4.56
N VAL A 127 -4.02 -1.74 -3.69
CA VAL A 127 -5.26 -2.30 -3.15
C VAL A 127 -6.41 -1.98 -4.10
N THR A 128 -7.12 -3.02 -4.53
CA THR A 128 -8.20 -3.00 -5.50
C THR A 128 -9.31 -3.92 -5.02
N ASN A 129 -10.58 -3.51 -5.14
CA ASN A 129 -11.71 -4.34 -4.72
C ASN A 129 -12.37 -5.04 -5.93
N PRO A 130 -12.99 -6.22 -5.75
CA PRO A 130 -13.92 -6.78 -6.75
C PRO A 130 -15.18 -5.91 -6.89
N HIS A 131 -15.97 -6.15 -7.93
CA HIS A 131 -17.13 -5.33 -8.33
C HIS A 131 -18.34 -5.35 -7.36
N SER A 132 -18.29 -6.15 -6.29
CA SER A 132 -19.33 -6.32 -5.27
C SER A 132 -18.80 -6.07 -3.85
N SER A 133 -17.89 -6.93 -3.36
CA SER A 133 -17.28 -6.83 -2.02
C SER A 133 -16.22 -5.70 -1.95
N GLN A 134 -16.68 -4.46 -1.80
CA GLN A 134 -15.83 -3.26 -1.69
C GLN A 134 -14.91 -3.31 -0.45
N TRP A 135 -13.68 -2.76 -0.57
CA TRP A 135 -12.65 -2.85 0.47
C TRP A 135 -13.00 -2.07 1.75
N LYS A 136 -13.31 -2.82 2.82
CA LYS A 136 -13.73 -2.33 4.16
C LYS A 136 -12.94 -3.04 5.26
N ASP A 137 -11.84 -2.41 5.68
CA ASP A 137 -11.01 -2.77 6.83
C ASP A 137 -10.67 -1.48 7.61
N PRO A 138 -10.71 -1.46 8.97
CA PRO A 138 -10.57 -0.22 9.75
C PRO A 138 -9.20 0.45 9.59
N ALA A 139 -8.17 -0.34 9.33
CA ALA A 139 -6.84 0.08 8.90
C ALA A 139 -6.92 0.93 7.62
N LEU A 140 -7.48 0.37 6.55
CA LEU A 140 -7.62 1.03 5.25
C LEU A 140 -8.59 2.24 5.29
N SER A 141 -9.63 2.18 6.13
CA SER A 141 -10.50 3.34 6.42
C SER A 141 -9.69 4.53 6.93
N GLN A 142 -8.80 4.34 7.91
CA GLN A 142 -7.93 5.40 8.41
C GLN A 142 -6.89 5.89 7.38
N LEU A 143 -6.39 5.03 6.50
CA LEU A 143 -5.55 5.44 5.36
C LEU A 143 -6.27 6.42 4.42
N ILE A 144 -7.48 6.06 3.98
CA ILE A 144 -8.33 6.93 3.15
C ILE A 144 -8.63 8.24 3.89
N CYS A 145 -9.03 8.17 5.16
CA CYS A 145 -9.27 9.35 5.99
C CYS A 145 -8.07 10.31 6.03
N PHE A 146 -6.85 9.82 6.31
CA PHE A 146 -5.64 10.64 6.34
C PHE A 146 -5.36 11.34 4.99
N CYS A 147 -5.31 10.61 3.87
CA CYS A 147 -5.01 11.22 2.57
C CYS A 147 -6.11 12.17 2.06
N ARG A 148 -7.39 11.94 2.42
CA ARG A 148 -8.49 12.89 2.21
C ARG A 148 -8.29 14.18 3.00
N GLU A 149 -8.00 14.09 4.30
CA GLU A 149 -7.87 15.24 5.21
C GLU A 149 -6.73 16.19 4.84
N SER A 150 -5.57 15.69 4.38
CA SER A 150 -4.49 16.50 3.85
C SER A 150 -4.92 17.17 2.54
N ARG A 151 -5.33 16.37 1.54
CA ARG A 151 -5.79 16.82 0.22
C ARG A 151 -6.92 17.86 0.30
N TYR A 152 -7.70 17.88 1.38
CA TYR A 152 -8.75 18.88 1.62
C TYR A 152 -8.25 20.33 1.53
N MET A 153 -7.01 20.60 1.98
CA MET A 153 -6.30 21.85 1.75
C MET A 153 -5.27 21.75 0.61
N ASP A 154 -4.25 20.89 0.74
CA ASP A 154 -3.12 20.75 -0.20
C ASP A 154 -2.42 19.40 -0.03
N GLN A 155 -1.47 19.07 -0.89
CA GLN A 155 -0.82 17.75 -1.01
C GLN A 155 -1.84 16.65 -1.38
N TRP A 156 -2.13 16.52 -2.67
CA TRP A 156 -3.02 15.48 -3.24
C TRP A 156 -2.60 14.04 -2.84
N VAL A 157 -1.32 13.84 -2.53
CA VAL A 157 -0.72 12.60 -2.02
C VAL A 157 0.15 12.92 -0.80
N PRO A 158 -0.15 12.39 0.40
CA PRO A 158 0.76 12.54 1.54
C PRO A 158 2.03 11.69 1.35
N VAL A 159 3.05 11.99 2.16
CA VAL A 159 4.44 11.50 2.06
C VAL A 159 4.98 11.08 3.43
N ILE A 160 5.20 9.76 3.65
CA ILE A 160 5.63 9.27 4.98
C ILE A 160 6.61 8.08 4.96
N ASN A 161 7.21 7.76 6.10
CA ASN A 161 8.18 6.68 6.33
C ASN A 161 7.82 5.88 7.59
N LEU A 162 7.12 4.75 7.42
CA LEU A 162 6.78 3.83 8.52
C LEU A 162 8.00 3.18 9.18
N PRO A 163 7.93 2.78 10.47
CA PRO A 163 8.99 2.08 11.19
C PRO A 163 9.07 0.58 10.85
N GLU A 164 10.07 -0.13 11.41
CA GLU A 164 10.20 -1.59 11.29
C GLU A 164 9.16 -2.36 12.13
N ARG A 165 9.08 -3.69 11.90
CA ARG A 165 8.29 -4.67 12.67
C ARG A 165 8.74 -4.76 14.14
N MET A 1 15.32 -22.64 14.35
CA MET A 1 15.93 -21.54 13.54
C MET A 1 14.92 -20.40 13.28
N THR A 2 13.82 -20.68 12.56
CA THR A 2 12.76 -19.72 12.20
C THR A 2 11.50 -19.86 13.07
N LEU A 3 11.39 -19.04 14.12
CA LEU A 3 10.28 -19.05 15.09
C LEU A 3 10.02 -17.64 15.69
N GLU A 4 9.05 -16.90 15.13
CA GLU A 4 8.68 -15.54 15.61
C GLU A 4 7.19 -15.20 15.38
N GLU A 5 6.30 -16.20 15.31
CA GLU A 5 4.85 -16.00 15.11
C GLU A 5 4.10 -15.49 16.36
N PHE A 6 3.73 -14.21 16.29
CA PHE A 6 2.83 -13.48 17.19
C PHE A 6 2.36 -12.16 16.55
N SER A 7 1.07 -11.84 16.71
CA SER A 7 0.46 -10.52 16.43
C SER A 7 -0.84 -10.31 17.23
N ALA A 8 -1.03 -9.10 17.76
CA ALA A 8 -2.25 -8.63 18.46
C ALA A 8 -2.39 -7.09 18.43
N GLY A 9 -3.55 -6.57 18.84
CA GLY A 9 -3.84 -5.15 19.05
C GLY A 9 -5.30 -4.76 18.78
N GLU A 10 -5.82 -3.77 19.52
CA GLU A 10 -7.20 -3.25 19.42
C GLU A 10 -7.30 -1.81 19.97
N GLN A 11 -7.70 -0.84 19.13
CA GLN A 11 -7.90 0.58 19.48
C GLN A 11 -8.79 1.31 18.44
N LYS A 12 -9.41 2.44 18.83
CA LYS A 12 -10.26 3.30 17.98
C LYS A 12 -9.83 4.76 18.06
N THR A 13 -8.72 5.08 17.40
CA THR A 13 -8.16 6.44 17.24
C THR A 13 -7.44 6.56 15.88
N GLU A 14 -7.30 7.77 15.35
CA GLU A 14 -6.61 8.08 14.09
C GLU A 14 -5.36 8.96 14.33
N ARG A 15 -4.22 8.57 13.73
CA ARG A 15 -2.91 9.22 13.83
C ARG A 15 -2.07 8.99 12.57
N MET A 16 -1.07 9.84 12.35
CA MET A 16 -0.09 9.72 11.26
C MET A 16 0.59 8.34 11.26
N ASP A 17 1.20 7.91 12.37
CA ASP A 17 1.79 6.56 12.48
C ASP A 17 0.78 5.42 12.29
N LYS A 18 -0.49 5.64 12.68
CA LYS A 18 -1.56 4.65 12.52
C LYS A 18 -1.82 4.33 11.04
N VAL A 19 -1.68 5.30 10.14
CA VAL A 19 -1.89 5.13 8.68
C VAL A 19 -0.95 4.08 8.09
N GLY A 20 0.35 4.17 8.41
CA GLY A 20 1.35 3.23 7.91
C GLY A 20 1.20 1.82 8.52
N ASP A 21 0.92 1.76 9.82
CA ASP A 21 0.59 0.52 10.55
C ASP A 21 -0.64 -0.19 9.98
N ALA A 22 -1.72 0.58 9.84
CA ALA A 22 -2.99 0.17 9.25
C ALA A 22 -2.78 -0.45 7.86
N LEU A 23 -1.92 0.17 7.05
CA LEU A 23 -1.63 -0.31 5.70
C LEU A 23 -0.98 -1.70 5.73
N GLU A 24 -0.02 -1.90 6.62
CA GLU A 24 0.63 -3.20 6.83
C GLU A 24 -0.39 -4.31 7.15
N GLU A 25 -1.50 -3.99 7.82
CA GLU A 25 -2.54 -4.99 8.13
C GLU A 25 -3.33 -5.39 6.88
N VAL A 26 -3.91 -4.41 6.17
CA VAL A 26 -4.75 -4.66 4.98
C VAL A 26 -3.95 -5.32 3.84
N LEU A 27 -2.77 -4.79 3.53
CA LEU A 27 -1.85 -5.33 2.52
C LEU A 27 -1.43 -6.78 2.85
N SER A 28 -1.19 -7.10 4.12
CA SER A 28 -0.93 -8.49 4.56
C SER A 28 -2.08 -9.44 4.20
N LYS A 29 -3.35 -9.06 4.43
CA LYS A 29 -4.52 -9.85 4.01
C LYS A 29 -4.52 -10.14 2.50
N ALA A 30 -4.26 -9.13 1.67
CA ALA A 30 -4.23 -9.23 0.22
C ALA A 30 -3.15 -10.21 -0.30
N LEU A 31 -1.93 -10.07 0.22
CA LEU A 31 -0.83 -11.01 -0.03
C LEU A 31 -1.16 -12.43 0.47
N SER A 32 -1.78 -12.56 1.65
CA SER A 32 -2.27 -13.85 2.17
C SER A 32 -3.29 -14.53 1.24
N GLN A 33 -4.17 -13.75 0.60
CA GLN A 33 -5.12 -14.24 -0.41
C GLN A 33 -4.50 -14.42 -1.81
N ARG A 34 -3.25 -13.98 -1.99
CA ARG A 34 -2.44 -14.05 -3.21
C ARG A 34 -3.08 -13.37 -4.43
N THR A 35 -3.84 -12.29 -4.19
CA THR A 35 -4.63 -11.56 -5.20
C THR A 35 -4.39 -10.04 -5.10
N ILE A 36 -3.15 -9.65 -5.44
CA ILE A 36 -2.65 -8.27 -5.38
C ILE A 36 -1.56 -8.06 -6.44
N THR A 37 -1.54 -6.88 -7.09
CA THR A 37 -0.49 -6.48 -8.04
C THR A 37 0.76 -6.01 -7.30
N VAL A 38 1.94 -6.31 -7.86
CA VAL A 38 3.23 -5.82 -7.36
C VAL A 38 4.12 -5.36 -8.52
N GLY A 39 4.76 -4.21 -8.35
CA GLY A 39 5.67 -3.57 -9.31
C GLY A 39 4.99 -2.53 -10.23
N VAL A 40 5.40 -1.26 -10.12
CA VAL A 40 4.93 -0.16 -10.99
C VAL A 40 5.09 -0.42 -12.50
N TYR A 41 6.02 -1.28 -12.91
CA TYR A 41 6.20 -1.73 -14.29
C TYR A 41 4.97 -2.48 -14.87
N GLU A 42 4.13 -3.08 -14.02
CA GLU A 42 2.89 -3.79 -14.42
C GLU A 42 1.59 -3.05 -14.01
N ALA A 43 1.71 -1.98 -13.22
CA ALA A 43 0.61 -1.12 -12.78
C ALA A 43 -0.17 -0.46 -13.94
N ALA A 44 0.51 -0.17 -15.05
CA ALA A 44 -0.10 0.34 -16.27
C ALA A 44 -1.21 -0.60 -16.78
N LYS A 45 -0.94 -1.91 -16.84
CA LYS A 45 -1.91 -2.95 -17.17
C LYS A 45 -3.03 -3.08 -16.13
N LEU A 46 -2.72 -3.00 -14.84
CA LEU A 46 -3.74 -3.04 -13.77
C LEU A 46 -4.81 -1.96 -13.97
N LEU A 47 -4.39 -0.69 -14.03
CA LEU A 47 -5.27 0.45 -14.23
C LEU A 47 -5.96 0.46 -15.61
N ASN A 48 -5.39 -0.21 -16.63
CA ASN A 48 -6.07 -0.43 -17.91
C ASN A 48 -7.18 -1.50 -17.84
N VAL A 49 -6.98 -2.56 -17.05
CA VAL A 49 -7.94 -3.67 -16.84
C VAL A 49 -9.11 -3.26 -15.94
N ASP A 50 -8.83 -2.61 -14.80
CA ASP A 50 -9.84 -2.19 -13.81
C ASP A 50 -9.65 -0.72 -13.34
N PRO A 51 -9.97 0.28 -14.18
CA PRO A 51 -9.87 1.70 -13.83
C PRO A 51 -10.90 2.17 -12.79
N ASP A 52 -12.04 1.49 -12.67
CA ASP A 52 -13.13 1.81 -11.72
C ASP A 52 -13.19 0.87 -10.50
N ASN A 53 -12.86 -0.40 -10.67
CA ASN A 53 -12.81 -1.41 -9.60
C ASN A 53 -11.51 -1.39 -8.78
N VAL A 54 -10.49 -0.62 -9.19
CA VAL A 54 -9.40 -0.21 -8.30
C VAL A 54 -9.98 0.39 -7.02
N VAL A 55 -9.41 0.02 -5.87
CA VAL A 55 -9.81 0.62 -4.59
C VAL A 55 -8.73 1.55 -4.05
N LEU A 56 -7.44 1.17 -4.19
CA LEU A 56 -6.32 2.08 -3.95
C LEU A 56 -4.96 1.61 -4.45
N CYS A 57 -4.00 2.54 -4.46
CA CYS A 57 -2.61 2.25 -4.84
C CYS A 57 -1.56 2.69 -3.80
N LEU A 58 -0.52 1.88 -3.58
CA LEU A 58 0.54 2.09 -2.58
C LEU A 58 1.93 2.05 -3.23
N LEU A 59 2.61 3.19 -3.31
CA LEU A 59 3.97 3.25 -3.90
C LEU A 59 5.04 3.60 -2.86
N ALA A 60 6.24 3.03 -2.97
CA ALA A 60 7.41 3.36 -2.12
C ALA A 60 8.62 3.84 -2.95
N ALA A 61 9.13 5.03 -2.63
CA ALA A 61 10.18 5.72 -3.37
C ALA A 61 11.53 5.70 -2.63
N ASP A 62 12.37 4.72 -2.97
CA ASP A 62 13.70 4.51 -2.37
C ASP A 62 14.64 5.73 -2.52
N GLU A 63 15.69 5.80 -1.68
CA GLU A 63 16.79 6.76 -1.87
C GLU A 63 17.48 6.54 -3.23
N ASP A 64 17.74 5.29 -3.60
CA ASP A 64 18.35 4.92 -4.89
C ASP A 64 17.42 5.15 -6.11
N ASP A 65 16.09 5.16 -5.88
CA ASP A 65 15.08 5.51 -6.89
C ASP A 65 15.19 6.97 -7.36
N ASP A 66 15.77 7.85 -6.54
CA ASP A 66 16.07 9.23 -6.93
C ASP A 66 17.06 9.33 -8.11
N ARG A 67 17.72 8.21 -8.47
CA ARG A 67 18.62 8.05 -9.62
C ARG A 67 18.12 7.03 -10.67
N ASP A 68 16.98 6.38 -10.45
CA ASP A 68 16.38 5.40 -11.35
C ASP A 68 15.30 6.06 -12.23
N VAL A 69 15.73 6.61 -13.37
CA VAL A 69 14.87 7.37 -14.29
C VAL A 69 13.63 6.61 -14.78
N ALA A 70 13.72 5.27 -14.90
CA ALA A 70 12.59 4.44 -15.29
C ALA A 70 11.50 4.43 -14.20
N LEU A 71 11.87 4.10 -12.97
CA LEU A 71 10.94 4.04 -11.84
C LEU A 71 10.29 5.40 -11.52
N GLN A 72 11.05 6.49 -11.68
CA GLN A 72 10.57 7.88 -11.63
C GLN A 72 9.43 8.12 -12.64
N ILE A 73 9.63 7.79 -13.93
CA ILE A 73 8.58 7.86 -14.96
C ILE A 73 7.37 6.98 -14.60
N HIS A 74 7.59 5.76 -14.11
CA HIS A 74 6.51 4.83 -13.71
C HIS A 74 5.58 5.43 -12.63
N PHE A 75 6.14 6.19 -11.67
CA PHE A 75 5.34 6.96 -10.70
C PHE A 75 4.54 8.08 -11.39
N THR A 76 5.15 8.86 -12.28
CA THR A 76 4.45 9.94 -13.03
C THR A 76 3.29 9.41 -13.87
N LEU A 77 3.46 8.25 -14.51
CA LEU A 77 2.42 7.53 -15.24
C LEU A 77 1.20 7.22 -14.36
N ILE A 78 1.42 6.51 -13.25
CA ILE A 78 0.36 6.19 -12.27
C ILE A 78 -0.28 7.47 -11.72
N GLN A 79 0.48 8.57 -11.60
CA GLN A 79 -0.04 9.84 -11.11
C GLN A 79 -1.13 10.42 -12.04
N ALA A 80 -0.96 10.33 -13.36
CA ALA A 80 -2.01 10.67 -14.34
C ALA A 80 -3.28 9.81 -14.14
N PHE A 81 -3.09 8.49 -14.12
CA PHE A 81 -4.21 7.54 -14.03
C PHE A 81 -4.96 7.66 -12.69
N CYS A 82 -4.23 7.80 -11.58
CA CYS A 82 -4.72 8.23 -10.28
C CYS A 82 -5.61 9.48 -10.36
N CYS A 83 -5.06 10.58 -10.88
CA CYS A 83 -5.73 11.88 -11.02
C CYS A 83 -7.08 11.82 -11.75
N GLU A 84 -7.32 10.79 -12.56
CA GLU A 84 -8.63 10.53 -13.17
C GLU A 84 -9.79 10.50 -12.13
N ASN A 85 -9.82 9.52 -11.20
CA ASN A 85 -10.90 9.36 -10.22
C ASN A 85 -10.52 8.51 -8.98
N ASP A 86 -9.25 8.15 -8.79
CA ASP A 86 -8.84 7.06 -7.88
C ASP A 86 -9.24 7.30 -6.41
N ILE A 87 -10.13 6.44 -5.93
CA ILE A 87 -10.81 6.46 -4.62
C ILE A 87 -9.84 6.77 -3.47
N ASN A 88 -8.73 6.02 -3.36
CA ASN A 88 -7.61 6.36 -2.46
C ASN A 88 -6.24 5.95 -3.05
N ILE A 89 -5.18 6.60 -2.58
CA ILE A 89 -3.78 6.39 -2.97
C ILE A 89 -2.88 7.12 -1.98
N LEU A 90 -1.65 6.63 -1.79
CA LEU A 90 -0.59 7.33 -1.06
C LEU A 90 0.81 6.82 -1.43
N ARG A 91 1.83 7.57 -0.99
CA ARG A 91 3.24 7.22 -1.14
C ARG A 91 3.88 7.06 0.25
N VAL A 92 4.74 6.06 0.38
CA VAL A 92 5.65 5.93 1.52
C VAL A 92 7.10 6.21 1.12
N SER A 93 7.85 6.82 2.03
CA SER A 93 9.28 7.08 1.91
C SER A 93 10.10 5.80 2.11
N ASN A 94 10.02 5.17 3.30
CA ASN A 94 10.90 4.10 3.77
C ASN A 94 10.83 2.79 2.94
N PRO A 95 11.77 2.55 2.00
CA PRO A 95 11.66 1.47 1.02
C PRO A 95 11.83 0.09 1.66
N GLY A 96 12.74 -0.01 2.63
CA GLY A 96 12.97 -1.21 3.43
C GLY A 96 11.73 -1.63 4.19
N ARG A 97 10.95 -0.69 4.74
CA ARG A 97 9.72 -1.00 5.50
C ARG A 97 8.65 -1.64 4.62
N LEU A 98 8.39 -1.07 3.43
CA LEU A 98 7.42 -1.64 2.48
C LEU A 98 7.87 -2.99 1.89
N ALA A 99 9.17 -3.14 1.61
CA ALA A 99 9.75 -4.43 1.21
C ALA A 99 9.67 -5.47 2.36
N GLU A 100 9.87 -5.07 3.61
CA GLU A 100 9.79 -5.96 4.77
C GLU A 100 8.35 -6.46 4.99
N LEU A 101 7.35 -5.60 4.81
CA LEU A 101 5.92 -5.97 4.81
C LEU A 101 5.65 -7.15 3.85
N LEU A 102 6.05 -7.06 2.57
CA LEU A 102 5.79 -8.13 1.60
C LEU A 102 6.69 -9.38 1.75
N LEU A 103 7.78 -9.29 2.52
CA LEU A 103 8.71 -10.38 2.83
C LEU A 103 8.35 -11.14 4.11
N LEU A 104 8.32 -10.47 5.27
CA LEU A 104 8.10 -11.06 6.58
C LEU A 104 6.71 -11.70 6.74
N GLU A 105 5.73 -11.28 5.93
CA GLU A 105 4.36 -11.79 5.85
C GLU A 105 3.66 -11.84 7.21
N THR A 106 3.15 -10.69 7.67
CA THR A 106 2.59 -10.43 9.01
C THR A 106 1.62 -11.51 9.51
N ASP A 107 0.74 -12.02 8.64
CA ASP A 107 -0.04 -13.24 8.87
C ASP A 107 -0.29 -14.04 7.56
N ALA A 108 0.58 -13.86 6.56
CA ALA A 108 0.33 -14.22 5.16
C ALA A 108 1.13 -15.45 4.66
N GLY A 109 0.67 -16.07 3.57
CA GLY A 109 1.34 -17.19 2.88
C GLY A 109 1.75 -18.34 3.81
N PRO A 110 2.89 -19.00 3.57
CA PRO A 110 3.47 -19.97 4.50
C PRO A 110 4.13 -19.30 5.73
N ALA A 111 4.23 -17.96 5.74
CA ALA A 111 4.96 -17.08 6.66
C ALA A 111 6.49 -17.32 6.73
N ALA A 112 7.22 -16.35 7.28
CA ALA A 112 8.69 -16.32 7.44
C ALA A 112 9.52 -16.57 6.15
N SER A 113 8.90 -16.56 4.96
CA SER A 113 9.52 -16.90 3.67
C SER A 113 10.45 -15.79 3.15
N GLU A 114 11.37 -16.14 2.26
CA GLU A 114 12.30 -15.22 1.57
C GLU A 114 12.71 -15.79 0.19
N GLY A 115 12.06 -15.32 -0.88
CA GLY A 115 12.31 -15.77 -2.26
C GLY A 115 11.76 -14.80 -3.31
N ALA A 116 12.67 -14.14 -4.04
CA ALA A 116 12.38 -13.28 -5.18
C ALA A 116 13.38 -13.57 -6.32
N GLU A 117 12.88 -14.08 -7.45
CA GLU A 117 13.67 -14.43 -8.65
C GLU A 117 14.34 -13.19 -9.28
N GLN A 118 13.60 -12.40 -10.07
CA GLN A 118 14.01 -11.08 -10.57
C GLN A 118 12.78 -10.20 -10.93
N PRO A 119 11.96 -9.80 -9.94
CA PRO A 119 10.82 -8.91 -10.15
C PRO A 119 11.28 -7.48 -10.54
N PRO A 120 10.42 -6.67 -11.18
CA PRO A 120 10.80 -5.35 -11.71
C PRO A 120 11.00 -4.30 -10.60
N ASP A 121 10.04 -4.15 -9.68
CA ASP A 121 10.03 -3.09 -8.64
C ASP A 121 9.51 -3.65 -7.30
N LEU A 122 10.43 -4.02 -6.39
CA LEU A 122 10.14 -4.65 -5.09
C LEU A 122 9.50 -3.71 -4.04
N HIS A 123 8.92 -2.58 -4.46
CA HIS A 123 8.60 -1.42 -3.60
C HIS A 123 7.16 -0.93 -3.72
N CYS A 124 6.37 -1.54 -4.60
CA CYS A 124 5.18 -0.95 -5.21
C CYS A 124 4.06 -1.98 -5.25
N VAL A 125 2.95 -1.76 -4.56
CA VAL A 125 1.91 -2.79 -4.37
C VAL A 125 0.51 -2.20 -4.49
N LEU A 126 -0.33 -2.78 -5.35
CA LEU A 126 -1.59 -2.16 -5.78
C LEU A 126 -2.81 -3.08 -5.58
N VAL A 127 -3.88 -2.52 -5.00
CA VAL A 127 -5.03 -3.23 -4.42
C VAL A 127 -6.33 -2.86 -5.14
N THR A 128 -7.11 -3.88 -5.53
CA THR A 128 -8.41 -3.70 -6.18
C THR A 128 -9.52 -4.51 -5.52
N ASN A 129 -10.74 -3.98 -5.50
CA ASN A 129 -11.92 -4.69 -5.02
C ASN A 129 -12.40 -5.72 -6.08
N PRO A 130 -13.15 -6.76 -5.67
CA PRO A 130 -13.92 -7.61 -6.58
C PRO A 130 -15.17 -6.87 -7.10
N HIS A 131 -16.13 -7.60 -7.68
CA HIS A 131 -17.41 -7.07 -8.19
C HIS A 131 -18.32 -6.39 -7.14
N SER A 132 -18.00 -6.49 -5.85
CA SER A 132 -18.69 -5.86 -4.72
C SER A 132 -17.70 -5.44 -3.61
N SER A 133 -18.20 -4.92 -2.49
CA SER A 133 -17.43 -4.49 -1.32
C SER A 133 -16.60 -5.63 -0.69
N GLN A 134 -15.29 -5.43 -0.53
CA GLN A 134 -14.38 -6.32 0.20
C GLN A 134 -13.40 -5.51 1.07
N TRP A 135 -12.63 -4.62 0.45
CA TRP A 135 -11.65 -3.74 1.10
C TRP A 135 -12.32 -2.56 1.85
N LYS A 136 -12.98 -2.88 2.97
CA LYS A 136 -13.70 -1.94 3.86
C LYS A 136 -13.18 -1.93 5.31
N ASP A 137 -12.03 -2.57 5.54
CA ASP A 137 -11.39 -2.73 6.85
C ASP A 137 -11.19 -1.39 7.60
N PRO A 138 -11.28 -1.37 8.95
CA PRO A 138 -11.20 -0.14 9.75
C PRO A 138 -9.84 0.57 9.63
N ALA A 139 -8.78 -0.23 9.41
CA ALA A 139 -7.46 0.21 9.02
C ALA A 139 -7.51 1.12 7.77
N LEU A 140 -8.08 0.64 6.67
CA LEU A 140 -8.18 1.43 5.44
C LEU A 140 -9.13 2.64 5.56
N SER A 141 -10.17 2.58 6.41
CA SER A 141 -10.99 3.75 6.76
C SER A 141 -10.16 4.88 7.40
N GLN A 142 -9.21 4.55 8.28
CA GLN A 142 -8.24 5.52 8.83
C GLN A 142 -7.29 6.08 7.75
N LEU A 143 -6.80 5.24 6.84
CA LEU A 143 -5.95 5.69 5.72
C LEU A 143 -6.63 6.72 4.80
N ILE A 144 -7.84 6.43 4.27
CA ILE A 144 -8.55 7.36 3.40
C ILE A 144 -8.91 8.67 4.12
N CYS A 145 -9.22 8.61 5.43
CA CYS A 145 -9.46 9.80 6.25
C CYS A 145 -8.23 10.74 6.29
N PHE A 146 -7.05 10.23 6.64
CA PHE A 146 -5.80 11.00 6.61
C PHE A 146 -5.50 11.60 5.23
N CYS A 147 -5.68 10.83 4.16
CA CYS A 147 -5.51 11.30 2.80
C CYS A 147 -6.42 12.49 2.48
N ARG A 148 -7.71 12.46 2.85
CA ARG A 148 -8.66 13.60 2.76
C ARG A 148 -8.17 14.85 3.50
N GLU A 149 -7.72 14.69 4.74
CA GLU A 149 -7.21 15.81 5.55
C GLU A 149 -5.96 16.45 4.95
N SER A 150 -4.98 15.66 4.51
CA SER A 150 -3.77 16.14 3.85
C SER A 150 -4.08 16.79 2.48
N ARG A 151 -4.99 16.22 1.70
CA ARG A 151 -5.50 16.77 0.43
C ARG A 151 -6.15 18.15 0.58
N TYR A 152 -6.67 18.51 1.76
CA TYR A 152 -7.14 19.88 2.03
C TYR A 152 -6.02 20.94 2.02
N MET A 153 -4.76 20.51 2.05
CA MET A 153 -3.54 21.33 2.04
C MET A 153 -2.74 21.19 0.72
N ASP A 154 -3.43 20.90 -0.39
CA ASP A 154 -2.93 20.76 -1.77
C ASP A 154 -1.87 19.66 -1.93
N GLN A 155 -2.17 18.46 -1.40
CA GLN A 155 -1.40 17.23 -1.55
C GLN A 155 -2.31 16.09 -2.06
N TRP A 156 -2.30 15.85 -3.38
CA TRP A 156 -3.04 14.77 -4.07
C TRP A 156 -2.81 13.39 -3.45
N VAL A 157 -1.59 13.16 -2.95
CA VAL A 157 -1.13 12.01 -2.17
C VAL A 157 -0.28 12.50 -0.99
N PRO A 158 -0.52 12.03 0.25
CA PRO A 158 0.41 12.27 1.35
C PRO A 158 1.69 11.43 1.19
N VAL A 159 2.72 11.80 1.96
CA VAL A 159 4.01 11.10 2.08
C VAL A 159 4.29 10.77 3.55
N ILE A 160 4.52 9.49 3.86
CA ILE A 160 4.83 9.06 5.24
C ILE A 160 5.87 7.92 5.31
N ASN A 161 6.35 7.60 6.51
CA ASN A 161 7.14 6.42 6.82
C ASN A 161 6.47 5.65 7.98
N LEU A 162 6.06 4.40 7.72
CA LEU A 162 5.57 3.50 8.77
C LEU A 162 6.71 3.17 9.79
N PRO A 163 6.38 2.82 11.05
CA PRO A 163 7.37 2.45 12.07
C PRO A 163 8.02 1.08 11.80
N GLU A 164 8.84 0.60 12.75
CA GLU A 164 9.51 -0.71 12.71
C GLU A 164 8.53 -1.92 12.64
N ARG A 165 9.09 -3.13 12.44
CA ARG A 165 8.44 -4.45 12.22
C ARG A 165 8.01 -4.66 10.75
N MET A 1 14.78 -22.09 30.74
CA MET A 1 13.31 -21.96 30.61
C MET A 1 12.82 -20.69 31.31
N THR A 2 12.21 -19.76 30.58
CA THR A 2 11.61 -18.52 31.14
C THR A 2 10.47 -18.01 30.26
N LEU A 3 9.49 -17.32 30.85
CA LEU A 3 8.38 -16.64 30.20
C LEU A 3 8.07 -15.31 30.92
N GLU A 4 7.94 -14.22 30.16
CA GLU A 4 7.58 -12.87 30.66
C GLU A 4 6.61 -12.12 29.72
N GLU A 5 6.21 -12.72 28.60
CA GLU A 5 5.45 -12.07 27.53
C GLU A 5 3.97 -11.79 27.87
N PHE A 6 3.65 -10.50 28.01
CA PHE A 6 2.31 -9.92 28.19
C PHE A 6 2.38 -8.39 28.02
N SER A 7 1.75 -7.85 26.95
CA SER A 7 1.57 -6.40 26.74
C SER A 7 0.31 -6.10 25.92
N ALA A 8 -0.25 -4.90 26.09
CA ALA A 8 -1.42 -4.37 25.38
C ALA A 8 -1.46 -2.82 25.39
N GLY A 9 -2.36 -2.22 24.60
CA GLY A 9 -2.66 -0.78 24.62
C GLY A 9 -3.58 -0.33 23.48
N GLU A 10 -4.41 0.69 23.73
CA GLU A 10 -5.33 1.34 22.78
C GLU A 10 -5.48 2.85 23.06
N GLN A 11 -5.92 3.61 22.06
CA GLN A 11 -6.34 5.01 22.16
C GLN A 11 -7.43 5.34 21.12
N LYS A 12 -7.99 6.56 21.19
CA LYS A 12 -9.08 7.07 20.35
C LYS A 12 -8.64 8.06 19.26
N THR A 13 -7.32 8.30 19.11
CA THR A 13 -6.68 9.16 18.10
C THR A 13 -6.13 8.36 16.93
N GLU A 14 -5.67 9.05 15.87
CA GLU A 14 -5.20 8.47 14.60
C GLU A 14 -3.88 9.11 14.11
N ARG A 15 -2.88 9.14 14.99
CA ARG A 15 -1.50 9.63 14.81
C ARG A 15 -0.78 9.11 13.54
N MET A 16 0.24 9.84 13.09
CA MET A 16 0.96 9.61 11.83
C MET A 16 1.51 8.20 11.67
N ASP A 17 2.29 7.67 12.61
CA ASP A 17 2.90 6.31 12.48
C ASP A 17 1.85 5.20 12.34
N LYS A 18 0.65 5.39 12.94
CA LYS A 18 -0.48 4.45 12.83
C LYS A 18 -0.97 4.30 11.39
N VAL A 19 -0.86 5.32 10.54
CA VAL A 19 -1.19 5.28 9.11
C VAL A 19 -0.37 4.21 8.38
N GLY A 20 0.95 4.20 8.60
CA GLY A 20 1.86 3.25 7.99
C GLY A 20 1.66 1.82 8.50
N ASP A 21 1.47 1.68 9.81
CA ASP A 21 1.10 0.43 10.50
C ASP A 21 -0.20 -0.18 9.92
N ALA A 22 -1.24 0.65 9.84
CA ALA A 22 -2.53 0.29 9.26
C ALA A 22 -2.39 -0.20 7.81
N LEU A 23 -1.57 0.49 7.01
CA LEU A 23 -1.44 0.25 5.57
C LEU A 23 -0.81 -1.11 5.26
N GLU A 24 0.28 -1.43 5.97
CA GLU A 24 0.91 -2.74 5.85
C GLU A 24 0.06 -3.88 6.46
N GLU A 25 -0.91 -3.59 7.34
CA GLU A 25 -1.80 -4.62 7.90
C GLU A 25 -2.82 -5.09 6.84
N VAL A 26 -3.41 -4.15 6.13
CA VAL A 26 -4.28 -4.41 4.96
C VAL A 26 -3.55 -5.16 3.86
N LEU A 27 -2.32 -4.77 3.52
CA LEU A 27 -1.47 -5.52 2.59
C LEU A 27 -1.25 -6.97 3.05
N SER A 28 -1.00 -7.20 4.34
CA SER A 28 -0.90 -8.57 4.90
C SER A 28 -2.17 -9.40 4.60
N LYS A 29 -3.37 -8.86 4.91
CA LYS A 29 -4.66 -9.50 4.58
C LYS A 29 -4.83 -9.82 3.10
N ALA A 30 -4.50 -8.86 2.23
CA ALA A 30 -4.59 -8.97 0.77
C ALA A 30 -3.63 -10.03 0.19
N LEU A 31 -2.38 -10.08 0.69
CA LEU A 31 -1.42 -11.14 0.41
C LEU A 31 -1.91 -12.51 0.91
N SER A 32 -2.47 -12.59 2.12
CA SER A 32 -3.04 -13.81 2.71
C SER A 32 -4.07 -14.49 1.78
N GLN A 33 -4.93 -13.70 1.15
CA GLN A 33 -5.95 -14.12 0.18
C GLN A 33 -5.50 -14.09 -1.28
N ARG A 34 -4.25 -13.69 -1.56
CA ARG A 34 -3.54 -13.78 -2.84
C ARG A 34 -4.23 -13.07 -4.02
N THR A 35 -4.94 -11.96 -3.76
CA THR A 35 -5.57 -11.13 -4.79
C THR A 35 -5.33 -9.64 -4.53
N ILE A 36 -4.14 -9.18 -4.94
CA ILE A 36 -3.67 -7.79 -4.93
C ILE A 36 -2.57 -7.60 -6.00
N THR A 37 -2.36 -6.37 -6.44
CA THR A 37 -1.28 -6.00 -7.39
C THR A 37 -0.02 -5.56 -6.64
N VAL A 38 1.16 -5.94 -7.16
CA VAL A 38 2.48 -5.55 -6.62
C VAL A 38 3.47 -5.27 -7.77
N GLY A 39 4.32 -4.25 -7.59
CA GLY A 39 5.36 -3.82 -8.55
C GLY A 39 4.88 -2.78 -9.58
N VAL A 40 5.68 -1.71 -9.79
CA VAL A 40 5.34 -0.60 -10.72
C VAL A 40 5.20 -1.03 -12.18
N TYR A 41 5.98 -2.03 -12.58
CA TYR A 41 6.14 -2.46 -13.96
C TYR A 41 4.89 -3.15 -14.57
N GLU A 42 3.81 -3.39 -13.76
CA GLU A 42 2.50 -3.88 -14.16
C GLU A 42 1.46 -2.77 -14.41
N ALA A 43 1.81 -1.47 -14.30
CA ALA A 43 0.89 -0.32 -14.43
C ALA A 43 0.04 -0.31 -15.73
N ALA A 44 0.58 -0.80 -16.85
CA ALA A 44 -0.15 -0.97 -18.09
C ALA A 44 -1.30 -1.99 -17.96
N LYS A 45 -1.01 -3.20 -17.48
CA LYS A 45 -1.99 -4.26 -17.21
C LYS A 45 -3.03 -3.87 -16.16
N LEU A 46 -2.62 -3.15 -15.12
CA LEU A 46 -3.51 -2.53 -14.11
C LEU A 46 -4.63 -1.73 -14.79
N LEU A 47 -4.27 -0.73 -15.60
CA LEU A 47 -5.26 0.10 -16.31
C LEU A 47 -6.06 -0.69 -17.37
N ASN A 48 -5.45 -1.73 -17.97
CA ASN A 48 -6.09 -2.59 -18.97
C ASN A 48 -7.12 -3.59 -18.39
N VAL A 49 -7.11 -3.84 -17.07
CA VAL A 49 -7.91 -4.89 -16.41
C VAL A 49 -8.86 -4.30 -15.35
N ASP A 50 -8.37 -3.40 -14.49
CA ASP A 50 -9.07 -2.88 -13.32
C ASP A 50 -8.89 -1.36 -13.10
N PRO A 51 -9.30 -0.49 -14.06
CA PRO A 51 -9.08 0.97 -14.04
C PRO A 51 -10.01 1.80 -13.13
N ASP A 52 -11.13 1.22 -12.67
CA ASP A 52 -12.07 1.81 -11.71
C ASP A 52 -12.03 1.11 -10.35
N ASN A 53 -11.86 -0.22 -10.37
CA ASN A 53 -11.72 -1.12 -9.24
C ASN A 53 -10.44 -0.91 -8.39
N VAL A 54 -9.50 -0.07 -8.86
CA VAL A 54 -8.21 0.24 -8.22
C VAL A 54 -8.33 1.14 -6.97
N VAL A 55 -9.03 0.63 -5.94
CA VAL A 55 -9.49 1.35 -4.73
C VAL A 55 -8.44 2.28 -4.12
N LEU A 56 -7.23 1.77 -3.85
CA LEU A 56 -6.12 2.54 -3.29
C LEU A 56 -4.78 2.14 -3.90
N CYS A 57 -4.13 3.11 -4.54
CA CYS A 57 -2.79 2.93 -5.15
C CYS A 57 -1.67 3.45 -4.20
N LEU A 58 -0.73 2.59 -3.80
CA LEU A 58 0.43 2.92 -2.93
C LEU A 58 1.76 2.70 -3.66
N LEU A 59 2.53 3.77 -3.86
CA LEU A 59 3.88 3.68 -4.44
C LEU A 59 4.94 3.97 -3.37
N ALA A 60 6.02 3.20 -3.32
CA ALA A 60 7.05 3.23 -2.27
C ALA A 60 8.45 3.54 -2.84
N ALA A 61 8.84 4.82 -2.83
CA ALA A 61 10.10 5.27 -3.44
C ALA A 61 11.34 4.85 -2.63
N ASP A 62 12.26 4.10 -3.25
CA ASP A 62 13.58 3.71 -2.70
C ASP A 62 14.56 4.89 -2.58
N GLU A 63 15.70 4.71 -1.90
CA GLU A 63 16.84 5.63 -2.10
C GLU A 63 17.36 5.59 -3.55
N ASP A 64 17.23 4.45 -4.23
CA ASP A 64 17.62 4.28 -5.63
C ASP A 64 16.78 5.12 -6.62
N ASP A 65 15.56 5.49 -6.22
CA ASP A 65 14.65 6.37 -6.99
C ASP A 65 15.26 7.77 -7.20
N ASP A 66 16.09 8.22 -6.26
CA ASP A 66 16.82 9.50 -6.31
C ASP A 66 17.78 9.63 -7.52
N ARG A 67 18.10 8.51 -8.20
CA ARG A 67 18.96 8.44 -9.38
C ARG A 67 18.37 7.64 -10.57
N ASP A 68 17.09 7.24 -10.51
CA ASP A 68 16.43 6.48 -11.58
C ASP A 68 15.26 7.27 -12.21
N VAL A 69 15.58 8.08 -13.23
CA VAL A 69 14.62 8.96 -13.92
C VAL A 69 13.47 8.21 -14.60
N ALA A 70 13.67 6.96 -15.03
CA ALA A 70 12.62 6.12 -15.60
C ALA A 70 11.58 5.76 -14.54
N LEU A 71 12.03 5.29 -13.38
CA LEU A 71 11.20 4.91 -12.24
C LEU A 71 10.44 6.11 -11.65
N GLN A 72 11.08 7.27 -11.59
CA GLN A 72 10.47 8.57 -11.26
C GLN A 72 9.29 8.89 -12.20
N ILE A 73 9.51 8.82 -13.53
CA ILE A 73 8.45 8.98 -14.53
C ILE A 73 7.35 7.93 -14.34
N HIS A 74 7.68 6.65 -14.10
CA HIS A 74 6.69 5.58 -13.84
C HIS A 74 5.76 5.91 -12.67
N PHE A 75 6.29 6.48 -11.57
CA PHE A 75 5.48 6.99 -10.46
C PHE A 75 4.52 8.11 -10.90
N THR A 76 4.99 9.10 -11.66
CA THR A 76 4.13 10.21 -12.14
C THR A 76 3.08 9.74 -13.16
N LEU A 77 3.44 8.80 -14.04
CA LEU A 77 2.61 8.23 -15.09
C LEU A 77 1.37 7.51 -14.52
N ILE A 78 1.58 6.48 -13.69
CA ILE A 78 0.47 5.78 -13.03
C ILE A 78 -0.37 6.74 -12.17
N GLN A 79 0.26 7.77 -11.58
CA GLN A 79 -0.46 8.81 -10.83
C GLN A 79 -1.47 9.55 -11.72
N ALA A 80 -1.08 9.98 -12.93
CA ALA A 80 -2.00 10.57 -13.91
C ALA A 80 -3.24 9.69 -14.16
N PHE A 81 -3.00 8.38 -14.33
CA PHE A 81 -4.06 7.41 -14.61
C PHE A 81 -5.09 7.29 -13.47
N CYS A 82 -4.63 7.03 -12.23
CA CYS A 82 -5.53 6.98 -11.08
C CYS A 82 -6.10 8.35 -10.67
N CYS A 83 -5.46 9.47 -11.04
CA CYS A 83 -6.02 10.82 -10.89
C CYS A 83 -7.26 11.08 -11.75
N GLU A 84 -7.39 10.42 -12.92
CA GLU A 84 -8.59 10.50 -13.77
C GLU A 84 -9.86 10.06 -13.02
N ASN A 85 -9.98 8.77 -12.70
CA ASN A 85 -11.14 8.22 -12.02
C ASN A 85 -11.12 8.58 -10.50
N ASP A 86 -12.25 8.35 -9.84
CA ASP A 86 -12.41 8.56 -8.39
C ASP A 86 -11.86 7.35 -7.58
N ILE A 87 -10.55 7.37 -7.23
CA ILE A 87 -9.81 6.37 -6.45
C ILE A 87 -8.68 7.09 -5.71
N ASN A 88 -8.74 7.00 -4.39
CA ASN A 88 -7.70 7.48 -3.47
C ASN A 88 -6.29 6.82 -3.70
N ILE A 89 -5.25 7.50 -3.21
CA ILE A 89 -3.83 7.28 -3.50
C ILE A 89 -2.91 7.91 -2.44
N LEU A 90 -1.75 7.30 -2.19
CA LEU A 90 -0.64 7.84 -1.38
C LEU A 90 0.74 7.43 -1.96
N ARG A 91 1.79 8.16 -1.55
CA ARG A 91 3.20 7.83 -1.80
C ARG A 91 3.94 7.61 -0.48
N VAL A 92 4.26 6.37 -0.16
CA VAL A 92 5.14 6.07 0.98
C VAL A 92 6.61 6.22 0.53
N SER A 93 7.52 6.34 1.50
CA SER A 93 8.98 6.60 1.30
C SER A 93 9.85 5.57 2.04
N ASN A 94 9.26 4.41 2.42
CA ASN A 94 9.94 3.30 3.08
C ASN A 94 9.58 1.91 2.48
N PRO A 95 10.01 1.60 1.24
CA PRO A 95 9.74 0.31 0.60
C PRO A 95 10.40 -0.86 1.34
N GLY A 96 11.55 -0.64 1.99
CA GLY A 96 12.23 -1.66 2.79
C GLY A 96 11.36 -2.25 3.90
N ARG A 97 10.52 -1.42 4.55
CA ARG A 97 9.57 -1.87 5.59
C ARG A 97 8.43 -2.72 5.00
N LEU A 98 7.87 -2.28 3.88
CA LEU A 98 6.81 -2.98 3.15
C LEU A 98 7.31 -4.33 2.62
N ALA A 99 8.56 -4.42 2.16
CA ALA A 99 9.21 -5.60 1.59
C ALA A 99 9.58 -6.58 2.71
N GLU A 100 9.95 -6.11 3.91
CA GLU A 100 10.10 -6.99 5.09
C GLU A 100 8.76 -7.62 5.50
N LEU A 101 7.66 -6.87 5.61
CA LEU A 101 6.34 -7.47 5.92
C LEU A 101 5.87 -8.47 4.85
N LEU A 102 6.18 -8.25 3.56
CA LEU A 102 5.97 -9.23 2.49
C LEU A 102 6.71 -10.58 2.71
N LEU A 103 7.63 -10.64 3.68
CA LEU A 103 8.30 -11.83 4.19
C LEU A 103 7.77 -12.25 5.58
N LEU A 104 7.82 -11.36 6.58
CA LEU A 104 7.45 -11.62 7.98
C LEU A 104 5.94 -11.84 8.23
N GLU A 105 5.07 -11.29 7.38
CA GLU A 105 3.61 -11.53 7.34
C GLU A 105 2.89 -11.31 8.70
N THR A 106 2.73 -10.04 9.11
CA THR A 106 2.16 -9.70 10.43
C THR A 106 0.68 -10.13 10.62
N ASP A 107 -0.12 -10.14 9.54
CA ASP A 107 -1.56 -10.46 9.60
C ASP A 107 -2.02 -11.43 8.48
N ALA A 108 -1.07 -12.16 7.88
CA ALA A 108 -1.30 -13.23 6.91
C ALA A 108 -1.02 -14.63 7.52
N GLY A 109 -1.40 -15.70 6.79
CA GLY A 109 -1.22 -17.10 7.21
C GLY A 109 -0.95 -18.06 6.05
N PRO A 110 -1.97 -18.44 5.24
CA PRO A 110 -1.84 -19.37 4.10
C PRO A 110 -1.06 -18.82 2.88
N ALA A 111 -0.60 -17.56 2.91
CA ALA A 111 0.37 -17.03 1.94
C ALA A 111 1.72 -17.79 1.97
N ALA A 112 2.58 -17.58 0.96
CA ALA A 112 3.94 -18.09 0.90
C ALA A 112 4.86 -17.04 0.26
N SER A 113 6.15 -17.07 0.65
CA SER A 113 7.20 -16.24 0.08
C SER A 113 7.37 -16.49 -1.42
N GLU A 114 7.59 -15.43 -2.20
CA GLU A 114 7.76 -15.47 -3.66
C GLU A 114 8.93 -16.39 -4.09
N GLY A 115 8.88 -16.91 -5.33
CA GLY A 115 9.88 -17.81 -5.89
C GLY A 115 10.02 -17.67 -7.41
N ALA A 116 9.53 -18.66 -8.17
CA ALA A 116 9.65 -18.74 -9.63
C ALA A 116 8.95 -17.59 -10.41
N GLU A 117 8.07 -16.83 -9.75
CA GLU A 117 7.30 -15.70 -10.31
C GLU A 117 7.55 -14.36 -9.56
N GLN A 118 8.61 -14.29 -8.73
CA GLN A 118 8.97 -13.11 -7.94
C GLN A 118 9.20 -11.85 -8.83
N PRO A 119 8.62 -10.68 -8.47
CA PRO A 119 8.87 -9.42 -9.20
C PRO A 119 10.30 -8.89 -8.96
N PRO A 120 10.80 -7.96 -9.80
CA PRO A 120 12.19 -7.50 -9.72
C PRO A 120 12.50 -6.68 -8.46
N ASP A 121 11.59 -5.80 -8.02
CA ASP A 121 11.75 -4.92 -6.85
C ASP A 121 10.40 -4.70 -6.15
N LEU A 122 10.24 -5.20 -4.92
CA LEU A 122 9.03 -5.06 -4.09
C LEU A 122 8.87 -3.63 -3.53
N HIS A 123 8.38 -2.68 -4.35
CA HIS A 123 8.33 -1.24 -4.03
C HIS A 123 7.05 -0.49 -4.49
N CYS A 124 6.00 -1.22 -4.83
CA CYS A 124 4.70 -0.70 -5.22
C CYS A 124 3.62 -1.73 -4.85
N VAL A 125 2.50 -1.30 -4.28
CA VAL A 125 1.42 -2.19 -3.82
C VAL A 125 0.06 -1.53 -4.07
N LEU A 126 -0.79 -2.17 -4.87
CA LEU A 126 -2.01 -1.54 -5.37
C LEU A 126 -3.22 -2.39 -4.99
N VAL A 127 -3.98 -1.87 -4.00
CA VAL A 127 -5.16 -2.49 -3.40
C VAL A 127 -6.36 -2.29 -4.33
N THR A 128 -6.86 -3.38 -4.93
CA THR A 128 -7.96 -3.32 -5.90
C THR A 128 -9.05 -4.36 -5.62
N ASN A 129 -10.33 -4.00 -5.84
CA ASN A 129 -11.45 -4.89 -5.54
C ASN A 129 -11.66 -5.92 -6.69
N PRO A 130 -11.64 -7.24 -6.44
CA PRO A 130 -11.78 -8.26 -7.50
C PRO A 130 -13.23 -8.47 -7.96
N HIS A 131 -14.21 -7.91 -7.23
CA HIS A 131 -15.65 -8.00 -7.49
C HIS A 131 -16.40 -6.82 -6.86
N SER A 132 -17.74 -6.84 -6.88
CA SER A 132 -18.63 -5.91 -6.17
C SER A 132 -18.39 -5.81 -4.65
N SER A 133 -17.70 -6.80 -4.06
CA SER A 133 -17.14 -6.81 -2.70
C SER A 133 -16.17 -5.65 -2.47
N GLN A 134 -16.67 -4.51 -1.98
CA GLN A 134 -15.88 -3.31 -1.66
C GLN A 134 -14.75 -3.59 -0.64
N TRP A 135 -13.55 -3.08 -0.92
CA TRP A 135 -12.39 -3.15 -0.02
C TRP A 135 -12.64 -2.27 1.22
N LYS A 136 -12.98 -2.90 2.35
CA LYS A 136 -13.27 -2.26 3.64
C LYS A 136 -12.52 -2.98 4.77
N ASP A 137 -11.83 -2.21 5.59
CA ASP A 137 -11.10 -2.67 6.79
C ASP A 137 -10.94 -1.47 7.76
N PRO A 138 -11.03 -1.63 9.10
CA PRO A 138 -10.92 -0.51 10.04
C PRO A 138 -9.58 0.24 9.96
N ALA A 139 -8.50 -0.47 9.61
CA ALA A 139 -7.18 0.12 9.31
C ALA A 139 -7.28 1.10 8.13
N LEU A 140 -7.86 0.64 7.01
CA LEU A 140 -8.04 1.43 5.79
C LEU A 140 -9.06 2.58 5.95
N SER A 141 -10.11 2.41 6.75
CA SER A 141 -11.02 3.50 7.14
C SER A 141 -10.27 4.67 7.81
N GLN A 142 -9.35 4.35 8.73
CA GLN A 142 -8.47 5.35 9.35
C GLN A 142 -7.48 5.99 8.36
N LEU A 143 -6.92 5.21 7.42
CA LEU A 143 -6.10 5.75 6.32
C LEU A 143 -6.84 6.78 5.46
N ILE A 144 -8.07 6.46 5.04
CA ILE A 144 -8.92 7.36 4.24
C ILE A 144 -9.18 8.67 5.01
N CYS A 145 -9.46 8.58 6.31
CA CYS A 145 -9.65 9.75 7.17
C CYS A 145 -8.40 10.66 7.19
N PHE A 146 -7.22 10.11 7.54
CA PHE A 146 -5.95 10.84 7.53
C PHE A 146 -5.67 11.48 6.16
N CYS A 147 -5.66 10.69 5.08
CA CYS A 147 -5.24 11.18 3.77
C CYS A 147 -6.16 12.28 3.23
N ARG A 148 -7.48 12.20 3.45
CA ARG A 148 -8.44 13.25 3.06
C ARG A 148 -8.19 14.57 3.79
N GLU A 149 -7.97 14.55 5.11
CA GLU A 149 -7.64 15.77 5.85
C GLU A 149 -6.31 16.40 5.37
N SER A 150 -5.26 15.61 5.18
CA SER A 150 -3.97 16.07 4.67
C SER A 150 -4.08 16.64 3.23
N ARG A 151 -4.80 15.95 2.34
CA ARG A 151 -5.09 16.38 0.97
C ARG A 151 -5.88 17.69 0.92
N TYR A 152 -6.82 17.90 1.85
CA TYR A 152 -7.61 19.14 1.95
C TYR A 152 -6.77 20.38 2.33
N MET A 153 -5.54 20.21 2.84
CA MET A 153 -4.61 21.32 3.09
C MET A 153 -4.09 21.92 1.76
N ASP A 154 -3.38 21.13 0.96
CA ASP A 154 -2.84 21.50 -0.37
C ASP A 154 -2.30 20.30 -1.18
N GLN A 155 -1.66 19.34 -0.51
CA GLN A 155 -0.92 18.23 -1.14
C GLN A 155 -1.83 17.27 -1.92
N TRP A 156 -1.75 17.27 -3.26
CA TRP A 156 -2.56 16.40 -4.14
C TRP A 156 -2.46 14.91 -3.80
N VAL A 157 -1.27 14.46 -3.35
CA VAL A 157 -1.02 13.15 -2.72
C VAL A 157 -0.26 13.34 -1.39
N PRO A 158 -0.82 12.93 -0.23
CA PRO A 158 -0.06 12.88 1.00
C PRO A 158 0.96 11.72 1.01
N VAL A 159 1.97 11.83 1.88
CA VAL A 159 3.17 10.97 1.91
C VAL A 159 3.59 10.60 3.33
N ILE A 160 4.23 9.44 3.53
CA ILE A 160 4.73 9.02 4.85
C ILE A 160 5.88 7.98 4.80
N ASN A 161 6.63 7.84 5.89
CA ASN A 161 7.70 6.84 6.10
C ASN A 161 7.43 6.05 7.40
N LEU A 162 6.85 4.85 7.28
CA LEU A 162 6.50 4.01 8.45
C LEU A 162 7.76 3.56 9.24
N PRO A 163 7.65 3.30 10.56
CA PRO A 163 8.77 2.89 11.41
C PRO A 163 9.20 1.42 11.20
N GLU A 164 10.29 1.01 11.87
CA GLU A 164 10.79 -0.38 11.88
C GLU A 164 9.81 -1.39 12.51
N ARG A 165 10.13 -2.69 12.39
CA ARG A 165 9.37 -3.83 12.92
C ARG A 165 9.32 -3.84 14.46
N MET A 1 -36.18 14.30 0.63
CA MET A 1 -36.64 13.20 1.51
C MET A 1 -35.49 12.23 1.83
N THR A 2 -35.33 11.83 3.10
CA THR A 2 -34.36 10.81 3.54
C THR A 2 -34.83 10.09 4.82
N LEU A 3 -34.17 8.96 5.16
CA LEU A 3 -34.39 8.12 6.34
C LEU A 3 -33.03 7.68 6.91
N GLU A 4 -32.44 8.56 7.71
CA GLU A 4 -31.24 8.30 8.52
C GLU A 4 -31.33 9.01 9.88
N GLU A 5 -31.02 8.28 10.95
CA GLU A 5 -30.99 8.79 12.35
C GLU A 5 -29.78 8.25 13.13
N PHE A 6 -29.67 6.92 13.30
CA PHE A 6 -28.56 6.24 13.97
C PHE A 6 -27.29 6.20 13.09
N SER A 7 -26.57 7.33 13.03
CA SER A 7 -25.27 7.48 12.38
C SER A 7 -24.39 8.50 13.11
N ALA A 8 -23.54 8.02 14.01
CA ALA A 8 -22.62 8.82 14.84
C ALA A 8 -21.31 8.06 15.16
N GLY A 9 -20.38 8.73 15.85
CA GLY A 9 -19.10 8.19 16.33
C GLY A 9 -18.45 9.05 17.42
N GLU A 10 -17.32 8.59 17.96
CA GLU A 10 -16.59 9.25 19.06
C GLU A 10 -15.05 9.18 18.91
N GLN A 11 -14.50 7.97 18.73
CA GLN A 11 -13.06 7.71 18.63
C GLN A 11 -12.41 8.40 17.40
N LYS A 12 -11.59 9.42 17.65
CA LYS A 12 -10.87 10.24 16.65
C LYS A 12 -9.38 10.39 17.03
N THR A 13 -8.55 9.46 16.55
CA THR A 13 -7.09 9.42 16.80
C THR A 13 -6.31 9.13 15.50
N GLU A 14 -6.03 10.18 14.72
CA GLU A 14 -5.05 10.12 13.62
C GLU A 14 -3.60 10.26 14.15
N ARG A 15 -2.71 9.37 13.71
CA ARG A 15 -1.25 9.39 13.97
C ARG A 15 -0.50 8.84 12.75
N MET A 16 0.64 9.44 12.40
CA MET A 16 1.44 9.08 11.21
C MET A 16 1.78 7.58 11.13
N ASP A 17 2.30 6.98 12.20
CA ASP A 17 2.63 5.57 12.27
C ASP A 17 1.41 4.64 12.11
N LYS A 18 0.24 5.07 12.60
CA LYS A 18 -1.03 4.34 12.49
C LYS A 18 -1.46 4.15 11.04
N VAL A 19 -1.14 5.09 10.14
CA VAL A 19 -1.41 5.00 8.69
C VAL A 19 -0.66 3.83 8.04
N GLY A 20 0.63 3.67 8.37
CA GLY A 20 1.47 2.61 7.82
C GLY A 20 1.20 1.24 8.45
N ASP A 21 0.93 1.20 9.76
CA ASP A 21 0.43 0.02 10.48
C ASP A 21 -0.88 -0.50 9.88
N ALA A 22 -1.81 0.43 9.65
CA ALA A 22 -3.08 0.16 8.98
C ALA A 22 -2.86 -0.46 7.58
N LEU A 23 -2.00 0.16 6.76
CA LEU A 23 -1.69 -0.29 5.41
C LEU A 23 -1.18 -1.72 5.39
N GLU A 24 -0.17 -2.00 6.21
CA GLU A 24 0.44 -3.33 6.30
C GLU A 24 -0.54 -4.42 6.78
N GLU A 25 -1.60 -4.06 7.51
CA GLU A 25 -2.61 -5.04 7.98
C GLU A 25 -3.54 -5.45 6.83
N VAL A 26 -4.15 -4.48 6.16
CA VAL A 26 -5.06 -4.73 5.03
C VAL A 26 -4.35 -5.50 3.91
N LEU A 27 -3.14 -5.06 3.55
CA LEU A 27 -2.29 -5.71 2.56
C LEU A 27 -1.93 -7.17 2.95
N SER A 28 -1.71 -7.48 4.24
CA SER A 28 -1.49 -8.87 4.66
C SER A 28 -2.71 -9.77 4.40
N LYS A 29 -3.94 -9.27 4.53
CA LYS A 29 -5.16 -9.98 4.11
C LYS A 29 -5.23 -10.15 2.59
N ALA A 30 -4.85 -9.13 1.82
CA ALA A 30 -4.80 -9.19 0.35
C ALA A 30 -3.80 -10.26 -0.14
N LEU A 31 -2.63 -10.34 0.51
CA LEU A 31 -1.63 -11.39 0.29
C LEU A 31 -2.14 -12.78 0.69
N SER A 32 -2.80 -12.91 1.85
CA SER A 32 -3.44 -14.15 2.32
C SER A 32 -4.40 -14.78 1.27
N GLN A 33 -5.07 -13.96 0.47
CA GLN A 33 -6.00 -14.36 -0.58
C GLN A 33 -5.49 -14.13 -2.01
N ARG A 34 -4.22 -13.70 -2.16
CA ARG A 34 -3.46 -13.55 -3.41
C ARG A 34 -4.14 -12.65 -4.45
N THR A 35 -4.59 -11.46 -4.03
CA THR A 35 -5.29 -10.46 -4.89
C THR A 35 -4.61 -9.08 -4.94
N ILE A 36 -3.42 -9.00 -4.36
CA ILE A 36 -2.51 -7.85 -4.28
C ILE A 36 -1.64 -7.74 -5.55
N THR A 37 -1.37 -6.51 -6.01
CA THR A 37 -0.33 -6.20 -7.01
C THR A 37 0.93 -5.66 -6.33
N VAL A 38 2.10 -5.94 -6.91
CA VAL A 38 3.38 -5.40 -6.46
C VAL A 38 4.21 -4.90 -7.66
N GLY A 39 5.02 -3.85 -7.47
CA GLY A 39 5.96 -3.31 -8.48
C GLY A 39 5.35 -2.35 -9.51
N VAL A 40 5.91 -1.14 -9.63
CA VAL A 40 5.38 -0.06 -10.50
C VAL A 40 5.30 -0.44 -11.99
N TYR A 41 6.20 -1.31 -12.43
CA TYR A 41 6.33 -1.75 -13.81
C TYR A 41 5.13 -2.59 -14.30
N GLU A 42 4.31 -3.12 -13.38
CA GLU A 42 3.09 -3.89 -13.66
C GLU A 42 1.79 -3.11 -13.36
N ALA A 43 1.85 -2.14 -12.44
CA ALA A 43 0.70 -1.33 -12.00
C ALA A 43 0.06 -0.47 -13.11
N ALA A 44 0.86 0.02 -14.07
CA ALA A 44 0.36 0.72 -15.25
C ALA A 44 -0.56 -0.18 -16.10
N LYS A 45 -0.06 -1.37 -16.49
CA LYS A 45 -0.81 -2.41 -17.22
C LYS A 45 -2.09 -2.82 -16.49
N LEU A 46 -2.00 -3.08 -15.19
CA LEU A 46 -3.14 -3.39 -14.31
C LEU A 46 -4.28 -2.36 -14.48
N LEU A 47 -4.01 -1.07 -14.25
CA LEU A 47 -5.03 -0.03 -14.30
C LEU A 47 -5.64 0.16 -15.70
N ASN A 48 -4.91 -0.20 -16.76
CA ASN A 48 -5.45 -0.27 -18.13
C ASN A 48 -6.34 -1.50 -18.40
N VAL A 49 -6.19 -2.60 -17.65
CA VAL A 49 -6.92 -3.88 -17.84
C VAL A 49 -8.12 -4.01 -16.90
N ASP A 50 -8.00 -3.59 -15.63
CA ASP A 50 -9.03 -3.71 -14.58
C ASP A 50 -9.35 -2.37 -13.88
N PRO A 51 -9.83 -1.33 -14.61
CA PRO A 51 -10.05 0.02 -14.08
C PRO A 51 -11.21 0.11 -13.06
N ASP A 52 -12.16 -0.83 -13.08
CA ASP A 52 -13.26 -0.92 -12.12
C ASP A 52 -12.88 -1.55 -10.77
N ASN A 53 -11.98 -2.53 -10.80
CA ASN A 53 -11.56 -3.33 -9.64
C ASN A 53 -10.55 -2.59 -8.76
N VAL A 54 -9.62 -1.82 -9.35
CA VAL A 54 -8.63 -1.06 -8.57
C VAL A 54 -9.29 -0.15 -7.53
N VAL A 55 -8.71 -0.05 -6.33
CA VAL A 55 -9.22 0.82 -5.25
C VAL A 55 -8.16 1.72 -4.60
N LEU A 56 -6.93 1.24 -4.42
CA LEU A 56 -5.83 2.05 -3.85
C LEU A 56 -4.43 1.67 -4.35
N CYS A 57 -3.65 2.68 -4.74
CA CYS A 57 -2.26 2.60 -5.20
C CYS A 57 -1.28 3.16 -4.15
N LEU A 58 -0.30 2.36 -3.70
CA LEU A 58 0.73 2.74 -2.73
C LEU A 58 2.15 2.55 -3.28
N LEU A 59 2.76 3.62 -3.79
CA LEU A 59 4.09 3.54 -4.40
C LEU A 59 5.17 3.99 -3.38
N ALA A 60 6.34 3.36 -3.36
CA ALA A 60 7.31 3.46 -2.27
C ALA A 60 8.69 3.95 -2.76
N ALA A 61 8.94 5.26 -2.67
CA ALA A 61 10.15 5.90 -3.20
C ALA A 61 11.38 5.65 -2.31
N ASP A 62 12.28 4.75 -2.75
CA ASP A 62 13.60 4.52 -2.16
C ASP A 62 14.56 5.71 -2.37
N GLU A 63 15.70 5.73 -1.67
CA GLU A 63 16.72 6.79 -1.86
C GLU A 63 17.32 6.72 -3.28
N ASP A 64 17.59 5.53 -3.80
CA ASP A 64 18.13 5.34 -5.17
C ASP A 64 17.13 5.74 -6.27
N ASP A 65 15.82 5.78 -5.97
CA ASP A 65 14.78 6.25 -6.90
C ASP A 65 14.88 7.75 -7.21
N ASP A 66 15.50 8.54 -6.32
CA ASP A 66 15.85 9.95 -6.57
C ASP A 66 16.78 10.12 -7.80
N ARG A 67 17.43 9.04 -8.25
CA ARG A 67 18.38 8.97 -9.37
C ARG A 67 17.91 8.05 -10.51
N ASP A 68 16.68 7.53 -10.45
CA ASP A 68 16.09 6.62 -11.45
C ASP A 68 14.91 7.28 -12.19
N VAL A 69 15.21 7.99 -13.29
CA VAL A 69 14.26 8.73 -14.12
C VAL A 69 13.09 7.89 -14.65
N ALA A 70 13.30 6.59 -14.88
CA ALA A 70 12.25 5.66 -15.32
C ALA A 70 11.25 5.38 -14.19
N LEU A 71 11.73 5.03 -13.00
CA LEU A 71 10.88 4.79 -11.82
C LEU A 71 10.13 6.08 -11.39
N GLN A 72 10.78 7.24 -11.52
CA GLN A 72 10.17 8.57 -11.32
C GLN A 72 8.98 8.83 -12.27
N ILE A 73 9.14 8.64 -13.60
CA ILE A 73 8.00 8.77 -14.52
C ILE A 73 6.93 7.68 -14.30
N HIS A 74 7.30 6.46 -13.88
CA HIS A 74 6.31 5.44 -13.46
C HIS A 74 5.40 5.93 -12.32
N PHE A 75 5.94 6.64 -11.32
CA PHE A 75 5.14 7.27 -10.25
C PHE A 75 4.15 8.31 -10.81
N THR A 76 4.62 9.29 -11.59
CA THR A 76 3.70 10.33 -12.14
C THR A 76 2.69 9.77 -13.17
N LEU A 77 3.05 8.74 -13.93
CA LEU A 77 2.20 8.02 -14.87
C LEU A 77 1.01 7.33 -14.17
N ILE A 78 1.29 6.39 -13.26
CA ILE A 78 0.24 5.64 -12.53
C ILE A 78 -0.67 6.60 -11.74
N GLN A 79 -0.11 7.72 -11.28
CA GLN A 79 -0.84 8.81 -10.61
C GLN A 79 -1.87 9.49 -11.51
N ALA A 80 -1.58 9.67 -12.81
CA ALA A 80 -2.57 10.10 -13.81
C ALA A 80 -3.71 9.08 -13.95
N PHE A 81 -3.35 7.80 -14.04
CA PHE A 81 -4.31 6.71 -14.28
C PHE A 81 -5.29 6.55 -13.12
N CYS A 82 -4.83 6.47 -11.86
CA CYS A 82 -5.73 6.44 -10.72
C CYS A 82 -6.56 7.73 -10.55
N CYS A 83 -6.01 8.89 -10.90
CA CYS A 83 -6.72 10.18 -10.89
C CYS A 83 -7.96 10.23 -11.79
N GLU A 84 -8.01 9.43 -12.87
CA GLU A 84 -9.20 9.29 -13.71
C GLU A 84 -10.48 8.99 -12.90
N ASN A 85 -10.48 7.89 -12.13
CA ASN A 85 -11.66 7.38 -11.43
C ASN A 85 -11.54 7.55 -9.89
N ASP A 86 -12.52 7.02 -9.19
CA ASP A 86 -12.61 6.89 -7.74
C ASP A 86 -11.61 5.84 -7.16
N ILE A 87 -10.31 6.14 -7.26
CA ILE A 87 -9.16 5.35 -6.85
C ILE A 87 -8.16 6.29 -6.17
N ASN A 88 -8.20 6.26 -4.84
CA ASN A 88 -7.21 6.86 -3.96
C ASN A 88 -5.77 6.35 -4.23
N ILE A 89 -4.78 7.12 -3.77
CA ILE A 89 -3.34 6.94 -4.00
C ILE A 89 -2.54 7.66 -2.93
N LEU A 90 -1.53 6.99 -2.36
CA LEU A 90 -0.51 7.60 -1.48
C LEU A 90 0.90 7.19 -1.91
N ARG A 91 1.89 7.81 -1.26
CA ARG A 91 3.31 7.45 -1.38
C ARG A 91 3.91 7.18 0.01
N VAL A 92 4.90 6.29 0.06
CA VAL A 92 5.72 6.08 1.27
C VAL A 92 7.21 6.24 0.99
N SER A 93 7.97 6.45 2.05
CA SER A 93 9.42 6.73 2.06
C SER A 93 10.22 5.64 2.80
N ASN A 94 9.54 4.56 3.23
CA ASN A 94 10.13 3.32 3.76
C ASN A 94 9.70 2.08 2.93
N PRO A 95 10.23 1.92 1.70
CA PRO A 95 9.98 0.75 0.86
C PRO A 95 10.49 -0.54 1.50
N GLY A 96 11.54 -0.45 2.33
CA GLY A 96 12.07 -1.56 3.12
C GLY A 96 11.00 -2.25 3.97
N ARG A 97 10.08 -1.49 4.59
CA ARG A 97 9.00 -2.09 5.38
C ARG A 97 7.91 -2.73 4.54
N LEU A 98 7.49 -2.07 3.46
CA LEU A 98 6.48 -2.64 2.53
C LEU A 98 7.00 -3.90 1.84
N ALA A 99 8.31 -3.98 1.59
CA ALA A 99 8.99 -5.16 1.09
C ALA A 99 9.15 -6.27 2.16
N GLU A 100 9.50 -5.90 3.40
CA GLU A 100 9.60 -6.84 4.53
C GLU A 100 8.25 -7.49 4.86
N LEU A 101 7.14 -6.72 4.80
CA LEU A 101 5.77 -7.22 4.93
C LEU A 101 5.48 -8.44 4.04
N LEU A 102 5.86 -8.35 2.76
CA LEU A 102 5.66 -9.41 1.75
C LEU A 102 6.45 -10.71 2.02
N LEU A 103 7.35 -10.69 3.01
CA LEU A 103 8.21 -11.81 3.41
C LEU A 103 7.88 -12.31 4.83
N LEU A 104 7.76 -11.39 5.81
CA LEU A 104 7.40 -11.67 7.20
C LEU A 104 5.93 -12.10 7.42
N GLU A 105 4.99 -11.69 6.56
CA GLU A 105 3.58 -12.09 6.60
C GLU A 105 2.88 -11.85 7.96
N THR A 106 3.10 -10.68 8.59
CA THR A 106 2.45 -10.29 9.85
C THR A 106 0.91 -10.30 9.74
N ASP A 107 0.25 -11.00 10.66
CA ASP A 107 -1.21 -11.25 10.73
C ASP A 107 -1.89 -11.90 9.49
N ALA A 108 -1.08 -12.37 8.53
CA ALA A 108 -1.53 -13.15 7.38
C ALA A 108 -2.06 -14.54 7.77
N GLY A 109 -2.93 -15.08 6.92
CA GLY A 109 -3.19 -16.52 6.79
C GLY A 109 -2.07 -17.23 6.01
N PRO A 110 -2.23 -18.51 5.65
CA PRO A 110 -1.24 -19.30 4.90
C PRO A 110 -1.17 -18.89 3.41
N ALA A 111 -0.67 -17.68 3.12
CA ALA A 111 -0.54 -17.12 1.77
C ALA A 111 0.29 -17.99 0.80
N ALA A 112 1.62 -18.01 0.93
CA ALA A 112 2.57 -18.64 0.00
C ALA A 112 3.96 -18.85 0.67
N SER A 113 5.00 -19.15 -0.13
CA SER A 113 6.40 -19.30 0.29
C SER A 113 7.33 -18.45 -0.59
N GLU A 114 7.73 -17.28 -0.10
CA GLU A 114 8.54 -16.28 -0.81
C GLU A 114 10.04 -16.67 -0.94
N GLY A 115 10.81 -15.92 -1.75
CA GLY A 115 12.28 -16.02 -1.86
C GLY A 115 13.04 -15.38 -0.69
N ALA A 116 14.38 -15.47 -0.70
CA ALA A 116 15.24 -15.15 0.45
C ALA A 116 16.44 -14.22 0.18
N GLU A 117 16.80 -13.92 -1.07
CA GLU A 117 17.94 -13.03 -1.41
C GLU A 117 17.58 -11.53 -1.25
N GLN A 118 16.77 -11.00 -2.16
CA GLN A 118 16.31 -9.60 -2.24
C GLN A 118 14.86 -9.52 -2.75
N PRO A 119 14.13 -8.40 -2.50
CA PRO A 119 12.80 -8.17 -3.07
C PRO A 119 12.88 -8.00 -4.61
N PRO A 120 12.14 -8.82 -5.40
CA PRO A 120 12.21 -8.78 -6.86
C PRO A 120 11.44 -7.61 -7.51
N ASP A 121 10.55 -6.96 -6.76
CA ASP A 121 9.69 -5.87 -7.23
C ASP A 121 10.40 -4.50 -7.36
N LEU A 122 9.68 -3.52 -7.92
CA LEU A 122 10.11 -2.13 -8.13
C LEU A 122 9.35 -1.16 -7.20
N HIS A 123 9.30 -1.49 -5.91
CA HIS A 123 8.84 -0.67 -4.77
C HIS A 123 7.45 -0.04 -4.95
N CYS A 124 6.43 -0.88 -5.02
CA CYS A 124 5.01 -0.54 -5.11
C CYS A 124 4.17 -1.67 -4.50
N VAL A 125 3.06 -1.32 -3.86
CA VAL A 125 2.04 -2.25 -3.37
C VAL A 125 0.67 -1.69 -3.73
N LEU A 126 -0.18 -2.48 -4.38
CA LEU A 126 -1.46 -2.00 -4.90
C LEU A 126 -2.60 -2.97 -4.59
N VAL A 127 -3.74 -2.41 -4.17
CA VAL A 127 -4.93 -3.09 -3.64
C VAL A 127 -6.13 -2.88 -4.58
N THR A 128 -6.83 -3.97 -4.89
CA THR A 128 -8.01 -3.97 -5.78
C THR A 128 -9.17 -4.77 -5.16
N ASN A 129 -10.37 -4.19 -5.12
CA ASN A 129 -11.60 -4.84 -4.65
C ASN A 129 -12.38 -5.51 -5.82
N PRO A 130 -13.19 -6.57 -5.58
CA PRO A 130 -14.02 -7.21 -6.61
C PRO A 130 -15.28 -6.40 -6.97
N HIS A 131 -15.08 -5.18 -7.52
CA HIS A 131 -16.09 -4.21 -7.99
C HIS A 131 -17.19 -3.85 -6.95
N SER A 132 -16.92 -4.06 -5.67
CA SER A 132 -17.77 -3.74 -4.51
C SER A 132 -16.90 -3.28 -3.33
N SER A 133 -17.50 -2.78 -2.24
CA SER A 133 -16.83 -2.16 -1.07
C SER A 133 -16.04 -3.13 -0.18
N GLN A 134 -15.60 -4.29 -0.67
CA GLN A 134 -15.00 -5.39 0.11
C GLN A 134 -13.80 -4.97 0.99
N TRP A 135 -12.98 -4.01 0.53
CA TRP A 135 -11.79 -3.49 1.22
C TRP A 135 -12.04 -2.37 2.25
N LYS A 136 -13.30 -2.13 2.66
CA LYS A 136 -13.76 -1.12 3.64
C LYS A 136 -13.24 -1.23 5.09
N ASP A 137 -12.18 -2.00 5.34
CA ASP A 137 -11.59 -2.27 6.67
C ASP A 137 -11.35 -0.99 7.51
N PRO A 138 -11.38 -1.07 8.85
CA PRO A 138 -11.21 0.10 9.73
C PRO A 138 -9.80 0.70 9.63
N ALA A 139 -8.80 -0.11 9.31
CA ALA A 139 -7.45 0.29 8.92
C ALA A 139 -7.47 1.18 7.67
N LEU A 140 -8.03 0.68 6.55
CA LEU A 140 -8.13 1.44 5.30
C LEU A 140 -9.02 2.69 5.42
N SER A 141 -10.04 2.65 6.29
CA SER A 141 -10.85 3.83 6.65
C SER A 141 -9.99 4.95 7.26
N GLN A 142 -9.09 4.62 8.20
CA GLN A 142 -8.14 5.56 8.80
C GLN A 142 -7.10 6.10 7.77
N LEU A 143 -6.63 5.28 6.83
CA LEU A 143 -5.81 5.74 5.70
C LEU A 143 -6.52 6.80 4.84
N ILE A 144 -7.76 6.53 4.41
CA ILE A 144 -8.59 7.46 3.62
C ILE A 144 -8.86 8.75 4.41
N CYS A 145 -9.16 8.64 5.71
CA CYS A 145 -9.34 9.79 6.60
C CYS A 145 -8.10 10.70 6.64
N PHE A 146 -6.93 10.13 6.96
CA PHE A 146 -5.64 10.83 6.95
C PHE A 146 -5.36 11.52 5.60
N CYS A 147 -5.43 10.78 4.48
CA CYS A 147 -5.08 11.34 3.18
C CYS A 147 -5.99 12.50 2.74
N ARG A 148 -7.30 12.43 3.02
CA ARG A 148 -8.26 13.51 2.73
C ARG A 148 -7.90 14.80 3.48
N GLU A 149 -7.55 14.73 4.75
CA GLU A 149 -7.13 15.91 5.53
C GLU A 149 -5.85 16.56 4.97
N SER A 150 -4.82 15.77 4.65
CA SER A 150 -3.60 16.24 4.00
C SER A 150 -3.85 16.82 2.62
N ARG A 151 -4.68 16.17 1.79
CA ARG A 151 -5.10 16.66 0.47
C ARG A 151 -5.80 18.02 0.56
N TYR A 152 -6.65 18.24 1.57
CA TYR A 152 -7.30 19.53 1.82
C TYR A 152 -6.33 20.69 2.13
N MET A 153 -5.09 20.39 2.54
CA MET A 153 -3.99 21.34 2.73
C MET A 153 -3.19 21.63 1.43
N ASP A 154 -3.67 21.15 0.27
CA ASP A 154 -3.00 21.13 -1.04
C ASP A 154 -1.75 20.22 -1.09
N GLN A 155 -1.99 18.91 -1.01
CA GLN A 155 -1.03 17.83 -1.34
C GLN A 155 -1.73 16.80 -2.23
N TRP A 156 -1.33 16.69 -3.51
CA TRP A 156 -1.94 15.75 -4.47
C TRP A 156 -1.84 14.27 -4.02
N VAL A 157 -0.75 13.93 -3.33
CA VAL A 157 -0.51 12.69 -2.58
C VAL A 157 0.26 12.99 -1.28
N PRO A 158 -0.09 12.38 -0.13
CA PRO A 158 0.74 12.46 1.08
C PRO A 158 1.93 11.49 1.00
N VAL A 159 2.90 11.69 1.90
CA VAL A 159 4.17 10.94 2.01
C VAL A 159 4.49 10.57 3.46
N ILE A 160 4.59 9.27 3.78
CA ILE A 160 4.89 8.79 5.15
C ILE A 160 5.98 7.71 5.18
N ASN A 161 6.72 7.60 6.28
CA ASN A 161 7.67 6.52 6.60
C ASN A 161 7.29 5.82 7.91
N LEU A 162 6.65 4.65 7.82
CA LEU A 162 6.29 3.84 8.99
C LEU A 162 7.54 3.44 9.82
N PRO A 163 7.51 3.56 11.17
CA PRO A 163 8.69 3.43 12.03
C PRO A 163 9.20 2.01 12.29
N GLU A 164 8.32 1.03 12.10
CA GLU A 164 8.53 -0.41 12.34
C GLU A 164 9.67 -1.02 11.48
N ARG A 165 10.01 -2.29 11.75
CA ARG A 165 10.91 -3.13 10.93
C ARG A 165 10.35 -4.53 10.72
#